data_8X80
#
_entry.id   8X80
#
_cell.length_a   1.00
_cell.length_b   1.00
_cell.length_c   1.00
_cell.angle_alpha   90.00
_cell.angle_beta   90.00
_cell.angle_gamma   90.00
#
_symmetry.space_group_name_H-M   'P 1'
#
loop_
_entity.id
_entity.type
_entity.pdbx_description
1 polymer 'Leptin receptor'
2 polymer Leptin
3 branched beta-D-mannopyranose-(1-4)-2-acetamido-2-deoxy-beta-D-glucopyranose-(1-4)-[alpha-L-fucopyranose-(1-6)]2-acetamido-2-deoxy-beta-D-glucopyranose
4 branched 2-acetamido-2-deoxy-beta-D-glucopyranose-(1-4)-[alpha-L-fucopyranose-(1-6)]2-acetamido-2-deoxy-beta-D-glucopyranose
5 non-polymer 2-acetamido-2-deoxy-beta-D-glucopyranose
#
loop_
_entity_poly.entity_id
_entity_poly.type
_entity_poly.pdbx_seq_one_letter_code
_entity_poly.pdbx_strand_id
1 'polypeptide(L)'
;AFNLSYPITPWRFKLSCMPPNSTYDYFLLPAGLSKNTSNSNGHYETAVEPKFNSSGTHFSNLSKTTFHCCFRSEQDRNCS
LCADNIEGKTFVSTVNSLVFQQIDANWNIQCWLKGDLKLFICYVESLFKNLFRNYNYKVHLLYVLPEVLEDSPLVPQKGS
FQMVHCNCSVHECCECLVPVPTAKLNDTLLMCLKITSGGVIFQSPLMSVQPINMVKPDPPLGLHMEITDDGNLKISWSSP
PLVPFPLQYQVKYSENSTTVIREADKIVSATSLLVDSILPGSSYEVQVRGKRLDGPGIWSDWSTPRVFTTQDVIYFPPKI
LTSVGSNVSFHCIYKKENKIVPSKEIVWWMNLAEKIPQSQYDVVSDHVSKVTFFNLNETKPRGKFTYDAVYCCNEHECHH
RYAELYVIDVNINISCETDGYLTKMTCRWSTSTIQSLAESTLQLRYHRSSLYCSDIPSIHPISEPKDCYLQSDGFYECIF
QPIFLLSGYTMWIRINHSLGSLDSPPTCVLPDSVVKPLPPSSVKAEITINIGLLKISWEKPVFPENNLQFQIRYGLSGKE
VQWKMYEVYDAKSKSVSLPVPDLCAVYAVQVRCKRLDGLGYWSNWSNPAYTVVMDIKVPMRGPEFWRIINGDTMKKEKNV
TLLWKPLMKNDSLCSVQRYVINHHTSCNGTWSEDVGNHTKFTFLWTEQAHTVTVLAINSIGASVANFNLTFSWPMSKVNI
VQSLSAYPLNSSCVIVSWILSPSDYKLMYFIIEWKNLNEDGEIKWLRISSSVKKYYIHDHFIPIEKYQFSLYPIFMEGVG
KPKIINSFTQDDIEKHQSDGTHHHHHHHH
;
A,B,C
2 'polypeptide(L)'
;MHWGTLCGFLWLWPYLFYVQAVPIQKVQDDTKTLIKTIVTRINDISHTQSVSSKQKVTGLDFIPGLHPILTLSKMDQTLA
VYQQILTSMPSRNVIQISNDLENLRDLLHVLAFSKSCHLPWASGLETLDSLGGVLEASGYSTEVVALSRLQGSLQDMLWQ
LDLSPGC
;
E,D,F
#
# COMPACT_ATOMS: atom_id res chain seq x y z
N ASN A 3 -42.17 -75.98 47.54
CA ASN A 3 -41.23 -77.09 47.40
C ASN A 3 -40.78 -77.26 45.95
N LEU A 4 -40.48 -78.51 45.58
CA LEU A 4 -40.02 -78.85 44.23
C LEU A 4 -38.80 -78.03 43.83
N SER A 5 -37.87 -77.86 44.77
CA SER A 5 -36.65 -77.10 44.55
C SER A 5 -35.45 -78.04 44.63
N TYR A 6 -34.58 -77.96 43.63
CA TYR A 6 -33.39 -78.80 43.56
C TYR A 6 -32.17 -77.93 43.28
N PRO A 7 -31.24 -77.82 44.23
CA PRO A 7 -30.02 -77.05 43.97
C PRO A 7 -29.16 -77.72 42.90
N ILE A 8 -28.44 -76.90 42.15
CA ILE A 8 -27.60 -77.35 41.05
C ILE A 8 -26.17 -76.85 41.28
N THR A 9 -25.20 -77.74 41.11
CA THR A 9 -23.79 -77.46 41.29
C THR A 9 -22.96 -78.29 40.31
N PRO A 10 -22.10 -77.67 39.49
CA PRO A 10 -21.86 -76.22 39.38
C PRO A 10 -22.89 -75.55 38.48
N TRP A 11 -22.58 -74.34 37.97
CA TRP A 11 -23.53 -73.63 37.13
C TRP A 11 -23.84 -74.41 35.85
N ARG A 12 -22.84 -75.05 35.26
CA ARG A 12 -23.03 -75.87 34.08
C ARG A 12 -23.42 -77.28 34.51
N PHE A 13 -24.59 -77.73 34.08
CA PHE A 13 -25.10 -79.06 34.42
C PHE A 13 -25.28 -79.87 33.14
N LYS A 14 -24.81 -81.11 33.17
CA LYS A 14 -24.92 -82.01 32.02
C LYS A 14 -26.24 -82.77 32.10
N LEU A 15 -27.00 -82.77 31.01
CA LEU A 15 -28.33 -83.36 30.98
C LEU A 15 -28.45 -84.30 29.78
N SER A 16 -29.22 -85.37 30.00
CA SER A 16 -29.56 -86.31 28.94
C SER A 16 -30.99 -86.79 29.15
N CYS A 17 -31.58 -87.31 28.08
CA CYS A 17 -32.98 -87.69 28.08
C CYS A 17 -33.13 -89.19 28.29
N MET A 18 -34.00 -89.57 29.22
CA MET A 18 -34.35 -90.95 29.52
C MET A 18 -35.77 -91.23 29.06
N PRO A 19 -36.08 -92.48 28.70
CA PRO A 19 -37.45 -92.82 28.31
C PRO A 19 -38.28 -93.16 29.54
N PRO A 20 -39.42 -92.46 29.75
CA PRO A 20 -40.30 -92.71 30.89
C PRO A 20 -41.22 -93.91 30.69
N LEU A 62 -46.40 -90.71 19.01
CA LEU A 62 -45.08 -90.25 19.43
C LEU A 62 -45.12 -88.76 19.78
N SER A 63 -45.81 -87.98 18.95
CA SER A 63 -45.87 -86.54 19.17
C SER A 63 -46.53 -86.20 20.49
N LYS A 64 -47.62 -86.91 20.83
CA LYS A 64 -48.26 -86.69 22.12
C LYS A 64 -47.36 -87.07 23.28
N THR A 65 -46.57 -88.13 23.11
CA THR A 65 -45.71 -88.60 24.18
C THR A 65 -44.62 -87.57 24.49
N THR A 66 -44.39 -87.34 25.78
CA THR A 66 -43.35 -86.44 26.26
C THR A 66 -42.32 -87.24 27.03
N PHE A 67 -41.04 -87.06 26.67
CA PHE A 67 -39.95 -87.80 27.29
C PHE A 67 -39.21 -86.90 28.27
N HIS A 68 -39.06 -87.39 29.50
CA HIS A 68 -38.42 -86.62 30.56
C HIS A 68 -36.90 -86.76 30.47
N CYS A 69 -36.20 -85.63 30.53
CA CYS A 69 -34.75 -85.60 30.51
C CYS A 69 -34.22 -85.15 31.86
N CYS A 70 -33.15 -85.80 32.32
CA CYS A 70 -32.61 -85.57 33.66
C CYS A 70 -31.13 -85.20 33.58
N PHE A 71 -30.67 -84.51 34.62
CA PHE A 71 -29.27 -84.15 34.72
C PHE A 71 -28.40 -85.39 34.91
N ARG A 72 -27.18 -85.32 34.38
CA ARG A 72 -26.21 -86.41 34.51
C ARG A 72 -25.05 -85.98 35.40
N SER A 73 -24.77 -86.80 36.41
CA SER A 73 -23.63 -86.59 37.29
C SER A 73 -23.03 -87.94 37.63
N GLU A 74 -21.72 -87.94 37.94
CA GLU A 74 -21.03 -89.18 38.26
C GLU A 74 -21.43 -89.75 39.61
N GLN A 75 -22.17 -89.00 40.43
CA GLN A 75 -22.56 -89.44 41.76
C GLN A 75 -24.06 -89.69 41.88
N ASP A 76 -24.89 -88.71 41.53
CA ASP A 76 -26.33 -88.83 41.71
C ASP A 76 -27.04 -88.34 40.45
N ARG A 77 -28.26 -88.85 40.25
CA ARG A 77 -29.12 -88.45 39.15
C ARG A 77 -30.42 -87.89 39.71
N ASN A 78 -30.80 -86.71 39.23
CA ASN A 78 -31.98 -86.02 39.73
C ASN A 78 -33.00 -85.86 38.61
N CYS A 79 -34.25 -86.20 38.91
CA CYS A 79 -35.35 -86.06 37.96
C CYS A 79 -36.51 -85.36 38.64
N SER A 80 -37.06 -84.34 37.98
CA SER A 80 -38.21 -83.59 38.51
C SER A 80 -39.18 -83.31 37.37
N LEU A 81 -40.46 -83.25 37.72
CA LEU A 81 -41.53 -83.05 36.75
C LEU A 81 -42.05 -81.62 36.87
N CYS A 82 -42.08 -80.91 35.74
CA CYS A 82 -42.51 -79.52 35.73
C CYS A 82 -44.01 -79.43 36.02
N ALA A 83 -44.38 -78.44 36.85
CA ALA A 83 -45.77 -78.26 37.25
C ALA A 83 -46.66 -77.74 36.12
N ASP A 84 -46.07 -77.34 34.99
CA ASP A 84 -46.87 -76.79 33.90
C ASP A 84 -47.81 -77.83 33.31
N ASN A 85 -47.36 -79.08 33.22
CA ASN A 85 -48.16 -80.15 32.64
C ASN A 85 -48.02 -81.39 33.51
N ILE A 86 -49.10 -81.76 34.20
CA ILE A 86 -49.10 -83.00 34.97
C ILE A 86 -48.99 -84.20 34.04
N GLU A 87 -49.61 -84.11 32.85
CA GLU A 87 -49.61 -85.17 31.85
C GLU A 87 -48.28 -85.33 31.13
N GLY A 88 -47.21 -84.69 31.61
CA GLY A 88 -45.92 -84.84 30.96
C GLY A 88 -45.44 -86.28 30.94
N LYS A 89 -45.71 -87.03 32.00
CA LYS A 89 -45.38 -88.45 32.05
C LYS A 89 -46.44 -89.23 31.26
N THR A 90 -46.05 -89.74 30.10
CA THR A 90 -46.95 -90.45 29.21
C THR A 90 -46.46 -91.87 28.98
N PHE A 91 -47.38 -92.74 28.57
CA PHE A 91 -47.02 -94.11 28.24
C PHE A 91 -46.11 -94.13 27.03
N VAL A 92 -45.09 -94.98 27.09
CA VAL A 92 -44.10 -95.10 26.01
C VAL A 92 -44.31 -96.46 25.35
N SER A 93 -44.56 -96.45 24.05
CA SER A 93 -44.75 -97.68 23.29
C SER A 93 -43.42 -98.33 22.97
N THR A 94 -43.49 -99.61 22.56
CA THR A 94 -42.28 -100.32 22.16
C THR A 94 -41.62 -99.68 20.96
N VAL A 95 -42.42 -99.26 19.97
CA VAL A 95 -41.87 -98.56 18.81
C VAL A 95 -41.27 -97.22 19.24
N ASN A 96 -41.90 -96.55 20.21
CA ASN A 96 -41.34 -95.31 20.73
C ASN A 96 -40.00 -95.56 21.40
N SER A 97 -39.88 -96.64 22.16
CA SER A 97 -38.61 -96.99 22.79
C SER A 97 -37.54 -97.32 21.75
N LEU A 98 -37.93 -98.02 20.69
CA LEU A 98 -36.98 -98.33 19.62
C LEU A 98 -36.51 -97.06 18.92
N VAL A 99 -37.43 -96.12 18.68
CA VAL A 99 -37.04 -94.85 18.07
C VAL A 99 -36.11 -94.08 19.00
N PHE A 100 -36.41 -94.07 20.30
CA PHE A 100 -35.58 -93.35 21.26
C PHE A 100 -34.18 -93.94 21.33
N GLN A 101 -34.06 -95.28 21.34
CA GLN A 101 -32.74 -95.89 21.38
C GLN A 101 -32.02 -95.78 20.03
N GLN A 102 -32.77 -95.60 18.94
CA GLN A 102 -32.12 -95.38 17.65
C GLN A 102 -31.51 -93.98 17.56
N ILE A 103 -32.24 -92.97 18.00
CA ILE A 103 -31.77 -91.59 17.99
C ILE A 103 -31.93 -91.04 19.40
N ASP A 104 -30.81 -90.76 20.06
CA ASP A 104 -30.80 -90.22 21.42
C ASP A 104 -30.28 -88.80 21.40
N ALA A 105 -31.04 -87.89 22.00
CA ALA A 105 -30.68 -86.48 22.06
C ALA A 105 -30.30 -86.12 23.49
N ASN A 106 -29.07 -85.65 23.67
CA ASN A 106 -28.57 -85.22 24.97
C ASN A 106 -28.11 -83.77 24.86
N TRP A 107 -28.48 -82.96 25.86
CA TRP A 107 -28.24 -81.52 25.81
C TRP A 107 -27.58 -81.07 27.09
N ASN A 108 -26.44 -80.39 26.97
CA ASN A 108 -25.82 -79.69 28.08
C ASN A 108 -26.35 -78.26 28.11
N ILE A 109 -26.91 -77.85 29.24
CA ILE A 109 -27.60 -76.57 29.36
C ILE A 109 -26.82 -75.70 30.35
N GLN A 110 -26.39 -74.53 29.90
CA GLN A 110 -25.76 -73.53 30.74
C GLN A 110 -26.47 -72.21 30.50
N CYS A 111 -27.00 -71.60 31.56
CA CYS A 111 -27.81 -70.41 31.44
C CYS A 111 -27.33 -69.35 32.43
N TRP A 112 -27.12 -68.13 31.93
CA TRP A 112 -26.72 -67.01 32.77
C TRP A 112 -27.54 -65.78 32.41
N LEU A 113 -27.71 -64.90 33.39
CA LEU A 113 -28.47 -63.67 33.21
C LEU A 113 -27.56 -62.55 32.73
N LYS A 114 -28.09 -61.69 31.86
CA LYS A 114 -27.31 -60.60 31.32
C LYS A 114 -26.91 -59.61 32.41
N GLY A 115 -25.78 -58.92 32.18
CA GLY A 115 -25.35 -57.89 33.10
C GLY A 115 -26.30 -56.73 33.21
N ASP A 116 -27.09 -56.48 32.16
CA ASP A 116 -28.10 -55.43 32.20
C ASP A 116 -29.37 -55.86 32.93
N LEU A 117 -29.49 -57.14 33.29
CA LEU A 117 -30.62 -57.71 34.02
C LEU A 117 -31.94 -57.63 33.24
N LYS A 118 -31.91 -57.17 32.00
CA LYS A 118 -33.13 -57.06 31.21
C LYS A 118 -33.63 -58.43 30.78
N LEU A 119 -32.73 -59.29 30.29
CA LEU A 119 -33.09 -60.61 29.79
C LEU A 119 -32.14 -61.66 30.36
N PHE A 120 -32.68 -62.86 30.57
CA PHE A 120 -31.93 -63.98 31.14
C PHE A 120 -31.66 -64.98 30.02
N ILE A 121 -30.40 -65.06 29.57
CA ILE A 121 -30.06 -65.97 28.49
C ILE A 121 -30.06 -67.41 29.01
N CYS A 122 -30.29 -68.35 28.10
CA CYS A 122 -30.36 -69.76 28.48
C CYS A 122 -29.88 -70.58 27.28
N TYR A 123 -28.63 -71.05 27.34
CA TYR A 123 -28.04 -71.81 26.26
C TYR A 123 -28.31 -73.30 26.48
N VAL A 124 -28.84 -73.96 25.45
CA VAL A 124 -29.08 -75.41 25.47
C VAL A 124 -28.24 -75.99 24.35
N GLU A 125 -27.09 -76.58 24.69
CA GLU A 125 -26.15 -77.10 23.72
C GLU A 125 -26.16 -78.62 23.74
N SER A 126 -26.26 -79.23 22.56
CA SER A 126 -26.24 -80.68 22.44
C SER A 126 -24.82 -81.21 22.44
N LEU A 127 -24.62 -82.38 23.04
CA LEU A 127 -23.31 -83.00 23.06
C LEU A 127 -22.89 -83.45 21.66
N PHE A 128 -23.83 -84.03 20.91
CA PHE A 128 -23.55 -84.59 19.59
C PHE A 128 -24.13 -83.69 18.52
N LYS A 129 -23.28 -83.31 17.56
CA LYS A 129 -23.69 -82.51 16.41
C LYS A 129 -23.47 -83.34 15.14
N ASN A 130 -24.49 -83.42 14.31
CA ASN A 130 -24.44 -84.17 13.06
C ASN A 130 -24.65 -83.23 11.89
N LEU A 131 -23.72 -83.26 10.94
CA LEU A 131 -23.84 -82.40 9.76
C LEU A 131 -24.91 -82.92 8.81
N PHE A 132 -24.99 -84.24 8.63
CA PHE A 132 -25.95 -84.81 7.70
C PHE A 132 -27.39 -84.53 8.13
N ARG A 133 -27.68 -84.68 9.42
CA ARG A 133 -29.02 -84.47 9.94
C ARG A 133 -28.97 -83.45 11.08
N ASN A 134 -29.77 -82.39 10.95
CA ASN A 134 -29.87 -81.35 11.96
C ASN A 134 -31.30 -81.27 12.45
N TYR A 135 -31.48 -81.35 13.77
CA TYR A 135 -32.82 -81.35 14.36
C TYR A 135 -33.42 -79.94 14.32
N ASN A 136 -34.65 -79.85 13.84
CA ASN A 136 -35.41 -78.61 13.82
C ASN A 136 -36.58 -78.73 14.77
N TYR A 137 -36.71 -77.75 15.67
CA TYR A 137 -37.71 -77.85 16.72
C TYR A 137 -38.02 -76.44 17.25
N LYS A 138 -39.13 -76.36 17.97
CA LYS A 138 -39.54 -75.14 18.67
C LYS A 138 -39.46 -75.40 20.16
N VAL A 139 -38.72 -74.55 20.88
CA VAL A 139 -38.50 -74.71 22.31
C VAL A 139 -39.52 -73.86 23.05
N HIS A 140 -40.31 -74.52 23.92
CA HIS A 140 -41.31 -73.83 24.73
C HIS A 140 -40.74 -73.65 26.13
N LEU A 141 -39.93 -72.60 26.30
CA LEU A 141 -39.33 -72.32 27.58
C LEU A 141 -40.37 -71.70 28.52
N LEU A 142 -40.51 -72.29 29.70
CA LEU A 142 -41.46 -71.82 30.71
C LEU A 142 -40.71 -71.49 31.98
N TYR A 143 -40.89 -70.26 32.47
CA TYR A 143 -40.17 -69.78 33.65
C TYR A 143 -41.15 -69.10 34.60
N VAL A 144 -40.97 -69.35 35.90
CA VAL A 144 -41.71 -68.66 36.95
C VAL A 144 -40.73 -68.28 38.05
N LEU A 145 -40.89 -67.07 38.58
CA LEU A 145 -40.06 -66.57 39.68
C LEU A 145 -40.95 -65.87 40.71
N PRO A 146 -41.72 -66.65 41.46
CA PRO A 146 -42.67 -66.05 42.40
C PRO A 146 -41.97 -65.44 43.60
N GLU A 147 -42.69 -64.55 44.28
CA GLU A 147 -42.17 -63.88 45.46
C GLU A 147 -41.92 -64.86 46.58
N VAL A 148 -40.93 -64.53 47.43
CA VAL A 148 -40.59 -65.40 48.55
C VAL A 148 -41.70 -65.33 49.59
N LEU A 149 -42.20 -66.50 49.99
CA LEU A 149 -43.27 -66.60 50.98
C LEU A 149 -42.67 -66.65 52.37
N GLU A 150 -43.14 -65.75 53.25
CA GLU A 150 -42.57 -65.65 54.58
C GLU A 150 -42.82 -66.92 55.41
N ASP A 151 -44.02 -67.46 55.34
CA ASP A 151 -44.41 -68.61 56.14
C ASP A 151 -44.70 -69.79 55.21
N SER A 152 -44.01 -70.92 55.46
CA SER A 152 -44.17 -72.19 54.76
C SER A 152 -43.73 -72.10 53.30
N PRO A 153 -43.21 -73.19 52.74
CA PRO A 153 -42.85 -73.19 51.31
C PRO A 153 -44.02 -73.59 50.44
N LEU A 154 -44.20 -72.83 49.34
CA LEU A 154 -45.30 -73.03 48.42
C LEU A 154 -44.78 -73.47 47.07
N VAL A 155 -45.29 -74.60 46.58
CA VAL A 155 -44.93 -75.07 45.24
C VAL A 155 -45.54 -74.12 44.20
N PRO A 156 -44.81 -73.74 43.16
CA PRO A 156 -45.40 -72.86 42.14
C PRO A 156 -46.62 -73.49 41.50
N GLN A 157 -47.62 -72.64 41.25
CA GLN A 157 -48.89 -73.10 40.68
C GLN A 157 -48.73 -73.46 39.21
N LYS A 158 -49.62 -74.31 38.73
CA LYS A 158 -49.63 -74.68 37.31
C LYS A 158 -50.13 -73.52 36.47
N GLY A 159 -49.39 -73.21 35.41
CA GLY A 159 -49.74 -72.11 34.53
C GLY A 159 -49.13 -70.78 34.89
N SER A 160 -48.47 -70.68 36.06
CA SER A 160 -47.82 -69.43 36.44
C SER A 160 -46.56 -69.18 35.62
N PHE A 161 -46.03 -70.21 34.95
CA PHE A 161 -44.85 -70.04 34.11
C PHE A 161 -45.16 -69.16 32.91
N GLN A 162 -44.22 -68.29 32.57
CA GLN A 162 -44.35 -67.42 31.40
C GLN A 162 -43.75 -68.11 30.18
N MET A 163 -44.30 -67.78 29.01
CA MET A 163 -43.93 -68.43 27.76
C MET A 163 -43.04 -67.50 26.94
N VAL A 164 -41.83 -67.97 26.64
CA VAL A 164 -40.90 -67.27 25.78
C VAL A 164 -40.23 -68.28 24.86
N HIS A 165 -40.23 -67.99 23.56
CA HIS A 165 -39.60 -68.89 22.59
C HIS A 165 -38.09 -68.68 22.56
N CYS A 166 -37.39 -69.68 22.03
CA CYS A 166 -35.94 -69.69 21.99
C CYS A 166 -35.44 -69.65 20.55
N ASN A 167 -34.18 -69.26 20.40
CA ASN A 167 -33.50 -69.20 19.11
C ASN A 167 -32.38 -70.23 19.10
N CYS A 168 -32.38 -71.08 18.07
CA CYS A 168 -31.43 -72.18 17.96
C CYS A 168 -30.56 -71.98 16.74
N SER A 169 -29.28 -72.33 16.87
CA SER A 169 -28.32 -72.23 15.79
C SER A 169 -28.21 -73.56 15.06
N VAL A 170 -27.30 -73.63 14.08
CA VAL A 170 -27.11 -74.85 13.32
C VAL A 170 -26.45 -75.95 14.15
N HIS A 171 -25.79 -75.59 15.25
CA HIS A 171 -25.17 -76.56 16.14
C HIS A 171 -26.10 -77.00 17.26
N GLU A 172 -27.40 -76.75 17.12
CA GLU A 172 -28.41 -77.07 18.13
C GLU A 172 -28.12 -76.38 19.47
N CYS A 173 -27.37 -75.28 19.45
CA CYS A 173 -27.11 -74.49 20.65
C CYS A 173 -28.18 -73.41 20.74
N CYS A 174 -29.23 -73.68 21.51
CA CYS A 174 -30.40 -72.81 21.58
C CYS A 174 -30.18 -71.76 22.65
N GLU A 175 -30.08 -70.50 22.24
CA GLU A 175 -29.96 -69.38 23.16
C GLU A 175 -31.30 -68.63 23.23
N CYS A 176 -31.71 -68.30 24.44
CA CYS A 176 -33.01 -67.68 24.69
C CYS A 176 -32.83 -66.33 25.35
N LEU A 177 -33.93 -65.59 25.45
CA LEU A 177 -33.96 -64.27 26.09
C LEU A 177 -35.16 -64.24 27.03
N VAL A 178 -34.92 -64.39 28.33
CA VAL A 178 -35.97 -64.50 29.34
C VAL A 178 -36.00 -63.20 30.13
N PRO A 179 -37.03 -62.37 29.97
CA PRO A 179 -37.14 -61.17 30.82
C PRO A 179 -37.37 -61.54 32.27
N VAL A 180 -36.83 -60.71 33.17
CA VAL A 180 -36.93 -60.93 34.60
C VAL A 180 -37.28 -59.60 35.27
N PRO A 181 -38.40 -59.52 36.00
CA PRO A 181 -38.70 -58.28 36.74
C PRO A 181 -37.65 -57.99 37.79
N THR A 182 -37.36 -56.70 37.98
CA THR A 182 -36.33 -56.31 38.93
C THR A 182 -36.77 -56.50 40.37
N ALA A 183 -38.04 -56.20 40.67
CA ALA A 183 -38.53 -56.32 42.04
C ALA A 183 -38.49 -57.76 42.53
N LYS A 184 -38.89 -58.71 41.67
CA LYS A 184 -38.90 -60.12 42.02
C LYS A 184 -37.63 -60.84 41.57
N LEU A 185 -36.61 -60.11 41.11
CA LEU A 185 -35.37 -60.74 40.67
C LEU A 185 -34.68 -61.46 41.81
N ASN A 186 -34.73 -60.89 43.02
CA ASN A 186 -34.04 -61.45 44.18
C ASN A 186 -34.61 -62.81 44.60
N ASP A 187 -35.78 -63.19 44.12
CA ASP A 187 -36.38 -64.47 44.46
C ASP A 187 -35.83 -65.57 43.56
N THR A 188 -36.01 -66.81 44.00
CA THR A 188 -35.51 -67.96 43.26
C THR A 188 -36.26 -68.14 41.95
N LEU A 189 -35.58 -68.72 40.96
CA LEU A 189 -36.13 -68.95 39.64
C LEU A 189 -36.23 -70.45 39.38
N LEU A 190 -37.38 -70.89 38.89
CA LEU A 190 -37.64 -72.30 38.61
C LEU A 190 -37.66 -72.51 37.10
N MET A 191 -36.97 -73.56 36.64
CA MET A 191 -36.79 -73.82 35.22
C MET A 191 -37.24 -75.22 34.87
N CYS A 192 -38.07 -75.33 33.82
CA CYS A 192 -38.43 -76.63 33.26
C CYS A 192 -38.76 -76.41 31.79
N LEU A 193 -37.83 -76.76 30.91
CA LEU A 193 -37.96 -76.48 29.49
C LEU A 193 -38.80 -77.54 28.79
N LYS A 194 -39.49 -77.12 27.73
CA LYS A 194 -40.25 -78.01 26.86
C LYS A 194 -39.69 -77.87 25.45
N ILE A 195 -39.16 -78.96 24.91
CA ILE A 195 -38.54 -78.97 23.59
C ILE A 195 -39.16 -80.12 22.79
N THR A 196 -40.07 -79.78 21.87
CA THR A 196 -40.69 -80.77 21.00
C THR A 196 -39.87 -80.89 19.73
N SER A 197 -39.03 -81.93 19.67
CA SER A 197 -38.08 -82.11 18.57
C SER A 197 -38.59 -83.22 17.65
N GLY A 198 -39.26 -82.82 16.57
CA GLY A 198 -39.74 -83.76 15.58
C GLY A 198 -40.70 -84.80 16.14
N GLY A 199 -41.64 -84.35 16.95
CA GLY A 199 -42.54 -85.27 17.63
C GLY A 199 -42.00 -85.86 18.91
N VAL A 200 -40.83 -85.43 19.36
CA VAL A 200 -40.25 -85.89 20.61
C VAL A 200 -40.14 -84.70 21.54
N ILE A 201 -40.82 -84.77 22.68
CA ILE A 201 -40.91 -83.66 23.63
C ILE A 201 -39.92 -83.92 24.76
N PHE A 202 -39.15 -82.89 25.12
CA PHE A 202 -38.13 -82.98 26.14
C PHE A 202 -38.51 -82.13 27.34
N GLN A 203 -38.33 -82.67 28.54
CA GLN A 203 -38.66 -81.99 29.78
C GLN A 203 -37.45 -82.03 30.71
N SER A 204 -37.17 -80.90 31.37
CA SER A 204 -36.03 -80.78 32.26
C SER A 204 -36.48 -80.67 33.71
N PRO A 205 -35.69 -81.17 34.66
CA PRO A 205 -36.06 -81.07 36.07
C PRO A 205 -36.01 -79.63 36.56
N LEU A 206 -36.73 -79.38 37.65
CA LEU A 206 -36.77 -78.03 38.21
C LEU A 206 -35.44 -77.67 38.87
N MET A 207 -34.90 -76.51 38.52
CA MET A 207 -33.72 -75.97 39.17
C MET A 207 -34.10 -74.82 40.08
N SER A 208 -33.43 -74.72 41.22
CA SER A 208 -33.60 -73.62 42.16
C SER A 208 -32.27 -72.91 42.34
N VAL A 209 -32.19 -71.66 41.89
CA VAL A 209 -30.97 -70.88 41.98
C VAL A 209 -31.34 -69.40 42.00
N GLN A 210 -30.55 -68.62 42.73
CA GLN A 210 -30.77 -67.18 42.81
C GLN A 210 -30.20 -66.50 41.58
N PRO A 211 -31.01 -65.79 40.79
CA PRO A 211 -30.49 -65.23 39.52
C PRO A 211 -29.49 -64.10 39.70
N ILE A 212 -29.43 -63.45 40.86
CA ILE A 212 -28.51 -62.32 41.01
C ILE A 212 -27.06 -62.79 41.05
N ASN A 213 -26.81 -64.05 41.42
CA ASN A 213 -25.49 -64.63 41.31
C ASN A 213 -25.31 -65.45 40.04
N MET A 214 -26.32 -65.49 39.18
CA MET A 214 -26.27 -66.23 37.93
C MET A 214 -25.72 -65.39 36.78
N VAL A 215 -25.34 -64.14 37.03
CA VAL A 215 -24.94 -63.21 35.97
C VAL A 215 -23.50 -63.50 35.58
N LYS A 216 -23.28 -63.68 34.27
CA LYS A 216 -21.93 -63.73 33.73
C LYS A 216 -21.63 -62.40 33.07
N PRO A 217 -20.70 -61.61 33.60
CA PRO A 217 -20.50 -60.25 33.09
C PRO A 217 -19.92 -60.24 31.67
N ASP A 218 -20.15 -59.12 30.99
CA ASP A 218 -19.55 -58.90 29.69
C ASP A 218 -18.03 -58.82 29.85
N PRO A 219 -17.26 -59.33 28.88
CA PRO A 219 -15.80 -59.26 28.98
C PRO A 219 -15.32 -57.82 29.10
N PRO A 220 -14.33 -57.56 29.96
CA PRO A 220 -13.88 -56.18 30.17
C PRO A 220 -13.34 -55.56 28.88
N LEU A 221 -13.61 -54.28 28.71
CA LEU A 221 -13.15 -53.51 27.56
C LEU A 221 -12.69 -52.14 28.03
N GLY A 222 -12.06 -51.40 27.11
CA GLY A 222 -11.56 -50.08 27.44
C GLY A 222 -10.24 -50.06 28.16
N LEU A 223 -9.60 -51.21 28.35
CA LEU A 223 -8.33 -51.27 29.06
C LEU A 223 -7.23 -50.59 28.24
N HIS A 224 -6.41 -49.79 28.93
CA HIS A 224 -5.32 -49.07 28.30
C HIS A 224 -4.08 -49.16 29.17
N MET A 225 -2.92 -49.00 28.53
CA MET A 225 -1.63 -49.17 29.19
C MET A 225 -0.77 -47.94 28.97
N GLU A 226 -0.12 -47.48 30.05
CA GLU A 226 0.77 -46.34 30.00
C GLU A 226 1.58 -46.29 31.30
N ILE A 227 2.89 -46.08 31.17
CA ILE A 227 3.76 -46.03 32.34
C ILE A 227 3.53 -44.71 33.08
N THR A 228 3.32 -44.80 34.39
CA THR A 228 3.02 -43.62 35.19
C THR A 228 4.30 -42.90 35.60
N ASP A 229 4.12 -41.66 36.07
CA ASP A 229 5.25 -40.88 36.57
C ASP A 229 5.79 -41.45 37.87
N ASP A 230 4.93 -42.06 38.69
CA ASP A 230 5.40 -42.73 39.89
C ASP A 230 6.39 -43.83 39.57
N GLY A 231 6.26 -44.45 38.40
CA GLY A 231 7.19 -45.47 37.96
C GLY A 231 6.54 -46.83 37.83
N ASN A 232 5.23 -46.85 37.59
CA ASN A 232 4.45 -48.07 37.63
C ASN A 232 3.51 -48.13 36.44
N LEU A 233 3.37 -49.30 35.83
CA LEU A 233 2.50 -49.45 34.68
C LEU A 233 1.03 -49.37 35.09
N LYS A 234 0.28 -48.51 34.39
CA LYS A 234 -1.13 -48.28 34.71
C LYS A 234 -1.99 -49.04 33.72
N ILE A 235 -2.62 -50.12 34.19
CA ILE A 235 -3.61 -50.86 33.44
C ILE A 235 -4.89 -50.90 34.26
N SER A 236 -5.99 -50.41 33.67
CA SER A 236 -7.24 -50.29 34.39
C SER A 236 -8.40 -50.61 33.46
N TRP A 237 -9.53 -50.96 34.06
CA TRP A 237 -10.72 -51.33 33.32
C TRP A 237 -11.95 -50.74 34.02
N SER A 238 -13.02 -50.57 33.25
CA SER A 238 -14.26 -49.98 33.75
C SER A 238 -15.29 -51.07 33.96
N SER A 239 -15.86 -51.12 35.16
CA SER A 239 -16.90 -52.09 35.45
C SER A 239 -18.17 -51.73 34.67
N PRO A 240 -18.96 -52.73 34.29
CA PRO A 240 -20.22 -52.47 33.60
C PRO A 240 -21.18 -51.71 34.49
N PRO A 241 -21.62 -50.52 34.09
CA PRO A 241 -22.57 -49.76 34.91
C PRO A 241 -23.88 -50.48 35.15
N LEU A 242 -24.32 -51.30 34.18
CA LEU A 242 -25.56 -52.05 34.35
C LEU A 242 -25.44 -53.13 35.40
N VAL A 243 -24.23 -53.60 35.71
CA VAL A 243 -24.03 -54.62 36.72
C VAL A 243 -24.18 -53.98 38.10
N PRO A 244 -25.12 -54.43 38.93
CA PRO A 244 -25.35 -53.79 40.23
C PRO A 244 -24.35 -54.21 41.30
N PHE A 245 -23.94 -55.48 41.29
CA PHE A 245 -23.08 -55.97 42.35
C PHE A 245 -21.61 -55.63 42.05
N PRO A 246 -20.78 -55.50 43.10
CA PRO A 246 -19.35 -55.27 42.87
C PRO A 246 -18.71 -56.44 42.13
N LEU A 247 -17.75 -56.11 41.28
CA LEU A 247 -17.10 -57.10 40.42
C LEU A 247 -15.60 -57.14 40.73
N GLN A 248 -15.09 -58.34 40.99
CA GLN A 248 -13.66 -58.58 41.07
C GLN A 248 -13.21 -59.29 39.80
N TYR A 249 -11.93 -59.15 39.48
CA TYR A 249 -11.43 -59.49 38.16
C TYR A 249 -10.28 -60.48 38.26
N GLN A 250 -10.29 -61.48 37.37
CA GLN A 250 -9.19 -62.44 37.25
C GLN A 250 -8.27 -61.94 36.13
N VAL A 251 -7.06 -61.54 36.50
CA VAL A 251 -6.10 -60.97 35.57
C VAL A 251 -4.99 -61.98 35.33
N LYS A 252 -4.69 -62.25 34.07
CA LYS A 252 -3.56 -63.10 33.70
C LYS A 252 -2.49 -62.19 33.10
N TYR A 253 -1.66 -61.63 33.98
CA TYR A 253 -0.57 -60.76 33.59
C TYR A 253 0.72 -61.56 33.63
N SER A 254 1.47 -61.55 32.52
CA SER A 254 2.70 -62.31 32.40
C SER A 254 3.85 -61.38 32.07
N GLU A 255 4.94 -61.50 32.83
CA GLU A 255 6.15 -60.72 32.60
C GLU A 255 7.16 -61.62 31.90
N ASN A 256 7.13 -61.61 30.58
CA ASN A 256 7.96 -62.48 29.76
C ASN A 256 8.98 -61.66 28.97
N SER A 257 10.15 -62.25 28.76
CA SER A 257 11.20 -61.67 27.94
C SER A 257 11.50 -62.61 26.79
N THR A 258 11.83 -62.03 25.63
CA THR A 258 12.10 -62.85 24.45
C THR A 258 13.33 -63.74 24.66
N THR A 259 14.38 -63.18 25.27
CA THR A 259 15.60 -63.96 25.46
C THR A 259 15.40 -65.06 26.50
N VAL A 260 14.83 -64.72 27.65
CA VAL A 260 14.56 -65.67 28.72
C VAL A 260 13.08 -65.60 29.05
N ILE A 261 12.38 -66.72 28.94
CA ILE A 261 10.94 -66.76 29.11
C ILE A 261 10.62 -67.21 30.54
N ARG A 262 9.99 -66.33 31.30
CA ARG A 262 9.52 -66.63 32.64
C ARG A 262 8.08 -66.16 32.79
N GLU A 263 7.31 -66.89 33.59
CA GLU A 263 5.90 -66.59 33.81
C GLU A 263 5.70 -66.15 35.25
N ALA A 264 5.09 -64.98 35.43
CA ALA A 264 4.78 -64.42 36.75
C ALA A 264 3.35 -63.90 36.71
N ASP A 265 2.40 -64.77 37.04
CA ASP A 265 0.99 -64.40 36.98
C ASP A 265 0.57 -63.67 38.25
N LYS A 266 -0.21 -62.61 38.07
CA LYS A 266 -0.73 -61.83 39.18
C LYS A 266 -2.20 -61.51 38.94
N ILE A 267 -3.01 -61.69 39.98
CA ILE A 267 -4.45 -61.46 39.92
C ILE A 267 -4.81 -60.39 40.94
N VAL A 268 -5.55 -59.38 40.49
CA VAL A 268 -5.95 -58.26 41.32
C VAL A 268 -7.46 -58.07 41.20
N SER A 269 -8.14 -57.94 42.35
CA SER A 269 -9.58 -57.77 42.36
C SER A 269 -10.01 -56.32 42.11
N ALA A 270 -9.09 -55.37 42.15
CA ALA A 270 -9.45 -53.97 41.96
C ALA A 270 -9.65 -53.65 40.48
N THR A 271 -10.33 -52.53 40.23
CA THR A 271 -10.60 -52.11 38.86
C THR A 271 -9.35 -51.64 38.14
N SER A 272 -8.34 -51.18 38.88
CA SER A 272 -7.09 -50.71 38.29
C SER A 272 -5.94 -51.51 38.88
N LEU A 273 -5.04 -51.96 38.01
CA LEU A 273 -3.88 -52.75 38.41
C LEU A 273 -2.62 -51.92 38.21
N LEU A 274 -1.81 -51.82 39.27
CA LEU A 274 -0.56 -51.08 39.26
C LEU A 274 0.55 -52.07 39.57
N VAL A 275 1.06 -52.74 38.54
CA VAL A 275 2.12 -53.73 38.73
C VAL A 275 3.43 -53.02 39.05
N ASP A 276 4.12 -53.50 40.08
CA ASP A 276 5.31 -52.83 40.58
C ASP A 276 6.58 -53.44 39.98
N SER A 277 7.67 -52.67 40.06
CA SER A 277 9.00 -53.11 39.65
C SER A 277 9.02 -53.54 38.18
N ILE A 278 8.78 -52.56 37.30
CA ILE A 278 8.77 -52.81 35.87
C ILE A 278 10.20 -52.84 35.34
N LEU A 279 10.51 -53.86 34.54
CA LEU A 279 11.82 -54.02 33.95
C LEU A 279 11.79 -53.61 32.49
N PRO A 280 12.81 -52.89 32.02
CA PRO A 280 12.87 -52.52 30.60
C PRO A 280 13.17 -53.71 29.72
N GLY A 281 12.73 -53.61 28.47
CA GLY A 281 12.97 -54.66 27.50
C GLY A 281 12.29 -55.97 27.80
N SER A 282 11.03 -55.93 28.21
CA SER A 282 10.28 -57.13 28.53
C SER A 282 8.84 -56.98 28.03
N SER A 283 8.21 -58.12 27.77
CA SER A 283 6.82 -58.15 27.31
C SER A 283 5.89 -58.32 28.51
N TYR A 284 4.76 -57.62 28.47
CA TYR A 284 3.77 -57.65 29.55
C TYR A 284 2.41 -57.96 28.95
N GLU A 285 2.11 -59.25 28.82
CA GLU A 285 0.84 -59.71 28.27
C GLU A 285 -0.20 -59.77 29.39
N VAL A 286 -1.29 -59.03 29.23
CA VAL A 286 -2.31 -58.89 30.24
C VAL A 286 -3.68 -59.16 29.62
N GLN A 287 -4.50 -59.93 30.33
CA GLN A 287 -5.89 -60.19 29.93
C GLN A 287 -6.73 -60.31 31.20
N VAL A 288 -7.89 -59.67 31.20
CA VAL A 288 -8.69 -59.51 32.41
C VAL A 288 -10.08 -60.05 32.17
N ARG A 289 -10.57 -60.88 33.10
CA ARG A 289 -11.96 -61.32 33.13
C ARG A 289 -12.49 -61.13 34.55
N GLY A 290 -13.78 -60.77 34.64
CA GLY A 290 -14.36 -60.40 35.91
C GLY A 290 -15.60 -61.21 36.23
N LYS A 291 -15.90 -61.28 37.53
CA LYS A 291 -17.09 -61.96 38.03
C LYS A 291 -17.41 -61.42 39.41
N ARG A 292 -18.63 -61.69 39.86
CA ARG A 292 -19.10 -61.17 41.14
C ARG A 292 -18.28 -61.73 42.30
N LEU A 293 -18.01 -60.87 43.29
CA LEU A 293 -17.12 -61.21 44.39
C LEU A 293 -17.80 -62.08 45.44
N ASP A 294 -18.85 -61.58 46.07
CA ASP A 294 -19.51 -62.29 47.15
C ASP A 294 -20.42 -63.37 46.59
N GLY A 295 -20.26 -64.60 47.08
CA GLY A 295 -21.08 -65.70 46.65
C GLY A 295 -20.63 -66.27 45.32
N PRO A 296 -21.38 -67.24 44.80
CA PRO A 296 -21.03 -67.84 43.51
C PRO A 296 -21.15 -66.85 42.36
N GLY A 297 -20.35 -67.08 41.33
CA GLY A 297 -20.39 -66.25 40.15
C GLY A 297 -19.73 -66.93 38.98
N ILE A 298 -20.14 -66.52 37.78
CA ILE A 298 -19.63 -67.09 36.53
C ILE A 298 -18.57 -66.16 35.97
N TRP A 299 -17.39 -66.72 35.68
CA TRP A 299 -16.32 -65.92 35.11
C TRP A 299 -16.68 -65.44 33.71
N SER A 300 -16.35 -64.19 33.42
CA SER A 300 -16.55 -63.65 32.09
C SER A 300 -15.56 -64.26 31.11
N ASP A 301 -15.97 -64.32 29.84
CA ASP A 301 -15.07 -64.86 28.81
C ASP A 301 -13.86 -63.96 28.64
N TRP A 302 -12.70 -64.58 28.43
CA TRP A 302 -11.46 -63.83 28.26
C TRP A 302 -11.53 -62.95 27.02
N SER A 303 -11.10 -61.70 27.16
CA SER A 303 -11.08 -60.78 26.04
C SER A 303 -9.83 -61.02 25.19
N THR A 304 -9.57 -60.14 24.24
CA THR A 304 -8.39 -60.27 23.40
C THR A 304 -7.14 -59.91 24.19
N PRO A 305 -6.18 -60.81 24.31
CA PRO A 305 -4.95 -60.50 25.07
C PRO A 305 -4.19 -59.34 24.45
N ARG A 306 -3.60 -58.51 25.30
CA ARG A 306 -2.82 -57.37 24.87
C ARG A 306 -1.51 -57.34 25.64
N VAL A 307 -0.41 -57.11 24.92
CA VAL A 307 0.93 -57.17 25.49
C VAL A 307 1.64 -55.86 25.22
N PHE A 308 2.29 -55.33 26.24
CA PHE A 308 3.17 -54.17 26.12
C PHE A 308 4.62 -54.63 26.19
N THR A 309 5.40 -54.28 25.17
CA THR A 309 6.81 -54.59 25.12
C THR A 309 7.60 -53.32 25.41
N THR A 310 8.37 -53.33 26.49
CA THR A 310 9.17 -52.18 26.88
C THR A 310 10.44 -52.12 26.05
N GLN A 311 11.00 -50.92 25.95
CA GLN A 311 12.27 -50.73 25.26
C GLN A 311 13.43 -51.07 26.20
N ASP A 312 14.65 -50.94 25.69
CA ASP A 312 15.82 -51.24 26.50
C ASP A 312 15.98 -50.24 27.64
N VAL A 313 15.45 -49.03 27.48
CA VAL A 313 15.52 -48.00 28.51
C VAL A 313 14.11 -47.45 28.73
N ILE A 314 13.68 -47.41 29.99
CA ILE A 314 12.39 -46.87 30.37
C ILE A 314 12.61 -45.63 31.22
N TYR A 315 11.94 -44.55 30.88
CA TYR A 315 12.09 -43.26 31.54
C TYR A 315 10.82 -42.90 32.29
N PHE A 316 10.99 -42.33 33.49
CA PHE A 316 9.85 -41.75 34.17
C PHE A 316 10.26 -40.58 35.06
N PRO A 317 9.53 -39.46 35.03
CA PRO A 317 8.41 -39.16 34.12
C PRO A 317 8.93 -38.87 32.71
N PRO A 318 8.17 -39.23 31.67
CA PRO A 318 8.67 -39.05 30.30
C PRO A 318 8.72 -37.60 29.87
N LYS A 319 7.70 -36.81 30.20
CA LYS A 319 7.64 -35.41 29.81
C LYS A 319 7.48 -34.53 31.04
N ILE A 320 8.19 -33.41 31.05
CA ILE A 320 8.17 -32.48 32.18
C ILE A 320 7.98 -31.07 31.64
N LEU A 321 7.06 -30.32 32.23
CA LEU A 321 6.78 -28.94 31.84
C LEU A 321 6.72 -28.10 33.12
N THR A 322 7.80 -27.38 33.41
CA THR A 322 7.90 -26.54 34.60
C THR A 322 8.21 -25.11 34.17
N SER A 323 8.45 -24.25 35.16
CA SER A 323 8.73 -22.85 34.93
C SER A 323 10.21 -22.57 35.11
N VAL A 324 10.60 -21.32 34.84
CA VAL A 324 12.01 -20.94 34.96
C VAL A 324 12.40 -20.89 36.43
N GLY A 325 13.53 -21.52 36.75
CA GLY A 325 14.01 -21.59 38.11
C GLY A 325 13.44 -22.72 38.94
N SER A 326 12.69 -23.64 38.33
CA SER A 326 12.10 -24.75 39.06
C SER A 326 13.16 -25.79 39.40
N ASN A 327 12.71 -26.94 39.90
CA ASN A 327 13.59 -27.94 40.48
C ASN A 327 13.09 -29.31 40.05
N VAL A 328 13.79 -29.93 39.10
CA VAL A 328 13.27 -31.08 38.37
C VAL A 328 14.15 -32.30 38.62
N SER A 329 13.51 -33.46 38.71
CA SER A 329 14.20 -34.73 38.92
C SER A 329 13.85 -35.71 37.81
N PHE A 330 14.77 -36.61 37.52
CA PHE A 330 14.59 -37.63 36.49
C PHE A 330 15.19 -38.95 36.97
N HIS A 331 14.74 -40.04 36.37
CA HIS A 331 15.24 -41.37 36.68
C HIS A 331 15.49 -42.14 35.39
N CYS A 332 16.23 -43.24 35.49
CA CYS A 332 16.54 -44.04 34.32
C CYS A 332 16.82 -45.48 34.74
N ILE A 333 16.51 -46.41 33.85
CA ILE A 333 16.86 -47.82 33.99
C ILE A 333 17.52 -48.27 32.69
N TYR A 334 18.70 -48.86 32.80
CA TYR A 334 19.48 -49.27 31.64
C TYR A 334 19.74 -50.77 31.70
N LYS A 335 19.49 -51.45 30.58
CA LYS A 335 19.80 -52.87 30.45
C LYS A 335 20.62 -53.09 29.18
N LYS A 336 21.43 -54.14 29.20
CA LYS A 336 22.32 -54.46 28.09
C LYS A 336 22.61 -55.95 28.12
N GLU A 337 22.65 -56.55 26.92
CA GLU A 337 22.84 -58.00 26.72
C GLU A 337 22.09 -58.84 27.78
N ASN A 338 20.84 -58.44 28.01
CA ASN A 338 19.94 -59.11 28.94
C ASN A 338 20.42 -59.01 30.39
N LYS A 339 21.23 -58.01 30.69
CA LYS A 339 21.74 -57.78 32.04
C LYS A 339 21.60 -56.31 32.38
N ILE A 340 21.41 -56.03 33.67
CA ILE A 340 21.22 -54.67 34.16
C ILE A 340 22.55 -54.15 34.66
N VAL A 341 22.99 -53.03 34.11
CA VAL A 341 24.21 -52.37 34.61
C VAL A 341 23.89 -51.73 35.96
N PRO A 342 24.74 -51.91 36.97
CA PRO A 342 24.47 -51.30 38.28
C PRO A 342 24.47 -49.78 38.19
N SER A 343 23.77 -49.15 39.14
CA SER A 343 23.61 -47.71 39.15
C SER A 343 24.93 -46.97 39.43
N LYS A 344 25.97 -47.68 39.86
CA LYS A 344 27.26 -47.03 40.11
C LYS A 344 27.86 -46.48 38.82
N GLU A 345 27.72 -47.21 37.71
CA GLU A 345 28.33 -46.83 36.44
C GLU A 345 27.43 -45.95 35.59
N ILE A 346 26.25 -45.59 36.07
CA ILE A 346 25.30 -44.80 35.28
C ILE A 346 25.73 -43.34 35.29
N VAL A 347 25.82 -42.75 34.10
CA VAL A 347 26.09 -41.32 33.94
C VAL A 347 25.02 -40.74 33.03
N TRP A 348 24.84 -39.42 33.13
CA TRP A 348 23.81 -38.72 32.41
C TRP A 348 24.43 -37.72 31.43
N TRP A 349 23.85 -37.64 30.24
CA TRP A 349 24.28 -36.72 29.20
C TRP A 349 23.13 -35.79 28.85
N MET A 350 23.45 -34.51 28.66
CA MET A 350 22.46 -33.49 28.32
C MET A 350 22.71 -33.00 26.90
N ASN A 351 21.70 -33.12 26.04
CA ASN A 351 21.74 -32.63 24.67
C ASN A 351 22.84 -33.29 23.85
N LEU A 352 23.38 -34.41 24.32
CA LEU A 352 24.46 -35.14 23.67
C LEU A 352 25.68 -34.26 23.38
N ALA A 353 25.82 -33.15 24.11
CA ALA A 353 26.91 -32.21 23.91
C ALA A 353 27.82 -32.11 25.12
N GLU A 354 27.25 -31.85 26.30
CA GLU A 354 28.00 -31.74 27.53
C GLU A 354 27.55 -32.80 28.51
N LYS A 355 28.47 -33.25 29.35
CA LYS A 355 28.20 -34.29 30.34
C LYS A 355 27.82 -33.65 31.67
N ILE A 356 26.72 -34.12 32.24
CA ILE A 356 26.26 -33.59 33.53
C ILE A 356 27.27 -33.99 34.62
N PRO A 357 27.68 -33.06 35.47
CA PRO A 357 28.66 -33.39 36.51
C PRO A 357 28.10 -34.41 37.50
N GLN A 358 29.01 -35.18 38.10
CA GLN A 358 28.64 -36.24 39.04
C GLN A 358 28.12 -35.71 40.36
N SER A 359 28.22 -34.39 40.61
CA SER A 359 27.79 -33.84 41.88
C SER A 359 26.30 -34.06 42.11
N GLN A 360 25.49 -33.87 41.06
CA GLN A 360 24.05 -34.09 41.18
C GLN A 360 23.66 -35.56 41.11
N TYR A 361 24.58 -36.44 40.74
CA TYR A 361 24.27 -37.86 40.63
C TYR A 361 24.06 -38.47 42.01
N ASP A 362 22.94 -39.15 42.20
CA ASP A 362 22.61 -39.83 43.43
C ASP A 362 22.16 -41.25 43.13
N VAL A 363 22.31 -42.13 44.13
CA VAL A 363 22.01 -43.55 43.98
C VAL A 363 20.83 -43.89 44.89
N VAL A 364 19.82 -44.54 44.32
CA VAL A 364 18.65 -44.99 45.07
C VAL A 364 18.77 -46.47 45.41
N SER A 365 19.09 -47.31 44.44
CA SER A 365 19.22 -48.74 44.65
C SER A 365 20.29 -49.27 43.71
N ASP A 366 20.34 -50.60 43.56
CA ASP A 366 21.34 -51.22 42.69
C ASP A 366 20.94 -51.20 41.22
N HIS A 367 19.74 -50.73 40.90
CA HIS A 367 19.26 -50.75 39.52
C HIS A 367 18.78 -49.39 39.01
N VAL A 368 18.38 -48.48 39.89
CA VAL A 368 17.81 -47.19 39.50
C VAL A 368 18.64 -46.09 40.12
N SER A 369 19.07 -45.13 39.28
CA SER A 369 19.78 -43.94 39.73
C SER A 369 19.08 -42.71 39.17
N LYS A 370 18.96 -41.67 40.00
CA LYS A 370 18.21 -40.48 39.64
C LYS A 370 19.11 -39.25 39.64
N VAL A 371 18.65 -38.23 38.92
CA VAL A 371 19.37 -36.97 38.75
C VAL A 371 18.39 -35.84 38.99
N THR A 372 18.90 -34.73 39.53
CA THR A 372 18.08 -33.56 39.77
C THR A 372 18.80 -32.32 39.24
N PHE A 373 18.09 -31.55 38.42
CA PHE A 373 18.61 -30.29 37.89
C PHE A 373 18.24 -29.14 38.81
N PHE A 374 19.12 -28.14 38.87
CA PHE A 374 18.95 -26.97 39.73
C PHE A 374 18.93 -25.72 38.87
N ASN A 375 17.89 -24.91 39.03
CA ASN A 375 17.78 -23.60 38.37
C ASN A 375 17.94 -23.73 36.85
N LEU A 376 16.98 -24.43 36.24
CA LEU A 376 17.00 -24.61 34.80
C LEU A 376 16.82 -23.28 34.09
N ASN A 377 17.48 -23.14 32.94
CA ASN A 377 17.39 -21.93 32.14
C ASN A 377 16.25 -22.08 31.13
N GLU A 378 16.17 -21.13 30.21
CA GLU A 378 15.26 -21.26 29.08
C GLU A 378 15.82 -22.27 28.07
N THR A 379 14.97 -22.70 27.15
CA THR A 379 15.38 -23.59 26.07
C THR A 379 15.34 -22.84 24.75
N LYS A 380 16.45 -22.84 24.02
CA LYS A 380 16.49 -22.18 22.74
C LYS A 380 15.63 -22.94 21.73
N PRO A 381 14.99 -22.23 20.79
CA PRO A 381 14.29 -22.89 19.69
C PRO A 381 15.29 -23.36 18.64
N ARG A 382 15.54 -24.66 18.59
CA ARG A 382 16.54 -25.25 17.71
C ARG A 382 15.81 -25.88 16.52
N GLY A 383 15.63 -25.09 15.46
CA GLY A 383 14.94 -25.59 14.28
C GLY A 383 13.50 -25.92 14.59
N LYS A 384 13.01 -27.00 13.99
CA LYS A 384 11.65 -27.46 14.25
C LYS A 384 11.50 -27.91 15.70
N PHE A 385 12.51 -28.57 16.24
CA PHE A 385 12.44 -29.09 17.60
C PHE A 385 12.47 -27.95 18.61
N THR A 386 11.62 -28.04 19.62
CA THR A 386 11.50 -27.00 20.65
C THR A 386 11.77 -27.53 22.05
N TYR A 387 12.21 -28.78 22.19
CA TYR A 387 12.41 -29.39 23.49
C TYR A 387 13.89 -29.71 23.69
N ASP A 388 14.22 -30.23 24.88
CA ASP A 388 15.56 -30.60 25.25
C ASP A 388 15.61 -32.09 25.58
N ALA A 389 16.78 -32.68 25.41
CA ALA A 389 16.96 -34.12 25.57
C ALA A 389 17.89 -34.40 26.75
N VAL A 390 17.50 -35.35 27.58
CA VAL A 390 18.34 -35.84 28.68
C VAL A 390 18.47 -37.35 28.53
N TYR A 391 19.69 -37.85 28.64
CA TYR A 391 20.00 -39.24 28.34
C TYR A 391 20.46 -39.98 29.58
N CYS A 392 20.16 -41.27 29.62
CA CYS A 392 20.73 -42.21 30.58
C CYS A 392 21.75 -43.06 29.84
N CYS A 393 23.00 -43.01 30.28
CA CYS A 393 24.09 -43.58 29.50
C CYS A 393 25.02 -44.40 30.37
N ASN A 394 25.48 -45.51 29.82
CA ASN A 394 26.66 -46.19 30.33
C ASN A 394 27.89 -45.47 29.79
N GLU A 395 29.06 -45.73 30.38
CA GLU A 395 30.27 -45.06 29.95
C GLU A 395 30.72 -45.48 28.56
N HIS A 396 30.14 -46.53 28.00
CA HIS A 396 30.43 -46.95 26.62
C HIS A 396 29.46 -46.35 25.62
N GLU A 397 28.16 -46.62 25.74
CA GLU A 397 27.19 -46.27 24.72
C GLU A 397 26.07 -45.41 25.30
N CYS A 398 25.16 -45.01 24.41
CA CYS A 398 23.99 -44.23 24.78
C CYS A 398 22.83 -44.67 23.90
N HIS A 399 21.69 -44.97 24.52
CA HIS A 399 20.53 -45.40 23.77
C HIS A 399 19.86 -44.19 23.10
N HIS A 400 19.04 -44.50 22.08
CA HIS A 400 18.40 -43.45 21.30
C HIS A 400 17.15 -42.88 21.97
N ARG A 401 16.64 -43.52 23.02
CA ARG A 401 15.46 -43.02 23.71
C ARG A 401 15.86 -41.91 24.68
N TYR A 402 15.15 -40.79 24.62
CA TYR A 402 15.43 -39.63 25.46
C TYR A 402 14.15 -39.13 26.11
N ALA A 403 14.32 -38.45 27.24
CA ALA A 403 13.20 -37.85 27.96
C ALA A 403 13.12 -36.38 27.60
N GLU A 404 11.92 -35.92 27.25
CA GLU A 404 11.72 -34.53 26.87
C GLU A 404 11.56 -33.65 28.09
N LEU A 405 12.12 -32.44 28.00
CA LEU A 405 12.04 -31.47 29.10
C LEU A 405 11.66 -30.12 28.52
N TYR A 406 10.45 -29.67 28.84
CA TYR A 406 9.96 -28.37 28.40
C TYR A 406 10.00 -27.39 29.57
N VAL A 407 10.38 -26.14 29.27
CA VAL A 407 10.34 -25.06 30.25
C VAL A 407 10.03 -23.77 29.52
N ILE A 408 9.25 -22.90 30.18
CA ILE A 408 8.86 -21.62 29.61
C ILE A 408 8.88 -20.56 30.72
N ASP A 409 8.91 -19.30 30.30
CA ASP A 409 8.89 -18.20 31.25
C ASP A 409 7.45 -17.82 31.59
N VAL A 410 7.25 -17.38 32.82
CA VAL A 410 5.94 -16.94 33.29
C VAL A 410 5.91 -15.47 33.66
N ASN A 411 7.03 -14.76 33.55
CA ASN A 411 7.12 -13.36 33.95
C ASN A 411 6.67 -12.49 32.78
N ILE A 412 5.37 -12.19 32.74
CA ILE A 412 4.78 -11.25 31.79
C ILE A 412 4.19 -10.09 32.59
N ASN A 413 4.65 -8.88 32.30
CA ASN A 413 4.23 -7.73 33.07
C ASN A 413 2.78 -7.34 32.74
N ILE A 414 2.17 -6.59 33.66
CA ILE A 414 0.82 -6.08 33.48
C ILE A 414 0.73 -4.73 34.19
N SER A 415 -0.01 -3.79 33.59
CA SER A 415 -0.19 -2.47 34.15
C SER A 415 -1.26 -1.70 33.39
N CYS A 416 -2.16 -1.01 34.11
CA CYS A 416 -3.13 -0.16 33.46
C CYS A 416 -3.62 0.94 34.40
N GLU A 417 -4.24 1.94 33.79
CA GLU A 417 -4.59 3.21 34.40
C GLU A 417 -6.09 3.40 34.41
N THR A 418 -6.61 3.93 35.50
CA THR A 418 -8.04 4.23 35.62
C THR A 418 -8.31 5.53 34.87
N ASP A 419 -9.03 5.42 33.76
CA ASP A 419 -9.24 6.57 32.88
C ASP A 419 -9.96 7.69 33.62
N GLY A 420 -9.80 8.91 33.10
CA GLY A 420 -10.37 10.07 33.77
C GLY A 420 -11.89 10.02 33.88
N TYR A 421 -12.55 9.31 32.96
CA TYR A 421 -13.99 9.17 33.02
C TYR A 421 -14.42 8.26 34.17
N LEU A 422 -13.50 7.50 34.75
CA LEU A 422 -13.80 6.56 35.84
C LEU A 422 -14.86 5.54 35.42
N THR A 423 -14.90 5.22 34.12
CA THR A 423 -15.81 4.23 33.60
C THR A 423 -15.12 3.10 32.85
N LYS A 424 -13.87 3.29 32.43
CA LYS A 424 -13.14 2.28 31.68
C LYS A 424 -11.81 2.01 32.37
N MET A 425 -11.33 0.78 32.23
CA MET A 425 -10.04 0.38 32.77
C MET A 425 -9.45 -0.67 31.82
N THR A 426 -8.61 -0.22 30.89
CA THR A 426 -8.12 -1.05 29.80
C THR A 426 -6.61 -1.25 29.95
N CYS A 427 -6.17 -2.49 29.85
CA CYS A 427 -4.75 -2.81 29.81
C CYS A 427 -4.52 -4.08 29.00
N ARG A 428 -3.26 -4.50 28.95
CA ARG A 428 -2.75 -5.28 27.85
C ARG A 428 -1.62 -6.19 28.31
N TRP A 429 -1.38 -7.24 27.52
CA TRP A 429 -0.36 -8.23 27.82
C TRP A 429 0.22 -8.74 26.51
N SER A 430 1.54 -8.62 26.35
CA SER A 430 2.21 -8.97 25.11
C SER A 430 3.01 -10.25 25.28
N THR A 431 3.11 -11.01 24.19
CA THR A 431 3.87 -12.25 24.19
C THR A 431 4.71 -12.45 22.93
N SER A 432 4.74 -11.47 22.01
CA SER A 432 5.52 -11.64 20.78
C SER A 432 7.01 -11.75 21.08
N THR A 433 7.50 -10.96 22.04
CA THR A 433 8.91 -11.03 22.39
C THR A 433 9.28 -12.40 22.96
N ILE A 434 8.36 -13.02 23.69
CA ILE A 434 8.61 -14.35 24.25
C ILE A 434 8.57 -15.38 23.12
N GLN A 435 9.62 -16.21 23.05
CA GLN A 435 9.73 -17.21 22.02
C GLN A 435 9.59 -18.64 22.52
N SER A 436 9.59 -18.86 23.84
CA SER A 436 9.53 -20.20 24.39
C SER A 436 8.16 -20.85 24.24
N LEU A 437 7.13 -20.08 23.90
CA LEU A 437 5.78 -20.59 23.74
C LEU A 437 5.34 -20.53 22.29
N ALA A 438 4.56 -21.52 21.87
CA ALA A 438 4.04 -21.59 20.51
C ALA A 438 2.86 -22.54 20.49
N GLU A 439 1.83 -22.18 19.72
CA GLU A 439 0.62 -23.00 19.57
C GLU A 439 -0.03 -23.31 20.91
N SER A 440 -0.04 -22.34 21.82
CA SER A 440 -0.66 -22.50 23.13
C SER A 440 -1.66 -21.38 23.35
N THR A 441 -2.87 -21.74 23.76
CA THR A 441 -3.90 -20.75 24.04
C THR A 441 -3.56 -19.98 25.33
N LEU A 442 -3.92 -18.70 25.35
CA LEU A 442 -3.66 -17.83 26.48
C LEU A 442 -4.96 -17.14 26.89
N GLN A 443 -5.16 -16.99 28.19
CA GLN A 443 -6.41 -16.43 28.71
C GLN A 443 -6.12 -15.76 30.04
N LEU A 444 -6.84 -14.67 30.31
CA LEU A 444 -6.67 -13.91 31.53
C LEU A 444 -7.60 -14.41 32.63
N ARG A 445 -7.20 -14.14 33.87
CA ARG A 445 -8.04 -14.35 35.04
C ARG A 445 -7.91 -13.14 35.95
N TYR A 446 -8.95 -12.90 36.74
CA TYR A 446 -8.96 -11.76 37.66
C TYR A 446 -9.83 -12.12 38.86
N HIS A 447 -9.97 -11.16 39.78
CA HIS A 447 -10.74 -11.37 41.00
C HIS A 447 -11.01 -10.05 41.71
N ARG A 448 -12.23 -9.85 42.18
CA ARG A 448 -12.64 -8.61 42.85
C ARG A 448 -13.44 -8.95 44.11
N SER A 449 -12.74 -9.11 45.22
CA SER A 449 -13.40 -9.33 46.51
C SER A 449 -12.90 -8.41 47.61
N SER A 450 -11.61 -8.09 47.62
CA SER A 450 -11.04 -7.31 48.69
C SER A 450 -11.11 -5.82 48.41
N LEU A 451 -11.16 -5.02 49.49
CA LEU A 451 -11.17 -3.57 49.35
C LEU A 451 -9.79 -3.04 49.00
N TYR A 452 -8.73 -3.65 49.54
CA TYR A 452 -7.35 -3.28 49.25
C TYR A 452 -6.53 -4.53 49.01
N CYS A 453 -5.46 -4.39 48.24
CA CYS A 453 -4.54 -5.49 47.99
C CYS A 453 -3.35 -5.39 48.94
N SER A 454 -2.39 -6.30 48.79
CA SER A 454 -1.13 -6.31 49.53
C SER A 454 -1.34 -6.44 51.04
N ASP A 455 -2.53 -6.86 51.47
CA ASP A 455 -2.76 -7.07 52.90
C ASP A 455 -1.93 -8.24 53.41
N ILE A 456 -1.96 -9.37 52.71
CA ILE A 456 -1.19 -10.56 53.06
C ILE A 456 -1.22 -11.51 51.86
N PRO A 457 -0.14 -12.24 51.60
CA PRO A 457 -0.19 -13.24 50.53
C PRO A 457 -1.23 -14.32 50.82
N SER A 458 -1.90 -14.77 49.76
CA SER A 458 -2.96 -15.77 49.89
C SER A 458 -2.82 -16.79 48.77
N ILE A 459 -3.38 -17.98 49.02
CA ILE A 459 -3.35 -19.03 48.01
C ILE A 459 -4.20 -18.65 46.80
N HIS A 460 -5.33 -17.98 47.05
CA HIS A 460 -6.22 -17.46 46.01
C HIS A 460 -6.68 -18.55 45.06
N PRO A 461 -7.54 -19.48 45.51
CA PRO A 461 -7.98 -20.57 44.63
C PRO A 461 -9.09 -20.16 43.66
N ILE A 462 -9.96 -19.26 44.10
CA ILE A 462 -11.13 -18.89 43.29
C ILE A 462 -10.69 -18.05 42.11
N SER A 463 -11.25 -18.36 40.93
CA SER A 463 -10.94 -17.62 39.72
C SER A 463 -12.06 -17.85 38.71
N GLU A 464 -12.15 -16.93 37.75
CA GLU A 464 -13.12 -17.00 36.66
C GLU A 464 -12.46 -16.45 35.41
N PRO A 465 -12.90 -16.88 34.23
CA PRO A 465 -12.24 -16.46 32.98
C PRO A 465 -12.69 -15.08 32.53
N LYS A 466 -12.14 -14.65 31.40
CA LYS A 466 -12.49 -13.39 30.76
C LYS A 466 -12.20 -13.53 29.26
N ASP A 467 -12.24 -12.42 28.54
CA ASP A 467 -11.99 -12.46 27.10
C ASP A 467 -11.55 -11.08 26.62
N CYS A 468 -10.58 -11.08 25.70
CA CYS A 468 -10.18 -9.86 25.00
C CYS A 468 -9.45 -10.28 23.72
N TYR A 469 -9.30 -9.32 22.82
CA TYR A 469 -8.89 -9.61 21.45
C TYR A 469 -7.55 -8.95 21.12
N LEU A 470 -6.96 -9.42 20.03
CA LEU A 470 -5.66 -8.94 19.57
C LEU A 470 -5.82 -7.69 18.70
N GLN A 471 -4.87 -6.76 18.83
CA GLN A 471 -4.84 -5.53 18.05
C GLN A 471 -3.83 -5.67 16.92
N SER A 472 -3.56 -4.54 16.23
CA SER A 472 -2.53 -4.54 15.20
C SER A 472 -1.17 -4.87 15.79
N ASP A 473 -0.83 -4.27 16.93
CA ASP A 473 0.37 -4.64 17.65
C ASP A 473 0.13 -5.94 18.41
N GLY A 474 1.23 -6.61 18.77
CA GLY A 474 1.14 -7.86 19.49
C GLY A 474 0.76 -7.73 20.95
N PHE A 475 0.54 -6.51 21.43
CA PHE A 475 0.25 -6.25 22.84
C PHE A 475 -1.26 -6.44 23.03
N TYR A 476 -1.66 -7.55 23.66
CA TYR A 476 -3.07 -7.93 23.70
C TYR A 476 -3.88 -7.04 24.64
N GLU A 477 -4.44 -5.95 24.12
CA GLU A 477 -5.23 -5.07 24.97
C GLU A 477 -6.58 -5.69 25.32
N CYS A 478 -7.06 -5.38 26.51
CA CYS A 478 -8.37 -5.83 26.96
C CYS A 478 -9.08 -4.69 27.68
N ILE A 479 -10.39 -4.62 27.47
CA ILE A 479 -11.21 -3.52 27.97
C ILE A 479 -12.15 -4.06 29.04
N PHE A 480 -12.23 -3.36 30.17
CA PHE A 480 -13.13 -3.70 31.25
C PHE A 480 -14.38 -2.83 31.20
N GLN A 481 -15.39 -3.25 31.96
CA GLN A 481 -16.67 -2.57 32.06
C GLN A 481 -16.78 -2.04 33.49
N PRO A 482 -17.85 -1.26 33.87
CA PRO A 482 -17.78 -0.45 35.11
C PRO A 482 -17.09 -1.10 36.30
N ILE A 483 -16.12 -0.38 36.86
CA ILE A 483 -15.27 -0.88 37.92
C ILE A 483 -15.56 -0.11 39.20
N PHE A 484 -14.99 -0.60 40.30
CA PHE A 484 -15.10 0.06 41.60
C PHE A 484 -13.78 0.78 41.88
N LEU A 485 -13.86 2.08 42.18
CA LEU A 485 -12.65 2.87 42.38
C LEU A 485 -11.85 2.38 43.59
N LEU A 486 -12.51 1.81 44.59
CA LEU A 486 -11.86 1.31 45.79
C LEU A 486 -12.18 -0.18 45.93
N SER A 487 -11.35 -1.01 45.30
CA SER A 487 -11.51 -2.46 45.39
C SER A 487 -10.19 -3.11 45.00
N GLY A 488 -10.10 -4.41 45.30
CA GLY A 488 -8.90 -5.18 44.98
C GLY A 488 -9.11 -5.97 43.69
N TYR A 489 -8.15 -5.84 42.79
CA TYR A 489 -8.17 -6.51 41.49
C TYR A 489 -6.84 -7.25 41.30
N THR A 490 -6.85 -8.56 41.54
CA THR A 490 -5.67 -9.39 41.34
C THR A 490 -5.87 -10.21 40.06
N MET A 491 -4.94 -10.07 39.13
CA MET A 491 -5.06 -10.71 37.83
C MET A 491 -3.77 -11.46 37.48
N TRP A 492 -3.90 -12.44 36.59
CA TRP A 492 -2.77 -13.21 36.10
C TRP A 492 -3.15 -13.87 34.79
N ILE A 493 -2.14 -14.31 34.06
CA ILE A 493 -2.34 -15.06 32.83
C ILE A 493 -2.14 -16.54 33.12
N ARG A 494 -2.72 -17.38 32.28
CA ARG A 494 -2.63 -18.83 32.44
C ARG A 494 -2.02 -19.44 31.19
N ILE A 495 -1.37 -20.59 31.38
CA ILE A 495 -0.71 -21.32 30.32
C ILE A 495 -1.27 -22.74 30.30
N ASN A 496 -1.65 -23.22 29.12
CA ASN A 496 -1.94 -24.62 28.91
C ASN A 496 -1.07 -25.15 27.78
N HIS A 497 -0.76 -26.44 27.85
CA HIS A 497 0.06 -27.07 26.82
C HIS A 497 -0.28 -28.54 26.77
N SER A 498 0.18 -29.19 25.70
CA SER A 498 -0.14 -30.60 25.50
C SER A 498 0.33 -31.47 26.67
N LEU A 499 1.41 -31.05 27.34
CA LEU A 499 1.93 -31.80 28.48
C LEU A 499 1.29 -31.42 29.80
N GLY A 500 0.85 -30.16 29.95
CA GLY A 500 0.26 -29.74 31.20
C GLY A 500 -0.24 -28.30 31.18
N SER A 501 -0.18 -27.62 32.32
CA SER A 501 -0.66 -26.25 32.41
C SER A 501 0.16 -25.50 33.45
N LEU A 502 0.23 -24.17 33.27
CA LEU A 502 0.97 -23.28 34.15
C LEU A 502 0.20 -21.98 34.29
N ASP A 503 0.71 -21.11 35.17
CA ASP A 503 0.08 -19.82 35.44
C ASP A 503 1.14 -18.78 35.76
N SER A 504 0.79 -17.52 35.54
CA SER A 504 1.66 -16.38 35.79
C SER A 504 1.65 -16.02 37.28
N PRO A 505 2.73 -15.44 37.78
CA PRO A 505 2.75 -14.96 39.17
C PRO A 505 1.70 -13.88 39.40
N PRO A 506 1.07 -13.87 40.57
CA PRO A 506 -0.02 -12.93 40.81
C PRO A 506 0.47 -11.51 41.07
N THR A 507 -0.42 -10.56 40.80
CA THR A 507 -0.18 -9.15 41.10
C THR A 507 -1.52 -8.42 41.09
N CYS A 508 -1.55 -7.25 41.72
CA CYS A 508 -2.76 -6.46 41.81
C CYS A 508 -2.47 -5.00 41.51
N VAL A 509 -3.51 -4.29 41.06
CA VAL A 509 -3.46 -2.86 40.80
C VAL A 509 -4.66 -2.20 41.47
N LEU A 510 -4.41 -1.07 42.14
CA LEU A 510 -5.46 -0.33 42.81
C LEU A 510 -6.00 0.75 41.88
N PRO A 511 -7.28 0.70 41.51
CA PRO A 511 -7.80 1.69 40.55
C PRO A 511 -7.70 3.13 41.03
N ASP A 512 -7.87 3.37 42.33
CA ASP A 512 -7.88 4.73 42.84
C ASP A 512 -6.50 5.39 42.71
N SER A 513 -5.44 4.63 42.97
CA SER A 513 -4.09 5.17 42.96
C SER A 513 -3.45 5.21 41.59
N VAL A 514 -4.15 4.80 40.54
CA VAL A 514 -3.57 4.74 39.21
C VAL A 514 -4.40 5.60 38.25
N VAL A 515 -4.99 6.67 38.77
CA VAL A 515 -5.80 7.56 37.97
C VAL A 515 -4.91 8.62 37.32
N LYS A 516 -5.04 8.76 36.00
CA LYS A 516 -4.35 9.82 35.25
C LYS A 516 -5.35 10.93 34.93
N PRO A 517 -5.21 12.11 35.50
CA PRO A 517 -6.20 13.17 35.26
C PRO A 517 -6.20 13.64 33.82
N LEU A 518 -7.37 14.10 33.38
CA LEU A 518 -7.50 14.69 32.06
C LEU A 518 -6.73 16.00 32.00
N PRO A 519 -6.19 16.36 30.83
CA PRO A 519 -5.40 17.60 30.71
C PRO A 519 -6.24 18.81 31.05
N PRO A 520 -5.67 19.79 31.76
CA PRO A 520 -6.42 21.00 32.07
C PRO A 520 -6.73 21.81 30.83
N SER A 521 -7.83 22.55 30.89
CA SER A 521 -8.30 23.38 29.80
C SER A 521 -8.27 24.85 30.19
N SER A 522 -8.60 25.70 29.22
CA SER A 522 -8.67 27.15 29.40
C SER A 522 -7.35 27.71 29.93
N VAL A 523 -6.24 27.20 29.40
CA VAL A 523 -4.93 27.70 29.76
C VAL A 523 -4.71 29.04 29.07
N LYS A 524 -4.14 30.00 29.79
CA LYS A 524 -3.91 31.34 29.28
C LYS A 524 -2.64 31.91 29.89
N ALA A 525 -1.91 32.69 29.08
CA ALA A 525 -0.69 33.33 29.52
C ALA A 525 -0.58 34.70 28.88
N GLU A 526 -0.13 35.67 29.66
CA GLU A 526 0.06 37.03 29.17
C GLU A 526 1.01 37.76 30.12
N ILE A 527 1.94 38.51 29.53
CA ILE A 527 2.90 39.27 30.33
C ILE A 527 2.18 40.38 31.07
N THR A 528 2.41 40.46 32.38
CA THR A 528 1.77 41.49 33.20
C THR A 528 2.27 42.87 32.79
N ILE A 529 1.39 43.86 32.89
CA ILE A 529 1.67 45.21 32.42
C ILE A 529 2.27 46.03 33.56
N ASN A 530 3.25 46.88 33.20
CA ASN A 530 4.04 47.65 34.17
C ASN A 530 4.59 46.77 35.30
N ILE A 531 4.77 45.48 35.04
CA ILE A 531 5.30 44.57 36.06
C ILE A 531 6.52 43.84 35.52
N GLY A 532 6.41 43.33 34.29
CA GLY A 532 7.48 42.53 33.71
C GLY A 532 7.48 41.08 34.13
N LEU A 533 6.39 40.59 34.71
CA LEU A 533 6.30 39.22 35.20
C LEU A 533 5.32 38.46 34.32
N LEU A 534 5.76 37.32 33.79
CA LEU A 534 4.90 36.49 32.94
C LEU A 534 3.96 35.68 33.81
N LYS A 535 2.67 35.97 33.73
CA LYS A 535 1.65 35.28 34.49
C LYS A 535 0.89 34.33 33.58
N ILE A 536 0.78 33.07 33.99
CA ILE A 536 0.10 32.03 33.23
C ILE A 536 -1.09 31.55 34.04
N SER A 537 -2.25 31.48 33.41
CA SER A 537 -3.48 31.09 34.07
C SER A 537 -3.96 29.74 33.53
N TRP A 538 -4.49 28.92 34.42
CA TRP A 538 -4.97 27.58 34.10
C TRP A 538 -6.28 27.31 34.84
N GLU A 539 -6.76 26.06 34.70
CA GLU A 539 -7.96 25.56 35.34
C GLU A 539 -7.69 24.18 35.90
N LYS A 540 -8.25 23.91 37.09
CA LYS A 540 -8.02 22.62 37.74
C LYS A 540 -8.76 21.50 36.99
N PRO A 541 -8.11 20.37 36.75
CA PRO A 541 -8.82 19.23 36.14
C PRO A 541 -9.97 18.77 37.01
N VAL A 542 -11.09 18.42 36.36
CA VAL A 542 -12.32 18.11 37.08
C VAL A 542 -12.19 16.78 37.83
N PHE A 543 -11.64 15.75 37.16
CA PHE A 543 -11.41 14.44 37.77
C PHE A 543 -9.91 14.15 37.85
N PRO A 544 -9.45 13.55 38.96
CA PRO A 544 -10.19 13.21 40.19
C PRO A 544 -10.20 14.36 41.18
N GLU A 545 -10.46 14.09 42.46
CA GLU A 545 -10.59 15.14 43.47
C GLU A 545 -9.41 15.22 44.42
N ASN A 546 -8.40 14.36 44.28
CA ASN A 546 -7.28 14.37 45.21
C ASN A 546 -6.38 15.57 44.96
N ASN A 547 -5.64 15.95 46.01
CA ASN A 547 -4.64 17.01 45.89
C ASN A 547 -3.53 16.57 44.96
N LEU A 548 -2.98 17.53 44.22
CA LEU A 548 -2.03 17.23 43.15
C LEU A 548 -1.12 18.42 42.88
N GLN A 549 -0.06 18.17 42.13
CA GLN A 549 0.98 19.15 41.85
C GLN A 549 1.02 19.51 40.37
N PHE A 550 1.32 20.77 40.07
CA PHE A 550 1.34 21.30 38.71
C PHE A 550 2.77 21.47 38.21
N GLN A 551 3.03 20.97 37.01
CA GLN A 551 4.26 21.24 36.26
C GLN A 551 3.89 22.02 35.01
N ILE A 552 4.48 23.20 34.85
CA ILE A 552 4.23 24.06 33.70
C ILE A 552 5.53 24.21 32.92
N ARG A 553 5.46 24.00 31.61
CA ARG A 553 6.64 23.96 30.75
C ARG A 553 6.44 25.01 29.66
N TYR A 554 7.47 25.84 29.46
CA TYR A 554 7.35 27.03 28.62
C TYR A 554 8.71 27.40 28.05
N GLY A 555 8.67 28.24 27.02
CA GLY A 555 9.89 28.66 26.35
C GLY A 555 9.59 29.76 25.34
N LEU A 556 10.56 29.96 24.44
CA LEU A 556 10.46 30.99 23.41
C LEU A 556 9.89 30.38 22.13
N SER A 557 8.76 30.92 21.67
CA SER A 557 8.04 30.32 20.55
C SER A 557 8.89 30.29 19.29
N GLY A 558 8.77 29.21 18.54
CA GLY A 558 9.52 29.05 17.30
C GLY A 558 9.38 27.63 16.79
N LYS A 559 10.10 27.36 15.69
CA LYS A 559 10.11 26.01 15.14
C LYS A 559 10.71 25.02 16.13
N GLU A 560 11.82 25.41 16.77
CA GLU A 560 12.40 24.64 17.86
C GLU A 560 12.54 25.58 19.05
N VAL A 561 12.08 25.12 20.21
CA VAL A 561 11.96 25.97 21.40
C VAL A 561 12.91 25.49 22.47
N GLN A 562 13.70 26.42 23.03
CA GLN A 562 14.57 26.12 24.16
C GLN A 562 13.70 26.10 25.41
N TRP A 563 13.11 24.94 25.68
CA TRP A 563 12.19 24.77 26.78
C TRP A 563 12.93 24.85 28.12
N LYS A 564 12.17 25.14 29.18
CA LYS A 564 12.71 25.10 30.55
C LYS A 564 11.60 24.68 31.50
N MET A 565 11.98 24.36 32.73
CA MET A 565 11.18 23.52 33.60
C MET A 565 11.00 24.22 34.94
N TYR A 566 9.76 24.34 35.41
CA TYR A 566 9.52 24.88 36.74
C TYR A 566 8.22 24.28 37.27
N GLU A 567 8.21 23.94 38.56
CA GLU A 567 7.28 22.97 39.13
C GLU A 567 6.77 23.48 40.48
N VAL A 568 5.45 23.57 40.63
CA VAL A 568 4.84 24.10 41.84
C VAL A 568 4.26 22.95 42.66
N TYR A 569 4.51 22.98 43.97
CA TYR A 569 4.09 21.91 44.86
C TYR A 569 2.82 22.22 45.64
N ASP A 570 2.16 23.33 45.35
CA ASP A 570 0.95 23.76 46.05
C ASP A 570 -0.23 23.68 45.10
N ALA A 571 -1.26 22.93 45.49
CA ALA A 571 -2.46 22.80 44.66
C ALA A 571 -3.35 24.04 44.73
N LYS A 572 -3.27 24.79 45.84
CA LYS A 572 -4.12 25.96 46.00
C LYS A 572 -3.81 27.02 44.95
N SER A 573 -2.53 27.24 44.65
CA SER A 573 -2.15 28.27 43.69
C SER A 573 -2.68 27.93 42.29
N LYS A 574 -3.26 28.94 41.63
CA LYS A 574 -3.81 28.78 40.30
C LYS A 574 -3.16 29.71 39.28
N SER A 575 -2.17 30.51 39.66
CA SER A 575 -1.42 31.32 38.71
C SER A 575 -0.11 31.76 39.37
N VAL A 576 0.95 31.83 38.57
CA VAL A 576 2.27 32.22 39.05
C VAL A 576 2.88 33.21 38.06
N SER A 577 3.71 34.10 38.60
CA SER A 577 4.41 35.12 37.81
C SER A 577 5.89 34.81 37.81
N LEU A 578 6.55 35.08 36.66
CA LEU A 578 7.96 34.79 36.47
C LEU A 578 8.51 35.75 35.42
N PRO A 579 9.61 36.44 35.70
CA PRO A 579 10.19 37.31 34.67
C PRO A 579 10.76 36.50 33.51
N VAL A 580 10.76 37.12 32.33
CA VAL A 580 11.25 36.47 31.11
C VAL A 580 12.47 37.23 30.61
N PRO A 581 13.39 36.56 29.89
CA PRO A 581 14.56 37.30 29.39
C PRO A 581 14.23 38.26 28.27
N ASP A 582 13.38 37.87 27.33
CA ASP A 582 12.99 38.72 26.22
C ASP A 582 11.64 39.34 26.52
N LEU A 583 11.58 40.67 26.51
CA LEU A 583 10.34 41.36 26.86
C LEU A 583 9.32 41.33 25.73
N CYS A 584 9.78 41.40 24.48
CA CYS A 584 8.91 41.47 23.32
C CYS A 584 9.22 40.31 22.39
N ALA A 585 8.57 39.17 22.64
CA ALA A 585 8.75 38.00 21.80
C ALA A 585 7.55 37.08 21.97
N VAL A 586 7.31 36.24 20.97
CA VAL A 586 6.25 35.25 21.06
C VAL A 586 6.67 34.15 22.02
N TYR A 587 5.77 33.79 22.92
CA TYR A 587 6.05 32.80 23.96
C TYR A 587 4.98 31.71 23.95
N ALA A 588 5.41 30.49 24.24
CA ALA A 588 4.52 29.34 24.31
C ALA A 588 4.62 28.70 25.69
N VAL A 589 3.48 28.35 26.26
CA VAL A 589 3.42 27.70 27.57
C VAL A 589 2.61 26.42 27.44
N GLN A 590 2.91 25.47 28.33
CA GLN A 590 2.20 24.20 28.35
C GLN A 590 2.01 23.76 29.80
N VAL A 591 0.99 22.94 30.02
CA VAL A 591 0.56 22.55 31.35
C VAL A 591 0.48 21.04 31.44
N ARG A 592 1.04 20.47 32.50
CA ARG A 592 0.98 19.04 32.76
C ARG A 592 0.61 18.79 34.22
N CYS A 593 -0.06 17.68 34.47
CA CYS A 593 -0.64 17.38 35.77
C CYS A 593 -0.19 16.01 36.27
N LYS A 594 -0.08 15.90 37.60
CA LYS A 594 0.24 14.62 38.23
C LYS A 594 -0.19 14.67 39.69
N ARG A 595 -0.31 13.48 40.28
CA ARG A 595 -0.73 13.36 41.67
C ARG A 595 0.36 13.89 42.62
N LEU A 596 -0.08 14.55 43.69
CA LEU A 596 0.87 15.05 44.68
C LEU A 596 1.59 13.90 45.40
N ASP A 597 0.85 12.85 45.74
CA ASP A 597 1.42 11.75 46.53
C ASP A 597 2.35 10.86 45.70
N GLY A 598 2.33 10.99 44.38
CA GLY A 598 3.17 10.19 43.51
C GLY A 598 2.48 8.98 42.91
N LEU A 599 1.29 8.63 43.38
CA LEU A 599 0.55 7.48 42.84
C LEU A 599 -0.35 7.96 41.72
N GLY A 600 0.00 7.61 40.50
CA GLY A 600 -0.79 7.99 39.34
C GLY A 600 0.09 8.04 38.10
N TYR A 601 -0.41 8.71 37.07
CA TYR A 601 0.28 8.83 35.80
C TYR A 601 0.30 10.30 35.38
N TRP A 602 1.35 10.69 34.66
CA TRP A 602 1.40 12.04 34.11
C TRP A 602 0.31 12.23 33.07
N SER A 603 -0.21 13.44 32.99
CA SER A 603 -1.28 13.69 32.03
C SER A 603 -0.68 13.98 30.66
N ASN A 604 -1.50 13.84 29.63
CA ASN A 604 -1.14 14.27 28.28
C ASN A 604 -1.16 15.80 28.18
N TRP A 605 -0.33 16.27 27.26
CA TRP A 605 0.07 17.66 27.18
C TRP A 605 -1.10 18.53 26.76
N SER A 606 -1.20 19.71 27.35
CA SER A 606 -2.30 20.61 27.03
C SER A 606 -2.12 21.20 25.64
N ASN A 607 -3.15 21.91 25.18
CA ASN A 607 -3.04 22.61 23.92
C ASN A 607 -2.06 23.76 24.06
N PRO A 608 -1.32 24.09 23.01
CA PRO A 608 -0.37 25.21 23.09
C PRO A 608 -1.10 26.52 23.33
N ALA A 609 -0.44 27.40 24.09
CA ALA A 609 -0.98 28.72 24.41
C ALA A 609 0.04 29.79 24.09
N TYR A 610 -0.44 30.90 23.52
CA TYR A 610 0.46 31.99 23.13
C TYR A 610 -0.03 33.31 23.70
N THR A 611 0.60 34.41 23.28
CA THR A 611 0.23 35.75 23.74
C THR A 611 0.42 36.72 22.58
N VAL A 612 0.24 38.00 22.87
CA VAL A 612 0.37 39.07 21.88
C VAL A 612 1.42 40.05 22.37
N VAL A 613 2.35 40.42 21.49
CA VAL A 613 3.41 41.36 21.83
C VAL A 613 2.83 42.77 21.84
N MET A 614 3.01 43.47 22.96
CA MET A 614 2.54 44.83 23.10
C MET A 614 3.29 45.50 24.25
N ASP A 615 3.42 46.81 24.17
CA ASP A 615 4.33 47.54 25.05
C ASP A 615 3.92 47.40 26.51
N ILE A 616 4.91 47.21 27.38
CA ILE A 616 4.68 46.99 28.80
C ILE A 616 4.90 48.27 29.59
N LYS A 617 6.10 48.84 29.50
CA LYS A 617 6.46 50.03 30.24
C LYS A 617 6.98 51.10 29.29
N VAL A 618 7.34 52.25 29.87
CA VAL A 618 7.86 53.40 29.13
C VAL A 618 9.30 53.13 28.71
N PRO A 619 9.68 53.43 27.47
CA PRO A 619 11.08 53.28 27.07
C PRO A 619 12.00 54.18 27.90
N MET A 620 13.12 53.62 28.33
CA MET A 620 14.01 54.36 29.21
C MET A 620 14.84 55.39 28.44
N ARG A 621 15.27 55.04 27.23
CA ARG A 621 16.19 55.87 26.45
C ARG A 621 15.52 56.29 25.15
N GLY A 622 15.70 57.57 24.81
CA GLY A 622 15.17 58.10 23.57
C GLY A 622 16.17 58.00 22.43
N PRO A 623 15.88 58.67 21.32
CA PRO A 623 16.80 58.61 20.17
C PRO A 623 17.85 59.71 20.21
N GLU A 624 19.06 59.36 19.76
CA GLU A 624 20.17 60.31 19.71
C GLU A 624 19.96 61.26 18.54
N PHE A 625 19.65 62.51 18.84
CA PHE A 625 19.30 63.50 17.83
C PHE A 625 20.51 64.39 17.56
N TRP A 626 20.81 64.61 16.28
CA TRP A 626 21.93 65.45 15.87
C TRP A 626 21.44 66.51 14.88
N ARG A 627 22.11 67.65 14.90
CA ARG A 627 21.71 68.83 14.15
C ARG A 627 22.73 69.13 13.05
N ILE A 628 22.29 69.92 12.07
CA ILE A 628 23.13 70.23 10.91
C ILE A 628 22.67 71.57 10.33
N ILE A 629 23.64 72.36 9.88
CA ILE A 629 23.37 73.66 9.26
C ILE A 629 23.16 73.46 7.76
N ASN A 630 22.03 73.96 7.24
CA ASN A 630 21.76 73.97 5.80
C ASN A 630 21.18 75.34 5.46
N GLY A 631 22.04 76.31 5.19
CA GLY A 631 21.59 77.64 4.86
C GLY A 631 22.71 78.65 5.00
N ASP A 632 22.37 79.90 4.67
CA ASP A 632 23.34 80.98 4.75
C ASP A 632 23.60 81.37 6.20
N THR A 633 24.76 81.98 6.42
CA THR A 633 25.17 82.38 7.76
C THR A 633 24.98 83.87 8.03
N MET A 634 24.81 84.69 6.98
CA MET A 634 24.67 86.13 7.18
C MET A 634 23.40 86.49 7.92
N LYS A 635 22.35 85.69 7.77
CA LYS A 635 21.09 85.99 8.43
C LYS A 635 21.22 85.81 9.94
N LYS A 636 20.55 86.69 10.70
CA LYS A 636 20.59 86.60 12.16
C LYS A 636 19.99 85.28 12.64
N GLU A 637 18.88 84.85 12.05
CA GLU A 637 18.33 83.55 12.36
C GLU A 637 19.17 82.45 11.73
N LYS A 638 18.95 81.23 12.19
CA LYS A 638 19.64 80.05 11.66
C LYS A 638 18.63 78.93 11.50
N ASN A 639 18.68 78.23 10.37
CA ASN A 639 17.82 77.08 10.15
C ASN A 639 18.57 75.81 10.51
N VAL A 640 17.94 74.95 11.31
CA VAL A 640 18.56 73.76 11.85
C VAL A 640 17.70 72.55 11.52
N THR A 641 18.35 71.49 11.04
CA THR A 641 17.69 70.23 10.71
C THR A 641 18.17 69.16 11.68
N LEU A 642 17.22 68.48 12.33
CA LEU A 642 17.53 67.44 13.30
C LEU A 642 17.36 66.06 12.68
N LEU A 643 18.15 65.11 13.17
CA LEU A 643 18.08 63.73 12.71
C LEU A 643 18.42 62.79 13.87
N TRP A 644 17.65 61.71 14.00
CA TRP A 644 17.87 60.77 15.08
C TRP A 644 17.58 59.36 14.58
N LYS A 645 18.22 58.39 15.23
CA LYS A 645 18.05 56.99 14.90
C LYS A 645 16.76 56.48 15.55
N PRO A 646 15.82 55.94 14.78
CA PRO A 646 14.61 55.37 15.39
C PRO A 646 14.95 54.26 16.36
N LEU A 647 14.17 54.17 17.43
CA LEU A 647 14.46 53.23 18.51
C LEU A 647 14.29 51.80 18.03
N MET A 648 15.20 50.93 18.48
CA MET A 648 15.13 49.51 18.18
C MET A 648 14.30 48.79 19.23
N LYS A 649 14.11 47.49 19.02
CA LYS A 649 13.07 46.74 19.74
C LYS A 649 13.27 46.80 21.26
N ASN A 650 14.47 46.46 21.74
CA ASN A 650 14.70 46.43 23.17
C ASN A 650 14.58 47.83 23.78
N ASP A 651 15.14 48.84 23.09
CA ASP A 651 14.99 50.21 23.57
C ASP A 651 13.56 50.70 23.46
N SER A 652 12.81 50.19 22.46
CA SER A 652 11.43 50.64 22.28
C SER A 652 10.49 50.06 23.32
N LEU A 653 10.82 48.88 23.87
CA LEU A 653 9.90 48.10 24.69
C LEU A 653 8.63 47.75 23.90
N CYS A 654 8.86 46.99 22.83
CA CYS A 654 7.86 46.40 21.94
C CYS A 654 7.21 47.42 21.01
N SER A 655 7.44 48.71 21.22
CA SER A 655 7.04 49.75 20.27
C SER A 655 7.48 51.11 20.78
N VAL A 656 7.77 52.02 19.84
CA VAL A 656 7.85 53.46 20.08
C VAL A 656 7.27 54.13 18.85
N GLN A 657 6.07 54.68 18.98
CA GLN A 657 5.20 54.89 17.83
C GLN A 657 5.16 56.34 17.35
N ARG A 658 4.69 57.29 18.17
CA ARG A 658 4.97 58.71 17.98
C ARG A 658 6.38 59.08 18.44
N TYR A 659 6.84 60.21 17.90
CA TYR A 659 8.02 60.92 18.37
C TYR A 659 7.62 62.38 18.62
N VAL A 660 8.09 62.95 19.73
CA VAL A 660 7.69 64.29 20.15
C VAL A 660 8.94 65.13 20.39
N ILE A 661 8.91 66.38 19.91
CA ILE A 661 10.01 67.32 20.09
C ILE A 661 9.53 68.45 21.00
N ASN A 662 10.31 68.72 22.05
CA ASN A 662 10.04 69.83 22.96
C ASN A 662 11.15 70.87 22.79
N HIS A 663 10.76 72.08 22.44
CA HIS A 663 11.72 73.17 22.29
C HIS A 663 11.91 73.91 23.62
N HIS A 664 13.01 74.66 23.70
CA HIS A 664 13.32 75.46 24.88
C HIS A 664 14.36 76.49 24.49
N THR A 665 14.36 77.60 25.22
CA THR A 665 15.27 78.71 24.95
C THR A 665 15.82 79.25 26.26
N SER A 666 16.79 80.15 26.14
CA SER A 666 17.26 80.89 27.32
C SER A 666 16.14 81.74 27.90
N CYS A 667 15.20 82.18 27.06
CA CYS A 667 13.99 82.85 27.52
C CYS A 667 13.02 81.89 28.20
N ASN A 668 13.29 80.58 28.14
CA ASN A 668 12.48 79.51 28.70
C ASN A 668 11.19 79.29 27.92
N GLY A 669 11.09 79.78 26.69
CA GLY A 669 9.95 79.50 25.86
C GLY A 669 9.92 78.08 25.37
N THR A 670 8.98 77.29 25.88
CA THR A 670 8.87 75.87 25.55
C THR A 670 7.85 75.67 24.44
N TRP A 671 8.25 74.93 23.40
CA TRP A 671 7.37 74.64 22.27
C TRP A 671 7.45 73.14 22.01
N SER A 672 6.35 72.44 22.28
CA SER A 672 6.28 70.99 22.15
C SER A 672 5.51 70.64 20.88
N GLU A 673 6.11 69.80 20.03
CA GLU A 673 5.49 69.37 18.78
C GLU A 673 5.64 67.86 18.64
N ASP A 674 4.73 67.26 17.90
CA ASP A 674 4.68 65.81 17.70
C ASP A 674 5.09 65.50 16.27
N VAL A 675 6.33 65.02 16.09
CA VAL A 675 6.79 64.65 14.76
C VAL A 675 6.09 63.39 14.28
N GLY A 676 5.91 62.42 15.16
CA GLY A 676 5.27 61.17 14.79
C GLY A 676 6.30 60.15 14.30
N ASN A 677 5.94 59.42 13.24
CA ASN A 677 6.85 58.43 12.68
C ASN A 677 8.03 59.08 11.96
N HIS A 678 7.94 60.35 11.62
CA HIS A 678 9.03 61.02 10.92
C HIS A 678 10.24 61.17 11.85
N THR A 679 11.43 60.97 11.28
CA THR A 679 12.67 60.93 12.06
C THR A 679 13.52 62.17 11.89
N LYS A 680 13.01 63.21 11.21
CA LYS A 680 13.76 64.45 11.03
C LYS A 680 12.83 65.63 11.20
N PHE A 681 13.40 66.77 11.59
CA PHE A 681 12.65 68.00 11.81
C PHE A 681 13.52 69.20 11.46
N THR A 682 12.89 70.22 10.89
CA THR A 682 13.56 71.46 10.53
C THR A 682 13.03 72.60 11.39
N PHE A 683 13.93 73.44 11.88
CA PHE A 683 13.56 74.53 12.78
C PHE A 683 14.40 75.75 12.44
N LEU A 684 13.87 76.92 12.82
CA LEU A 684 14.60 78.17 12.65
C LEU A 684 14.15 79.14 13.74
N TRP A 685 15.06 80.05 14.10
CA TRP A 685 14.85 80.99 15.19
C TRP A 685 15.99 82.00 15.16
N THR A 686 15.76 83.15 15.79
CA THR A 686 16.74 84.23 15.80
C THR A 686 17.51 84.35 17.11
N GLU A 687 17.04 83.72 18.18
CA GLU A 687 17.72 83.82 19.47
C GLU A 687 19.08 83.12 19.44
N GLN A 688 20.01 83.63 20.23
CA GLN A 688 21.35 83.04 20.29
C GLN A 688 21.31 81.66 20.94
N ALA A 689 20.53 81.49 21.99
CA ALA A 689 20.49 80.25 22.76
C ALA A 689 19.15 79.56 22.60
N HIS A 690 19.19 78.25 22.41
CA HIS A 690 17.99 77.42 22.31
C HIS A 690 18.33 76.02 22.77
N THR A 691 17.41 75.42 23.53
CA THR A 691 17.62 74.10 24.14
C THR A 691 16.63 73.13 23.52
N VAL A 692 17.12 71.96 23.11
CA VAL A 692 16.30 70.92 22.50
C VAL A 692 16.34 69.69 23.39
N THR A 693 15.15 69.19 23.74
CA THR A 693 15.00 67.95 24.51
C THR A 693 13.98 67.08 23.78
N VAL A 694 14.47 66.24 22.88
CA VAL A 694 13.60 65.40 22.05
C VAL A 694 13.16 64.20 22.89
N LEU A 695 11.85 64.05 23.06
CA LEU A 695 11.28 62.94 23.80
C LEU A 695 10.70 61.91 22.84
N ALA A 696 10.17 60.83 23.41
CA ALA A 696 9.50 59.78 22.65
C ALA A 696 8.18 59.45 23.32
N ILE A 697 7.13 59.31 22.51
CA ILE A 697 5.79 59.00 23.01
C ILE A 697 5.55 57.51 22.84
N ASN A 698 5.16 56.86 23.93
CA ASN A 698 4.70 55.47 23.89
C ASN A 698 3.30 55.40 24.49
N SER A 699 2.59 54.31 24.18
CA SER A 699 1.25 54.14 24.73
C SER A 699 1.29 54.08 26.25
N ILE A 700 2.37 53.58 26.83
CA ILE A 700 2.54 53.63 28.28
C ILE A 700 2.74 55.07 28.73
N GLY A 701 3.53 55.84 27.98
CA GLY A 701 3.76 57.23 28.31
C GLY A 701 4.96 57.76 27.57
N ALA A 702 5.26 59.03 27.83
CA ALA A 702 6.40 59.69 27.21
C ALA A 702 7.70 59.18 27.81
N SER A 703 8.78 59.30 27.03
CA SER A 703 10.09 58.85 27.46
C SER A 703 10.58 59.70 28.64
N VAL A 704 10.88 59.04 29.76
CA VAL A 704 11.27 59.77 30.97
C VAL A 704 12.65 60.39 30.80
N ALA A 705 13.60 59.61 30.29
CA ALA A 705 14.99 60.05 30.18
C ALA A 705 15.35 60.23 28.71
N ASN A 706 15.83 61.41 28.36
CA ASN A 706 16.24 61.72 27.00
C ASN A 706 17.46 62.63 27.04
N PHE A 707 18.22 62.62 25.95
CA PHE A 707 19.43 63.42 25.88
C PHE A 707 19.09 64.90 25.72
N ASN A 708 20.14 65.71 25.62
CA ASN A 708 19.98 67.16 25.52
C ASN A 708 21.14 67.74 24.72
N LEU A 709 20.92 68.94 24.17
CA LEU A 709 21.98 69.70 23.55
C LEU A 709 21.58 71.17 23.57
N THR A 710 22.56 72.03 23.85
CA THR A 710 22.34 73.47 23.88
C THR A 710 23.48 74.16 23.15
N PHE A 711 23.14 75.20 22.41
CA PHE A 711 24.10 75.90 21.56
C PHE A 711 23.98 77.41 21.77
N SER A 712 25.13 78.08 21.82
CA SER A 712 25.22 79.52 22.01
C SER A 712 26.24 80.09 21.04
N TRP A 713 25.89 81.18 20.38
CA TRP A 713 26.77 81.75 19.36
C TRP A 713 28.12 82.21 19.90
N PRO A 714 28.21 82.95 21.01
CA PRO A 714 29.55 83.31 21.52
C PRO A 714 30.41 82.09 21.85
N MET A 715 29.78 81.01 22.35
CA MET A 715 30.52 79.80 22.62
C MET A 715 30.92 79.12 21.30
N SER A 716 30.06 79.21 20.29
CA SER A 716 30.30 78.52 19.04
C SER A 716 31.54 79.03 18.30
N LYS A 717 32.09 80.17 18.71
CA LYS A 717 33.25 80.74 18.02
C LYS A 717 34.58 80.36 18.67
N VAL A 718 34.59 79.54 19.71
CA VAL A 718 35.81 79.18 20.42
C VAL A 718 35.90 77.67 20.53
N ASN A 719 37.08 77.12 20.25
CA ASN A 719 37.35 75.70 20.39
C ASN A 719 38.74 75.51 20.98
N ILE A 720 38.95 74.39 21.68
CA ILE A 720 40.20 74.12 22.37
C ILE A 720 40.94 72.92 21.77
N VAL A 721 40.45 72.38 20.65
CA VAL A 721 41.11 71.28 19.98
C VAL A 721 42.22 71.82 19.08
N GLN A 722 43.39 71.19 19.15
CA GLN A 722 44.58 71.67 18.46
C GLN A 722 44.90 70.91 17.18
N SER A 723 44.98 69.59 17.25
CA SER A 723 45.43 68.78 16.13
C SER A 723 44.34 67.80 15.69
N LEU A 724 44.49 67.32 14.46
CA LEU A 724 43.56 66.32 13.91
C LEU A 724 44.28 65.60 12.78
N SER A 725 44.01 64.31 12.64
CA SER A 725 44.69 63.48 11.65
C SER A 725 43.81 62.29 11.27
N ALA A 726 44.11 61.69 10.12
CA ALA A 726 43.39 60.52 9.64
C ALA A 726 44.30 59.71 8.72
N TYR A 727 44.28 58.39 8.89
CA TYR A 727 45.10 57.50 8.08
C TYR A 727 44.48 56.10 8.01
N PRO A 728 44.21 55.58 6.82
CA PRO A 728 43.64 54.23 6.69
C PRO A 728 44.65 53.16 7.06
N LEU A 729 44.37 52.42 8.14
CA LEU A 729 45.18 51.25 8.47
C LEU A 729 44.71 50.00 7.74
N ASN A 730 43.55 50.05 7.11
CA ASN A 730 42.96 48.90 6.42
C ASN A 730 41.83 49.42 5.56
N SER A 731 41.26 48.54 4.74
CA SER A 731 40.08 48.88 3.97
C SER A 731 38.86 49.10 4.85
N SER A 732 38.91 48.71 6.12
CA SER A 732 37.79 48.86 7.03
C SER A 732 38.14 49.63 8.30
N CYS A 733 39.33 50.24 8.38
CA CYS A 733 39.74 50.96 9.57
C CYS A 733 40.43 52.26 9.19
N VAL A 734 40.18 53.31 9.98
CA VAL A 734 40.84 54.60 9.81
C VAL A 734 41.12 55.16 11.20
N ILE A 735 42.02 56.16 11.25
CA ILE A 735 42.54 56.69 12.49
C ILE A 735 41.95 58.07 12.74
N VAL A 736 41.71 58.41 14.00
CA VAL A 736 41.51 59.79 14.43
C VAL A 736 42.47 60.05 15.58
N SER A 737 43.22 61.13 15.48
CA SER A 737 44.15 61.55 16.52
C SER A 737 44.01 63.04 16.74
N TRP A 738 44.00 63.44 18.01
CA TRP A 738 43.75 64.84 18.32
C TRP A 738 44.35 65.19 19.67
N ILE A 739 44.93 66.38 19.76
CA ILE A 739 45.36 66.96 21.03
C ILE A 739 44.57 68.24 21.24
N LEU A 740 44.34 68.59 22.50
CA LEU A 740 43.48 69.70 22.84
C LEU A 740 44.17 70.66 23.79
N SER A 741 43.97 71.95 23.57
CA SER A 741 44.45 72.96 24.50
C SER A 741 43.56 72.98 25.76
N PRO A 742 44.13 73.36 26.90
CA PRO A 742 43.33 73.39 28.13
C PRO A 742 42.17 74.38 28.02
N SER A 743 41.04 74.00 28.62
CA SER A 743 39.86 74.84 28.69
C SER A 743 39.67 75.33 30.12
N ASP A 744 38.57 76.06 30.35
CA ASP A 744 38.28 76.59 31.67
C ASP A 744 37.00 76.02 32.27
N TYR A 745 35.99 75.74 31.46
CA TYR A 745 34.78 75.08 31.92
C TYR A 745 34.84 73.59 31.61
N LYS A 746 33.72 72.90 31.81
CA LYS A 746 33.65 71.45 31.68
C LYS A 746 33.26 71.05 30.26
N LEU A 747 33.80 69.92 29.81
CA LEU A 747 33.48 69.34 28.52
C LEU A 747 33.05 67.90 28.72
N MET A 748 31.97 67.50 28.04
CA MET A 748 31.35 66.20 28.27
C MET A 748 31.70 65.15 27.23
N TYR A 749 31.59 65.47 25.94
CA TYR A 749 31.77 64.48 24.89
C TYR A 749 32.09 65.18 23.57
N PHE A 750 32.57 64.39 22.61
CA PHE A 750 32.85 64.85 21.26
C PHE A 750 32.03 64.05 20.27
N ILE A 751 31.59 64.72 19.19
CA ILE A 751 30.92 64.05 18.09
C ILE A 751 31.80 64.18 16.86
N ILE A 752 32.05 63.07 16.19
CA ILE A 752 32.93 63.02 15.02
C ILE A 752 32.09 62.60 13.82
N GLU A 753 32.04 63.46 12.81
CA GLU A 753 31.34 63.19 11.57
C GLU A 753 32.30 63.38 10.41
N TRP A 754 32.25 62.47 9.44
CA TRP A 754 33.12 62.49 8.29
C TRP A 754 32.30 62.35 7.01
N LYS A 755 32.72 63.07 5.97
CA LYS A 755 32.03 63.05 4.69
C LYS A 755 33.06 62.91 3.57
N ASN A 756 32.63 62.29 2.47
CA ASN A 756 33.47 62.12 1.31
C ASN A 756 33.54 63.41 0.50
N LEU A 757 34.73 63.73 0.01
CA LEU A 757 34.89 64.94 -0.80
C LEU A 757 34.53 64.70 -2.27
N ASN A 758 34.78 63.48 -2.78
CA ASN A 758 34.46 63.19 -4.17
C ASN A 758 32.95 63.22 -4.41
N GLU A 759 32.17 62.64 -3.50
CA GLU A 759 30.72 62.63 -3.59
C GLU A 759 30.12 63.01 -2.24
N ASP A 760 28.98 63.71 -2.29
CA ASP A 760 28.31 64.17 -1.07
C ASP A 760 27.43 63.04 -0.56
N GLY A 761 28.02 62.17 0.27
CA GLY A 761 27.31 61.06 0.84
C GLY A 761 26.48 61.45 2.05
N GLU A 762 25.82 60.45 2.62
CA GLU A 762 24.99 60.67 3.80
C GLU A 762 25.84 61.05 5.01
N ILE A 763 25.24 61.80 5.92
CA ILE A 763 25.93 62.25 7.12
C ILE A 763 26.05 61.09 8.09
N LYS A 764 27.28 60.79 8.51
CA LYS A 764 27.56 59.69 9.42
C LYS A 764 28.37 60.20 10.60
N TRP A 765 28.02 59.72 11.80
CA TRP A 765 28.64 60.18 13.04
C TRP A 765 28.33 59.16 14.13
N LEU A 766 29.01 59.30 15.27
CA LEU A 766 28.76 58.44 16.42
C LEU A 766 29.26 59.12 17.68
N ARG A 767 28.62 58.79 18.80
CA ARG A 767 28.96 59.38 20.08
C ARG A 767 30.36 58.97 20.51
N ILE A 768 31.13 59.94 20.99
CA ILE A 768 32.48 59.71 21.52
C ILE A 768 32.61 60.45 22.84
N SER A 769 33.11 59.76 23.86
CA SER A 769 33.29 60.36 25.17
C SER A 769 34.56 61.20 25.21
N SER A 770 34.72 61.96 26.30
CA SER A 770 35.88 62.82 26.47
C SER A 770 37.03 62.17 27.21
N SER A 771 36.78 61.07 27.93
CA SER A 771 37.86 60.38 28.63
C SER A 771 38.87 59.79 27.65
N VAL A 772 38.38 59.24 26.53
CA VAL A 772 39.27 58.61 25.55
C VAL A 772 40.01 59.67 24.77
N LYS A 773 41.29 59.42 24.50
CA LYS A 773 42.10 60.34 23.72
C LYS A 773 42.41 59.85 22.31
N LYS A 774 42.35 58.54 22.06
CA LYS A 774 42.71 58.04 20.74
C LYS A 774 41.78 56.85 20.50
N TYR A 775 41.11 56.83 19.34
CA TYR A 775 40.00 55.93 19.11
C TYR A 775 40.09 55.37 17.70
N TYR A 776 39.78 54.08 17.57
CA TYR A 776 39.82 53.37 16.28
C TYR A 776 38.44 53.40 15.63
N ILE A 777 38.35 54.06 14.48
CA ILE A 777 37.14 53.99 13.67
C ILE A 777 37.20 52.71 12.83
N HIS A 778 36.13 51.93 12.88
CA HIS A 778 36.08 50.64 12.18
C HIS A 778 34.80 50.61 11.34
N ASP A 779 34.93 50.93 10.05
CA ASP A 779 33.78 50.91 9.15
C ASP A 779 34.28 50.69 7.73
N HIS A 780 33.37 50.20 6.89
CA HIS A 780 33.70 49.93 5.50
C HIS A 780 34.09 51.22 4.77
N PHE A 781 35.07 51.12 3.89
CA PHE A 781 35.61 52.29 3.20
C PHE A 781 35.99 51.91 1.78
N ILE A 782 36.07 52.93 0.93
CA ILE A 782 36.55 52.81 -0.44
C ILE A 782 37.96 53.38 -0.49
N PRO A 783 38.99 52.57 -0.80
CA PRO A 783 40.36 53.10 -0.76
C PRO A 783 40.59 54.27 -1.71
N ILE A 784 39.99 54.25 -2.89
CA ILE A 784 40.20 55.35 -3.84
C ILE A 784 39.51 56.62 -3.36
N GLU A 785 38.39 56.48 -2.66
CA GLU A 785 37.68 57.65 -2.16
C GLU A 785 38.43 58.28 -0.98
N LYS A 786 38.42 59.61 -0.92
CA LYS A 786 39.03 60.36 0.16
C LYS A 786 37.94 61.10 0.91
N TYR A 787 37.86 60.87 2.23
CA TYR A 787 36.80 61.40 3.06
C TYR A 787 37.33 62.54 3.93
N GLN A 788 36.61 63.66 3.93
CA GLN A 788 36.93 64.74 4.85
C GLN A 788 36.50 64.37 6.25
N PHE A 789 37.15 64.99 7.24
CA PHE A 789 36.85 64.76 8.65
C PHE A 789 36.63 66.08 9.36
N SER A 790 35.72 66.07 10.33
CA SER A 790 35.39 67.27 11.10
C SER A 790 34.96 66.83 12.50
N LEU A 791 35.80 67.12 13.49
CA LEU A 791 35.52 66.79 14.88
C LEU A 791 34.90 68.01 15.56
N TYR A 792 33.74 67.81 16.18
CA TYR A 792 32.98 68.89 16.78
C TYR A 792 33.10 68.85 18.29
N PRO A 793 33.55 69.93 18.93
CA PRO A 793 33.50 70.01 20.38
C PRO A 793 32.11 70.43 20.86
N ILE A 794 31.79 70.01 22.08
CA ILE A 794 30.46 70.21 22.64
C ILE A 794 30.58 70.87 24.00
N PHE A 795 29.69 71.83 24.27
CA PHE A 795 29.63 72.56 25.52
C PHE A 795 28.27 72.32 26.15
N MET A 796 28.14 72.61 27.45
CA MET A 796 26.85 72.44 28.11
C MET A 796 25.80 73.36 27.51
N GLU A 797 26.19 74.59 27.16
CA GLU A 797 25.28 75.56 26.57
C GLU A 797 25.70 75.96 25.15
N GLY A 798 26.72 75.34 24.59
CA GLY A 798 27.19 75.71 23.28
C GLY A 798 27.78 74.55 22.52
N VAL A 799 28.20 74.85 21.29
CA VAL A 799 28.90 73.89 20.44
C VAL A 799 30.04 74.61 19.74
N GLY A 800 31.27 74.32 20.16
CA GLY A 800 32.42 75.00 19.58
C GLY A 800 32.62 74.66 18.12
N LYS A 801 33.30 75.56 17.41
CA LYS A 801 33.45 75.38 15.97
C LYS A 801 34.39 74.21 15.68
N PRO A 802 34.04 73.33 14.75
CA PRO A 802 34.86 72.13 14.53
C PRO A 802 36.15 72.45 13.79
N LYS A 803 37.09 71.53 13.89
CA LYS A 803 38.30 71.56 13.08
C LYS A 803 38.08 70.66 11.87
N ILE A 804 38.21 71.24 10.68
CA ILE A 804 37.82 70.59 9.43
C ILE A 804 39.08 70.25 8.64
N ILE A 805 39.20 68.98 8.25
CA ILE A 805 40.28 68.53 7.38
C ILE A 805 39.67 67.83 6.17
N ASN A 806 40.18 68.16 4.99
CA ASN A 806 39.59 67.71 3.74
C ASN A 806 39.96 66.28 3.36
N SER A 807 41.10 65.78 3.80
CA SER A 807 41.55 64.46 3.37
C SER A 807 42.38 63.82 4.48
N PHE A 808 42.60 62.52 4.35
CA PHE A 808 43.39 61.78 5.33
C PHE A 808 44.82 62.29 5.36
N THR A 809 45.40 62.36 6.56
CA THR A 809 46.77 62.82 6.73
C THR A 809 47.76 61.79 6.20
N ASN B 3 -33.75 -70.51 -50.91
CA ASN B 3 -34.87 -70.63 -49.98
C ASN B 3 -36.01 -69.69 -50.37
N LEU B 4 -36.43 -69.77 -51.63
CA LEU B 4 -37.50 -68.92 -52.17
C LEU B 4 -37.19 -67.44 -51.98
N SER B 5 -35.94 -67.06 -52.26
CA SER B 5 -35.49 -65.68 -52.14
C SER B 5 -34.86 -65.22 -53.44
N TYR B 6 -34.92 -63.92 -53.67
CA TYR B 6 -34.40 -63.31 -54.90
C TYR B 6 -33.45 -62.18 -54.52
N PRO B 7 -32.19 -62.23 -54.97
CA PRO B 7 -31.26 -61.13 -54.66
C PRO B 7 -31.72 -59.83 -55.27
N ILE B 8 -31.47 -58.73 -54.56
CA ILE B 8 -31.92 -57.40 -54.97
C ILE B 8 -30.71 -56.49 -55.10
N THR B 9 -30.51 -55.95 -56.31
CA THR B 9 -29.53 -54.92 -56.59
C THR B 9 -30.19 -53.89 -57.51
N PRO B 10 -29.90 -52.60 -57.35
CA PRO B 10 -29.07 -51.95 -56.33
C PRO B 10 -29.87 -51.62 -55.07
N TRP B 11 -29.41 -50.62 -54.30
CA TRP B 11 -30.10 -50.22 -53.07
C TRP B 11 -31.57 -49.90 -53.33
N ARG B 12 -31.89 -49.35 -54.48
CA ARG B 12 -33.27 -49.05 -54.86
C ARG B 12 -33.79 -50.17 -55.75
N PHE B 13 -34.86 -50.83 -55.30
CA PHE B 13 -35.45 -51.94 -56.03
C PHE B 13 -36.97 -51.82 -55.96
N LYS B 14 -37.61 -51.99 -57.13
CA LYS B 14 -39.03 -51.74 -57.28
C LYS B 14 -39.85 -52.96 -56.91
N LEU B 15 -41.06 -52.72 -56.40
CA LEU B 15 -41.99 -53.77 -56.02
C LEU B 15 -43.33 -53.53 -56.70
N SER B 16 -43.89 -54.60 -57.29
CA SER B 16 -45.22 -54.56 -57.87
C SER B 16 -46.10 -55.58 -57.16
N CYS B 17 -47.26 -55.15 -56.69
CA CYS B 17 -48.18 -55.99 -55.95
C CYS B 17 -49.36 -56.35 -56.84
N MET B 18 -49.59 -57.64 -57.02
CA MET B 18 -50.72 -58.16 -57.80
C MET B 18 -51.42 -59.20 -56.94
N PRO B 19 -52.65 -58.96 -56.49
CA PRO B 19 -53.35 -59.95 -55.68
C PRO B 19 -53.60 -61.23 -56.45
N PRO B 20 -53.52 -62.40 -55.80
CA PRO B 20 -53.75 -63.70 -56.43
C PRO B 20 -55.13 -63.84 -57.05
N LEU B 62 -61.46 -59.39 -48.35
CA LEU B 62 -60.84 -58.18 -48.86
C LEU B 62 -59.79 -57.68 -47.88
N SER B 63 -60.25 -57.16 -46.74
CA SER B 63 -59.32 -56.65 -45.73
C SER B 63 -58.48 -57.78 -45.14
N LYS B 64 -59.09 -58.93 -44.86
CA LYS B 64 -58.35 -60.04 -44.27
C LYS B 64 -57.47 -60.75 -45.30
N THR B 65 -57.91 -60.82 -46.55
CA THR B 65 -57.12 -61.49 -47.57
C THR B 65 -55.83 -60.74 -47.85
N THR B 66 -54.74 -61.49 -48.00
CA THR B 66 -53.41 -60.91 -48.21
C THR B 66 -53.18 -60.71 -49.70
N PHE B 67 -52.88 -59.47 -50.10
CA PHE B 67 -52.60 -59.15 -51.49
C PHE B 67 -51.14 -59.44 -51.78
N HIS B 68 -50.88 -60.37 -52.69
CA HIS B 68 -49.52 -60.79 -52.97
C HIS B 68 -48.73 -59.67 -53.63
N CYS B 69 -47.47 -59.53 -53.22
CA CYS B 69 -46.54 -58.57 -53.80
C CYS B 69 -45.33 -59.29 -54.37
N CYS B 70 -44.77 -58.73 -55.44
CA CYS B 70 -43.63 -59.33 -56.12
C CYS B 70 -42.64 -58.25 -56.49
N PHE B 71 -41.45 -58.30 -55.89
CA PHE B 71 -40.39 -57.37 -56.27
C PHE B 71 -39.92 -57.68 -57.68
N ARG B 72 -39.86 -56.66 -58.53
CA ARG B 72 -39.57 -56.82 -59.94
C ARG B 72 -38.35 -55.99 -60.31
N SER B 73 -37.48 -56.56 -61.14
CA SER B 73 -36.35 -55.84 -61.69
C SER B 73 -36.73 -55.20 -63.03
N GLU B 74 -35.79 -54.47 -63.61
CA GLU B 74 -36.03 -53.82 -64.89
C GLU B 74 -36.10 -54.80 -66.05
N GLN B 75 -35.70 -56.06 -65.85
CA GLN B 75 -35.68 -57.06 -66.91
C GLN B 75 -36.57 -58.26 -66.64
N ASP B 76 -36.65 -58.73 -65.40
CA ASP B 76 -37.42 -59.93 -65.07
C ASP B 76 -38.31 -59.67 -63.87
N ARG B 77 -39.42 -60.41 -63.81
CA ARG B 77 -40.36 -60.35 -62.69
C ARG B 77 -40.34 -61.67 -61.95
N ASN B 78 -40.19 -61.60 -60.63
CA ASN B 78 -40.10 -62.79 -59.79
C ASN B 78 -41.16 -62.71 -58.69
N CYS B 79 -41.89 -63.80 -58.51
CA CYS B 79 -42.91 -63.91 -57.47
C CYS B 79 -42.54 -65.07 -56.55
N SER B 80 -42.50 -64.81 -55.25
CA SER B 80 -42.18 -65.83 -54.27
C SER B 80 -42.83 -65.48 -52.94
N LEU B 81 -43.45 -66.47 -52.31
CA LEU B 81 -44.10 -66.24 -51.02
C LEU B 81 -43.04 -66.04 -49.93
N CYS B 82 -43.28 -65.07 -49.06
CA CYS B 82 -42.36 -64.82 -47.94
C CYS B 82 -42.42 -65.99 -46.96
N ALA B 83 -41.26 -66.36 -46.41
CA ALA B 83 -41.16 -67.50 -45.51
C ALA B 83 -41.38 -67.13 -44.06
N ASP B 84 -41.68 -65.86 -43.75
CA ASP B 84 -41.88 -65.47 -42.36
C ASP B 84 -43.11 -66.14 -41.76
N ASN B 85 -44.19 -66.24 -42.53
CA ASN B 85 -45.44 -66.81 -42.04
C ASN B 85 -46.21 -67.37 -43.24
N ILE B 86 -46.29 -68.70 -43.32
CA ILE B 86 -47.05 -69.32 -44.40
C ILE B 86 -48.54 -69.03 -44.24
N GLU B 87 -49.02 -68.89 -43.01
CA GLU B 87 -50.43 -68.56 -42.79
C GLU B 87 -50.75 -67.11 -43.12
N GLY B 88 -49.74 -66.24 -43.16
CA GLY B 88 -49.99 -64.84 -43.46
C GLY B 88 -50.52 -64.63 -44.87
N LYS B 89 -49.93 -65.33 -45.84
CA LYS B 89 -50.39 -65.20 -47.22
C LYS B 89 -51.73 -65.90 -47.39
N THR B 90 -52.69 -65.19 -47.97
CA THR B 90 -54.04 -65.70 -48.17
C THR B 90 -54.45 -65.51 -49.61
N PHE B 91 -55.09 -66.53 -50.19
CA PHE B 91 -55.57 -66.43 -51.56
C PHE B 91 -56.64 -65.36 -51.67
N VAL B 92 -56.65 -64.68 -52.82
CA VAL B 92 -57.49 -63.50 -53.04
C VAL B 92 -58.54 -63.85 -54.09
N SER B 93 -59.81 -63.54 -53.78
CA SER B 93 -60.91 -63.82 -54.68
C SER B 93 -61.00 -62.75 -55.77
N THR B 94 -61.99 -62.93 -56.66
CA THR B 94 -62.15 -62.00 -57.77
C THR B 94 -62.63 -60.62 -57.31
N VAL B 95 -63.46 -60.57 -56.27
CA VAL B 95 -63.96 -59.28 -55.78
C VAL B 95 -62.81 -58.43 -55.25
N ASN B 96 -61.89 -59.04 -54.51
CA ASN B 96 -60.74 -58.29 -54.03
C ASN B 96 -59.83 -57.85 -55.18
N SER B 97 -59.73 -58.67 -56.22
CA SER B 97 -58.96 -58.26 -57.40
C SER B 97 -59.61 -57.05 -58.07
N LEU B 98 -60.94 -57.03 -58.17
CA LEU B 98 -61.62 -55.87 -58.72
C LEU B 98 -61.42 -54.64 -57.84
N VAL B 99 -61.44 -54.82 -56.52
CA VAL B 99 -61.20 -53.70 -55.61
C VAL B 99 -59.79 -53.14 -55.80
N PHE B 100 -58.81 -54.03 -55.93
CA PHE B 100 -57.45 -53.57 -56.21
C PHE B 100 -57.34 -52.92 -57.58
N GLN B 101 -58.16 -53.34 -58.53
CA GLN B 101 -58.24 -52.63 -59.81
C GLN B 101 -58.77 -51.21 -59.60
N GLN B 102 -59.75 -51.05 -58.71
CA GLN B 102 -60.29 -49.72 -58.42
C GLN B 102 -59.22 -48.81 -57.83
N ILE B 103 -58.52 -49.27 -56.80
CA ILE B 103 -57.44 -48.51 -56.17
C ILE B 103 -56.21 -49.40 -56.08
N ASP B 104 -55.08 -48.89 -56.58
CA ASP B 104 -53.84 -49.65 -56.66
C ASP B 104 -52.92 -49.26 -55.50
N ALA B 105 -52.22 -50.25 -54.95
CA ALA B 105 -51.32 -50.04 -53.82
C ALA B 105 -50.01 -50.78 -54.10
N ASN B 106 -48.98 -50.03 -54.50
CA ASN B 106 -47.66 -50.58 -54.76
C ASN B 106 -46.61 -49.66 -54.14
N TRP B 107 -45.54 -50.27 -53.62
CA TRP B 107 -44.51 -49.56 -52.89
C TRP B 107 -43.14 -49.81 -53.51
N ASN B 108 -42.24 -48.86 -53.30
CA ASN B 108 -40.81 -49.02 -53.60
C ASN B 108 -40.05 -49.06 -52.29
N ILE B 109 -39.19 -50.06 -52.13
CA ILE B 109 -38.48 -50.30 -50.88
C ILE B 109 -36.99 -50.13 -51.13
N GLN B 110 -36.35 -49.29 -50.31
CA GLN B 110 -34.91 -49.05 -50.37
C GLN B 110 -34.31 -49.38 -49.02
N CYS B 111 -33.42 -50.37 -48.99
CA CYS B 111 -32.80 -50.84 -47.75
C CYS B 111 -31.29 -50.76 -47.88
N TRP B 112 -30.64 -50.22 -46.85
CA TRP B 112 -29.19 -50.10 -46.82
C TRP B 112 -28.74 -50.03 -45.37
N LEU B 113 -27.46 -49.74 -45.15
CA LEU B 113 -26.87 -49.69 -43.82
C LEU B 113 -26.25 -48.32 -43.58
N LYS B 114 -26.54 -47.73 -42.43
CA LYS B 114 -25.92 -46.48 -42.06
C LYS B 114 -24.44 -46.69 -41.76
N GLY B 115 -23.67 -45.61 -41.92
CA GLY B 115 -22.24 -45.68 -41.62
C GLY B 115 -21.94 -45.99 -40.16
N ASP B 116 -22.81 -45.55 -39.26
CA ASP B 116 -22.62 -45.83 -37.84
C ASP B 116 -22.68 -47.33 -37.55
N LEU B 117 -23.30 -48.12 -38.43
CA LEU B 117 -23.41 -49.57 -38.33
C LEU B 117 -24.21 -50.03 -37.11
N LYS B 118 -24.80 -49.09 -36.35
CA LYS B 118 -25.56 -49.47 -35.18
C LYS B 118 -26.93 -50.06 -35.54
N LEU B 119 -27.55 -49.55 -36.59
CA LEU B 119 -28.89 -50.02 -36.97
C LEU B 119 -29.05 -49.97 -38.48
N PHE B 120 -29.49 -51.09 -39.06
CA PHE B 120 -29.81 -51.14 -40.48
C PHE B 120 -31.05 -50.30 -40.75
N ILE B 121 -31.08 -49.66 -41.92
CA ILE B 121 -32.10 -48.67 -42.26
C ILE B 121 -32.81 -49.11 -43.54
N CYS B 122 -34.14 -49.07 -43.53
CA CYS B 122 -34.94 -49.38 -44.69
C CYS B 122 -35.91 -48.24 -44.98
N TYR B 123 -36.05 -47.88 -46.24
CA TYR B 123 -36.95 -46.83 -46.69
C TYR B 123 -37.98 -47.42 -47.64
N VAL B 124 -39.25 -47.12 -47.39
CA VAL B 124 -40.36 -47.61 -48.21
C VAL B 124 -41.10 -46.41 -48.78
N GLU B 125 -41.24 -46.38 -50.11
CA GLU B 125 -41.93 -45.29 -50.80
C GLU B 125 -43.00 -45.88 -51.71
N SER B 126 -44.16 -45.22 -51.75
CA SER B 126 -45.25 -45.70 -52.59
C SER B 126 -44.98 -45.38 -54.06
N LEU B 127 -45.50 -46.24 -54.95
CA LEU B 127 -45.38 -45.99 -56.38
C LEU B 127 -46.14 -44.74 -56.79
N PHE B 128 -47.41 -44.64 -56.39
CA PHE B 128 -48.28 -43.55 -56.82
C PHE B 128 -48.74 -42.76 -55.60
N LYS B 129 -48.59 -41.43 -55.66
CA LYS B 129 -49.06 -40.53 -54.62
C LYS B 129 -50.22 -39.72 -55.18
N ASN B 130 -51.37 -39.79 -54.51
CA ASN B 130 -52.58 -39.13 -54.96
C ASN B 130 -53.02 -38.12 -53.92
N LEU B 131 -53.33 -36.90 -54.37
CA LEU B 131 -53.84 -35.88 -53.46
C LEU B 131 -55.29 -36.15 -53.10
N PHE B 132 -56.08 -36.63 -54.06
CA PHE B 132 -57.50 -36.88 -53.79
C PHE B 132 -57.68 -38.04 -52.82
N ARG B 133 -56.94 -39.12 -53.00
CA ARG B 133 -57.06 -40.31 -52.17
C ARG B 133 -55.75 -40.53 -51.44
N ASN B 134 -55.82 -40.61 -50.11
CA ASN B 134 -54.67 -40.89 -49.27
C ASN B 134 -54.83 -42.26 -48.63
N TYR B 135 -53.83 -43.11 -48.83
CA TYR B 135 -53.86 -44.48 -48.33
C TYR B 135 -52.77 -44.63 -47.28
N ASN B 136 -53.16 -44.72 -46.01
CA ASN B 136 -52.22 -44.86 -44.90
C ASN B 136 -51.85 -46.33 -44.78
N TYR B 137 -50.62 -46.64 -45.18
CA TYR B 137 -50.12 -48.01 -45.13
C TYR B 137 -49.02 -48.14 -44.09
N LYS B 138 -49.07 -49.22 -43.32
CA LYS B 138 -48.06 -49.51 -42.31
C LYS B 138 -47.31 -50.79 -42.70
N VAL B 139 -45.99 -50.73 -42.61
CA VAL B 139 -45.12 -51.82 -43.07
C VAL B 139 -44.49 -52.49 -41.85
N HIS B 140 -44.65 -53.80 -41.78
CA HIS B 140 -44.01 -54.62 -40.75
C HIS B 140 -42.86 -55.38 -41.40
N LEU B 141 -41.65 -55.20 -40.87
CA LEU B 141 -40.46 -55.80 -41.44
C LEU B 141 -39.89 -56.83 -40.47
N LEU B 142 -39.49 -57.97 -41.01
CA LEU B 142 -38.93 -59.07 -40.23
C LEU B 142 -37.51 -59.33 -40.71
N TYR B 143 -36.56 -59.35 -39.78
CA TYR B 143 -35.15 -59.46 -40.11
C TYR B 143 -34.47 -60.51 -39.23
N VAL B 144 -33.44 -61.15 -39.79
CA VAL B 144 -32.62 -62.09 -39.04
C VAL B 144 -31.24 -62.11 -39.66
N LEU B 145 -30.23 -62.39 -38.84
CA LEU B 145 -28.83 -62.45 -39.27
C LEU B 145 -28.25 -63.77 -38.78
N PRO B 146 -28.52 -64.87 -39.48
CA PRO B 146 -27.98 -66.16 -39.06
C PRO B 146 -26.47 -66.18 -39.10
N GLU B 147 -25.87 -66.87 -38.13
CA GLU B 147 -24.42 -67.00 -38.10
C GLU B 147 -23.94 -67.92 -39.21
N VAL B 148 -22.67 -67.75 -39.59
CA VAL B 148 -22.09 -68.55 -40.66
C VAL B 148 -21.89 -69.97 -40.17
N LEU B 149 -22.48 -70.93 -40.87
CA LEU B 149 -22.38 -72.34 -40.55
C LEU B 149 -21.48 -73.05 -41.56
N GLU B 150 -20.52 -73.82 -41.06
CA GLU B 150 -19.61 -74.53 -41.95
C GLU B 150 -20.35 -75.56 -42.80
N ASP B 151 -21.29 -76.29 -42.19
CA ASP B 151 -22.05 -77.32 -42.89
C ASP B 151 -23.29 -76.69 -43.52
N SER B 152 -23.07 -75.94 -44.60
CA SER B 152 -24.08 -75.29 -45.42
C SER B 152 -24.78 -74.17 -44.65
N PRO B 153 -25.32 -73.15 -45.33
CA PRO B 153 -26.04 -72.09 -44.62
C PRO B 153 -27.42 -72.57 -44.20
N LEU B 154 -27.75 -72.36 -42.92
CA LEU B 154 -29.02 -72.83 -42.39
C LEU B 154 -30.18 -72.02 -42.98
N VAL B 155 -31.29 -72.72 -43.21
CA VAL B 155 -32.52 -72.07 -43.68
C VAL B 155 -33.20 -71.42 -42.46
N PRO B 156 -33.50 -70.12 -42.51
CA PRO B 156 -34.14 -69.48 -41.36
C PRO B 156 -35.51 -70.07 -41.08
N GLN B 157 -35.83 -70.21 -39.79
CA GLN B 157 -37.13 -70.72 -39.37
C GLN B 157 -38.19 -69.63 -39.51
N LYS B 158 -39.40 -70.05 -39.88
CA LYS B 158 -40.52 -69.12 -39.98
C LYS B 158 -40.83 -68.53 -38.61
N GLY B 159 -40.83 -67.20 -38.53
CA GLY B 159 -41.05 -66.51 -37.28
C GLY B 159 -39.81 -66.28 -36.45
N SER B 160 -38.66 -66.83 -36.87
CA SER B 160 -37.42 -66.61 -36.14
C SER B 160 -36.88 -65.20 -36.31
N PHE B 161 -37.40 -64.44 -37.26
CA PHE B 161 -36.96 -63.07 -37.46
C PHE B 161 -37.41 -62.19 -36.30
N GLN B 162 -36.74 -61.04 -36.17
CA GLN B 162 -37.10 -60.08 -35.13
C GLN B 162 -38.06 -59.02 -35.70
N MET B 163 -38.81 -58.41 -34.79
CA MET B 163 -39.86 -57.47 -35.17
C MET B 163 -39.31 -56.05 -35.30
N VAL B 164 -39.74 -55.37 -36.36
CA VAL B 164 -39.48 -53.95 -36.54
C VAL B 164 -40.54 -53.40 -37.48
N HIS B 165 -40.88 -52.13 -37.32
CA HIS B 165 -41.99 -51.51 -38.05
C HIS B 165 -41.50 -50.23 -38.70
N CYS B 166 -41.70 -50.13 -40.02
CA CYS B 166 -41.43 -48.89 -40.76
C CYS B 166 -42.68 -48.03 -40.75
N ASN B 167 -42.59 -46.84 -40.15
CA ASN B 167 -43.71 -45.93 -40.06
C ASN B 167 -43.63 -44.88 -41.16
N CYS B 168 -44.68 -44.80 -41.98
CA CYS B 168 -44.72 -43.87 -43.09
C CYS B 168 -45.32 -42.53 -42.66
N SER B 169 -45.20 -41.54 -43.54
CA SER B 169 -45.63 -40.18 -43.24
C SER B 169 -46.30 -39.60 -44.49
N VAL B 170 -46.48 -38.28 -44.49
CA VAL B 170 -47.15 -37.60 -45.60
C VAL B 170 -46.35 -37.78 -46.89
N HIS B 171 -45.02 -37.69 -46.81
CA HIS B 171 -44.17 -37.90 -47.99
C HIS B 171 -44.02 -39.37 -48.35
N GLU B 172 -44.80 -40.24 -47.70
CA GLU B 172 -44.86 -41.67 -48.01
C GLU B 172 -43.50 -42.35 -47.89
N CYS B 173 -42.68 -41.92 -46.93
CA CYS B 173 -41.42 -42.56 -46.63
C CYS B 173 -41.52 -43.25 -45.28
N CYS B 174 -41.27 -44.55 -45.25
CA CYS B 174 -41.39 -45.35 -44.04
C CYS B 174 -40.00 -45.72 -43.54
N GLU B 175 -39.77 -45.50 -42.24
CA GLU B 175 -38.44 -45.64 -41.65
C GLU B 175 -38.52 -46.63 -40.49
N CYS B 176 -37.74 -47.72 -40.60
CA CYS B 176 -37.53 -48.64 -39.49
C CYS B 176 -36.04 -48.91 -39.35
N LEU B 177 -35.57 -48.92 -38.11
CA LEU B 177 -34.16 -49.15 -37.82
C LEU B 177 -33.98 -50.58 -37.33
N VAL B 178 -33.12 -51.33 -38.01
CA VAL B 178 -32.88 -52.74 -37.75
C VAL B 178 -31.53 -52.86 -37.06
N PRO B 179 -31.48 -53.22 -35.78
CA PRO B 179 -30.18 -53.32 -35.08
C PRO B 179 -29.32 -54.41 -35.69
N VAL B 180 -28.03 -54.11 -35.86
CA VAL B 180 -27.08 -55.05 -36.46
C VAL B 180 -25.74 -54.94 -35.73
N PRO B 181 -25.28 -56.00 -35.08
CA PRO B 181 -23.93 -55.98 -34.49
C PRO B 181 -22.86 -55.93 -35.57
N THR B 182 -21.63 -55.66 -35.13
CA THR B 182 -20.52 -55.49 -36.06
C THR B 182 -20.26 -56.75 -36.86
N ALA B 183 -20.28 -57.91 -36.21
CA ALA B 183 -20.04 -59.17 -36.92
C ALA B 183 -21.25 -59.59 -37.74
N LYS B 184 -22.46 -59.29 -37.27
CA LYS B 184 -23.66 -59.76 -37.96
C LYS B 184 -23.89 -59.01 -39.27
N LEU B 185 -23.57 -57.71 -39.31
CA LEU B 185 -23.77 -56.94 -40.52
C LEU B 185 -22.90 -57.44 -41.66
N ASN B 186 -21.73 -58.01 -41.35
CA ASN B 186 -20.91 -58.64 -42.37
C ASN B 186 -21.60 -59.87 -42.95
N ASP B 187 -22.32 -60.60 -42.12
CA ASP B 187 -23.06 -61.77 -42.58
C ASP B 187 -24.28 -61.34 -43.39
N THR B 188 -24.84 -62.31 -44.12
CA THR B 188 -25.97 -62.02 -45.00
C THR B 188 -27.23 -61.76 -44.19
N LEU B 189 -27.95 -60.70 -44.55
CA LEU B 189 -29.22 -60.35 -43.93
C LEU B 189 -30.36 -61.06 -44.66
N LEU B 190 -31.54 -61.02 -44.04
CA LEU B 190 -32.75 -61.55 -44.66
C LEU B 190 -33.95 -60.78 -44.11
N MET B 191 -34.63 -60.06 -45.01
CA MET B 191 -35.73 -59.19 -44.64
C MET B 191 -37.02 -59.69 -45.29
N CYS B 192 -38.14 -59.11 -44.85
CA CYS B 192 -39.43 -59.39 -45.45
C CYS B 192 -40.40 -58.28 -45.02
N LEU B 193 -41.03 -57.63 -45.98
CA LEU B 193 -41.89 -56.49 -45.72
C LEU B 193 -43.35 -56.94 -45.72
N LYS B 194 -44.03 -56.76 -44.59
CA LYS B 194 -45.44 -57.06 -44.44
C LYS B 194 -46.18 -55.74 -44.29
N ILE B 195 -47.00 -55.38 -45.28
CA ILE B 195 -47.61 -54.07 -45.37
C ILE B 195 -49.11 -54.21 -45.19
N THR B 196 -49.68 -53.41 -44.30
CA THR B 196 -51.13 -53.32 -44.11
C THR B 196 -51.56 -51.92 -44.55
N SER B 197 -52.26 -51.85 -45.68
CA SER B 197 -52.65 -50.59 -46.30
C SER B 197 -54.16 -50.41 -46.17
N GLY B 198 -54.58 -49.51 -45.29
CA GLY B 198 -55.99 -49.22 -45.12
C GLY B 198 -56.84 -50.41 -44.74
N GLY B 199 -56.30 -51.31 -43.91
CA GLY B 199 -56.97 -52.54 -43.57
C GLY B 199 -56.71 -53.68 -44.51
N VAL B 200 -56.07 -53.44 -45.65
CA VAL B 200 -55.74 -54.48 -46.62
C VAL B 200 -54.28 -54.87 -46.41
N ILE B 201 -54.04 -56.17 -46.27
CA ILE B 201 -52.71 -56.67 -45.92
C ILE B 201 -51.97 -57.07 -47.19
N PHE B 202 -50.75 -56.58 -47.33
CA PHE B 202 -49.87 -56.91 -48.45
C PHE B 202 -48.62 -57.59 -47.91
N GLN B 203 -48.05 -58.51 -48.70
CA GLN B 203 -46.87 -59.25 -48.28
C GLN B 203 -45.88 -59.32 -49.43
N SER B 204 -44.66 -58.83 -49.18
CA SER B 204 -43.60 -58.82 -50.17
C SER B 204 -42.84 -60.16 -50.18
N PRO B 205 -42.07 -60.43 -51.24
CA PRO B 205 -41.26 -61.65 -51.26
C PRO B 205 -40.08 -61.59 -50.30
N LEU B 206 -39.20 -62.59 -50.35
CA LEU B 206 -38.14 -62.72 -49.36
C LEU B 206 -36.99 -61.75 -49.59
N MET B 207 -36.70 -61.40 -50.85
CA MET B 207 -35.73 -60.40 -51.29
C MET B 207 -34.52 -60.28 -50.38
N SER B 208 -33.75 -61.36 -50.23
CA SER B 208 -32.58 -61.34 -49.35
C SER B 208 -31.56 -60.31 -49.80
N VAL B 209 -30.94 -59.66 -48.83
CA VAL B 209 -29.91 -58.63 -49.07
C VAL B 209 -28.82 -58.79 -48.02
N GLN B 210 -27.70 -58.10 -48.22
CA GLN B 210 -26.59 -58.11 -47.30
C GLN B 210 -26.31 -56.69 -46.80
N PRO B 211 -26.22 -56.47 -45.49
CA PRO B 211 -26.02 -55.11 -44.99
C PRO B 211 -24.72 -54.47 -45.44
N ILE B 212 -23.65 -55.24 -45.59
CA ILE B 212 -22.35 -54.68 -45.92
C ILE B 212 -22.24 -54.30 -47.40
N ASN B 213 -23.13 -54.80 -48.25
CA ASN B 213 -22.99 -54.57 -49.68
C ASN B 213 -23.55 -53.21 -50.13
N MET B 214 -24.49 -52.63 -49.38
CA MET B 214 -24.95 -51.26 -49.64
C MET B 214 -24.85 -50.45 -48.35
N VAL B 215 -24.16 -49.32 -48.41
CA VAL B 215 -24.18 -48.31 -47.36
C VAL B 215 -24.34 -46.94 -48.03
N LYS B 216 -24.76 -45.96 -47.22
CA LYS B 216 -24.94 -44.60 -47.71
C LYS B 216 -23.83 -43.72 -47.18
N PRO B 217 -22.97 -43.18 -48.03
CA PRO B 217 -21.90 -42.29 -47.55
C PRO B 217 -22.47 -41.05 -46.86
N ASP B 218 -21.80 -40.65 -45.79
CA ASP B 218 -22.22 -39.46 -45.03
C ASP B 218 -21.81 -38.20 -45.77
N PRO B 219 -22.64 -37.15 -45.72
CA PRO B 219 -22.24 -35.88 -46.33
C PRO B 219 -21.08 -35.27 -45.58
N PRO B 220 -20.22 -34.51 -46.24
CA PRO B 220 -19.09 -33.88 -45.55
C PRO B 220 -19.57 -32.90 -44.50
N LEU B 221 -18.85 -32.85 -43.38
CA LEU B 221 -19.16 -31.94 -42.28
C LEU B 221 -17.92 -31.15 -41.92
N GLY B 222 -18.13 -29.88 -41.59
CA GLY B 222 -17.02 -29.00 -41.26
C GLY B 222 -16.09 -28.74 -42.42
N LEU B 223 -16.65 -28.50 -43.60
CA LEU B 223 -15.83 -28.22 -44.77
C LEU B 223 -15.06 -26.93 -44.59
N HIS B 224 -13.77 -26.95 -44.90
CA HIS B 224 -12.89 -25.81 -44.72
C HIS B 224 -12.27 -25.41 -46.05
N MET B 225 -12.40 -24.13 -46.39
CA MET B 225 -11.79 -23.57 -47.59
C MET B 225 -10.79 -22.51 -47.16
N GLU B 226 -9.54 -22.66 -47.61
CA GLU B 226 -8.46 -21.78 -47.17
C GLU B 226 -7.45 -21.65 -48.30
N ILE B 227 -6.42 -20.83 -48.08
CA ILE B 227 -5.36 -20.60 -49.05
C ILE B 227 -4.09 -21.25 -48.52
N THR B 228 -3.46 -22.08 -49.35
CA THR B 228 -2.24 -22.77 -48.97
C THR B 228 -1.05 -21.83 -49.08
N ASP B 229 -0.15 -21.90 -48.09
CA ASP B 229 1.02 -21.03 -48.09
C ASP B 229 1.87 -21.22 -49.33
N ASP B 230 1.98 -22.45 -49.82
CA ASP B 230 2.69 -22.72 -51.05
C ASP B 230 1.97 -22.18 -52.28
N GLY B 231 0.71 -21.79 -52.14
CA GLY B 231 -0.05 -21.24 -53.25
C GLY B 231 -1.02 -22.20 -53.91
N ASN B 232 -1.20 -23.39 -53.37
CA ASN B 232 -2.06 -24.39 -53.99
C ASN B 232 -3.55 -24.10 -53.79
N LEU B 233 -3.91 -23.39 -52.71
CA LEU B 233 -5.31 -23.16 -52.32
C LEU B 233 -6.02 -24.51 -52.13
N LYS B 234 -5.52 -25.26 -51.16
CA LYS B 234 -6.14 -26.53 -50.82
C LYS B 234 -7.48 -26.32 -50.12
N ILE B 235 -8.41 -27.23 -50.37
CA ILE B 235 -9.76 -27.15 -49.81
C ILE B 235 -9.94 -28.31 -48.86
N SER B 236 -8.87 -28.70 -48.17
CA SER B 236 -8.91 -29.84 -47.27
C SER B 236 -9.99 -29.67 -46.21
N TRP B 237 -10.73 -30.75 -45.96
CA TRP B 237 -11.82 -30.75 -44.99
C TRP B 237 -11.78 -32.04 -44.19
N SER B 238 -12.40 -32.01 -43.01
CA SER B 238 -12.46 -33.17 -42.14
C SER B 238 -13.60 -34.08 -42.57
N SER B 239 -13.28 -35.34 -42.83
CA SER B 239 -14.28 -36.31 -43.23
C SER B 239 -15.24 -36.58 -42.07
N PRO B 240 -16.52 -36.80 -42.36
CA PRO B 240 -17.48 -37.12 -41.30
C PRO B 240 -17.09 -38.41 -40.58
N PRO B 241 -17.27 -38.46 -39.26
CA PRO B 241 -16.92 -39.66 -38.51
C PRO B 241 -17.97 -40.76 -38.54
N LEU B 242 -19.12 -40.51 -39.16
CA LEU B 242 -20.19 -41.50 -39.19
C LEU B 242 -19.78 -42.73 -39.98
N VAL B 243 -19.21 -42.53 -41.17
CA VAL B 243 -18.80 -43.65 -42.02
C VAL B 243 -17.62 -44.37 -41.38
N PRO B 244 -17.57 -45.72 -41.40
CA PRO B 244 -16.44 -46.41 -40.77
C PRO B 244 -15.18 -46.38 -41.63
N PHE B 245 -15.34 -46.47 -42.96
CA PHE B 245 -14.18 -46.48 -43.84
C PHE B 245 -14.03 -45.13 -44.54
N PRO B 246 -12.81 -44.75 -44.92
CA PRO B 246 -12.62 -43.48 -45.64
C PRO B 246 -13.36 -43.50 -46.97
N LEU B 247 -14.19 -42.49 -47.18
CA LEU B 247 -15.01 -42.41 -48.38
C LEU B 247 -14.18 -42.01 -49.59
N GLN B 248 -14.63 -42.44 -50.76
CA GLN B 248 -14.05 -41.99 -52.02
C GLN B 248 -14.73 -40.68 -52.40
N TYR B 249 -14.09 -39.56 -52.07
CA TYR B 249 -14.67 -38.24 -52.28
C TYR B 249 -14.47 -37.81 -53.73
N GLN B 250 -15.55 -37.82 -54.50
CA GLN B 250 -15.53 -37.31 -55.87
C GLN B 250 -15.88 -35.82 -55.85
N VAL B 251 -14.94 -34.99 -56.31
CA VAL B 251 -15.04 -33.54 -56.15
C VAL B 251 -15.10 -32.94 -57.54
N LYS B 252 -16.31 -32.69 -58.04
CA LYS B 252 -16.52 -31.96 -59.28
C LYS B 252 -16.71 -30.47 -58.98
N TYR B 253 -15.69 -29.88 -58.39
CA TYR B 253 -15.78 -28.50 -57.91
C TYR B 253 -15.88 -27.52 -59.08
N SER B 254 -16.46 -26.37 -58.80
CA SER B 254 -16.61 -25.29 -59.78
C SER B 254 -15.60 -24.20 -59.45
N GLU B 255 -14.76 -23.87 -60.42
CA GLU B 255 -13.72 -22.86 -60.23
C GLU B 255 -14.23 -21.50 -60.70
N ASN B 256 -15.22 -21.00 -59.95
CA ASN B 256 -15.75 -19.67 -60.22
C ASN B 256 -14.67 -18.62 -60.00
N SER B 257 -14.64 -17.62 -60.88
CA SER B 257 -13.65 -16.57 -60.80
C SER B 257 -14.19 -15.33 -61.50
N THR B 258 -13.52 -14.20 -61.23
CA THR B 258 -13.93 -12.94 -61.86
C THR B 258 -13.71 -12.97 -63.36
N THR B 259 -12.61 -13.59 -63.81
CA THR B 259 -12.33 -13.69 -65.24
C THR B 259 -13.18 -14.76 -65.91
N VAL B 260 -13.01 -16.02 -65.51
CA VAL B 260 -13.66 -17.13 -66.17
C VAL B 260 -13.85 -18.25 -65.15
N ILE B 261 -14.90 -19.05 -65.34
CA ILE B 261 -15.24 -20.14 -64.45
C ILE B 261 -14.75 -21.45 -65.06
N ARG B 262 -13.97 -22.20 -64.30
CA ARG B 262 -13.48 -23.51 -64.70
C ARG B 262 -14.14 -24.59 -63.87
N GLU B 263 -13.86 -25.85 -64.21
CA GLU B 263 -14.44 -26.97 -63.48
C GLU B 263 -13.57 -28.20 -63.73
N ALA B 264 -13.36 -28.99 -62.68
CA ALA B 264 -12.56 -30.20 -62.77
C ALA B 264 -13.07 -31.21 -61.75
N ASP B 265 -12.75 -32.48 -61.98
CA ASP B 265 -13.20 -33.57 -61.14
C ASP B 265 -12.02 -34.19 -60.41
N LYS B 266 -12.21 -34.47 -59.12
CA LYS B 266 -11.21 -35.12 -58.30
C LYS B 266 -11.87 -36.21 -57.48
N ILE B 267 -11.41 -37.45 -57.63
CA ILE B 267 -12.07 -38.60 -57.03
C ILE B 267 -11.14 -39.26 -56.01
N VAL B 268 -10.29 -38.46 -55.36
CA VAL B 268 -9.36 -39.03 -54.38
C VAL B 268 -10.11 -39.48 -53.13
N SER B 269 -9.50 -40.43 -52.43
CA SER B 269 -10.06 -40.97 -51.19
C SER B 269 -9.37 -40.42 -49.95
N ALA B 270 -8.52 -39.42 -50.10
CA ALA B 270 -7.88 -38.77 -48.96
C ALA B 270 -8.73 -37.60 -48.48
N THR B 271 -8.72 -37.38 -47.15
CA THR B 271 -9.55 -36.33 -46.56
C THR B 271 -9.16 -34.96 -47.08
N SER B 272 -7.86 -34.71 -47.23
CA SER B 272 -7.41 -33.45 -47.81
C SER B 272 -7.82 -33.36 -49.28
N LEU B 273 -8.17 -32.15 -49.70
CA LEU B 273 -8.57 -31.88 -51.07
C LEU B 273 -7.41 -31.22 -51.80
N LEU B 274 -6.99 -31.81 -52.92
CA LEU B 274 -5.82 -31.35 -53.65
C LEU B 274 -6.26 -30.40 -54.77
N VAL B 275 -5.77 -29.17 -54.70
CA VAL B 275 -6.05 -28.13 -55.69
C VAL B 275 -4.74 -27.41 -55.97
N ASP B 276 -4.51 -27.06 -57.25
CA ASP B 276 -3.28 -26.39 -57.64
C ASP B 276 -3.55 -25.43 -58.79
N SER B 277 -2.60 -24.52 -59.01
CA SER B 277 -2.62 -23.58 -60.14
C SER B 277 -3.88 -22.71 -60.11
N ILE B 278 -3.97 -21.88 -59.07
CA ILE B 278 -5.15 -21.03 -58.91
C ILE B 278 -4.96 -19.72 -59.66
N LEU B 279 -6.10 -19.01 -59.90
CA LEU B 279 -6.44 -17.78 -60.57
C LEU B 279 -6.91 -16.73 -59.56
N PRO B 280 -6.66 -15.44 -59.82
CA PRO B 280 -7.16 -14.41 -58.91
C PRO B 280 -8.68 -14.29 -58.97
N GLY B 281 -9.26 -13.79 -57.88
CA GLY B 281 -10.69 -13.66 -57.79
C GLY B 281 -11.44 -14.97 -57.84
N SER B 282 -10.77 -16.07 -57.48
CA SER B 282 -11.35 -17.39 -57.63
C SER B 282 -12.36 -17.67 -56.52
N SER B 283 -13.44 -18.36 -56.89
CA SER B 283 -14.43 -18.87 -55.95
C SER B 283 -14.62 -20.36 -56.17
N TYR B 284 -14.84 -21.08 -55.08
CA TYR B 284 -14.91 -22.54 -55.12
C TYR B 284 -16.23 -23.02 -54.56
N GLU B 285 -16.96 -23.82 -55.34
CA GLU B 285 -18.16 -24.50 -54.90
C GLU B 285 -17.87 -25.99 -54.90
N VAL B 286 -18.04 -26.63 -53.74
CA VAL B 286 -17.69 -28.04 -53.56
C VAL B 286 -18.91 -28.89 -53.86
N GLN B 287 -18.79 -29.74 -54.89
CA GLN B 287 -19.85 -30.67 -55.24
C GLN B 287 -19.77 -31.96 -54.43
N VAL B 288 -18.64 -32.20 -53.75
CA VAL B 288 -18.41 -33.47 -53.08
C VAL B 288 -19.50 -33.75 -52.05
N ARG B 289 -20.01 -34.98 -52.05
CA ARG B 289 -20.98 -35.46 -51.09
C ARG B 289 -20.55 -36.75 -50.40
N GLY B 290 -19.81 -37.61 -51.09
CA GLY B 290 -19.34 -38.85 -50.50
C GLY B 290 -19.65 -40.08 -51.33
N LYS B 291 -18.74 -41.06 -51.32
CA LYS B 291 -18.96 -42.33 -51.98
C LYS B 291 -18.22 -43.41 -51.21
N ARG B 292 -18.88 -44.54 -50.99
CA ARG B 292 -18.30 -45.60 -50.17
C ARG B 292 -17.09 -46.22 -50.85
N LEU B 293 -16.19 -46.76 -50.03
CA LEU B 293 -14.92 -47.29 -50.52
C LEU B 293 -15.10 -48.65 -51.19
N ASP B 294 -15.58 -49.64 -50.44
CA ASP B 294 -15.68 -51.01 -50.92
C ASP B 294 -17.14 -51.38 -51.17
N GLY B 295 -17.41 -51.92 -52.35
CA GLY B 295 -18.74 -52.35 -52.72
C GLY B 295 -19.58 -51.23 -53.29
N PRO B 296 -20.70 -51.58 -53.92
CA PRO B 296 -21.60 -50.55 -54.44
C PRO B 296 -22.18 -49.70 -53.32
N GLY B 297 -22.36 -48.42 -53.61
CA GLY B 297 -22.85 -47.48 -52.62
C GLY B 297 -23.82 -46.50 -53.22
N ILE B 298 -24.74 -46.03 -52.37
CA ILE B 298 -25.70 -45.01 -52.79
C ILE B 298 -24.98 -43.68 -53.00
N TRP B 299 -25.59 -42.83 -53.82
CA TRP B 299 -25.12 -41.45 -53.93
C TRP B 299 -25.42 -40.73 -52.63
N SER B 300 -24.40 -40.10 -52.05
CA SER B 300 -24.55 -39.48 -50.74
C SER B 300 -25.53 -38.33 -50.80
N ASP B 301 -26.26 -38.13 -49.69
CA ASP B 301 -27.19 -37.01 -49.61
C ASP B 301 -26.44 -35.71 -49.80
N TRP B 302 -27.01 -34.83 -50.63
CA TRP B 302 -26.29 -33.65 -51.09
C TRP B 302 -26.13 -32.65 -49.95
N SER B 303 -24.93 -32.57 -49.41
CA SER B 303 -24.61 -31.53 -48.43
C SER B 303 -24.59 -30.17 -49.13
N THR B 304 -24.78 -29.11 -48.35
CA THR B 304 -24.79 -27.78 -48.92
C THR B 304 -23.41 -27.46 -49.50
N PRO B 305 -23.33 -27.03 -50.76
CA PRO B 305 -22.02 -26.70 -51.34
C PRO B 305 -21.47 -25.40 -50.80
N ARG B 306 -20.45 -25.49 -49.94
CA ARG B 306 -19.85 -24.29 -49.37
C ARG B 306 -19.15 -23.49 -50.47
N VAL B 307 -19.43 -22.19 -50.50
CA VAL B 307 -18.88 -21.29 -51.51
C VAL B 307 -18.12 -20.18 -50.80
N PHE B 308 -16.84 -20.04 -51.14
CA PHE B 308 -16.03 -18.91 -50.70
C PHE B 308 -15.40 -18.26 -51.92
N THR B 309 -15.20 -16.94 -51.84
CA THR B 309 -14.70 -16.16 -52.96
C THR B 309 -13.56 -15.29 -52.51
N THR B 310 -12.47 -15.30 -53.29
CA THR B 310 -11.36 -14.41 -53.05
C THR B 310 -11.68 -13.03 -53.64
N GLN B 311 -10.82 -12.06 -53.33
CA GLN B 311 -11.08 -10.66 -53.62
C GLN B 311 -10.03 -10.04 -54.52
N ASP B 312 -9.77 -10.72 -55.64
CA ASP B 312 -9.06 -10.33 -56.87
C ASP B 312 -7.59 -9.96 -56.65
N VAL B 313 -7.07 -10.04 -55.43
CA VAL B 313 -5.63 -9.93 -55.26
C VAL B 313 -5.20 -11.03 -54.29
N ILE B 314 -4.48 -12.03 -54.81
CA ILE B 314 -4.13 -13.22 -54.05
C ILE B 314 -2.67 -13.15 -53.67
N TYR B 315 -2.40 -13.17 -52.37
CA TYR B 315 -1.05 -13.29 -51.84
C TYR B 315 -0.94 -14.61 -51.09
N PHE B 316 0.01 -15.44 -51.48
CA PHE B 316 0.37 -16.54 -50.59
C PHE B 316 0.98 -15.93 -49.34
N PRO B 317 0.28 -15.95 -48.21
CA PRO B 317 0.49 -14.93 -47.20
C PRO B 317 1.87 -15.04 -46.58
N PRO B 318 2.55 -13.91 -46.37
CA PRO B 318 3.79 -13.88 -45.59
C PRO B 318 3.58 -13.71 -44.09
N LYS B 319 2.36 -13.93 -43.59
CA LYS B 319 2.03 -13.68 -42.19
C LYS B 319 2.89 -14.47 -41.23
N ILE B 320 3.70 -15.39 -41.76
CA ILE B 320 4.69 -16.08 -40.94
C ILE B 320 5.72 -15.06 -40.45
N LEU B 321 6.01 -15.12 -39.16
CA LEU B 321 6.94 -14.19 -38.53
C LEU B 321 8.37 -14.68 -38.71
N THR B 322 9.28 -13.72 -38.90
CA THR B 322 10.69 -14.02 -39.13
C THR B 322 11.54 -13.27 -38.11
N SER B 323 12.67 -13.87 -37.76
CA SER B 323 13.61 -13.25 -36.84
C SER B 323 14.45 -12.20 -37.58
N VAL B 324 15.24 -11.46 -36.81
CA VAL B 324 16.09 -10.42 -37.37
C VAL B 324 17.24 -11.06 -38.15
N GLY B 325 17.49 -10.53 -39.35
CA GLY B 325 18.56 -11.02 -40.18
C GLY B 325 18.24 -12.21 -41.05
N SER B 326 16.98 -12.61 -41.12
CA SER B 326 16.59 -13.76 -41.94
C SER B 326 16.46 -13.36 -43.41
N ASN B 327 16.03 -14.31 -44.23
CA ASN B 327 15.79 -14.08 -45.65
C ASN B 327 14.46 -14.71 -46.03
N VAL B 328 13.57 -13.92 -46.63
CA VAL B 328 12.24 -14.39 -47.02
C VAL B 328 11.93 -13.89 -48.43
N SER B 329 10.95 -14.55 -49.06
CA SER B 329 10.53 -14.19 -50.40
C SER B 329 9.05 -14.50 -50.56
N PHE B 330 8.28 -13.51 -51.01
CA PHE B 330 6.85 -13.65 -51.22
C PHE B 330 6.52 -13.42 -52.69
N HIS B 331 5.45 -14.05 -53.16
CA HIS B 331 5.04 -13.99 -54.55
C HIS B 331 3.80 -13.12 -54.69
N CYS B 332 3.27 -13.06 -55.92
CA CYS B 332 2.13 -12.20 -56.22
C CYS B 332 1.48 -12.54 -57.55
N ILE B 333 0.15 -12.61 -57.57
CA ILE B 333 -0.62 -12.70 -58.80
C ILE B 333 -1.66 -11.59 -58.78
N TYR B 334 -1.66 -10.75 -59.82
CA TYR B 334 -2.47 -9.55 -59.84
C TYR B 334 -3.67 -9.81 -60.74
N LYS B 335 -4.58 -8.83 -60.79
CA LYS B 335 -5.85 -8.97 -61.50
C LYS B 335 -6.32 -7.56 -61.87
N LYS B 336 -6.05 -7.16 -63.11
CA LYS B 336 -6.46 -5.85 -63.61
C LYS B 336 -7.53 -6.07 -64.67
N GLU B 337 -8.76 -5.68 -64.33
CA GLU B 337 -9.93 -5.96 -65.18
C GLU B 337 -9.97 -7.44 -65.53
N ASN B 338 -9.58 -7.77 -66.77
CA ASN B 338 -9.48 -9.16 -67.22
C ASN B 338 -8.11 -9.36 -67.86
N LYS B 339 -7.91 -10.56 -68.41
CA LYS B 339 -6.80 -11.00 -69.27
C LYS B 339 -5.48 -11.21 -68.52
N ILE B 340 -5.39 -10.83 -67.24
CA ILE B 340 -4.20 -11.03 -66.39
C ILE B 340 -3.05 -10.14 -66.86
N VAL B 341 -2.42 -9.47 -65.90
CA VAL B 341 -1.30 -8.57 -66.16
C VAL B 341 -0.02 -9.36 -66.42
N PRO B 342 0.86 -8.90 -67.30
CA PRO B 342 2.17 -9.55 -67.45
C PRO B 342 3.04 -9.38 -66.22
N SER B 343 3.97 -10.32 -66.05
CA SER B 343 4.82 -10.33 -64.86
C SER B 343 5.80 -9.16 -64.86
N LYS B 344 6.28 -8.76 -66.04
CA LYS B 344 7.30 -7.71 -66.11
C LYS B 344 6.77 -6.38 -65.58
N GLU B 345 5.51 -6.06 -65.87
CA GLU B 345 4.95 -4.77 -65.47
C GLU B 345 4.67 -4.67 -63.97
N ILE B 346 4.76 -5.79 -63.24
CA ILE B 346 4.54 -5.75 -61.80
C ILE B 346 5.72 -5.11 -61.09
N VAL B 347 5.42 -4.14 -60.23
CA VAL B 347 6.40 -3.49 -59.37
C VAL B 347 5.85 -3.53 -57.95
N TRP B 348 6.76 -3.53 -56.98
CA TRP B 348 6.39 -3.65 -55.58
C TRP B 348 6.62 -2.35 -54.83
N TRP B 349 5.73 -2.06 -53.88
CA TRP B 349 5.84 -0.91 -53.00
C TRP B 349 5.68 -1.39 -51.56
N MET B 350 6.41 -0.73 -50.65
CA MET B 350 6.40 -1.08 -49.23
C MET B 350 5.87 0.11 -48.44
N ASN B 351 4.80 -0.10 -47.69
CA ASN B 351 4.13 0.96 -46.94
C ASN B 351 3.68 2.11 -47.84
N LEU B 352 3.25 1.76 -49.06
CA LEU B 352 2.67 2.70 -50.02
C LEU B 352 3.65 3.77 -50.48
N ALA B 353 4.96 3.53 -50.31
CA ALA B 353 6.01 4.44 -50.75
C ALA B 353 7.33 3.68 -50.72
N GLU B 354 8.44 4.41 -50.85
CA GLU B 354 9.79 3.84 -50.95
C GLU B 354 9.79 2.56 -51.79
N LYS B 355 9.45 2.71 -53.07
CA LYS B 355 9.28 1.57 -53.94
C LYS B 355 10.54 0.70 -53.97
N ILE B 356 10.31 -0.61 -54.03
CA ILE B 356 11.42 -1.59 -53.94
C ILE B 356 12.31 -1.46 -55.17
N PRO B 357 13.63 -1.52 -55.03
CA PRO B 357 14.50 -1.45 -56.20
C PRO B 357 14.27 -2.62 -57.14
N GLN B 358 14.53 -2.36 -58.43
CA GLN B 358 14.28 -3.37 -59.47
C GLN B 358 15.19 -4.58 -59.29
N SER B 359 16.39 -4.39 -58.71
CA SER B 359 17.34 -5.48 -58.61
C SER B 359 16.81 -6.64 -57.78
N GLN B 360 16.01 -6.35 -56.75
CA GLN B 360 15.50 -7.42 -55.89
C GLN B 360 14.41 -8.23 -56.57
N TYR B 361 13.77 -7.70 -57.61
CA TYR B 361 12.73 -8.45 -58.29
C TYR B 361 13.32 -9.63 -59.05
N ASP B 362 12.61 -10.77 -59.01
CA ASP B 362 13.02 -11.96 -59.74
C ASP B 362 11.77 -12.69 -60.19
N VAL B 363 11.71 -13.03 -61.48
CA VAL B 363 10.53 -13.62 -62.09
C VAL B 363 10.78 -15.09 -62.38
N VAL B 364 9.80 -15.94 -62.04
CA VAL B 364 9.87 -17.35 -62.33
C VAL B 364 8.82 -17.79 -63.36
N SER B 365 7.73 -17.05 -63.50
CA SER B 365 6.68 -17.38 -64.46
C SER B 365 5.93 -16.11 -64.80
N ASP B 366 5.07 -16.19 -65.83
CA ASP B 366 4.31 -15.02 -66.25
C ASP B 366 3.20 -14.66 -65.27
N HIS B 367 2.64 -15.66 -64.58
CA HIS B 367 1.54 -15.40 -63.65
C HIS B 367 2.06 -14.76 -62.36
N VAL B 368 2.91 -15.46 -61.64
CA VAL B 368 3.44 -14.98 -60.37
C VAL B 368 4.65 -14.09 -60.64
N SER B 369 4.88 -13.14 -59.73
CA SER B 369 5.93 -12.14 -59.89
C SER B 369 7.10 -12.31 -58.95
N LYS B 370 6.83 -12.58 -57.66
CA LYS B 370 7.84 -12.86 -56.64
C LYS B 370 8.65 -11.63 -56.26
N VAL B 371 8.96 -11.49 -54.97
CA VAL B 371 9.86 -10.46 -54.47
C VAL B 371 10.64 -11.09 -53.32
N THR B 372 11.83 -10.55 -53.06
CA THR B 372 12.68 -11.04 -51.99
C THR B 372 13.16 -9.89 -51.12
N PHE B 373 13.41 -10.19 -49.85
CA PHE B 373 13.92 -9.22 -48.89
C PHE B 373 15.24 -9.73 -48.33
N PHE B 374 16.26 -8.88 -48.36
CA PHE B 374 17.60 -9.24 -47.93
C PHE B 374 17.93 -8.49 -46.65
N ASN B 375 18.17 -9.25 -45.57
CA ASN B 375 18.61 -8.70 -44.28
C ASN B 375 17.61 -7.66 -43.76
N LEU B 376 16.41 -8.17 -43.45
CA LEU B 376 15.35 -7.31 -42.95
C LEU B 376 15.71 -6.77 -41.56
N ASN B 377 15.08 -5.66 -41.21
CA ASN B 377 15.28 -5.00 -39.92
C ASN B 377 14.00 -5.07 -39.10
N GLU B 378 14.10 -4.59 -37.87
CA GLU B 378 12.95 -4.57 -36.97
C GLU B 378 11.87 -3.63 -37.50
N THR B 379 10.62 -4.06 -37.39
CA THR B 379 9.49 -3.23 -37.80
C THR B 379 9.15 -2.25 -36.70
N LYS B 380 9.19 -0.96 -37.03
CA LYS B 380 8.81 0.05 -36.05
C LYS B 380 7.32 -0.08 -35.72
N PRO B 381 6.94 0.04 -34.45
CA PRO B 381 5.53 -0.08 -34.08
C PRO B 381 4.79 1.22 -34.34
N ARG B 382 3.74 1.16 -35.15
CA ARG B 382 2.95 2.32 -35.44
C ARG B 382 1.90 2.53 -34.35
N GLY B 383 1.04 3.53 -34.54
CA GLY B 383 0.06 3.87 -33.52
C GLY B 383 -0.96 2.77 -33.30
N LYS B 384 -1.43 2.15 -34.38
CA LYS B 384 -2.46 1.11 -34.30
C LYS B 384 -1.99 -0.24 -34.80
N PHE B 385 -1.04 -0.28 -35.73
CA PHE B 385 -0.60 -1.52 -36.37
C PHE B 385 0.82 -1.84 -35.96
N THR B 386 1.08 -3.12 -35.67
CA THR B 386 2.39 -3.59 -35.25
C THR B 386 3.20 -4.21 -36.37
N TYR B 387 2.75 -4.12 -37.62
CA TYR B 387 3.41 -4.72 -38.76
C TYR B 387 3.55 -3.71 -39.89
N ASP B 388 4.25 -4.13 -40.94
CA ASP B 388 4.38 -3.36 -42.17
C ASP B 388 3.67 -4.07 -43.30
N ALA B 389 3.62 -3.42 -44.45
CA ALA B 389 2.84 -3.91 -45.59
C ALA B 389 3.67 -3.91 -46.85
N VAL B 390 3.41 -4.89 -47.72
CA VAL B 390 4.01 -4.97 -49.05
C VAL B 390 2.87 -5.06 -50.06
N TYR B 391 2.88 -4.17 -51.05
CA TYR B 391 1.82 -4.08 -52.04
C TYR B 391 2.30 -4.57 -53.40
N CYS B 392 1.34 -4.82 -54.29
CA CYS B 392 1.61 -5.15 -55.68
C CYS B 392 1.02 -4.07 -56.56
N CYS B 393 1.84 -3.50 -57.44
CA CYS B 393 1.44 -2.35 -58.24
C CYS B 393 1.64 -2.65 -59.72
N ASN B 394 0.64 -2.31 -60.52
CA ASN B 394 0.73 -2.35 -61.97
C ASN B 394 0.84 -0.92 -62.49
N GLU B 395 1.77 -0.69 -63.42
CA GLU B 395 2.12 0.63 -63.95
C GLU B 395 2.04 1.72 -62.89
N HIS B 396 0.83 2.19 -62.57
CA HIS B 396 0.64 3.26 -61.61
C HIS B 396 -0.37 2.96 -60.52
N GLU B 397 -1.11 1.86 -60.63
CA GLU B 397 -2.20 1.56 -59.71
C GLU B 397 -1.85 0.40 -58.80
N CYS B 398 -2.10 0.57 -57.51
CA CYS B 398 -1.87 -0.46 -56.50
C CYS B 398 -3.18 -0.79 -55.81
N HIS B 399 -3.51 -2.08 -55.76
CA HIS B 399 -4.74 -2.51 -55.12
C HIS B 399 -4.64 -2.36 -53.61
N HIS B 400 -5.80 -2.21 -52.97
CA HIS B 400 -5.84 -1.98 -51.53
C HIS B 400 -5.51 -3.22 -50.72
N ARG B 401 -5.47 -4.40 -51.34
CA ARG B 401 -5.04 -5.60 -50.64
C ARG B 401 -3.55 -5.52 -50.35
N TYR B 402 -3.18 -5.88 -49.13
CA TYR B 402 -1.81 -5.72 -48.65
C TYR B 402 -1.38 -6.95 -47.88
N ALA B 403 -0.11 -7.33 -48.05
CA ALA B 403 0.47 -8.40 -47.25
C ALA B 403 0.91 -7.87 -45.90
N GLU B 404 1.15 -8.79 -44.97
CA GLU B 404 1.57 -8.45 -43.61
C GLU B 404 2.87 -9.17 -43.29
N LEU B 405 3.85 -8.42 -42.77
CA LEU B 405 5.15 -8.95 -42.41
C LEU B 405 5.44 -8.64 -40.95
N TYR B 406 5.99 -9.61 -40.24
CA TYR B 406 6.34 -9.46 -38.84
C TYR B 406 7.81 -9.81 -38.65
N VAL B 407 8.56 -8.91 -38.04
CA VAL B 407 9.96 -9.15 -37.69
C VAL B 407 10.13 -8.78 -36.22
N ILE B 408 10.60 -9.73 -35.41
CA ILE B 408 10.75 -9.55 -33.98
C ILE B 408 12.23 -9.68 -33.61
N ASP B 409 12.62 -8.96 -32.57
CA ASP B 409 13.98 -9.03 -32.04
C ASP B 409 14.02 -10.06 -30.93
N VAL B 410 14.84 -11.10 -31.11
CA VAL B 410 14.91 -12.22 -30.17
C VAL B 410 16.17 -12.19 -29.33
N ASN B 411 17.00 -11.15 -29.45
CA ASN B 411 18.22 -11.06 -28.66
C ASN B 411 17.87 -10.61 -27.26
N ILE B 412 17.77 -11.57 -26.33
CA ILE B 412 17.43 -11.30 -24.95
C ILE B 412 18.62 -11.65 -24.07
N ASN B 413 18.97 -10.75 -23.16
CA ASN B 413 20.12 -10.92 -22.29
C ASN B 413 19.68 -11.40 -20.92
N ILE B 414 20.43 -12.35 -20.36
CA ILE B 414 20.18 -12.89 -19.03
C ILE B 414 21.50 -12.82 -18.25
N SER B 415 21.40 -12.64 -16.94
CA SER B 415 22.56 -12.57 -16.07
C SER B 415 22.12 -12.83 -14.63
N CYS B 416 22.54 -13.97 -14.07
CA CYS B 416 22.13 -14.35 -12.73
C CYS B 416 23.27 -14.21 -11.73
N GLU B 417 22.89 -14.17 -10.46
CA GLU B 417 23.80 -13.97 -9.35
C GLU B 417 23.39 -14.88 -8.20
N THR B 418 24.38 -15.42 -7.49
CA THR B 418 24.15 -16.27 -6.34
C THR B 418 24.56 -15.52 -5.08
N ASP B 419 23.72 -15.60 -4.04
CA ASP B 419 24.00 -14.88 -2.81
C ASP B 419 25.20 -15.49 -2.10
N GLY B 420 25.69 -14.76 -1.08
CA GLY B 420 26.84 -15.23 -0.33
C GLY B 420 26.59 -16.53 0.39
N TYR B 421 25.36 -16.77 0.83
CA TYR B 421 25.01 -18.00 1.52
C TYR B 421 24.94 -19.20 0.59
N LEU B 422 25.02 -18.98 -0.73
CA LEU B 422 25.02 -20.06 -1.72
C LEU B 422 23.78 -20.93 -1.60
N THR B 423 22.62 -20.28 -1.42
CA THR B 423 21.37 -20.99 -1.22
C THR B 423 20.35 -20.81 -2.34
N LYS B 424 20.50 -19.80 -3.20
CA LYS B 424 19.54 -19.57 -4.27
C LYS B 424 20.19 -18.78 -5.39
N MET B 425 19.55 -18.81 -6.56
CA MET B 425 20.00 -18.10 -7.75
C MET B 425 18.86 -17.23 -8.26
N THR B 426 19.15 -15.96 -8.51
CA THR B 426 18.15 -14.98 -8.93
C THR B 426 18.62 -14.29 -10.20
N CYS B 427 17.71 -14.09 -11.16
CA CYS B 427 18.01 -13.25 -12.31
C CYS B 427 16.75 -12.84 -13.06
N ARG B 428 16.96 -11.88 -13.96
CA ARG B 428 15.91 -11.15 -14.65
C ARG B 428 16.25 -11.08 -16.12
N TRP B 429 15.24 -10.84 -16.95
CA TRP B 429 15.45 -10.58 -18.38
C TRP B 429 14.90 -9.19 -18.70
N SER B 430 15.52 -8.52 -19.68
CA SER B 430 15.37 -7.09 -19.84
C SER B 430 14.87 -6.69 -21.22
N THR B 431 13.81 -7.35 -21.70
CA THR B 431 13.29 -7.07 -23.04
C THR B 431 11.86 -6.54 -23.04
N SER B 432 11.16 -6.56 -21.90
CA SER B 432 9.75 -6.16 -21.89
C SER B 432 9.61 -4.66 -22.14
N THR B 433 10.47 -3.84 -21.54
CA THR B 433 10.32 -2.40 -21.64
C THR B 433 11.18 -1.82 -22.75
N ILE B 434 12.43 -2.26 -22.86
CA ILE B 434 13.35 -1.66 -23.83
C ILE B 434 12.90 -1.94 -25.25
N GLN B 435 12.56 -3.18 -25.55
CA GLN B 435 12.11 -3.54 -26.88
C GLN B 435 10.71 -2.97 -27.15
N SER B 436 10.37 -2.86 -28.43
CA SER B 436 9.17 -2.16 -28.84
C SER B 436 7.99 -3.11 -29.05
N LEU B 437 8.23 -4.29 -29.61
CA LEU B 437 7.13 -5.20 -29.95
C LEU B 437 6.54 -5.80 -28.70
N ALA B 438 5.42 -5.25 -28.24
CA ALA B 438 4.68 -5.77 -27.11
C ALA B 438 3.62 -6.76 -27.62
N GLU B 439 2.67 -7.11 -26.77
CA GLU B 439 1.55 -8.00 -27.11
C GLU B 439 2.11 -9.36 -27.60
N SER B 440 2.69 -10.06 -26.64
CA SER B 440 3.21 -11.41 -26.87
C SER B 440 3.47 -12.06 -25.53
N THR B 441 2.90 -13.25 -25.34
CA THR B 441 3.15 -14.00 -24.11
C THR B 441 4.58 -14.54 -24.09
N LEU B 442 5.26 -14.34 -22.96
CA LEU B 442 6.66 -14.73 -22.82
C LEU B 442 6.82 -15.65 -21.63
N GLN B 443 7.78 -16.56 -21.72
CA GLN B 443 8.05 -17.52 -20.66
C GLN B 443 9.55 -17.82 -20.64
N LEU B 444 9.96 -18.60 -19.63
CA LEU B 444 11.35 -18.99 -19.47
C LEU B 444 11.44 -20.50 -19.34
N ARG B 445 12.37 -21.09 -20.07
CA ARG B 445 12.59 -22.53 -20.06
C ARG B 445 14.01 -22.83 -19.62
N TYR B 446 14.17 -23.84 -18.76
CA TYR B 446 15.47 -24.23 -18.25
C TYR B 446 15.65 -25.74 -18.37
N HIS B 447 16.88 -26.13 -18.64
CA HIS B 447 17.26 -27.54 -18.72
C HIS B 447 18.49 -27.76 -17.88
N ARG B 448 18.56 -28.91 -17.21
CA ARG B 448 19.61 -29.20 -16.25
C ARG B 448 20.41 -30.42 -16.68
N SER B 449 21.73 -30.33 -16.55
CA SER B 449 22.64 -31.44 -16.81
C SER B 449 23.45 -31.72 -15.56
N SER B 450 23.78 -33.00 -15.36
CA SER B 450 24.46 -33.40 -14.13
C SER B 450 25.84 -32.75 -14.02
N LEU B 451 26.59 -32.72 -15.11
CA LEU B 451 27.91 -32.13 -15.11
C LEU B 451 27.84 -30.68 -15.60
N TYR B 452 28.99 -30.06 -15.80
CA TYR B 452 29.03 -28.74 -16.42
C TYR B 452 28.52 -28.82 -17.85
N CYS B 453 27.86 -27.76 -18.30
CA CYS B 453 27.31 -27.74 -19.65
C CYS B 453 28.43 -27.79 -20.67
N SER B 454 28.20 -28.55 -21.74
CA SER B 454 29.23 -28.78 -22.74
C SER B 454 29.58 -27.48 -23.46
N ASP B 455 30.87 -27.36 -23.83
CA ASP B 455 31.33 -26.18 -24.56
C ASP B 455 30.74 -26.13 -25.97
N ILE B 456 30.42 -27.29 -26.53
CA ILE B 456 29.82 -27.36 -27.87
C ILE B 456 28.43 -26.74 -27.82
N PRO B 457 27.97 -26.09 -28.88
CA PRO B 457 26.64 -25.47 -28.86
C PRO B 457 25.55 -26.39 -29.38
N SER B 458 24.42 -26.36 -28.70
CA SER B 458 23.25 -27.15 -29.08
C SER B 458 22.05 -26.63 -28.30
N ILE B 459 20.86 -26.89 -28.83
CA ILE B 459 19.60 -26.53 -28.19
C ILE B 459 18.93 -27.81 -27.72
N HIS B 460 18.52 -27.82 -26.46
CA HIS B 460 17.95 -29.02 -25.86
C HIS B 460 16.48 -29.16 -26.25
N PRO B 461 16.08 -30.24 -26.92
CA PRO B 461 14.65 -30.39 -27.28
C PRO B 461 13.73 -30.44 -26.08
N ILE B 462 14.18 -30.99 -24.97
CA ILE B 462 13.34 -31.16 -23.78
C ILE B 462 13.55 -29.97 -22.85
N SER B 463 12.45 -29.40 -22.38
CA SER B 463 12.50 -28.25 -21.48
C SER B 463 11.31 -28.33 -20.52
N GLU B 464 11.47 -27.69 -19.36
CA GLU B 464 10.43 -27.62 -18.35
C GLU B 464 10.11 -26.16 -18.10
N PRO B 465 8.84 -25.77 -18.16
CA PRO B 465 8.48 -24.36 -17.95
C PRO B 465 8.79 -23.91 -16.54
N LYS B 466 9.18 -22.64 -16.42
CA LYS B 466 9.41 -21.99 -15.13
C LYS B 466 8.67 -20.66 -15.16
N ASP B 467 7.39 -20.68 -14.81
CA ASP B 467 6.61 -19.46 -14.74
C ASP B 467 7.09 -18.60 -13.57
N CYS B 468 7.21 -17.30 -13.81
CA CYS B 468 7.71 -16.42 -12.76
C CYS B 468 7.29 -14.98 -13.03
N TYR B 469 7.35 -14.17 -11.98
CA TYR B 469 6.60 -12.92 -11.91
C TYR B 469 7.41 -11.74 -12.45
N LEU B 470 6.91 -10.54 -12.19
CA LEU B 470 7.43 -9.28 -12.72
C LEU B 470 7.69 -8.30 -11.59
N GLN B 471 8.62 -7.38 -11.82
CA GLN B 471 8.97 -6.36 -10.84
C GLN B 471 8.48 -5.01 -11.33
N SER B 472 8.33 -4.07 -10.39
CA SER B 472 7.84 -2.74 -10.72
C SER B 472 8.78 -2.01 -11.67
N ASP B 473 10.08 -2.30 -11.58
CA ASP B 473 11.05 -1.66 -12.47
C ASP B 473 10.87 -2.10 -13.92
N GLY B 474 10.10 -3.16 -14.17
CA GLY B 474 9.93 -3.70 -15.50
C GLY B 474 10.83 -4.88 -15.80
N PHE B 475 11.58 -5.37 -14.83
CA PHE B 475 12.50 -6.49 -15.01
C PHE B 475 11.87 -7.72 -14.35
N TYR B 476 11.71 -8.79 -15.11
CA TYR B 476 11.08 -9.99 -14.58
C TYR B 476 12.04 -10.76 -13.67
N GLU B 477 12.06 -10.39 -12.39
CA GLU B 477 12.85 -11.07 -11.38
C GLU B 477 12.13 -12.34 -10.93
N CYS B 478 12.88 -13.43 -10.85
CA CYS B 478 12.37 -14.70 -10.33
C CYS B 478 13.55 -15.61 -9.99
N ILE B 479 13.31 -16.56 -9.07
CA ILE B 479 14.37 -17.19 -8.31
C ILE B 479 14.25 -18.71 -8.43
N PHE B 480 15.36 -19.39 -8.14
CA PHE B 480 15.39 -20.84 -7.95
C PHE B 480 15.75 -21.11 -6.49
N GLN B 481 14.81 -21.63 -5.73
CA GLN B 481 15.04 -21.82 -4.29
C GLN B 481 16.06 -22.94 -4.04
N PRO B 482 15.89 -24.15 -4.62
CA PRO B 482 16.97 -25.13 -4.51
C PRO B 482 17.93 -25.04 -5.70
N ILE B 483 19.23 -25.06 -5.43
CA ILE B 483 20.24 -24.87 -6.48
C ILE B 483 21.23 -26.01 -6.42
N PHE B 484 21.56 -26.56 -7.59
CA PHE B 484 22.63 -27.53 -7.73
C PHE B 484 23.91 -26.75 -8.05
N LEU B 485 24.89 -26.85 -7.15
CA LEU B 485 26.04 -25.94 -7.21
C LEU B 485 26.86 -26.13 -8.48
N LEU B 486 27.11 -27.38 -8.87
CA LEU B 486 28.03 -27.68 -9.96
C LEU B 486 27.36 -28.23 -11.20
N SER B 487 26.05 -28.06 -11.34
CA SER B 487 25.34 -28.54 -12.52
C SER B 487 25.08 -27.39 -13.49
N GLY B 488 25.18 -27.70 -14.79
CA GLY B 488 25.01 -26.71 -15.82
C GLY B 488 23.54 -26.37 -16.07
N TYR B 489 23.29 -25.09 -16.32
CA TYR B 489 21.94 -24.57 -16.57
C TYR B 489 21.90 -23.93 -17.94
N THR B 490 20.91 -24.31 -18.74
CA THR B 490 20.68 -23.72 -20.05
C THR B 490 19.31 -23.05 -20.05
N MET B 491 19.28 -21.75 -20.32
CA MET B 491 18.06 -20.96 -20.26
C MET B 491 17.87 -20.18 -21.56
N TRP B 492 16.60 -20.00 -21.94
CA TRP B 492 16.25 -19.18 -23.09
C TRP B 492 14.85 -18.62 -22.89
N ILE B 493 14.56 -17.55 -23.61
CA ILE B 493 13.28 -16.86 -23.52
C ILE B 493 12.45 -17.19 -24.74
N ARG B 494 11.19 -17.56 -24.53
CA ARG B 494 10.30 -17.98 -25.60
C ARG B 494 9.25 -16.91 -25.86
N ILE B 495 9.38 -16.20 -26.97
CA ILE B 495 8.30 -15.35 -27.47
C ILE B 495 7.34 -16.23 -28.27
N ASN B 496 6.05 -16.13 -27.98
CA ASN B 496 5.10 -17.11 -28.50
C ASN B 496 3.90 -16.34 -29.05
N HIS B 497 3.97 -16.01 -30.34
CA HIS B 497 3.03 -15.12 -31.01
C HIS B 497 1.76 -15.88 -31.40
N SER B 498 0.85 -15.18 -32.06
CA SER B 498 -0.39 -15.79 -32.51
C SER B 498 -0.19 -16.66 -33.73
N LEU B 499 0.69 -16.26 -34.65
CA LEU B 499 0.92 -16.97 -35.89
C LEU B 499 2.10 -17.94 -35.83
N GLY B 500 2.73 -18.08 -34.67
CA GLY B 500 3.86 -18.98 -34.56
C GLY B 500 4.58 -18.77 -33.24
N SER B 501 5.82 -19.28 -33.19
CA SER B 501 6.63 -19.16 -31.99
C SER B 501 8.10 -19.11 -32.38
N LEU B 502 8.91 -18.52 -31.50
CA LEU B 502 10.35 -18.41 -31.70
C LEU B 502 11.06 -18.54 -30.36
N ASP B 503 12.33 -18.94 -30.42
CA ASP B 503 13.14 -19.15 -29.24
C ASP B 503 14.36 -18.25 -29.28
N SER B 504 14.65 -17.59 -28.16
CA SER B 504 15.82 -16.75 -28.05
C SER B 504 17.09 -17.61 -27.98
N PRO B 505 18.24 -17.04 -28.32
CA PRO B 505 19.50 -17.79 -28.23
C PRO B 505 19.76 -18.26 -26.81
N PRO B 506 20.32 -19.46 -26.65
CA PRO B 506 20.55 -19.99 -25.29
C PRO B 506 21.81 -19.46 -24.64
N THR B 507 22.09 -19.93 -23.43
CA THR B 507 23.28 -19.50 -22.69
C THR B 507 23.58 -20.54 -21.62
N CYS B 508 24.81 -20.47 -21.10
CA CYS B 508 25.28 -21.34 -20.03
C CYS B 508 25.51 -20.51 -18.78
N VAL B 509 24.91 -20.93 -17.67
CA VAL B 509 25.09 -20.29 -16.37
C VAL B 509 25.47 -21.37 -15.36
N LEU B 510 26.64 -21.20 -14.74
CA LEU B 510 27.10 -22.14 -13.73
C LEU B 510 27.08 -21.47 -12.36
N PRO B 511 26.38 -22.05 -11.38
CA PRO B 511 26.25 -21.38 -10.07
C PRO B 511 27.58 -21.11 -9.37
N ASP B 512 28.57 -21.99 -9.54
CA ASP B 512 29.84 -21.81 -8.84
C ASP B 512 30.59 -20.60 -9.37
N SER B 513 30.65 -20.43 -10.68
CA SER B 513 31.39 -19.35 -11.31
C SER B 513 30.61 -18.03 -11.32
N VAL B 514 29.58 -17.92 -10.49
CA VAL B 514 28.72 -16.74 -10.49
C VAL B 514 28.55 -16.10 -9.11
N VAL B 515 28.74 -16.84 -8.02
CA VAL B 515 28.40 -16.35 -6.69
C VAL B 515 29.24 -15.13 -6.33
N LYS B 516 28.57 -14.09 -5.82
CA LYS B 516 29.25 -12.92 -5.26
C LYS B 516 29.40 -13.09 -3.77
N PRO B 517 30.61 -12.98 -3.23
CA PRO B 517 30.81 -13.25 -1.80
C PRO B 517 30.23 -12.15 -0.92
N LEU B 518 29.96 -12.53 0.34
CA LEU B 518 29.52 -11.57 1.34
C LEU B 518 30.67 -10.62 1.69
N PRO B 519 30.36 -9.41 2.14
CA PRO B 519 31.42 -8.47 2.49
C PRO B 519 32.23 -8.98 3.67
N PRO B 520 33.53 -8.67 3.72
CA PRO B 520 34.34 -9.09 4.86
C PRO B 520 33.87 -8.40 6.13
N SER B 521 34.05 -9.10 7.25
CA SER B 521 33.54 -8.66 8.54
C SER B 521 34.69 -8.32 9.49
N SER B 522 34.37 -7.49 10.48
CA SER B 522 35.30 -7.10 11.54
C SER B 522 36.54 -6.42 10.97
N VAL B 523 36.31 -5.27 10.33
CA VAL B 523 37.38 -4.44 9.81
C VAL B 523 37.80 -3.47 10.91
N LYS B 524 39.07 -3.56 11.32
CA LYS B 524 39.61 -2.69 12.37
C LYS B 524 40.88 -2.04 11.87
N ALA B 525 40.98 -0.73 12.07
CA ALA B 525 42.14 0.05 11.61
C ALA B 525 42.76 0.78 12.78
N GLU B 526 44.09 0.81 12.82
CA GLU B 526 44.83 1.50 13.86
C GLU B 526 46.17 1.93 13.30
N ILE B 527 46.84 2.83 14.02
CA ILE B 527 48.12 3.37 13.62
C ILE B 527 49.20 2.67 14.42
N THR B 528 50.18 2.10 13.73
CA THR B 528 51.27 1.41 14.40
C THR B 528 52.09 2.40 15.22
N ILE B 529 52.47 1.99 16.42
CA ILE B 529 53.17 2.85 17.37
C ILE B 529 54.68 2.68 17.18
N ASN B 530 55.40 3.79 17.36
CA ASN B 530 56.83 3.90 17.08
C ASN B 530 57.20 3.56 15.65
N ILE B 531 56.21 3.39 14.77
CA ILE B 531 56.49 3.09 13.38
C ILE B 531 55.76 4.10 12.49
N GLY B 532 54.64 4.62 12.97
CA GLY B 532 53.93 5.65 12.25
C GLY B 532 53.23 5.21 10.98
N LEU B 533 52.92 3.94 10.83
CA LEU B 533 52.21 3.44 9.66
C LEU B 533 50.80 3.01 10.03
N LEU B 534 50.02 2.67 9.00
CA LEU B 534 48.63 2.29 9.15
C LEU B 534 48.49 0.80 8.88
N LYS B 535 47.91 0.08 9.84
CA LYS B 535 47.70 -1.36 9.72
C LYS B 535 46.20 -1.66 9.70
N ILE B 536 45.78 -2.44 8.71
CA ILE B 536 44.38 -2.81 8.53
C ILE B 536 44.27 -4.32 8.56
N SER B 537 43.33 -4.83 9.36
CA SER B 537 43.08 -6.25 9.49
C SER B 537 41.68 -6.59 8.99
N TRP B 538 41.48 -7.85 8.62
CA TRP B 538 40.21 -8.29 8.06
C TRP B 538 40.00 -9.76 8.39
N GLU B 539 38.76 -10.21 8.20
CA GLU B 539 38.38 -11.60 8.36
C GLU B 539 37.80 -12.12 7.05
N LYS B 540 38.26 -13.28 6.62
CA LYS B 540 37.76 -13.88 5.39
C LYS B 540 36.30 -14.29 5.58
N PRO B 541 35.43 -14.02 4.61
CA PRO B 541 34.04 -14.46 4.72
C PRO B 541 33.92 -15.98 4.69
N VAL B 542 32.82 -16.46 5.26
CA VAL B 542 32.61 -17.90 5.39
C VAL B 542 32.49 -18.56 4.02
N PHE B 543 31.88 -17.87 3.05
CA PHE B 543 31.73 -18.38 1.71
C PHE B 543 32.20 -17.36 0.69
N PRO B 544 32.75 -17.80 -0.45
CA PRO B 544 33.01 -19.19 -0.86
C PRO B 544 34.28 -19.75 -0.23
N GLU B 545 34.54 -21.04 -0.40
CA GLU B 545 35.70 -21.68 0.20
C GLU B 545 36.95 -21.58 -0.67
N ASN B 546 36.86 -20.94 -1.83
CA ASN B 546 38.02 -20.79 -2.70
C ASN B 546 38.89 -19.61 -2.23
N ASN B 547 40.13 -19.60 -2.71
CA ASN B 547 41.02 -18.49 -2.43
C ASN B 547 40.53 -17.22 -3.10
N LEU B 548 40.59 -16.11 -2.36
CA LEU B 548 40.02 -14.84 -2.80
C LEU B 548 41.11 -13.77 -2.85
N GLN B 549 40.71 -12.58 -3.27
CA GLN B 549 41.57 -11.40 -3.28
C GLN B 549 40.80 -10.22 -2.72
N PHE B 550 41.52 -9.25 -2.18
CA PHE B 550 40.92 -8.12 -1.47
C PHE B 550 41.32 -6.81 -2.13
N GLN B 551 40.66 -5.73 -1.68
CA GLN B 551 40.94 -4.39 -2.17
C GLN B 551 40.72 -3.41 -1.02
N ILE B 552 41.62 -2.44 -0.90
CA ILE B 552 41.65 -1.50 0.22
C ILE B 552 41.31 -0.10 -0.27
N ARG B 553 40.43 0.58 0.45
CA ARG B 553 40.12 1.99 0.23
C ARG B 553 40.28 2.74 1.54
N TYR B 554 40.89 3.92 1.48
CA TYR B 554 41.05 4.75 2.67
C TYR B 554 41.16 6.21 2.26
N GLY B 555 40.97 7.09 3.23
CA GLY B 555 41.10 8.51 2.99
C GLY B 555 40.79 9.29 4.24
N LEU B 556 41.08 10.60 4.17
CA LEU B 556 40.82 11.48 5.29
C LEU B 556 39.31 11.66 5.48
N SER B 557 38.88 11.65 6.74
CA SER B 557 37.46 11.80 7.04
C SER B 557 36.99 13.21 6.72
N GLY B 558 35.78 13.31 6.17
CA GLY B 558 35.21 14.59 5.84
C GLY B 558 33.92 14.41 5.07
N LYS B 559 33.33 15.55 4.70
CA LYS B 559 32.11 15.52 3.90
C LYS B 559 32.35 14.88 2.54
N GLU B 560 33.46 15.24 1.89
CA GLU B 560 33.91 14.59 0.67
C GLU B 560 35.27 13.96 0.94
N VAL B 561 35.38 12.66 0.68
CA VAL B 561 36.56 11.88 1.02
C VAL B 561 37.30 11.51 -0.26
N GLN B 562 38.62 11.63 -0.22
CA GLN B 562 39.48 11.20 -1.33
C GLN B 562 39.89 9.75 -1.11
N TRP B 563 39.76 8.95 -2.17
CA TRP B 563 40.00 7.52 -2.09
C TRP B 563 41.26 7.17 -2.88
N LYS B 564 42.23 6.57 -2.20
CA LYS B 564 43.41 6.01 -2.85
C LYS B 564 43.50 4.54 -2.48
N MET B 565 43.58 3.67 -3.48
CA MET B 565 43.32 2.25 -3.32
C MET B 565 44.61 1.43 -3.41
N TYR B 566 44.57 0.26 -2.79
CA TYR B 566 45.67 -0.70 -2.83
C TYR B 566 45.09 -2.09 -3.08
N GLU B 567 45.86 -2.91 -3.79
CA GLU B 567 45.44 -4.26 -4.16
C GLU B 567 46.27 -5.29 -3.41
N VAL B 568 45.60 -6.34 -2.93
CA VAL B 568 46.23 -7.44 -2.22
C VAL B 568 45.98 -8.72 -3.01
N TYR B 569 47.04 -9.46 -3.29
CA TYR B 569 46.97 -10.67 -4.10
C TYR B 569 47.46 -11.88 -3.32
N ASP B 570 47.05 -12.01 -2.07
CA ASP B 570 47.43 -13.14 -1.24
C ASP B 570 46.20 -13.67 -0.51
N ALA B 571 46.27 -14.93 -0.13
CA ALA B 571 45.15 -15.60 0.53
C ALA B 571 45.31 -15.71 2.04
N LYS B 572 46.50 -16.04 2.52
CA LYS B 572 46.73 -16.21 3.95
C LYS B 572 47.09 -14.91 4.67
N SER B 573 47.22 -13.81 3.94
CA SER B 573 47.57 -12.52 4.55
C SER B 573 46.32 -11.91 5.17
N LYS B 574 46.30 -11.83 6.50
CA LYS B 574 45.15 -11.32 7.24
C LYS B 574 45.34 -9.88 7.70
N SER B 575 46.48 -9.27 7.40
CA SER B 575 46.76 -7.90 7.82
C SER B 575 47.83 -7.32 6.93
N VAL B 576 47.71 -6.03 6.62
CA VAL B 576 48.69 -5.32 5.81
C VAL B 576 49.05 -4.01 6.49
N SER B 577 50.26 -3.54 6.23
CA SER B 577 50.75 -2.28 6.77
C SER B 577 51.23 -1.40 5.62
N LEU B 578 50.75 -0.17 5.58
CA LEU B 578 50.98 0.74 4.47
C LEU B 578 51.20 2.16 4.96
N PRO B 579 51.94 2.98 4.21
CA PRO B 579 52.30 4.31 4.67
C PRO B 579 51.26 5.38 4.41
N VAL B 580 51.33 6.43 5.22
CA VAL B 580 50.45 7.58 5.12
C VAL B 580 51.30 8.85 5.25
N PRO B 581 50.90 9.97 4.66
CA PRO B 581 51.71 11.18 4.81
C PRO B 581 51.50 11.95 6.12
N ASP B 582 50.28 12.03 6.65
CA ASP B 582 50.01 12.69 7.91
C ASP B 582 49.60 11.66 8.95
N LEU B 583 49.80 12.01 10.22
CA LEU B 583 49.64 11.06 11.32
C LEU B 583 48.36 11.30 12.12
N CYS B 584 48.15 12.52 12.59
CA CYS B 584 47.11 12.77 13.58
C CYS B 584 45.71 12.64 13.01
N ALA B 585 45.52 12.97 11.72
CA ALA B 585 44.18 13.01 11.15
C ALA B 585 43.51 11.64 11.19
N VAL B 586 42.21 11.65 11.44
CA VAL B 586 41.43 10.42 11.52
C VAL B 586 41.20 9.87 10.13
N TYR B 587 41.39 8.56 9.97
CA TYR B 587 41.23 7.87 8.70
C TYR B 587 39.95 7.05 8.71
N ALA B 588 39.64 6.43 7.57
CA ALA B 588 38.49 5.55 7.43
C ALA B 588 38.79 4.55 6.33
N VAL B 589 38.53 3.27 6.60
CA VAL B 589 38.88 2.20 5.68
C VAL B 589 37.65 1.34 5.38
N GLN B 590 37.65 0.75 4.18
CA GLN B 590 36.62 -0.17 3.75
C GLN B 590 37.24 -1.22 2.85
N VAL B 591 36.76 -2.46 2.98
CA VAL B 591 37.33 -3.60 2.26
C VAL B 591 36.23 -4.34 1.53
N ARG B 592 36.62 -4.98 0.42
CA ARG B 592 35.73 -5.86 -0.33
C ARG B 592 36.54 -7.02 -0.89
N CYS B 593 35.84 -8.10 -1.24
CA CYS B 593 36.48 -9.33 -1.66
C CYS B 593 36.00 -9.78 -3.03
N LYS B 594 36.82 -10.60 -3.69
CA LYS B 594 36.55 -11.11 -5.02
C LYS B 594 37.40 -12.35 -5.23
N ARG B 595 36.85 -13.31 -5.98
CA ARG B 595 37.57 -14.55 -6.26
C ARG B 595 38.84 -14.26 -7.05
N LEU B 596 39.89 -15.04 -6.75
CA LEU B 596 41.20 -14.76 -7.32
C LEU B 596 41.26 -15.11 -8.81
N ASP B 597 40.66 -16.23 -9.18
CA ASP B 597 40.77 -16.71 -10.57
C ASP B 597 40.15 -15.75 -11.58
N GLY B 598 39.02 -15.14 -11.24
CA GLY B 598 38.37 -14.16 -12.10
C GLY B 598 36.89 -14.40 -12.33
N LEU B 599 36.42 -15.65 -12.21
CA LEU B 599 35.00 -15.96 -12.40
C LEU B 599 34.28 -15.63 -11.11
N GLY B 600 33.58 -14.51 -11.10
CA GLY B 600 32.85 -14.08 -9.94
C GLY B 600 32.54 -12.60 -10.01
N TYR B 601 31.82 -12.14 -9.00
CA TYR B 601 31.42 -10.74 -8.88
C TYR B 601 32.03 -10.12 -7.63
N TRP B 602 32.34 -8.83 -7.72
CA TRP B 602 32.88 -8.12 -6.56
C TRP B 602 31.83 -7.99 -5.46
N SER B 603 32.30 -8.02 -4.23
CA SER B 603 31.42 -7.91 -3.08
C SER B 603 31.08 -6.44 -2.82
N ASN B 604 30.32 -6.17 -1.77
CA ASN B 604 29.95 -4.83 -1.39
C ASN B 604 30.87 -4.33 -0.28
N TRP B 605 31.03 -3.01 -0.22
CA TRP B 605 31.91 -2.41 0.78
C TRP B 605 31.40 -2.69 2.18
N SER B 606 32.31 -3.08 3.07
CA SER B 606 31.94 -3.39 4.44
C SER B 606 31.62 -2.11 5.22
N ASN B 607 31.21 -2.28 6.46
CA ASN B 607 30.93 -1.14 7.32
C ASN B 607 32.22 -0.36 7.56
N PRO B 608 32.20 0.96 7.45
CA PRO B 608 33.43 1.73 7.61
C PRO B 608 34.01 1.61 9.01
N ALA B 609 35.33 1.64 9.10
CA ALA B 609 36.06 1.58 10.36
C ALA B 609 36.75 2.90 10.61
N TYR B 610 36.78 3.32 11.87
CA TYR B 610 37.37 4.60 12.26
C TYR B 610 38.49 4.38 13.26
N THR B 611 39.51 5.22 13.17
CA THR B 611 40.68 5.13 14.02
C THR B 611 40.59 6.18 15.14
N VAL B 612 41.51 6.05 16.10
CA VAL B 612 41.56 6.94 17.27
C VAL B 612 42.96 7.51 17.37
N VAL B 613 43.05 8.82 17.57
CA VAL B 613 44.34 9.49 17.66
C VAL B 613 45.08 9.03 18.91
N MET B 614 46.35 8.69 18.75
CA MET B 614 47.17 8.20 19.85
C MET B 614 48.57 8.77 19.71
N ASP B 615 49.30 8.78 20.82
CA ASP B 615 50.67 9.30 20.84
C ASP B 615 51.57 8.31 20.11
N ILE B 616 51.80 8.56 18.82
CA ILE B 616 52.55 7.62 18.00
C ILE B 616 54.03 7.61 18.40
N LYS B 617 54.62 8.79 18.58
CA LYS B 617 56.04 8.90 18.83
C LYS B 617 56.32 10.10 19.72
N VAL B 618 57.52 10.13 20.28
CA VAL B 618 57.93 11.27 21.10
C VAL B 618 58.06 12.50 20.22
N PRO B 619 57.77 13.71 20.71
CA PRO B 619 57.97 14.91 19.90
C PRO B 619 59.43 15.06 19.50
N MET B 620 59.64 15.50 18.26
CA MET B 620 60.99 15.57 17.73
C MET B 620 61.76 16.76 18.28
N ARG B 621 61.10 17.89 18.50
CA ARG B 621 61.76 19.08 19.00
C ARG B 621 60.84 19.81 19.97
N GLY B 622 61.45 20.55 20.89
CA GLY B 622 60.71 21.32 21.87
C GLY B 622 60.32 22.68 21.34
N PRO B 623 59.80 23.53 22.22
CA PRO B 623 59.36 24.87 21.79
C PRO B 623 60.47 25.91 21.89
N GLU B 624 60.17 27.14 21.47
CA GLU B 624 61.10 28.25 21.59
C GLU B 624 60.71 29.12 22.78
N PHE B 625 61.72 29.67 23.46
CA PHE B 625 61.51 30.41 24.69
C PHE B 625 62.29 31.71 24.65
N TRP B 626 61.85 32.68 25.45
CA TRP B 626 62.55 33.94 25.55
C TRP B 626 62.52 34.43 27.00
N ARG B 627 63.19 35.57 27.22
CA ARG B 627 63.58 36.04 28.55
C ARG B 627 63.03 37.44 28.77
N ILE B 628 62.27 37.61 29.86
CA ILE B 628 61.88 38.92 30.37
C ILE B 628 62.10 38.91 31.88
N ILE B 629 62.66 40.00 32.40
CA ILE B 629 62.92 40.13 33.84
C ILE B 629 62.28 41.42 34.34
N ASN B 630 61.48 41.30 35.40
CA ASN B 630 60.87 42.45 36.05
C ASN B 630 61.57 42.84 37.34
N GLY B 631 62.65 42.14 37.70
CA GLY B 631 63.34 42.43 38.94
C GLY B 631 64.22 43.67 38.85
N ASP B 632 64.71 44.08 40.01
CA ASP B 632 65.55 45.26 40.10
C ASP B 632 66.97 44.97 39.62
N THR B 633 67.66 46.03 39.19
CA THR B 633 68.99 45.89 38.62
C THR B 633 70.06 45.63 39.69
N MET B 634 69.98 46.32 40.83
CA MET B 634 71.07 46.27 41.80
C MET B 634 71.21 44.88 42.43
N LYS B 635 70.08 44.20 42.68
CA LYS B 635 70.15 42.88 43.31
C LYS B 635 70.79 41.88 42.36
N LYS B 636 71.66 41.04 42.92
CA LYS B 636 72.37 40.04 42.11
C LYS B 636 71.38 39.05 41.48
N GLU B 637 70.41 38.58 42.27
CA GLU B 637 69.37 37.73 41.74
C GLU B 637 68.35 38.55 40.97
N LYS B 638 67.76 37.93 39.95
CA LYS B 638 66.77 38.58 39.09
C LYS B 638 65.49 37.78 39.11
N ASN B 639 64.35 38.49 39.06
CA ASN B 639 63.06 37.83 38.94
C ASN B 639 62.87 37.35 37.50
N VAL B 640 63.49 36.23 37.16
CA VAL B 640 63.54 35.75 35.78
C VAL B 640 62.21 35.11 35.42
N THR B 641 61.64 35.55 34.29
CA THR B 641 60.42 34.96 33.75
C THR B 641 60.66 34.61 32.29
N LEU B 642 60.35 33.37 31.92
CA LEU B 642 60.54 32.89 30.56
C LEU B 642 59.23 32.35 30.02
N LEU B 643 58.94 32.68 28.76
CA LEU B 643 57.67 32.34 28.14
C LEU B 643 57.90 31.54 26.86
N TRP B 644 56.95 30.65 26.56
CA TRP B 644 56.99 29.86 25.35
C TRP B 644 55.57 29.61 24.88
N LYS B 645 55.43 29.39 23.58
CA LYS B 645 54.13 29.20 22.94
C LYS B 645 53.82 27.72 22.79
N PRO B 646 52.55 27.33 22.79
CA PRO B 646 52.19 25.92 22.68
C PRO B 646 52.61 25.33 21.34
N LEU B 647 52.96 24.05 21.37
CA LEU B 647 53.31 23.34 20.15
C LEU B 647 52.05 23.00 19.36
N MET B 648 52.21 22.91 18.04
CA MET B 648 51.08 22.73 17.15
C MET B 648 50.70 21.25 17.06
N LYS B 649 49.73 20.95 16.21
CA LYS B 649 49.22 19.59 16.08
C LYS B 649 50.25 18.67 15.41
N ASN B 650 50.90 19.18 14.36
CA ASN B 650 51.87 18.38 13.60
C ASN B 650 53.24 18.35 14.24
N ASP B 651 53.44 19.05 15.35
CA ASP B 651 54.74 19.11 16.02
C ASP B 651 54.77 18.31 17.32
N SER B 652 53.67 18.26 18.06
CA SER B 652 53.62 17.55 19.34
C SER B 652 52.81 16.26 19.26
N LEU B 653 52.57 15.74 18.06
CA LEU B 653 51.80 14.51 17.86
C LEU B 653 50.40 14.61 18.48
N CYS B 654 49.80 15.80 18.38
CA CYS B 654 48.42 16.04 18.79
C CYS B 654 48.18 15.75 20.28
N SER B 655 49.22 15.89 21.09
CA SER B 655 49.07 15.65 22.52
C SER B 655 50.16 16.40 23.28
N VAL B 656 49.75 17.07 24.36
CA VAL B 656 50.67 17.70 25.30
C VAL B 656 50.24 17.29 26.69
N GLN B 657 51.14 16.63 27.43
CA GLN B 657 50.84 16.18 28.78
C GLN B 657 51.19 17.23 29.82
N ARG B 658 52.46 17.64 29.85
CA ARG B 658 52.92 18.68 30.78
C ARG B 658 54.20 19.27 30.22
N TYR B 659 54.73 20.26 30.91
CA TYR B 659 55.97 20.92 30.54
C TYR B 659 56.99 20.76 31.66
N VAL B 660 58.24 20.50 31.29
CA VAL B 660 59.34 20.34 32.23
C VAL B 660 60.48 21.24 31.77
N ILE B 661 61.06 21.97 32.72
CA ILE B 661 62.13 22.94 32.44
C ILE B 661 63.41 22.43 33.09
N ASN B 662 64.48 22.36 32.30
CA ASN B 662 65.77 21.90 32.78
C ASN B 662 66.67 23.13 33.01
N HIS B 663 67.23 23.22 34.21
CA HIS B 663 68.13 24.31 34.58
C HIS B 663 69.53 23.76 34.79
N HIS B 664 70.52 24.42 34.19
CA HIS B 664 71.90 23.97 34.23
C HIS B 664 72.78 25.07 34.78
N THR B 665 73.73 24.70 35.63
CA THR B 665 74.68 25.62 36.22
C THR B 665 76.02 24.91 36.38
N SER B 666 76.94 25.54 37.12
CA SER B 666 78.22 24.92 37.40
C SER B 666 78.04 23.64 38.21
N CYS B 667 77.14 23.68 39.20
CA CYS B 667 76.85 22.48 39.98
C CYS B 667 76.06 21.46 39.19
N ASN B 668 75.48 21.85 38.06
CA ASN B 668 74.73 20.96 37.17
C ASN B 668 73.57 20.29 37.91
N GLY B 669 72.62 21.12 38.35
CA GLY B 669 71.42 20.63 38.99
C GLY B 669 70.61 19.72 38.09
N THR B 670 70.29 18.52 38.59
CA THR B 670 69.61 17.52 37.78
C THR B 670 68.09 17.58 37.89
N TRP B 671 67.55 18.01 39.02
CA TRP B 671 66.11 18.11 39.17
C TRP B 671 65.56 19.18 38.23
N SER B 672 64.46 18.87 37.56
CA SER B 672 63.91 19.73 36.51
C SER B 672 62.48 20.17 36.81
N GLU B 673 62.05 20.08 38.08
CA GLU B 673 60.74 20.53 38.56
C GLU B 673 59.61 20.11 37.64
N ASP B 674 58.54 20.92 37.59
CA ASP B 674 57.39 20.62 36.75
C ASP B 674 56.64 21.93 36.49
N VAL B 675 56.23 22.13 35.23
CA VAL B 675 55.49 23.32 34.86
C VAL B 675 54.04 22.95 34.61
N GLY B 676 53.81 21.74 34.11
CA GLY B 676 52.46 21.27 33.87
C GLY B 676 51.81 21.96 32.68
N ASN B 677 50.47 21.89 32.67
CA ASN B 677 49.71 22.54 31.60
C ASN B 677 49.88 24.06 31.63
N HIS B 678 50.13 24.63 32.80
CA HIS B 678 50.43 26.05 32.89
C HIS B 678 51.79 26.33 32.26
N THR B 679 51.89 27.45 31.54
CA THR B 679 53.03 27.67 30.65
C THR B 679 53.86 28.90 31.02
N LYS B 680 54.19 29.06 32.31
CA LYS B 680 55.06 30.16 32.71
C LYS B 680 55.82 29.73 33.96
N PHE B 681 57.08 30.15 34.03
CA PHE B 681 57.96 29.72 35.12
C PHE B 681 58.77 30.92 35.58
N THR B 682 59.00 31.00 36.89
CA THR B 682 59.75 32.08 37.50
C THR B 682 61.07 31.54 38.04
N PHE B 683 62.17 32.20 37.69
CA PHE B 683 63.50 31.83 38.16
C PHE B 683 64.14 32.97 38.93
N LEU B 684 65.26 32.68 39.57
CA LEU B 684 65.97 33.63 40.39
C LEU B 684 67.38 33.91 39.90
N TRP B 685 68.11 32.89 39.44
CA TRP B 685 69.48 33.01 38.95
C TRP B 685 70.38 33.65 40.01
N THR B 686 70.50 32.96 41.14
CA THR B 686 71.39 33.42 42.20
C THR B 686 72.85 33.08 41.93
N GLU B 687 73.12 32.17 41.00
CA GLU B 687 74.48 31.78 40.67
C GLU B 687 75.11 32.75 39.68
N GLN B 688 76.42 32.61 39.49
CA GLN B 688 77.13 33.48 38.56
C GLN B 688 76.65 33.26 37.12
N ALA B 689 76.45 32.01 36.73
CA ALA B 689 76.00 31.69 35.38
C ALA B 689 74.96 30.57 35.47
N HIS B 690 74.13 30.50 34.44
CA HIS B 690 73.07 29.49 34.40
C HIS B 690 72.69 29.20 32.96
N THR B 691 72.16 28.00 32.73
CA THR B 691 71.66 27.58 31.43
C THR B 691 70.28 26.97 31.61
N VAL B 692 69.37 27.31 30.70
CA VAL B 692 67.98 26.87 30.77
C VAL B 692 67.64 26.07 29.52
N THR B 693 67.01 24.91 29.72
CA THR B 693 66.56 24.06 28.62
C THR B 693 65.13 23.64 28.88
N VAL B 694 64.28 23.81 27.87
CA VAL B 694 62.87 23.44 27.95
C VAL B 694 62.71 22.10 27.24
N LEU B 695 62.18 21.10 27.96
CA LEU B 695 61.98 19.77 27.44
C LEU B 695 60.50 19.50 27.27
N ALA B 696 60.12 18.92 26.14
CA ALA B 696 58.74 18.59 25.84
C ALA B 696 58.50 17.11 26.14
N ILE B 697 57.42 16.84 26.88
CA ILE B 697 57.08 15.48 27.28
C ILE B 697 55.78 15.07 26.59
N ASN B 698 55.59 13.76 26.47
CA ASN B 698 54.37 13.19 25.93
C ASN B 698 54.05 11.91 26.69
N SER B 699 53.02 11.20 26.24
CA SER B 699 52.64 9.95 26.88
C SER B 699 53.69 8.85 26.71
N ILE B 700 54.67 9.04 25.82
CA ILE B 700 55.71 8.05 25.58
C ILE B 700 57.02 8.44 26.26
N GLY B 701 57.51 9.63 26.00
CA GLY B 701 58.77 10.05 26.59
C GLY B 701 59.00 11.53 26.46
N ALA B 702 60.26 11.89 26.27
CA ALA B 702 60.70 13.28 26.20
C ALA B 702 61.37 13.55 24.85
N SER B 703 61.38 14.84 24.48
CA SER B 703 61.99 15.26 23.23
C SER B 703 63.52 15.18 23.35
N VAL B 704 64.18 15.09 22.19
CA VAL B 704 65.62 14.86 22.12
C VAL B 704 66.35 16.09 21.58
N ALA B 705 65.71 16.84 20.68
CA ALA B 705 66.34 18.00 20.05
C ALA B 705 65.65 19.25 20.57
N ASN B 706 66.14 19.77 21.70
CA ASN B 706 65.55 20.90 22.37
C ASN B 706 66.44 22.14 22.21
N PHE B 707 65.84 23.29 22.45
CA PHE B 707 66.55 24.57 22.43
C PHE B 707 67.10 24.87 23.83
N ASN B 708 68.12 25.72 23.87
CA ASN B 708 68.91 25.94 25.07
C ASN B 708 69.49 27.35 25.07
N LEU B 709 69.44 28.00 26.24
CA LEU B 709 69.89 29.37 26.39
C LEU B 709 70.74 29.46 27.65
N THR B 710 71.91 30.09 27.53
CA THR B 710 72.78 30.38 28.66
C THR B 710 73.14 31.85 28.64
N PHE B 711 73.18 32.48 29.81
CA PHE B 711 73.41 33.91 29.94
C PHE B 711 74.49 34.18 30.96
N SER B 712 75.27 35.24 30.72
CA SER B 712 76.37 35.61 31.62
C SER B 712 76.56 37.12 31.57
N TRP B 713 76.97 37.68 32.70
CA TRP B 713 77.22 39.12 32.77
C TRP B 713 78.31 39.61 31.82
N PRO B 714 79.49 38.96 31.73
CA PRO B 714 80.54 39.53 30.88
C PRO B 714 80.17 39.67 29.42
N MET B 715 79.33 38.77 28.89
CA MET B 715 78.98 38.83 27.48
C MET B 715 78.07 40.00 27.15
N SER B 716 77.41 40.58 28.15
CA SER B 716 76.54 41.72 27.89
C SER B 716 77.34 42.94 27.44
N LYS B 717 78.51 43.16 28.04
CA LYS B 717 79.26 44.39 27.80
C LYS B 717 79.71 44.54 26.35
N VAL B 718 79.84 43.44 25.61
CA VAL B 718 80.30 43.53 24.23
C VAL B 718 79.18 44.07 23.34
N ASN B 719 79.57 44.68 22.22
CA ASN B 719 78.64 45.25 21.26
C ASN B 719 78.91 44.67 19.88
N ILE B 720 77.85 44.21 19.22
CA ILE B 720 77.94 43.58 17.92
C ILE B 720 77.16 44.34 16.85
N VAL B 721 76.60 45.49 17.19
CA VAL B 721 75.73 46.23 16.29
C VAL B 721 76.09 47.72 16.33
N GLN B 722 76.20 48.34 15.16
CA GLN B 722 76.38 49.79 15.09
C GLN B 722 75.07 50.52 15.35
N SER B 723 74.06 50.28 14.52
CA SER B 723 72.79 50.99 14.63
C SER B 723 71.68 50.13 14.03
N LEU B 724 70.45 50.60 14.21
CA LEU B 724 69.26 49.91 13.74
C LEU B 724 68.39 50.89 12.97
N SER B 725 67.71 50.38 11.94
CA SER B 725 66.83 51.17 11.10
C SER B 725 65.44 50.57 11.11
N ALA B 726 64.42 51.43 11.06
CA ALA B 726 63.03 50.97 11.09
C ALA B 726 62.16 52.02 10.43
N TYR B 727 61.45 51.63 9.36
CA TYR B 727 60.54 52.50 8.63
C TYR B 727 59.28 51.73 8.29
N PRO B 728 58.11 52.36 8.39
CA PRO B 728 56.87 51.68 7.99
C PRO B 728 56.69 51.64 6.49
N LEU B 729 56.89 50.46 5.89
CA LEU B 729 56.75 50.34 4.44
C LEU B 729 55.30 50.48 4.02
N ASN B 730 54.41 49.76 4.68
CA ASN B 730 52.96 49.88 4.46
C ASN B 730 52.30 50.22 5.80
N SER B 731 50.97 50.21 5.81
CA SER B 731 50.24 50.51 7.03
C SER B 731 50.35 49.41 8.08
N SER B 732 50.86 48.24 7.73
CA SER B 732 50.92 47.11 8.64
C SER B 732 52.25 46.37 8.52
N CYS B 733 53.35 47.12 8.40
CA CYS B 733 54.68 46.49 8.41
C CYS B 733 55.74 47.56 8.62
N VAL B 734 56.87 47.13 9.19
CA VAL B 734 58.04 47.98 9.38
C VAL B 734 59.28 47.20 8.98
N ILE B 735 60.13 47.80 8.15
CA ILE B 735 61.36 47.14 7.74
C ILE B 735 62.37 47.20 8.88
N VAL B 736 63.05 46.08 9.12
CA VAL B 736 64.04 45.98 10.19
C VAL B 736 65.40 45.89 9.51
N SER B 737 66.16 46.98 9.58
CA SER B 737 67.50 47.05 9.02
C SER B 737 68.49 47.48 10.08
N TRP B 738 69.72 47.01 9.98
CA TRP B 738 70.73 47.27 11.00
C TRP B 738 72.12 47.13 10.39
N ILE B 739 73.12 47.50 11.18
CA ILE B 739 74.52 47.34 10.82
C ILE B 739 75.19 46.56 11.94
N LEU B 740 75.84 45.44 11.59
CA LEU B 740 76.37 44.50 12.56
C LEU B 740 77.87 44.77 12.75
N SER B 741 78.26 45.10 13.97
CA SER B 741 79.67 45.36 14.26
C SER B 741 80.45 44.04 14.26
N PRO B 742 81.68 44.05 13.76
CA PRO B 742 82.50 42.82 13.81
C PRO B 742 82.71 42.36 15.24
N SER B 743 82.67 41.05 15.44
CA SER B 743 82.77 40.44 16.76
C SER B 743 83.92 39.45 16.78
N ASP B 744 84.76 39.53 17.81
CA ASP B 744 85.85 38.58 17.97
C ASP B 744 85.32 37.18 18.22
N TYR B 745 84.22 37.05 18.97
CA TYR B 745 83.56 35.77 19.19
C TYR B 745 82.41 35.62 18.20
N LYS B 746 82.10 34.36 17.88
CA LYS B 746 81.11 34.05 16.85
C LYS B 746 79.70 34.25 17.36
N LEU B 747 78.75 34.26 16.41
CA LEU B 747 77.33 34.35 16.69
C LEU B 747 76.58 33.51 15.68
N MET B 748 75.51 32.84 16.14
CA MET B 748 74.70 32.02 15.24
C MET B 748 73.49 32.79 14.71
N TYR B 749 72.62 33.26 15.60
CA TYR B 749 71.38 33.88 15.22
C TYR B 749 71.16 35.12 16.09
N PHE B 750 70.02 35.76 15.91
CA PHE B 750 69.59 36.90 16.72
C PHE B 750 68.15 36.66 17.13
N ILE B 751 67.53 37.68 17.73
CA ILE B 751 66.14 37.61 18.17
C ILE B 751 65.57 39.03 18.19
N ILE B 752 64.43 39.22 17.53
CA ILE B 752 63.85 40.55 17.35
C ILE B 752 62.63 40.70 18.26
N GLU B 753 62.53 41.86 18.90
CA GLU B 753 61.41 42.22 19.77
C GLU B 753 60.83 43.53 19.26
N TRP B 754 59.51 43.70 19.44
CA TRP B 754 58.85 44.96 19.17
C TRP B 754 57.65 45.12 20.09
N LYS B 755 57.47 46.34 20.61
CA LYS B 755 56.45 46.61 21.60
C LYS B 755 56.08 48.08 21.54
N ASN B 756 54.96 48.43 22.16
CA ASN B 756 54.48 49.80 22.23
C ASN B 756 54.57 50.30 23.68
N LEU B 757 55.19 51.47 23.86
CA LEU B 757 55.34 52.03 25.20
C LEU B 757 54.00 52.44 25.77
N ASN B 758 53.20 53.19 25.00
CA ASN B 758 51.93 53.70 25.52
C ASN B 758 50.86 52.61 25.54
N GLU B 759 50.86 51.71 24.56
CA GLU B 759 49.88 50.63 24.56
C GLU B 759 50.17 49.60 25.64
N ASP B 760 51.45 49.37 25.96
CA ASP B 760 51.85 48.38 26.96
C ASP B 760 51.36 46.98 26.58
N GLY B 761 51.46 46.65 25.30
CA GLY B 761 51.06 45.33 24.85
C GLY B 761 52.08 44.26 25.20
N GLU B 762 51.68 43.02 24.97
CA GLU B 762 52.54 41.89 25.27
C GLU B 762 53.74 41.85 24.33
N ILE B 763 54.88 41.38 24.85
CA ILE B 763 56.09 41.34 24.04
C ILE B 763 55.96 40.30 22.94
N LYS B 764 56.33 40.69 21.73
CA LYS B 764 56.30 39.82 20.57
C LYS B 764 57.73 39.53 20.12
N TRP B 765 57.93 38.34 19.53
CA TRP B 765 59.28 37.88 19.24
C TRP B 765 59.25 36.85 18.13
N LEU B 766 59.97 37.13 17.03
CA LEU B 766 60.31 36.15 16.01
C LEU B 766 61.82 36.06 15.88
N ARG B 767 62.29 34.87 15.53
CA ARG B 767 63.71 34.55 15.51
C ARG B 767 64.32 34.95 14.18
N ILE B 768 65.49 35.58 14.24
CA ILE B 768 66.20 36.09 13.06
C ILE B 768 67.63 35.59 13.09
N SER B 769 68.13 35.14 11.94
CA SER B 769 69.51 34.72 11.84
C SER B 769 70.44 35.93 11.74
N SER B 770 71.72 35.71 12.03
CA SER B 770 72.70 36.77 11.99
C SER B 770 73.10 37.15 10.56
N SER B 771 72.73 36.34 9.56
CA SER B 771 73.19 36.58 8.20
C SER B 771 72.26 37.54 7.47
N VAL B 772 70.95 37.28 7.52
CA VAL B 772 69.99 38.09 6.77
C VAL B 772 69.96 39.50 7.32
N LYS B 773 69.98 40.48 6.42
CA LYS B 773 70.13 41.89 6.79
C LYS B 773 68.80 42.64 6.85
N LYS B 774 67.91 42.38 5.90
CA LYS B 774 66.66 43.14 5.78
C LYS B 774 65.42 42.34 6.13
N TYR B 775 65.54 41.31 6.97
CA TYR B 775 64.37 40.54 7.34
C TYR B 775 63.43 41.38 8.20
N TYR B 776 62.13 41.15 8.05
CA TYR B 776 61.12 41.95 8.73
C TYR B 776 59.87 41.10 8.92
N ILE B 777 59.04 41.52 9.87
CA ILE B 777 57.79 40.85 10.19
C ILE B 777 56.64 41.84 9.99
N HIS B 778 55.54 41.36 9.43
CA HIS B 778 54.39 42.19 9.07
C HIS B 778 53.23 41.88 10.00
N ASP B 779 52.67 42.92 10.60
CA ASP B 779 51.50 42.82 11.47
C ASP B 779 50.88 44.21 11.55
N HIS B 780 49.62 44.27 11.99
CA HIS B 780 48.92 45.55 12.04
C HIS B 780 49.50 46.45 13.12
N PHE B 781 50.05 47.58 12.70
CA PHE B 781 50.66 48.59 13.58
C PHE B 781 49.87 49.90 13.50
N ILE B 782 50.41 50.91 14.17
CA ILE B 782 49.83 52.26 14.21
C ILE B 782 50.97 53.26 14.14
N PRO B 783 51.14 53.95 13.00
CA PRO B 783 52.32 54.83 12.85
C PRO B 783 52.39 55.97 13.85
N ILE B 784 51.24 56.53 14.26
CA ILE B 784 51.25 57.66 15.18
C ILE B 784 51.77 57.23 16.55
N GLU B 785 51.45 56.01 16.96
CA GLU B 785 51.80 55.55 18.29
C GLU B 785 53.31 55.35 18.43
N LYS B 786 53.78 55.39 19.68
CA LYS B 786 55.20 55.26 19.98
C LYS B 786 55.52 53.79 20.22
N TYR B 787 56.40 53.24 19.38
CA TYR B 787 56.77 51.84 19.41
C TYR B 787 58.16 51.65 20.00
N GLN B 788 58.49 50.40 20.31
CA GLN B 788 59.77 50.04 20.92
C GLN B 788 60.26 48.73 20.33
N PHE B 789 61.35 48.80 19.58
CA PHE B 789 62.01 47.62 19.02
C PHE B 789 63.38 47.45 19.66
N SER B 790 63.77 46.20 19.86
CA SER B 790 65.07 45.89 20.46
C SER B 790 65.61 44.59 19.87
N LEU B 791 66.89 44.60 19.51
CA LEU B 791 67.57 43.43 18.96
C LEU B 791 68.70 43.03 19.89
N TYR B 792 68.70 41.77 20.31
CA TYR B 792 69.77 41.33 21.21
C TYR B 792 70.70 40.37 20.47
N PRO B 793 72.01 40.44 20.75
CA PRO B 793 72.93 39.43 20.22
C PRO B 793 73.07 38.24 21.15
N ILE B 794 72.92 37.03 20.63
CA ILE B 794 73.00 35.81 21.43
C ILE B 794 74.21 35.01 20.97
N PHE B 795 75.06 34.65 21.92
CA PHE B 795 76.24 33.84 21.64
C PHE B 795 75.93 32.38 21.97
N MET B 796 76.96 31.53 21.94
CA MET B 796 76.82 30.17 22.42
C MET B 796 77.09 30.05 23.91
N GLU B 797 77.51 31.14 24.56
CA GLU B 797 77.85 31.13 25.98
C GLU B 797 77.27 32.29 26.77
N GLY B 798 76.74 33.32 26.13
CA GLY B 798 76.19 34.45 26.86
C GLY B 798 75.28 35.29 25.99
N VAL B 799 74.66 36.28 26.61
CA VAL B 799 73.72 37.18 25.96
C VAL B 799 74.29 38.59 26.02
N GLY B 800 74.38 39.23 24.87
CA GLY B 800 74.85 40.62 24.83
C GLY B 800 73.80 41.58 25.35
N LYS B 801 74.26 42.79 25.66
CA LYS B 801 73.34 43.81 26.15
C LYS B 801 72.37 44.22 25.06
N PRO B 802 71.15 44.62 25.42
CA PRO B 802 70.15 44.96 24.41
C PRO B 802 70.59 46.12 23.54
N LYS B 803 70.25 46.06 22.25
CA LYS B 803 70.38 47.18 21.34
C LYS B 803 68.96 47.70 21.19
N ILE B 804 68.65 48.78 21.91
CA ILE B 804 67.30 49.30 22.02
C ILE B 804 67.21 50.59 21.24
N ILE B 805 66.24 50.67 20.33
CA ILE B 805 65.95 51.89 19.58
C ILE B 805 64.72 52.55 20.18
N ASN B 806 64.72 53.88 20.20
CA ASN B 806 63.61 54.62 20.80
C ASN B 806 62.32 54.38 20.02
N SER B 807 62.38 54.50 18.70
CA SER B 807 61.21 54.32 17.84
C SER B 807 61.68 54.25 16.40
N PHE B 808 60.75 53.87 15.52
CA PHE B 808 61.04 53.86 14.10
C PHE B 808 61.18 55.30 13.58
N THR B 809 62.18 55.52 12.74
CA THR B 809 62.42 56.83 12.17
C THR B 809 61.70 57.00 10.85
N VAL C 22 36.79 -31.12 -20.22
CA VAL C 22 37.19 -30.54 -18.94
C VAL C 22 38.42 -31.24 -18.40
N PRO C 23 39.45 -30.45 -18.05
CA PRO C 23 40.68 -31.04 -17.52
C PRO C 23 40.43 -31.76 -16.20
N ILE C 24 41.25 -32.79 -15.96
CA ILE C 24 41.09 -33.60 -14.76
C ILE C 24 41.41 -32.79 -13.50
N GLN C 25 42.38 -31.87 -13.60
CA GLN C 25 42.74 -31.07 -12.43
C GLN C 25 41.58 -30.22 -11.94
N LYS C 26 40.76 -29.71 -12.88
CA LYS C 26 39.59 -28.95 -12.49
C LYS C 26 38.63 -29.79 -11.65
N VAL C 27 38.39 -31.03 -12.07
CA VAL C 27 37.54 -31.93 -11.29
C VAL C 27 38.18 -32.23 -9.93
N GLN C 28 39.50 -32.42 -9.93
CA GLN C 28 40.20 -32.75 -8.69
C GLN C 28 40.05 -31.63 -7.66
N ASP C 29 40.19 -30.38 -8.10
CA ASP C 29 40.02 -29.27 -7.16
C ASP C 29 38.55 -29.03 -6.82
N ASP C 30 37.65 -29.27 -7.78
CA ASP C 30 36.23 -29.06 -7.53
C ASP C 30 35.71 -30.03 -6.48
N THR C 31 36.24 -31.26 -6.47
CA THR C 31 35.85 -32.21 -5.43
C THR C 31 36.18 -31.67 -4.04
N LYS C 32 37.41 -31.16 -3.88
CA LYS C 32 37.81 -30.62 -2.59
C LYS C 32 36.97 -29.40 -2.21
N THR C 33 36.70 -28.52 -3.18
CA THR C 33 35.89 -27.35 -2.88
C THR C 33 34.48 -27.74 -2.45
N LEU C 34 33.88 -28.71 -3.13
CA LEU C 34 32.54 -29.16 -2.75
C LEU C 34 32.54 -29.80 -1.37
N ILE C 35 33.56 -30.61 -1.07
CA ILE C 35 33.65 -31.25 0.25
C ILE C 35 33.76 -30.18 1.34
N LYS C 36 34.61 -29.19 1.12
CA LYS C 36 34.78 -28.12 2.10
C LYS C 36 33.49 -27.33 2.28
N THR C 37 32.78 -27.05 1.17
CA THR C 37 31.53 -26.31 1.27
C THR C 37 30.48 -27.08 2.06
N ILE C 38 30.37 -28.39 1.81
CA ILE C 38 29.39 -29.19 2.54
C ILE C 38 29.76 -29.28 4.02
N VAL C 39 31.06 -29.41 4.32
CA VAL C 39 31.49 -29.45 5.71
C VAL C 39 31.16 -28.13 6.42
N THR C 40 31.43 -27.00 5.76
CA THR C 40 31.11 -25.71 6.35
C THR C 40 29.60 -25.55 6.56
N ARG C 41 28.81 -26.02 5.60
CA ARG C 41 27.36 -25.97 5.76
C ARG C 41 26.90 -26.82 6.95
N ILE C 42 27.49 -28.00 7.12
CA ILE C 42 27.13 -28.86 8.25
C ILE C 42 27.50 -28.20 9.56
N ASN C 43 28.64 -27.50 9.58
CA ASN C 43 29.10 -26.82 10.78
C ASN C 43 28.30 -25.57 11.12
N ASP C 44 27.17 -25.34 10.46
CA ASP C 44 26.31 -24.19 10.71
C ASP C 44 25.02 -24.55 11.43
N ILE C 45 24.63 -25.81 11.39
CA ILE C 45 23.38 -26.27 12.02
C ILE C 45 23.47 -26.04 13.53
N SER C 46 22.35 -25.66 14.14
CA SER C 46 22.32 -25.29 15.55
C SER C 46 22.35 -26.49 16.49
N HIS C 47 22.30 -27.71 15.98
CA HIS C 47 22.26 -28.90 16.82
C HIS C 47 23.61 -29.59 16.97
N THR C 48 24.48 -29.51 15.95
CA THR C 48 25.69 -30.32 15.90
C THR C 48 26.97 -29.50 16.04
N GLN C 49 26.97 -28.48 16.91
CA GLN C 49 28.20 -27.72 17.12
C GLN C 49 29.27 -28.57 17.79
N SER C 50 28.93 -29.23 18.90
CA SER C 50 29.86 -30.10 19.62
C SER C 50 29.10 -31.34 20.08
N VAL C 51 29.07 -32.36 19.23
CA VAL C 51 28.41 -33.63 19.55
C VAL C 51 29.32 -34.83 19.31
N SER C 52 30.55 -34.60 18.83
CA SER C 52 31.55 -35.64 18.56
C SER C 52 31.15 -36.49 17.36
N SER C 53 32.14 -36.94 16.59
CA SER C 53 31.91 -37.75 15.41
C SER C 53 32.21 -39.23 15.63
N LYS C 54 32.64 -39.60 16.83
CA LYS C 54 32.97 -40.99 17.14
C LYS C 54 32.12 -41.54 18.28
N GLN C 55 30.97 -40.92 18.55
CA GLN C 55 30.10 -41.39 19.61
C GLN C 55 29.45 -42.72 19.21
N LYS C 56 29.28 -43.61 20.19
CA LYS C 56 28.70 -44.92 19.97
C LYS C 56 27.28 -44.94 20.50
N VAL C 57 26.34 -45.35 19.65
CA VAL C 57 24.93 -45.45 20.00
C VAL C 57 24.46 -46.87 19.70
N THR C 58 23.76 -47.48 20.65
CA THR C 58 23.34 -48.87 20.51
C THR C 58 22.45 -49.08 19.30
N GLY C 59 21.30 -48.40 19.28
CA GLY C 59 20.36 -48.62 18.20
C GLY C 59 20.87 -48.15 16.85
N LEU C 60 21.49 -46.97 16.81
CA LEU C 60 21.97 -46.38 15.56
C LEU C 60 23.29 -47.03 15.16
N ASP C 61 23.17 -48.23 14.57
CA ASP C 61 24.33 -48.94 14.05
C ASP C 61 24.35 -49.04 12.53
N PHE C 62 23.22 -48.80 11.86
CA PHE C 62 23.17 -48.89 10.40
C PHE C 62 23.75 -47.67 9.72
N ILE C 63 23.95 -46.57 10.43
CA ILE C 63 24.51 -45.36 9.86
C ILE C 63 25.99 -45.60 9.56
N PRO C 64 26.43 -45.43 8.31
CA PRO C 64 27.85 -45.66 8.00
C PRO C 64 28.75 -44.68 8.72
N GLY C 65 29.95 -45.13 9.04
CA GLY C 65 30.92 -44.31 9.75
C GLY C 65 31.89 -45.18 10.51
N LEU C 66 32.40 -44.62 11.61
CA LEU C 66 33.32 -45.33 12.50
C LEU C 66 34.57 -45.80 11.76
N HIS C 67 34.56 -47.04 11.30
CA HIS C 67 35.72 -47.60 10.61
C HIS C 67 35.96 -46.85 9.30
N PRO C 68 37.22 -46.56 8.96
CA PRO C 68 37.49 -45.85 7.72
C PRO C 68 37.30 -46.74 6.49
N ILE C 69 37.20 -46.09 5.34
CA ILE C 69 37.03 -46.78 4.07
C ILE C 69 38.13 -46.32 3.11
N LEU C 70 38.47 -47.19 2.17
CA LEU C 70 39.59 -46.93 1.27
C LEU C 70 39.23 -47.02 -0.20
N THR C 71 38.35 -47.93 -0.58
CA THR C 71 38.01 -48.15 -1.97
C THR C 71 36.85 -47.28 -2.41
N LEU C 72 36.73 -47.10 -3.73
CA LEU C 72 35.68 -46.26 -4.29
C LEU C 72 34.32 -46.93 -4.23
N SER C 73 34.28 -48.26 -4.23
CA SER C 73 33.00 -48.96 -4.12
C SER C 73 32.32 -48.66 -2.78
N LYS C 74 33.05 -48.85 -1.69
CA LYS C 74 32.54 -48.46 -0.37
C LYS C 74 32.25 -46.97 -0.31
N MET C 75 33.01 -46.17 -1.08
CA MET C 75 32.81 -44.73 -1.08
C MET C 75 31.43 -44.38 -1.61
N ASP C 76 31.10 -44.91 -2.80
CA ASP C 76 29.78 -44.69 -3.37
C ASP C 76 28.69 -45.32 -2.51
N GLN C 77 29.00 -46.47 -1.88
CA GLN C 77 28.02 -47.12 -1.02
C GLN C 77 27.63 -46.21 0.14
N THR C 78 28.63 -45.70 0.88
CA THR C 78 28.32 -44.87 2.04
C THR C 78 27.68 -43.55 1.62
N LEU C 79 28.10 -42.99 0.47
CA LEU C 79 27.45 -41.78 -0.01
C LEU C 79 25.98 -42.03 -0.33
N ALA C 80 25.67 -43.17 -0.94
CA ALA C 80 24.28 -43.51 -1.24
C ALA C 80 23.46 -43.70 0.02
N VAL C 81 24.03 -44.39 1.02
CA VAL C 81 23.29 -44.57 2.27
C VAL C 81 23.03 -43.23 2.94
N TYR C 82 24.03 -42.33 2.93
CA TYR C 82 23.82 -41.00 3.50
C TYR C 82 22.74 -40.24 2.75
N GLN C 83 22.75 -40.31 1.42
CA GLN C 83 21.73 -39.64 0.63
C GLN C 83 20.34 -40.16 0.98
N GLN C 84 20.20 -41.48 1.10
CA GLN C 84 18.89 -42.05 1.34
C GLN C 84 18.40 -41.77 2.75
N ILE C 85 19.31 -41.79 3.74
CA ILE C 85 18.87 -41.49 5.11
C ILE C 85 18.52 -40.03 5.24
N LEU C 86 19.19 -39.15 4.48
CA LEU C 86 18.84 -37.74 4.52
C LEU C 86 17.56 -37.45 3.75
N THR C 87 17.23 -38.27 2.77
CA THR C 87 16.00 -38.06 1.99
C THR C 87 14.76 -38.17 2.86
N SER C 88 14.80 -38.99 3.90
CA SER C 88 13.63 -39.18 4.76
C SER C 88 13.33 -37.92 5.58
N MET C 89 14.33 -37.06 5.77
CA MET C 89 14.15 -35.87 6.61
C MET C 89 13.64 -34.71 5.77
N PRO C 90 12.50 -34.13 6.09
CA PRO C 90 11.95 -33.01 5.29
C PRO C 90 12.43 -31.63 5.71
N SER C 91 13.50 -31.53 6.50
CA SER C 91 13.98 -30.23 6.96
C SER C 91 14.50 -29.40 5.79
N ARG C 92 14.44 -28.08 5.95
CA ARG C 92 14.83 -27.17 4.88
C ARG C 92 16.32 -27.30 4.56
N ASN C 93 17.16 -27.43 5.58
CA ASN C 93 18.60 -27.41 5.40
C ASN C 93 19.18 -28.78 5.05
N VAL C 94 18.35 -29.79 4.88
CA VAL C 94 18.82 -31.13 4.51
C VAL C 94 18.67 -31.33 3.02
N ILE C 95 17.69 -30.63 2.42
CA ILE C 95 17.47 -30.74 0.98
C ILE C 95 18.68 -30.24 0.21
N GLN C 96 19.25 -29.11 0.64
CA GLN C 96 20.42 -28.57 -0.04
C GLN C 96 21.63 -29.48 0.14
N ILE C 97 21.77 -30.10 1.31
CA ILE C 97 22.86 -31.04 1.54
C ILE C 97 22.73 -32.24 0.60
N SER C 98 21.51 -32.76 0.44
CA SER C 98 21.29 -33.86 -0.49
C SER C 98 21.58 -33.44 -1.92
N ASN C 99 21.19 -32.22 -2.29
CA ASN C 99 21.45 -31.71 -3.63
C ASN C 99 22.95 -31.65 -3.90
N ASP C 100 23.72 -31.16 -2.93
CA ASP C 100 25.18 -31.14 -3.09
C ASP C 100 25.77 -32.54 -3.11
N LEU C 101 25.19 -33.47 -2.34
CA LEU C 101 25.69 -34.83 -2.31
C LEU C 101 25.49 -35.51 -3.66
N GLU C 102 24.40 -35.20 -4.35
CA GLU C 102 24.19 -35.77 -5.68
C GLU C 102 25.31 -35.36 -6.64
N ASN C 103 25.67 -34.07 -6.64
CA ASN C 103 26.75 -33.59 -7.48
C ASN C 103 28.08 -34.21 -7.06
N LEU C 104 28.28 -34.39 -5.75
CA LEU C 104 29.50 -35.03 -5.27
C LEU C 104 29.61 -36.46 -5.78
N ARG C 105 28.49 -37.20 -5.75
CA ARG C 105 28.50 -38.56 -6.28
C ARG C 105 28.78 -38.58 -7.77
N ASP C 106 28.19 -37.65 -8.52
CA ASP C 106 28.46 -37.58 -9.95
C ASP C 106 29.93 -37.29 -10.22
N LEU C 107 30.52 -36.37 -9.45
CA LEU C 107 31.94 -36.07 -9.61
C LEU C 107 32.81 -37.27 -9.26
N LEU C 108 32.40 -38.03 -8.24
CA LEU C 108 33.14 -39.25 -7.89
C LEU C 108 33.06 -40.26 -9.03
N HIS C 109 31.89 -40.39 -9.67
CA HIS C 109 31.78 -41.27 -10.83
C HIS C 109 32.69 -40.80 -11.96
N VAL C 110 32.75 -39.47 -12.18
CA VAL C 110 33.62 -38.94 -13.22
C VAL C 110 35.09 -39.27 -12.92
N LEU C 111 35.49 -39.11 -11.65
CA LEU C 111 36.86 -39.44 -11.28
C LEU C 111 37.15 -40.92 -11.46
N ALA C 112 36.19 -41.78 -11.11
CA ALA C 112 36.36 -43.21 -11.31
C ALA C 112 36.50 -43.55 -12.78
N PHE C 113 35.71 -42.90 -13.64
CA PHE C 113 35.88 -43.08 -15.08
C PHE C 113 37.26 -42.63 -15.54
N SER C 114 37.74 -41.51 -15.02
CA SER C 114 39.09 -41.04 -15.34
C SER C 114 40.15 -42.01 -14.85
N LYS C 115 39.86 -42.80 -13.82
CA LYS C 115 40.80 -43.81 -13.32
C LYS C 115 40.74 -45.11 -14.12
N SER C 116 40.02 -45.12 -15.25
CA SER C 116 39.91 -46.28 -16.15
C SER C 116 39.39 -47.51 -15.42
N CYS C 117 38.43 -47.33 -14.52
CA CYS C 117 37.73 -48.43 -13.87
C CYS C 117 36.24 -48.11 -13.80
N HIS C 118 35.41 -49.12 -14.03
CA HIS C 118 33.97 -48.95 -14.04
C HIS C 118 33.39 -49.13 -12.64
N LEU C 119 32.50 -48.22 -12.26
CA LEU C 119 31.81 -48.28 -10.98
C LEU C 119 30.31 -48.33 -11.23
N PRO C 120 29.60 -49.35 -10.75
CA PRO C 120 28.16 -49.41 -10.99
C PRO C 120 27.40 -48.47 -10.07
N TRP C 121 26.27 -47.97 -10.57
CA TRP C 121 25.43 -47.09 -9.78
C TRP C 121 24.79 -47.89 -8.65
N ALA C 122 25.25 -47.66 -7.43
CA ALA C 122 24.78 -48.43 -6.29
C ALA C 122 23.29 -48.19 -6.05
N SER C 123 22.58 -49.26 -5.73
CA SER C 123 21.14 -49.23 -5.49
C SER C 123 20.87 -49.04 -4.00
N GLY C 124 19.57 -49.05 -3.67
CA GLY C 124 19.14 -48.88 -2.29
C GLY C 124 19.63 -49.97 -1.36
N LEU C 125 20.24 -49.56 -0.25
CA LEU C 125 20.70 -50.52 0.74
C LEU C 125 19.50 -51.16 1.43
N GLU C 126 19.58 -52.48 1.64
CA GLU C 126 18.47 -53.23 2.21
C GLU C 126 18.33 -53.04 3.71
N THR C 127 19.30 -52.40 4.37
CA THR C 127 19.20 -52.17 5.81
C THR C 127 18.55 -50.83 6.16
N LEU C 128 18.27 -49.99 5.18
CA LEU C 128 17.70 -48.68 5.47
C LEU C 128 16.21 -48.74 5.78
N ASP C 129 15.55 -49.87 5.49
CA ASP C 129 14.14 -50.01 5.81
C ASP C 129 13.88 -50.21 7.29
N SER C 130 14.92 -50.52 8.08
CA SER C 130 14.76 -50.61 9.52
C SER C 130 14.60 -49.25 10.18
N LEU C 131 14.83 -48.17 9.42
CA LEU C 131 14.74 -46.81 9.96
C LEU C 131 13.32 -46.40 10.31
N GLY C 132 12.31 -47.14 9.84
CA GLY C 132 10.93 -46.72 10.08
C GLY C 132 10.59 -46.63 11.55
N GLY C 133 10.93 -47.67 12.32
CA GLY C 133 10.68 -47.64 13.75
C GLY C 133 11.56 -46.63 14.47
N VAL C 134 12.83 -46.53 14.08
CA VAL C 134 13.77 -45.67 14.79
C VAL C 134 13.37 -44.21 14.63
N LEU C 135 12.98 -43.80 13.43
CA LEU C 135 12.61 -42.40 13.20
C LEU C 135 11.39 -42.02 14.02
N GLU C 136 10.38 -42.91 14.08
CA GLU C 136 9.20 -42.63 14.88
C GLU C 136 9.54 -42.59 16.36
N ALA C 137 10.40 -43.50 16.81
CA ALA C 137 10.76 -43.54 18.23
C ALA C 137 11.53 -42.30 18.66
N SER C 138 12.46 -41.83 17.82
CA SER C 138 13.27 -40.68 18.18
C SER C 138 13.80 -40.03 16.90
N GLY C 139 13.82 -38.70 16.88
CA GLY C 139 14.31 -37.98 15.72
C GLY C 139 15.53 -37.13 16.00
N TYR C 140 15.64 -36.62 17.23
CA TYR C 140 16.78 -35.78 17.59
C TYR C 140 18.09 -36.56 17.54
N SER C 141 18.08 -37.78 18.08
CA SER C 141 19.28 -38.60 18.04
C SER C 141 19.68 -38.93 16.61
N THR C 142 18.70 -39.26 15.76
CA THR C 142 18.99 -39.54 14.36
C THR C 142 19.59 -38.32 13.68
N GLU C 143 19.01 -37.14 13.90
CA GLU C 143 19.54 -35.91 13.33
C GLU C 143 20.99 -35.69 13.73
N VAL C 144 21.25 -35.72 15.03
CA VAL C 144 22.58 -35.40 15.53
C VAL C 144 23.61 -36.40 15.04
N VAL C 145 23.30 -37.70 15.16
CA VAL C 145 24.26 -38.73 14.79
C VAL C 145 24.51 -38.70 13.29
N ALA C 146 23.45 -38.57 12.48
CA ALA C 146 23.62 -38.55 11.03
C ALA C 146 24.47 -37.36 10.60
N LEU C 147 24.19 -36.17 11.13
CA LEU C 147 24.97 -35.00 10.72
C LEU C 147 26.43 -35.13 11.14
N SER C 148 26.68 -35.55 12.39
CA SER C 148 28.06 -35.68 12.86
C SER C 148 28.83 -36.73 12.07
N ARG C 149 28.20 -37.88 11.80
CA ARG C 149 28.88 -38.93 11.06
C ARG C 149 29.13 -38.52 9.62
N LEU C 150 28.19 -37.79 9.01
CA LEU C 150 28.43 -37.29 7.66
C LEU C 150 29.60 -36.31 7.64
N GLN C 151 29.67 -35.42 8.62
CA GLN C 151 30.79 -34.47 8.67
C GLN C 151 32.12 -35.20 8.84
N GLY C 152 32.15 -36.20 9.74
CA GLY C 152 33.37 -36.95 9.92
C GLY C 152 33.77 -37.74 8.68
N SER C 153 32.79 -38.35 8.01
CA SER C 153 33.07 -39.10 6.79
C SER C 153 33.57 -38.18 5.69
N LEU C 154 33.07 -36.95 5.62
CA LEU C 154 33.57 -36.02 4.61
C LEU C 154 34.95 -35.48 4.95
N GLN C 155 35.26 -35.31 6.24
CA GLN C 155 36.64 -34.98 6.61
C GLN C 155 37.58 -36.10 6.22
N ASP C 156 37.16 -37.35 6.43
CA ASP C 156 37.95 -38.49 5.98
C ASP C 156 38.06 -38.50 4.46
N MET C 157 36.99 -38.10 3.76
CA MET C 157 37.02 -37.93 2.31
C MET C 157 38.14 -36.98 1.90
N LEU C 158 38.17 -35.80 2.52
CA LEU C 158 39.15 -34.79 2.15
C LEU C 158 40.57 -35.29 2.44
N TRP C 159 40.76 -35.94 3.60
CA TRP C 159 42.10 -36.43 3.93
C TRP C 159 42.54 -37.54 2.98
N GLN C 160 41.64 -38.45 2.64
CA GLN C 160 42.01 -39.64 1.88
C GLN C 160 42.21 -39.34 0.40
N LEU C 161 41.41 -38.41 -0.15
CA LEU C 161 41.44 -38.19 -1.59
C LEU C 161 42.79 -37.68 -2.10
N ASP C 162 43.63 -37.13 -1.21
CA ASP C 162 44.94 -36.66 -1.62
C ASP C 162 45.82 -37.81 -2.10
N LEU C 163 45.75 -38.95 -1.42
CA LEU C 163 46.59 -40.10 -1.78
C LEU C 163 46.19 -40.74 -3.10
N SER C 164 45.02 -40.39 -3.64
CA SER C 164 44.50 -40.94 -4.90
C SER C 164 44.49 -42.47 -4.86
N PRO C 165 43.61 -43.09 -4.08
CA PRO C 165 43.56 -44.55 -4.04
C PRO C 165 42.91 -45.12 -5.29
N GLY C 166 43.04 -46.44 -5.44
CA GLY C 166 42.47 -47.13 -6.57
C GLY C 166 40.98 -47.36 -6.44
N CYS C 167 40.40 -47.90 -7.50
CA CYS C 167 38.97 -48.18 -7.53
C CYS C 167 38.61 -49.35 -6.62
N VAL D 22 -3.21 -0.88 56.45
CA VAL D 22 -3.42 0.52 56.12
C VAL D 22 -3.60 1.34 57.40
N PRO D 23 -2.93 2.49 57.48
CA PRO D 23 -3.06 3.34 58.66
C PRO D 23 -4.48 3.84 58.85
N ILE D 24 -4.87 4.00 60.12
CA ILE D 24 -6.20 4.50 60.44
C ILE D 24 -6.36 5.93 59.93
N GLN D 25 -5.34 6.77 60.16
CA GLN D 25 -5.39 8.14 59.67
C GLN D 25 -5.45 8.17 58.14
N LYS D 26 -4.70 7.30 57.48
CA LYS D 26 -4.82 7.18 56.03
C LYS D 26 -6.19 6.67 55.62
N VAL D 27 -6.75 5.75 56.42
CA VAL D 27 -8.11 5.25 56.15
C VAL D 27 -9.12 6.39 56.27
N GLN D 28 -8.97 7.23 57.29
CA GLN D 28 -9.86 8.38 57.44
C GLN D 28 -9.79 9.29 56.22
N ASP D 29 -8.61 9.45 55.64
CA ASP D 29 -8.49 10.21 54.40
C ASP D 29 -9.21 9.50 53.26
N ASP D 30 -9.17 8.16 53.23
CA ASP D 30 -9.87 7.42 52.19
C ASP D 30 -11.37 7.64 52.27
N THR D 31 -11.94 7.63 53.48
CA THR D 31 -13.34 7.96 53.63
C THR D 31 -13.62 9.42 53.30
N LYS D 32 -12.60 10.28 53.38
CA LYS D 32 -12.75 11.65 52.94
C LYS D 32 -12.71 11.78 51.42
N THR D 33 -11.98 10.87 50.75
CA THR D 33 -11.83 10.98 49.30
C THR D 33 -13.10 10.56 48.56
N LEU D 34 -13.73 9.46 49.01
CA LEU D 34 -14.82 8.88 48.22
C LEU D 34 -16.07 9.76 48.24
N ILE D 35 -16.31 10.46 49.35
CA ILE D 35 -17.46 11.36 49.40
C ILE D 35 -17.27 12.50 48.41
N LYS D 36 -16.07 13.07 48.38
CA LYS D 36 -15.78 14.14 47.42
C LYS D 36 -15.82 13.65 45.98
N THR D 37 -15.47 12.38 45.75
CA THR D 37 -15.50 11.83 44.41
C THR D 37 -16.92 11.60 43.92
N ILE D 38 -17.77 11.03 44.77
CA ILE D 38 -19.10 10.59 44.34
C ILE D 38 -19.98 11.79 43.98
N VAL D 39 -19.89 12.87 44.76
CA VAL D 39 -20.74 14.03 44.51
C VAL D 39 -20.43 14.64 43.16
N THR D 40 -19.15 14.62 42.75
CA THR D 40 -18.79 15.15 41.44
C THR D 40 -19.42 14.34 40.31
N ARG D 41 -19.48 13.02 40.47
CA ARG D 41 -20.16 12.20 39.47
C ARG D 41 -21.64 12.55 39.37
N ILE D 42 -22.27 12.87 40.50
CA ILE D 42 -23.67 13.27 40.50
C ILE D 42 -23.84 14.61 39.79
N ASN D 43 -22.88 15.51 39.97
CA ASN D 43 -23.02 16.87 39.44
C ASN D 43 -23.11 16.87 37.92
N ASP D 44 -22.25 16.11 37.25
CA ASP D 44 -22.25 16.11 35.79
C ASP D 44 -23.54 15.51 35.24
N ILE D 45 -24.06 14.47 35.87
CA ILE D 45 -25.29 13.83 35.43
C ILE D 45 -26.48 14.37 36.23
N LEU D 70 -25.31 10.49 62.98
CA LEU D 70 -24.00 10.43 63.62
C LEU D 70 -23.49 9.00 63.68
N THR D 71 -24.21 8.13 64.39
CA THR D 71 -23.82 6.74 64.51
C THR D 71 -23.97 6.04 63.15
N LEU D 72 -23.03 5.13 62.87
CA LEU D 72 -23.01 4.47 61.57
C LEU D 72 -24.19 3.53 61.39
N SER D 73 -24.63 2.88 62.47
CA SER D 73 -25.71 1.90 62.37
C SER D 73 -27.01 2.56 61.92
N LYS D 74 -27.32 3.74 62.45
CA LYS D 74 -28.56 4.41 62.08
C LYS D 74 -28.38 5.28 60.84
N MET D 75 -27.18 5.38 60.29
CA MET D 75 -26.90 6.25 59.16
C MET D 75 -26.50 5.49 57.92
N ASP D 76 -26.36 4.16 58.00
CA ASP D 76 -26.17 3.36 56.80
C ASP D 76 -27.50 2.85 56.26
N GLN D 77 -28.52 2.75 57.12
CA GLN D 77 -29.84 2.33 56.67
C GLN D 77 -30.45 3.36 55.72
N THR D 78 -30.26 4.64 56.00
CA THR D 78 -30.71 5.67 55.07
C THR D 78 -29.95 5.60 53.76
N LEU D 79 -28.68 5.16 53.81
CA LEU D 79 -27.98 4.83 52.57
C LEU D 79 -28.46 3.50 52.02
N ALA D 80 -28.90 2.59 52.89
CA ALA D 80 -29.40 1.31 52.43
C ALA D 80 -30.72 1.44 51.70
N VAL D 81 -31.62 2.31 52.19
CA VAL D 81 -32.88 2.53 51.47
C VAL D 81 -32.63 3.22 50.15
N TYR D 82 -31.56 4.02 50.04
CA TYR D 82 -31.20 4.59 48.75
C TYR D 82 -30.79 3.50 47.77
N GLN D 83 -30.26 2.38 48.28
CA GLN D 83 -29.85 1.29 47.40
C GLN D 83 -31.04 0.70 46.64
N GLN D 84 -32.17 0.52 47.33
CA GLN D 84 -33.36 0.01 46.65
C GLN D 84 -33.86 1.00 45.60
N ILE D 85 -33.83 2.30 45.91
CA ILE D 85 -34.20 3.29 44.90
C ILE D 85 -33.18 3.28 43.76
N LEU D 86 -31.89 3.20 44.08
CA LEU D 86 -30.87 3.17 43.05
C LEU D 86 -31.02 1.93 42.17
N THR D 87 -31.36 0.79 42.77
CA THR D 87 -31.60 -0.42 41.99
C THR D 87 -32.79 -0.25 41.06
N SER D 88 -33.82 0.48 41.49
CA SER D 88 -35.01 0.66 40.67
C SER D 88 -34.70 1.43 39.39
N MET D 89 -33.91 2.49 39.49
CA MET D 89 -33.54 3.26 38.30
C MET D 89 -32.55 2.48 37.44
N PRO D 90 -32.84 2.22 36.18
CA PRO D 90 -31.90 1.48 35.32
C PRO D 90 -30.89 2.38 34.64
N SER D 91 -30.74 3.62 35.13
CA SER D 91 -29.86 4.58 34.49
C SER D 91 -28.41 4.09 34.48
N ARG D 92 -27.71 4.38 33.38
CA ARG D 92 -26.33 3.92 33.23
C ARG D 92 -25.39 4.56 34.23
N ASN D 93 -25.62 5.84 34.58
CA ASN D 93 -24.76 6.48 35.57
C ASN D 93 -25.09 6.03 36.99
N VAL D 94 -26.35 5.66 37.24
CA VAL D 94 -26.77 5.29 38.59
C VAL D 94 -26.02 4.06 39.07
N ILE D 95 -25.86 3.05 38.20
CA ILE D 95 -25.19 1.83 38.61
C ILE D 95 -23.72 2.10 38.95
N GLN D 96 -23.09 3.04 38.24
CA GLN D 96 -21.78 3.53 38.69
C GLN D 96 -21.85 4.06 40.11
N ILE D 97 -22.85 4.90 40.39
CA ILE D 97 -23.06 5.37 41.76
C ILE D 97 -23.46 4.20 42.64
N SER D 98 -24.27 3.28 42.10
CA SER D 98 -24.64 2.09 42.87
C SER D 98 -23.45 1.16 43.06
N ASN D 99 -22.40 1.34 42.27
CA ASN D 99 -21.17 0.57 42.48
C ASN D 99 -20.26 1.20 43.51
N ASP D 100 -20.57 2.42 43.97
CA ASP D 100 -19.76 3.09 44.96
C ASP D 100 -20.36 3.04 46.35
N LEU D 101 -21.65 2.70 46.48
CA LEU D 101 -22.28 2.65 47.80
C LEU D 101 -21.65 1.58 48.67
N GLU D 102 -21.35 0.40 48.10
CA GLU D 102 -20.73 -0.65 48.88
C GLU D 102 -19.34 -0.25 49.34
N ASN D 103 -18.59 0.46 48.49
CA ASN D 103 -17.30 0.99 48.92
C ASN D 103 -17.49 1.98 50.07
N LEU D 104 -18.52 2.82 49.99
CA LEU D 104 -18.89 3.65 51.12
C LEU D 104 -19.38 2.80 52.29
N ARG D 105 -20.16 1.75 52.00
CA ARG D 105 -20.72 0.92 53.06
C ARG D 105 -19.65 0.06 53.72
N ASP D 106 -18.80 -0.57 52.91
CA ASP D 106 -17.74 -1.41 53.47
C ASP D 106 -16.77 -0.58 54.30
N LEU D 107 -16.40 0.61 53.80
CA LEU D 107 -15.54 1.50 54.57
C LEU D 107 -16.26 1.97 55.83
N LEU D 108 -17.57 2.18 55.75
CA LEU D 108 -18.36 2.48 56.94
C LEU D 108 -18.29 1.32 57.93
N HIS D 109 -18.39 0.09 57.43
CA HIS D 109 -18.15 -1.07 58.28
C HIS D 109 -16.71 -1.11 58.76
N VAL D 110 -15.77 -0.74 57.89
CA VAL D 110 -14.37 -0.64 58.30
C VAL D 110 -14.20 0.48 59.32
N LEU D 111 -14.98 1.56 59.17
CA LEU D 111 -14.91 2.66 60.14
C LEU D 111 -15.25 2.17 61.55
N ALA D 112 -16.29 1.32 61.66
CA ALA D 112 -16.62 0.74 62.96
C ALA D 112 -15.53 -0.20 63.44
N PHE D 113 -14.84 -0.88 62.52
CA PHE D 113 -13.71 -1.72 62.92
C PHE D 113 -12.60 -0.89 63.54
N SER D 114 -12.34 0.30 62.99
CA SER D 114 -11.38 1.21 63.61
C SER D 114 -11.87 1.69 64.97
N LYS D 115 -13.19 1.69 65.18
CA LYS D 115 -13.78 2.06 66.47
C LYS D 115 -13.92 0.87 67.40
N SER D 116 -13.46 -0.31 67.01
CA SER D 116 -13.54 -1.53 67.82
C SER D 116 -14.98 -1.87 68.20
N CYS D 117 -15.91 -1.68 67.28
CA CYS D 117 -17.32 -2.00 67.49
C CYS D 117 -17.87 -2.67 66.24
N HIS D 118 -18.84 -3.57 66.45
CA HIS D 118 -19.49 -4.24 65.33
C HIS D 118 -20.86 -3.63 65.07
N LEU D 119 -21.15 -3.32 63.81
CA LEU D 119 -22.43 -2.75 63.45
C LEU D 119 -23.34 -3.82 62.87
N PRO D 120 -24.65 -3.76 63.13
CA PRO D 120 -25.57 -4.69 62.48
C PRO D 120 -25.65 -4.45 60.98
N TRP D 121 -25.93 -5.52 60.25
CA TRP D 121 -26.08 -5.41 58.81
C TRP D 121 -27.33 -4.63 58.45
N ALA D 122 -27.26 -3.94 57.31
CA ALA D 122 -28.38 -3.13 56.84
C ALA D 122 -29.56 -4.00 56.42
N SER D 141 -35.16 12.60 34.15
CA SER D 141 -36.46 13.15 34.54
C SER D 141 -36.83 12.72 35.96
N THR D 142 -37.10 11.43 36.14
CA THR D 142 -37.41 10.90 37.47
C THR D 142 -36.16 10.56 38.26
N GLU D 143 -34.98 10.62 37.66
CA GLU D 143 -33.74 10.32 38.37
C GLU D 143 -32.99 11.57 38.79
N VAL D 144 -33.24 12.71 38.13
CA VAL D 144 -32.58 13.95 38.54
C VAL D 144 -33.06 14.37 39.93
N VAL D 145 -34.33 14.12 40.24
CA VAL D 145 -34.81 14.32 41.60
C VAL D 145 -34.19 13.29 42.53
N ALA D 146 -34.02 12.06 42.04
CA ALA D 146 -33.49 10.99 42.86
C ALA D 146 -32.07 11.30 43.33
N LEU D 147 -31.21 11.76 42.42
CA LEU D 147 -29.85 12.10 42.83
C LEU D 147 -29.76 13.49 43.45
N SER D 148 -30.80 14.31 43.29
CA SER D 148 -30.88 15.55 44.06
C SER D 148 -30.96 15.25 45.55
N ARG D 149 -31.76 14.25 45.93
CA ARG D 149 -31.80 13.81 47.31
C ARG D 149 -30.44 13.29 47.76
N LEU D 150 -29.70 12.64 46.84
CA LEU D 150 -28.42 12.05 47.22
C LEU D 150 -27.37 13.11 47.54
N GLN D 151 -27.10 14.03 46.61
CA GLN D 151 -25.95 14.91 46.79
C GLN D 151 -26.18 15.85 47.96
N GLY D 152 -27.44 16.23 48.20
CA GLY D 152 -27.76 16.99 49.39
C GLY D 152 -27.61 16.18 50.66
N SER D 153 -27.60 14.85 50.53
CA SER D 153 -27.41 14.00 51.70
C SER D 153 -25.93 13.75 51.97
N LEU D 154 -25.13 13.52 50.93
CA LEU D 154 -23.73 13.14 51.17
C LEU D 154 -22.95 14.22 51.91
N GLN D 155 -23.45 15.46 51.90
CA GLN D 155 -22.86 16.46 52.79
C GLN D 155 -23.08 16.10 54.25
N ASP D 156 -24.20 15.44 54.56
CA ASP D 156 -24.43 15.01 55.94
C ASP D 156 -23.41 13.96 56.37
N MET D 157 -23.09 13.02 55.47
CA MET D 157 -21.97 12.12 55.75
C MET D 157 -20.66 12.90 55.88
N LEU D 158 -20.44 13.87 54.99
CA LEU D 158 -19.22 14.66 55.05
C LEU D 158 -19.17 15.53 56.31
N TRP D 159 -20.33 16.09 56.71
CA TRP D 159 -20.35 16.98 57.86
C TRP D 159 -19.97 16.24 59.14
N GLN D 160 -20.52 15.04 59.35
CA GLN D 160 -20.22 14.28 60.55
C GLN D 160 -18.85 13.62 60.52
N LEU D 161 -18.27 13.45 59.33
CA LEU D 161 -16.96 12.81 59.23
C LEU D 161 -15.88 13.64 59.89
N ASP D 162 -15.97 14.97 59.77
CA ASP D 162 -15.03 15.84 60.46
C ASP D 162 -15.13 15.68 61.97
N LEU D 163 -16.35 15.59 62.49
CA LEU D 163 -16.54 15.31 63.90
C LEU D 163 -16.08 13.90 64.25
N SER D 164 -16.34 12.94 63.37
CA SER D 164 -15.97 11.54 63.53
C SER D 164 -16.56 10.96 64.82
N PRO D 165 -17.88 10.79 64.90
CA PRO D 165 -18.47 10.22 66.12
C PRO D 165 -18.09 8.76 66.28
N GLY D 166 -18.07 8.32 67.54
CA GLY D 166 -17.75 6.94 67.85
C GLY D 166 -18.77 5.95 67.34
N CYS D 167 -18.32 4.99 66.53
CA CYS D 167 -19.18 3.94 65.99
C CYS D 167 -20.36 4.50 65.19
N ASN E 3 -86.35 -6.72 -7.60
CA ASN E 3 -87.30 -7.80 -7.31
C ASN E 3 -86.87 -8.60 -6.09
N LEU E 4 -87.72 -8.59 -5.06
CA LEU E 4 -87.50 -9.33 -3.82
C LEU E 4 -86.22 -8.92 -3.11
N SER E 5 -85.77 -7.68 -3.32
CA SER E 5 -84.52 -7.19 -2.75
C SER E 5 -84.78 -6.00 -1.84
N TYR E 6 -83.93 -5.85 -0.84
CA TYR E 6 -84.07 -4.79 0.16
C TYR E 6 -82.79 -3.97 0.23
N PRO E 7 -82.83 -2.69 -0.15
CA PRO E 7 -81.64 -1.83 0.01
C PRO E 7 -81.36 -1.55 1.48
N ILE E 8 -80.09 -1.26 1.77
CA ILE E 8 -79.63 -1.01 3.13
C ILE E 8 -79.25 0.45 3.28
N THR E 9 -79.86 1.12 4.24
CA THR E 9 -79.52 2.49 4.62
C THR E 9 -79.58 2.61 6.14
N PRO E 10 -78.44 2.89 6.81
CA PRO E 10 -77.09 3.10 6.27
C PRO E 10 -76.32 1.80 6.10
N TRP E 11 -74.99 1.88 6.04
CA TRP E 11 -74.15 0.70 5.88
C TRP E 11 -74.35 -0.31 7.02
N ARG E 12 -74.71 0.17 8.20
CA ARG E 12 -74.95 -0.69 9.35
C ARG E 12 -76.46 -0.95 9.47
N PHE E 13 -76.84 -2.22 9.47
CA PHE E 13 -78.24 -2.60 9.49
C PHE E 13 -78.44 -3.76 10.46
N LYS E 14 -79.67 -3.90 10.92
CA LYS E 14 -80.04 -4.89 11.93
C LYS E 14 -80.84 -6.02 11.30
N LEU E 15 -80.67 -7.23 11.83
CA LEU E 15 -81.37 -8.41 11.34
C LEU E 15 -81.77 -9.29 12.50
N SER E 16 -82.91 -9.96 12.36
CA SER E 16 -83.33 -11.00 13.30
C SER E 16 -84.10 -12.05 12.51
N CYS E 17 -84.14 -13.27 13.08
CA CYS E 17 -84.76 -14.41 12.43
C CYS E 17 -85.83 -15.01 13.32
N MET E 18 -86.94 -15.42 12.69
CA MET E 18 -88.05 -16.08 13.37
C MET E 18 -88.46 -17.28 12.56
N PRO E 19 -89.01 -18.32 13.20
CA PRO E 19 -89.47 -19.50 12.47
C PRO E 19 -90.59 -19.14 11.51
N PRO E 20 -90.62 -19.76 10.33
CA PRO E 20 -91.68 -19.51 9.33
C PRO E 20 -92.98 -20.24 9.66
N LEU E 62 -84.78 -30.41 13.60
CA LEU E 62 -83.92 -29.28 13.95
C LEU E 62 -82.93 -29.00 12.83
N SER E 63 -82.18 -30.03 12.43
CA SER E 63 -81.18 -29.88 11.39
C SER E 63 -81.77 -29.63 10.01
N LYS E 64 -83.07 -29.86 9.83
CA LYS E 64 -83.73 -29.63 8.56
C LYS E 64 -84.67 -28.43 8.57
N THR E 65 -84.84 -27.77 9.72
CA THR E 65 -85.72 -26.62 9.83
C THR E 65 -84.92 -25.32 9.75
N THR E 66 -85.30 -24.44 8.85
CA THR E 66 -84.64 -23.16 8.65
C THR E 66 -85.56 -22.03 9.08
N PHE E 67 -85.07 -21.17 9.96
CA PHE E 67 -85.84 -20.03 10.46
C PHE E 67 -85.54 -18.82 9.58
N HIS E 68 -86.55 -18.35 8.85
CA HIS E 68 -86.36 -17.23 7.94
C HIS E 68 -86.08 -15.94 8.71
N CYS E 69 -85.13 -15.17 8.22
CA CYS E 69 -84.78 -13.88 8.81
C CYS E 69 -85.45 -12.75 8.04
N CYS E 70 -85.54 -11.59 8.69
CA CYS E 70 -86.15 -10.41 8.11
C CYS E 70 -85.34 -9.17 8.48
N PHE E 71 -85.21 -8.25 7.53
CA PHE E 71 -84.59 -6.97 7.80
C PHE E 71 -85.65 -5.96 8.22
N ARG E 72 -85.47 -5.35 9.38
CA ARG E 72 -86.46 -4.44 9.96
C ARG E 72 -85.87 -3.05 10.06
N SER E 73 -86.61 -2.06 9.60
CA SER E 73 -86.26 -0.67 9.82
C SER E 73 -87.03 -0.15 11.05
N GLU E 74 -86.83 1.13 11.37
CA GLU E 74 -87.54 1.72 12.49
C GLU E 74 -89.02 1.98 12.18
N GLN E 75 -89.43 1.84 10.93
CA GLN E 75 -90.80 2.11 10.51
C GLN E 75 -91.52 0.89 9.98
N ASP E 76 -90.92 0.18 9.02
CA ASP E 76 -91.57 -0.94 8.35
C ASP E 76 -90.66 -2.17 8.38
N ARG E 77 -91.29 -3.34 8.30
CA ARG E 77 -90.59 -4.62 8.31
C ARG E 77 -90.94 -5.39 7.04
N ASN E 78 -89.93 -5.96 6.39
CA ASN E 78 -90.13 -6.73 5.18
C ASN E 78 -89.29 -8.00 5.22
N CYS E 79 -89.74 -9.03 4.52
CA CYS E 79 -89.04 -10.30 4.44
C CYS E 79 -89.03 -10.77 2.99
N SER E 80 -88.02 -11.59 2.66
CA SER E 80 -87.87 -12.11 1.31
C SER E 80 -86.97 -13.33 1.36
N LEU E 81 -87.41 -14.44 0.80
CA LEU E 81 -86.60 -15.65 0.78
C LEU E 81 -85.67 -15.63 -0.43
N CYS E 82 -84.37 -15.75 -0.19
CA CYS E 82 -83.40 -15.75 -1.27
C CYS E 82 -83.51 -17.03 -2.09
N ALA E 83 -83.23 -16.90 -3.38
CA ALA E 83 -83.40 -18.00 -4.32
C ALA E 83 -82.31 -19.06 -4.21
N ASP E 84 -81.45 -19.01 -3.20
CA ASP E 84 -80.41 -20.02 -3.04
C ASP E 84 -81.02 -21.40 -2.81
N ASN E 85 -82.05 -21.49 -1.98
CA ASN E 85 -82.72 -22.74 -1.69
C ASN E 85 -84.20 -22.47 -1.48
N ILE E 86 -85.05 -23.04 -2.33
CA ILE E 86 -86.49 -22.83 -2.19
C ILE E 86 -87.09 -23.81 -1.18
N GLU E 87 -86.33 -24.84 -0.80
CA GLU E 87 -86.79 -25.80 0.20
C GLU E 87 -86.46 -25.38 1.62
N GLY E 88 -85.87 -24.19 1.81
CA GLY E 88 -85.50 -23.75 3.14
C GLY E 88 -86.68 -23.59 4.06
N LYS E 89 -87.79 -23.06 3.55
CA LYS E 89 -88.97 -22.84 4.36
C LYS E 89 -89.68 -24.16 4.66
N THR E 90 -89.37 -24.74 5.81
CA THR E 90 -89.98 -25.99 6.25
C THR E 90 -90.87 -25.75 7.46
N PHE E 91 -91.71 -26.73 7.76
CA PHE E 91 -92.61 -26.63 8.89
C PHE E 91 -91.83 -26.63 10.20
N VAL E 92 -92.30 -25.83 11.15
CA VAL E 92 -91.65 -25.67 12.45
C VAL E 92 -92.58 -26.23 13.51
N SER E 93 -92.07 -27.17 14.31
CA SER E 93 -92.85 -27.77 15.37
C SER E 93 -92.94 -26.83 16.58
N THR E 94 -93.85 -27.16 17.50
CA THR E 94 -94.01 -26.36 18.71
C THR E 94 -92.74 -26.42 19.57
N VAL E 95 -92.11 -27.60 19.65
CA VAL E 95 -90.88 -27.73 20.42
C VAL E 95 -89.78 -26.87 19.82
N ASN E 96 -89.72 -26.80 18.49
CA ASN E 96 -88.74 -25.94 17.84
C ASN E 96 -89.01 -24.47 18.14
N SER E 97 -90.29 -24.07 18.17
CA SER E 97 -90.63 -22.70 18.53
C SER E 97 -90.23 -22.39 19.97
N LEU E 98 -90.45 -23.34 20.88
CA LEU E 98 -90.03 -23.14 22.27
C LEU E 98 -88.52 -23.03 22.39
N VAL E 99 -87.79 -23.86 21.61
CA VAL E 99 -86.34 -23.78 21.62
C VAL E 99 -85.87 -22.43 21.11
N PHE E 100 -86.49 -21.93 20.03
CA PHE E 100 -86.16 -20.61 19.52
C PHE E 100 -86.45 -19.52 20.54
N GLN E 101 -87.56 -19.66 21.27
CA GLN E 101 -87.88 -18.71 22.33
C GLN E 101 -86.81 -18.73 23.42
N GLN E 102 -86.34 -19.93 23.78
CA GLN E 102 -85.28 -20.04 24.77
C GLN E 102 -83.96 -19.48 24.24
N ILE E 103 -83.62 -19.80 22.99
CA ILE E 103 -82.38 -19.37 22.37
C ILE E 103 -82.75 -18.57 21.12
N ASP E 104 -82.81 -17.26 21.25
CA ASP E 104 -83.12 -16.37 20.13
C ASP E 104 -81.81 -15.96 19.46
N ALA E 105 -81.67 -16.30 18.18
CA ALA E 105 -80.45 -16.04 17.43
C ALA E 105 -80.71 -14.91 16.43
N ASN E 106 -80.08 -13.77 16.66
CA ASN E 106 -80.16 -12.63 15.76
C ASN E 106 -78.77 -12.09 15.51
N TRP E 107 -78.55 -11.57 14.29
CA TRP E 107 -77.23 -11.11 13.87
C TRP E 107 -77.34 -9.73 13.25
N ASN E 108 -76.23 -8.99 13.31
CA ASN E 108 -76.08 -7.71 12.64
C ASN E 108 -74.99 -7.85 11.59
N ILE E 109 -75.26 -7.37 10.38
CA ILE E 109 -74.35 -7.47 9.25
C ILE E 109 -73.97 -6.06 8.80
N GLN E 110 -72.68 -5.82 8.64
CA GLN E 110 -72.16 -4.56 8.12
C GLN E 110 -71.26 -4.88 6.93
N CYS E 111 -71.70 -4.47 5.73
CA CYS E 111 -70.97 -4.75 4.50
C CYS E 111 -70.49 -3.44 3.90
N TRP E 112 -69.22 -3.40 3.52
CA TRP E 112 -68.62 -2.21 2.95
C TRP E 112 -67.42 -2.61 2.09
N LEU E 113 -66.93 -1.66 1.32
CA LEU E 113 -65.81 -1.89 0.42
C LEU E 113 -64.63 -1.01 0.82
N LYS E 114 -63.42 -1.55 0.65
CA LYS E 114 -62.19 -0.85 0.97
C LYS E 114 -61.76 0.00 -0.22
N GLY E 115 -60.87 0.95 0.03
CA GLY E 115 -60.47 1.89 -1.01
C GLY E 115 -59.85 1.24 -2.23
N ASP E 116 -59.06 0.18 -2.03
CA ASP E 116 -58.44 -0.50 -3.16
C ASP E 116 -59.42 -1.34 -3.96
N LEU E 117 -60.63 -1.55 -3.47
CA LEU E 117 -61.77 -2.12 -4.19
C LEU E 117 -61.57 -3.56 -4.65
N LYS E 118 -60.47 -4.21 -4.31
CA LYS E 118 -60.26 -5.57 -4.80
C LYS E 118 -60.86 -6.62 -3.87
N LEU E 119 -61.13 -6.26 -2.61
CA LEU E 119 -61.66 -7.20 -1.62
C LEU E 119 -62.78 -6.53 -0.84
N PHE E 120 -63.99 -7.06 -0.98
CA PHE E 120 -65.12 -6.58 -0.20
C PHE E 120 -65.09 -7.20 1.19
N ILE E 121 -65.43 -6.41 2.20
CA ILE E 121 -65.39 -6.83 3.60
C ILE E 121 -66.79 -6.74 4.17
N CYS E 122 -67.25 -7.83 4.78
CA CYS E 122 -68.54 -7.88 5.45
C CYS E 122 -68.34 -8.38 6.88
N TYR E 123 -68.92 -7.65 7.83
CA TYR E 123 -68.83 -7.99 9.26
C TYR E 123 -70.19 -8.44 9.74
N VAL E 124 -70.25 -9.62 10.33
CA VAL E 124 -71.50 -10.21 10.82
C VAL E 124 -71.36 -10.36 12.33
N GLU E 125 -71.94 -9.41 13.08
CA GLU E 125 -71.94 -9.44 14.53
C GLU E 125 -73.32 -9.87 15.03
N SER E 126 -73.44 -9.99 16.36
CA SER E 126 -74.66 -10.48 16.99
C SER E 126 -75.13 -9.49 18.05
N LEU E 127 -76.46 -9.47 18.27
CA LEU E 127 -77.03 -8.60 19.29
C LEU E 127 -76.61 -9.01 20.69
N PHE E 128 -76.75 -10.30 21.01
CA PHE E 128 -76.52 -10.81 22.35
C PHE E 128 -75.37 -11.81 22.33
N LYS E 129 -74.39 -11.60 23.18
CA LYS E 129 -73.26 -12.51 23.36
C LYS E 129 -73.32 -13.08 24.77
N ASN E 130 -73.32 -14.41 24.87
CA ASN E 130 -73.43 -15.10 26.15
C ASN E 130 -72.10 -15.78 26.48
N LEU E 131 -71.56 -15.48 27.65
CA LEU E 131 -70.33 -16.13 28.10
C LEU E 131 -70.60 -17.54 28.60
N PHE E 132 -71.73 -17.76 29.27
CA PHE E 132 -72.04 -19.07 29.82
C PHE E 132 -72.24 -20.10 28.71
N ARG E 133 -72.95 -19.74 27.65
CA ARG E 133 -73.26 -20.64 26.55
C ARG E 133 -72.56 -20.18 25.28
N ASN E 134 -71.81 -21.08 24.66
CA ASN E 134 -71.08 -20.79 23.43
C ASN E 134 -71.62 -21.68 22.32
N TYR E 135 -71.90 -21.09 21.17
CA TYR E 135 -72.43 -21.79 20.02
C TYR E 135 -71.45 -21.68 18.86
N ASN E 136 -71.18 -22.80 18.20
CA ASN E 136 -70.27 -22.83 17.05
C ASN E 136 -71.03 -22.56 15.76
N TYR E 137 -71.70 -21.41 15.74
CA TYR E 137 -72.48 -21.02 14.58
C TYR E 137 -71.59 -20.62 13.42
N LYS E 138 -72.01 -20.95 12.21
CA LYS E 138 -71.29 -20.64 10.99
C LYS E 138 -72.18 -19.81 10.06
N VAL E 139 -71.58 -18.83 9.40
CA VAL E 139 -72.29 -17.92 8.52
C VAL E 139 -71.83 -18.18 7.09
N HIS E 140 -72.79 -18.45 6.20
CA HIS E 140 -72.52 -18.68 4.79
C HIS E 140 -73.07 -17.51 3.99
N LEU E 141 -72.21 -16.88 3.19
CA LEU E 141 -72.59 -15.72 2.38
C LEU E 141 -72.55 -16.10 0.91
N LEU E 142 -73.64 -15.84 0.21
CA LEU E 142 -73.76 -16.11 -1.22
C LEU E 142 -73.92 -14.79 -1.96
N TYR E 143 -73.03 -14.54 -2.93
CA TYR E 143 -73.03 -13.29 -3.68
C TYR E 143 -72.90 -13.59 -5.16
N VAL E 144 -73.45 -12.70 -5.98
CA VAL E 144 -73.36 -12.81 -7.43
C VAL E 144 -73.33 -11.40 -8.02
N LEU E 145 -72.59 -11.25 -9.13
CA LEU E 145 -72.50 -9.99 -9.85
C LEU E 145 -72.71 -10.27 -11.34
N PRO E 146 -73.95 -10.58 -11.74
CA PRO E 146 -74.21 -10.89 -13.15
C PRO E 146 -74.03 -9.68 -14.04
N GLU E 147 -73.66 -9.94 -15.29
CA GLU E 147 -73.52 -8.87 -16.27
C GLU E 147 -74.88 -8.25 -16.57
N VAL E 148 -74.86 -6.95 -16.86
CA VAL E 148 -76.10 -6.23 -17.12
C VAL E 148 -76.70 -6.71 -18.43
N LEU E 149 -77.98 -7.07 -18.40
CA LEU E 149 -78.70 -7.55 -19.56
C LEU E 149 -79.69 -6.47 -20.02
N GLU E 150 -79.63 -6.15 -21.32
CA GLU E 150 -80.52 -5.12 -21.85
C GLU E 150 -81.98 -5.55 -21.78
N ASP E 151 -82.26 -6.82 -22.09
CA ASP E 151 -83.63 -7.33 -22.10
C ASP E 151 -84.01 -7.82 -20.71
N SER E 152 -84.12 -6.87 -19.77
CA SER E 152 -84.54 -7.06 -18.39
C SER E 152 -83.52 -7.86 -17.60
N PRO E 153 -83.42 -7.66 -16.28
CA PRO E 153 -82.49 -8.45 -15.48
C PRO E 153 -83.06 -9.82 -15.16
N LEU E 154 -82.29 -10.86 -15.48
CA LEU E 154 -82.75 -12.23 -15.27
C LEU E 154 -82.83 -12.55 -13.78
N VAL E 155 -83.74 -13.46 -13.45
CA VAL E 155 -83.89 -13.91 -12.06
C VAL E 155 -82.66 -14.70 -11.66
N PRO E 156 -82.08 -14.47 -10.48
CA PRO E 156 -80.89 -15.24 -10.08
C PRO E 156 -81.24 -16.70 -9.87
N GLN E 157 -80.48 -17.58 -10.54
CA GLN E 157 -80.72 -19.00 -10.43
C GLN E 157 -80.19 -19.54 -9.10
N LYS E 158 -80.78 -20.64 -8.65
CA LYS E 158 -80.33 -21.28 -7.42
C LYS E 158 -78.93 -21.85 -7.60
N GLY E 159 -78.05 -21.57 -6.64
CA GLY E 159 -76.67 -22.02 -6.71
C GLY E 159 -75.79 -21.19 -7.61
N SER E 160 -76.34 -20.18 -8.30
CA SER E 160 -75.52 -19.32 -9.16
C SER E 160 -74.67 -18.34 -8.35
N PHE E 161 -75.09 -18.01 -7.14
CA PHE E 161 -74.32 -17.11 -6.30
C PHE E 161 -72.99 -17.74 -5.92
N GLN E 162 -71.91 -16.94 -5.98
CA GLN E 162 -70.63 -17.40 -5.50
C GLN E 162 -70.67 -17.56 -3.99
N MET E 163 -70.13 -18.68 -3.50
CA MET E 163 -70.20 -19.03 -2.10
C MET E 163 -68.85 -18.78 -1.42
N VAL E 164 -68.87 -18.02 -0.35
CA VAL E 164 -67.69 -17.75 0.46
C VAL E 164 -68.08 -17.88 1.94
N HIS E 165 -67.19 -18.46 2.72
CA HIS E 165 -67.45 -18.66 4.14
C HIS E 165 -66.92 -17.48 4.95
N CYS E 166 -67.71 -17.05 5.93
CA CYS E 166 -67.35 -15.96 6.82
C CYS E 166 -66.91 -16.53 8.16
N ASN E 167 -65.71 -16.16 8.59
CA ASN E 167 -65.08 -16.73 9.78
C ASN E 167 -65.53 -15.96 11.01
N CYS E 168 -66.28 -16.62 11.89
CA CYS E 168 -66.70 -16.02 13.15
C CYS E 168 -65.61 -16.22 14.20
N SER E 169 -65.77 -15.51 15.32
CA SER E 169 -64.77 -15.53 16.39
C SER E 169 -65.50 -15.56 17.73
N VAL E 170 -64.74 -15.34 18.80
CA VAL E 170 -65.30 -15.42 20.15
C VAL E 170 -66.29 -14.28 20.39
N HIS E 171 -65.98 -13.08 19.90
CA HIS E 171 -66.86 -11.93 20.07
C HIS E 171 -68.02 -11.92 19.07
N GLU E 172 -68.27 -13.04 18.39
CA GLU E 172 -69.44 -13.24 17.54
C GLU E 172 -69.47 -12.29 16.35
N CYS E 173 -68.34 -11.68 15.99
CA CYS E 173 -68.24 -10.86 14.80
C CYS E 173 -67.56 -11.68 13.71
N CYS E 174 -68.30 -12.01 12.66
CA CYS E 174 -67.83 -12.89 11.61
C CYS E 174 -67.26 -12.05 10.47
N GLU E 175 -65.94 -12.07 10.31
CA GLU E 175 -65.31 -11.40 9.18
C GLU E 175 -65.54 -12.18 7.91
N CYS E 176 -66.00 -11.50 6.86
CA CYS E 176 -66.34 -12.14 5.60
C CYS E 176 -65.73 -11.34 4.47
N LEU E 177 -65.02 -12.02 3.56
CA LEU E 177 -64.33 -11.37 2.46
C LEU E 177 -64.92 -11.79 1.12
N VAL E 178 -65.03 -10.84 0.20
CA VAL E 178 -65.58 -11.08 -1.13
C VAL E 178 -64.67 -10.44 -2.16
N PRO E 179 -64.08 -11.19 -3.09
CA PRO E 179 -63.26 -10.59 -4.15
C PRO E 179 -64.13 -10.02 -5.25
N VAL E 180 -63.95 -8.74 -5.55
CA VAL E 180 -64.73 -8.04 -6.55
C VAL E 180 -63.78 -7.48 -7.60
N PRO E 181 -63.92 -7.85 -8.88
CA PRO E 181 -63.10 -7.24 -9.93
C PRO E 181 -63.44 -5.76 -10.11
N THR E 182 -62.52 -5.06 -10.78
CA THR E 182 -62.63 -3.60 -10.89
C THR E 182 -63.89 -3.18 -11.65
N ALA E 183 -64.38 -4.03 -12.55
CA ALA E 183 -65.56 -3.67 -13.33
C ALA E 183 -66.85 -4.16 -12.69
N LYS E 184 -66.77 -4.90 -11.58
CA LYS E 184 -67.97 -5.51 -11.02
C LYS E 184 -68.57 -4.70 -9.88
N LEU E 185 -67.75 -3.95 -9.14
CA LEU E 185 -68.30 -3.14 -8.05
C LEU E 185 -69.18 -2.01 -8.55
N ASN E 186 -69.00 -1.57 -9.79
CA ASN E 186 -69.84 -0.49 -10.33
C ASN E 186 -71.28 -0.96 -10.49
N ASP E 187 -71.49 -2.25 -10.71
CA ASP E 187 -72.84 -2.79 -10.83
C ASP E 187 -73.39 -3.18 -9.46
N THR E 188 -74.70 -3.44 -9.42
CA THR E 188 -75.35 -3.82 -8.19
C THR E 188 -74.92 -5.21 -7.74
N LEU E 189 -74.80 -5.40 -6.43
CA LEU E 189 -74.38 -6.66 -5.85
C LEU E 189 -75.53 -7.24 -5.03
N LEU E 190 -75.80 -8.53 -5.22
CA LEU E 190 -76.88 -9.23 -4.54
C LEU E 190 -76.30 -10.25 -3.57
N MET E 191 -76.86 -10.31 -2.37
CA MET E 191 -76.35 -11.18 -1.32
C MET E 191 -77.49 -11.82 -0.54
N CYS E 192 -77.33 -13.11 -0.24
CA CYS E 192 -78.16 -13.83 0.71
C CYS E 192 -77.26 -14.53 1.71
N LEU E 193 -77.54 -14.37 3.00
CA LEU E 193 -76.71 -14.89 4.07
C LEU E 193 -77.43 -16.06 4.74
N LYS E 194 -76.70 -17.16 4.91
CA LYS E 194 -77.21 -18.35 5.60
C LYS E 194 -76.39 -18.60 6.85
N ILE E 195 -77.06 -18.70 7.99
CA ILE E 195 -76.41 -18.90 9.28
C ILE E 195 -77.01 -20.13 9.94
N THR E 196 -76.16 -21.04 10.39
CA THR E 196 -76.58 -22.25 11.07
C THR E 196 -76.06 -22.19 12.51
N SER E 197 -76.95 -21.87 13.45
CA SER E 197 -76.58 -21.73 14.86
C SER E 197 -77.27 -22.83 15.66
N GLY E 198 -76.46 -23.63 16.35
CA GLY E 198 -77.00 -24.68 17.20
C GLY E 198 -77.84 -25.70 16.48
N GLY E 199 -77.46 -26.05 15.26
CA GLY E 199 -78.23 -26.98 14.46
C GLY E 199 -79.46 -26.39 13.79
N VAL E 200 -79.69 -25.09 13.91
CA VAL E 200 -80.83 -24.41 13.32
C VAL E 200 -80.33 -23.44 12.28
N ILE E 201 -80.87 -23.53 11.07
CA ILE E 201 -80.42 -22.71 9.95
C ILE E 201 -81.23 -21.42 9.92
N PHE E 202 -80.55 -20.31 9.62
CA PHE E 202 -81.18 -19.00 9.49
C PHE E 202 -80.79 -18.40 8.16
N GLN E 203 -81.78 -18.00 7.36
CA GLN E 203 -81.57 -17.48 6.03
C GLN E 203 -81.93 -15.99 5.99
N SER E 204 -80.96 -15.15 5.63
CA SER E 204 -81.17 -13.72 5.53
C SER E 204 -81.87 -13.36 4.21
N PRO E 205 -82.64 -12.29 4.20
CA PRO E 205 -83.31 -11.87 2.96
C PRO E 205 -82.32 -11.39 1.91
N LEU E 206 -82.80 -11.37 0.67
CA LEU E 206 -82.00 -10.86 -0.45
C LEU E 206 -81.61 -9.41 -0.18
N MET E 207 -80.36 -9.08 -0.49
CA MET E 207 -79.78 -7.78 -0.19
C MET E 207 -79.09 -7.24 -1.43
N SER E 208 -79.52 -6.05 -1.86
CA SER E 208 -79.01 -5.42 -3.07
C SER E 208 -78.37 -4.08 -2.71
N VAL E 209 -77.14 -3.87 -3.17
CA VAL E 209 -76.43 -2.61 -2.99
C VAL E 209 -75.34 -2.52 -4.04
N GLN E 210 -74.88 -1.30 -4.30
CA GLN E 210 -73.81 -1.06 -5.26
C GLN E 210 -72.51 -0.80 -4.51
N PRO E 211 -71.53 -1.70 -4.59
CA PRO E 211 -70.28 -1.49 -3.83
C PRO E 211 -69.51 -0.26 -4.24
N ILE E 212 -69.79 0.32 -5.41
CA ILE E 212 -69.02 1.46 -5.89
C ILE E 212 -69.17 2.66 -4.96
N ASN E 213 -70.38 2.90 -4.47
CA ASN E 213 -70.66 4.09 -3.65
C ASN E 213 -70.69 3.79 -2.15
N MET E 214 -70.48 2.55 -1.74
CA MET E 214 -70.27 2.20 -0.34
C MET E 214 -68.79 1.82 -0.17
N VAL E 215 -67.95 2.82 0.04
CA VAL E 215 -66.52 2.63 0.25
C VAL E 215 -66.11 3.44 1.48
N LYS E 216 -65.37 2.81 2.38
CA LYS E 216 -64.92 3.46 3.61
C LYS E 216 -63.54 4.08 3.39
N PRO E 217 -63.40 5.40 3.51
CA PRO E 217 -62.07 6.01 3.34
C PRO E 217 -61.13 5.67 4.49
N ASP E 218 -59.84 5.71 4.17
CA ASP E 218 -58.77 5.52 5.13
C ASP E 218 -58.23 6.87 5.59
N PRO E 219 -57.60 6.93 6.78
CA PRO E 219 -57.02 8.20 7.22
C PRO E 219 -55.92 8.65 6.29
N PRO E 220 -55.78 9.95 6.06
CA PRO E 220 -54.76 10.44 5.13
C PRO E 220 -53.36 10.14 5.64
N LEU E 221 -52.44 9.92 4.70
CA LEU E 221 -51.04 9.71 4.98
C LEU E 221 -50.23 10.92 4.55
N GLY E 222 -49.03 11.05 5.10
CA GLY E 222 -48.18 12.19 4.80
C GLY E 222 -48.76 13.50 5.28
N LEU E 223 -49.03 13.59 6.58
CA LEU E 223 -49.57 14.81 7.17
C LEU E 223 -48.43 15.75 7.52
N HIS E 224 -48.40 16.92 6.90
CA HIS E 224 -47.40 17.94 7.18
C HIS E 224 -48.05 19.20 7.70
N MET E 225 -47.49 19.75 8.77
CA MET E 225 -47.92 21.03 9.35
C MET E 225 -46.71 21.95 9.34
N GLU E 226 -46.52 22.68 8.25
CA GLU E 226 -45.34 23.49 8.04
C GLU E 226 -45.73 24.97 7.90
N ILE E 227 -44.83 25.84 8.33
CA ILE E 227 -45.00 27.28 8.13
C ILE E 227 -44.50 27.65 6.75
N THR E 228 -45.38 28.21 5.93
CA THR E 228 -45.01 28.54 4.56
C THR E 228 -44.10 29.76 4.52
N ASP E 229 -43.37 29.90 3.40
CA ASP E 229 -42.51 31.05 3.20
C ASP E 229 -43.30 32.35 3.18
N ASP E 230 -44.56 32.29 2.75
CA ASP E 230 -45.43 33.45 2.81
C ASP E 230 -46.07 33.63 4.19
N GLY E 231 -45.85 32.71 5.11
CA GLY E 231 -46.42 32.79 6.44
C GLY E 231 -47.83 32.29 6.57
N ASN E 232 -48.43 31.78 5.49
CA ASN E 232 -49.80 31.27 5.56
C ASN E 232 -49.88 29.99 6.38
N LEU E 233 -48.76 29.29 6.58
CA LEU E 233 -48.69 28.08 7.40
C LEU E 233 -49.68 27.02 6.89
N LYS E 234 -49.41 26.59 5.66
CA LYS E 234 -50.23 25.58 5.03
C LYS E 234 -50.03 24.22 5.68
N ILE E 235 -51.14 23.53 5.96
CA ILE E 235 -51.10 22.23 6.62
C ILE E 235 -51.48 21.15 5.61
N SER E 236 -51.15 21.39 4.34
CA SER E 236 -51.50 20.47 3.27
C SER E 236 -51.01 19.06 3.56
N TRP E 237 -51.95 18.12 3.64
CA TRP E 237 -51.66 16.71 3.85
C TRP E 237 -51.81 15.96 2.54
N SER E 238 -50.91 15.01 2.30
CA SER E 238 -50.95 14.24 1.07
C SER E 238 -52.20 13.38 1.02
N SER E 239 -52.84 13.36 -0.15
CA SER E 239 -54.00 12.50 -0.35
C SER E 239 -53.58 11.04 -0.31
N PRO E 240 -54.40 10.17 0.26
CA PRO E 240 -54.05 8.74 0.31
C PRO E 240 -54.01 8.15 -1.09
N PRO E 241 -52.85 7.65 -1.53
CA PRO E 241 -52.76 7.05 -2.87
C PRO E 241 -53.63 5.80 -3.03
N LEU E 242 -54.01 5.15 -1.93
CA LEU E 242 -54.84 3.95 -2.04
C LEU E 242 -56.24 4.27 -2.56
N VAL E 243 -56.75 5.45 -2.25
CA VAL E 243 -58.09 5.85 -2.70
C VAL E 243 -58.04 6.25 -4.17
N PRO E 244 -58.93 5.69 -5.01
CA PRO E 244 -58.89 6.05 -6.44
C PRO E 244 -59.16 7.52 -6.72
N PHE E 245 -59.98 8.18 -5.93
CA PHE E 245 -60.35 9.57 -6.18
C PHE E 245 -60.23 10.37 -4.90
N PRO E 246 -60.03 11.68 -5.00
CA PRO E 246 -59.90 12.51 -3.80
C PRO E 246 -61.17 12.51 -2.97
N LEU E 247 -61.00 12.73 -1.67
CA LEU E 247 -62.08 12.64 -0.70
C LEU E 247 -62.26 13.97 0.04
N GLN E 248 -63.42 14.10 0.69
CA GLN E 248 -63.70 15.25 1.53
C GLN E 248 -63.14 15.02 2.93
N TYR E 249 -62.50 16.05 3.48
CA TYR E 249 -61.76 15.92 4.71
C TYR E 249 -62.38 16.79 5.80
N GLN E 250 -62.59 16.20 6.97
CA GLN E 250 -62.93 16.94 8.18
C GLN E 250 -61.71 16.90 9.10
N VAL E 251 -61.27 18.07 9.53
CA VAL E 251 -60.02 18.20 10.28
C VAL E 251 -60.36 18.66 11.70
N LYS E 252 -59.84 17.91 12.68
CA LYS E 252 -59.96 18.32 14.09
C LYS E 252 -58.64 18.93 14.54
N TYR E 253 -58.31 20.07 13.93
CA TYR E 253 -57.06 20.76 14.26
C TYR E 253 -57.12 21.29 15.68
N SER E 254 -56.06 21.05 16.44
CA SER E 254 -55.98 21.44 17.85
C SER E 254 -54.91 22.51 17.98
N GLU E 255 -55.35 23.78 18.00
CA GLU E 255 -54.43 24.89 18.20
C GLU E 255 -54.00 24.95 19.66
N ASN E 256 -52.88 24.31 19.97
CA ASN E 256 -52.44 24.15 21.36
C ASN E 256 -51.55 25.34 21.76
N SER E 257 -52.16 26.52 21.74
CA SER E 257 -51.50 27.70 22.27
C SER E 257 -51.49 27.67 23.79
N THR E 258 -50.48 28.29 24.38
CA THR E 258 -50.34 28.28 25.83
C THR E 258 -51.53 28.98 26.51
N THR E 259 -51.93 30.14 25.98
CA THR E 259 -53.02 30.88 26.59
C THR E 259 -54.39 30.25 26.30
N VAL E 260 -54.61 29.83 25.06
CA VAL E 260 -55.93 29.35 24.62
C VAL E 260 -55.75 27.99 23.96
N ILE E 261 -56.61 27.04 24.33
CA ILE E 261 -56.67 25.73 23.70
C ILE E 261 -57.89 25.71 22.78
N ARG E 262 -57.66 25.39 21.51
CA ARG E 262 -58.70 25.42 20.50
C ARG E 262 -58.99 24.01 19.98
N GLU E 263 -60.26 23.73 19.69
CA GLU E 263 -60.67 22.46 19.11
C GLU E 263 -61.87 22.73 18.21
N ALA E 264 -61.62 22.88 16.91
CA ALA E 264 -62.65 23.19 15.94
C ALA E 264 -62.51 22.27 14.74
N ASP E 265 -63.62 22.06 14.03
CA ASP E 265 -63.67 21.16 12.89
C ASP E 265 -64.00 21.95 11.62
N LYS E 266 -63.27 21.67 10.55
CA LYS E 266 -63.49 22.27 9.25
C LYS E 266 -63.89 21.18 8.25
N ILE E 267 -64.94 21.44 7.48
CA ILE E 267 -65.52 20.44 6.59
C ILE E 267 -64.97 20.62 5.18
N VAL E 268 -63.96 21.49 5.03
CA VAL E 268 -63.41 21.79 3.71
C VAL E 268 -62.78 20.53 3.12
N SER E 269 -63.18 20.21 1.89
CA SER E 269 -62.73 18.99 1.23
C SER E 269 -61.32 19.08 0.65
N ALA E 270 -60.76 20.28 0.55
CA ALA E 270 -59.44 20.44 -0.05
C ALA E 270 -58.37 19.83 0.85
N THR E 271 -57.38 19.20 0.23
CA THR E 271 -56.26 18.63 0.97
C THR E 271 -55.34 19.69 1.55
N SER E 272 -55.47 20.94 1.11
CA SER E 272 -54.64 22.04 1.59
C SER E 272 -55.47 22.92 2.52
N LEU E 273 -54.98 23.14 3.73
CA LEU E 273 -55.68 23.91 4.75
C LEU E 273 -54.86 25.15 5.11
N LEU E 274 -55.48 26.32 4.99
CA LEU E 274 -54.84 27.59 5.29
C LEU E 274 -55.58 28.28 6.43
N VAL E 275 -54.82 28.74 7.43
CA VAL E 275 -55.38 29.44 8.59
C VAL E 275 -54.59 30.72 8.80
N ASP E 276 -55.30 31.82 9.02
CA ASP E 276 -54.70 33.15 9.14
C ASP E 276 -54.91 33.71 10.55
N SER E 277 -54.19 34.80 10.84
CA SER E 277 -54.28 35.51 12.11
C SER E 277 -53.95 34.56 13.28
N ILE E 278 -52.70 34.10 13.30
CA ILE E 278 -52.32 32.98 14.13
C ILE E 278 -51.76 33.46 15.46
N LEU E 279 -51.76 32.54 16.46
CA LEU E 279 -51.20 32.68 17.79
C LEU E 279 -49.89 31.92 17.88
N PRO E 280 -48.79 32.59 18.20
CA PRO E 280 -47.49 31.91 18.25
C PRO E 280 -47.41 30.91 19.40
N GLY E 281 -46.45 29.99 19.26
CA GLY E 281 -46.25 28.98 20.28
C GLY E 281 -47.40 28.01 20.45
N SER E 282 -48.04 27.61 19.37
CA SER E 282 -49.19 26.71 19.41
C SER E 282 -48.84 25.42 18.66
N SER E 283 -48.80 24.32 19.40
CA SER E 283 -48.67 23.01 18.76
C SER E 283 -49.96 22.67 18.03
N TYR E 284 -49.84 21.92 16.94
CA TYR E 284 -50.98 21.54 16.12
C TYR E 284 -51.18 20.03 16.19
N GLU E 285 -52.38 19.61 16.58
CA GLU E 285 -52.76 18.20 16.62
C GLU E 285 -53.95 18.06 15.67
N VAL E 286 -53.65 17.87 14.39
CA VAL E 286 -54.68 17.76 13.35
C VAL E 286 -55.12 16.31 13.26
N GLN E 287 -56.42 16.08 13.42
CA GLN E 287 -57.00 14.74 13.44
C GLN E 287 -57.85 14.49 12.19
N VAL E 288 -57.38 14.96 11.04
CA VAL E 288 -58.12 14.79 9.80
C VAL E 288 -58.14 13.31 9.42
N ARG E 289 -59.34 12.80 9.13
CA ARG E 289 -59.53 11.40 8.76
C ARG E 289 -60.12 11.24 7.37
N GLY E 290 -61.03 12.10 6.95
CA GLY E 290 -61.53 12.10 5.59
C GLY E 290 -62.86 11.39 5.46
N LYS E 291 -63.60 11.79 4.42
CA LYS E 291 -64.88 11.18 4.08
C LYS E 291 -65.03 11.23 2.57
N ARG E 292 -65.80 10.28 2.04
CA ARG E 292 -65.95 10.18 0.59
C ARG E 292 -66.64 11.43 0.04
N LEU E 293 -66.02 12.03 -0.98
CA LEU E 293 -66.57 13.24 -1.59
C LEU E 293 -67.89 12.93 -2.30
N ASP E 294 -67.96 11.82 -3.02
CA ASP E 294 -69.15 11.43 -3.75
C ASP E 294 -69.66 10.10 -3.21
N GLY E 295 -70.94 10.06 -2.86
CA GLY E 295 -71.55 8.87 -2.33
C GLY E 295 -71.39 8.74 -0.84
N PRO E 296 -72.28 7.97 -0.20
CA PRO E 296 -72.18 7.78 1.26
C PRO E 296 -71.04 6.84 1.64
N GLY E 297 -70.94 6.53 2.92
CA GLY E 297 -69.92 5.62 3.39
C GLY E 297 -69.76 5.71 4.90
N ILE E 298 -68.70 5.08 5.39
CA ILE E 298 -68.37 5.06 6.81
C ILE E 298 -67.27 6.08 7.07
N TRP E 299 -67.37 6.77 8.20
CA TRP E 299 -66.33 7.73 8.57
C TRP E 299 -65.02 7.01 8.80
N SER E 300 -63.93 7.64 8.36
CA SER E 300 -62.61 7.02 8.46
C SER E 300 -62.20 6.84 9.91
N ASP E 301 -61.55 5.70 10.19
CA ASP E 301 -61.05 5.43 11.52
C ASP E 301 -59.97 6.44 11.90
N TRP E 302 -59.94 6.80 13.18
CA TRP E 302 -59.04 7.85 13.66
C TRP E 302 -57.62 7.30 13.76
N SER E 303 -56.68 8.01 13.14
CA SER E 303 -55.28 7.59 13.13
C SER E 303 -54.52 8.26 14.26
N THR E 304 -53.21 8.03 14.29
CA THR E 304 -52.37 8.61 15.32
C THR E 304 -52.27 10.12 15.15
N PRO E 305 -52.23 10.88 16.25
CA PRO E 305 -52.08 12.34 16.13
C PRO E 305 -50.70 12.71 15.60
N ARG E 306 -50.66 13.85 14.91
CA ARG E 306 -49.43 14.44 14.41
C ARG E 306 -49.26 15.82 15.02
N VAL E 307 -48.12 16.06 15.66
CA VAL E 307 -47.89 17.30 16.40
C VAL E 307 -46.53 17.87 16.03
N PHE E 308 -46.44 19.20 15.98
CA PHE E 308 -45.18 19.92 15.86
C PHE E 308 -45.10 20.95 16.98
N THR E 309 -43.91 21.16 17.50
CA THR E 309 -43.71 21.94 18.72
C THR E 309 -43.22 23.34 18.39
N THR E 310 -43.94 24.34 18.89
CA THR E 310 -43.50 25.73 18.86
C THR E 310 -43.36 26.22 20.29
N GLN E 311 -42.17 26.74 20.63
CA GLN E 311 -41.87 27.15 22.00
C GLN E 311 -42.06 28.65 22.12
N ASP E 312 -43.32 29.06 22.19
CA ASP E 312 -43.74 30.45 22.34
C ASP E 312 -43.32 31.32 21.16
N VAL E 313 -42.93 30.71 20.04
CA VAL E 313 -42.50 31.47 18.86
C VAL E 313 -42.97 30.73 17.62
N ILE E 314 -43.41 31.50 16.61
CA ILE E 314 -43.64 30.99 15.27
C ILE E 314 -42.80 31.83 14.31
N TYR E 315 -41.91 31.17 13.58
CA TYR E 315 -40.99 31.84 12.68
C TYR E 315 -41.44 31.69 11.24
N PHE E 316 -41.25 32.75 10.46
CA PHE E 316 -41.17 32.58 9.02
C PHE E 316 -39.97 31.70 8.75
N PRO E 317 -40.09 30.67 7.90
CA PRO E 317 -39.03 29.66 7.77
C PRO E 317 -37.69 30.31 7.43
N PRO E 318 -36.73 30.25 8.36
CA PRO E 318 -35.44 30.89 8.11
C PRO E 318 -34.45 29.94 7.46
N LYS E 319 -34.97 28.79 7.00
CA LYS E 319 -34.09 27.77 6.40
C LYS E 319 -33.42 28.30 5.14
N ILE E 320 -34.16 29.05 4.31
CA ILE E 320 -33.65 29.46 3.01
C ILE E 320 -32.33 30.20 3.18
N LEU E 321 -31.34 29.81 2.36
CA LEU E 321 -29.99 30.33 2.48
C LEU E 321 -29.79 31.51 1.53
N THR E 322 -28.96 32.45 1.96
CA THR E 322 -28.67 33.66 1.21
C THR E 322 -27.18 33.76 0.96
N SER E 323 -26.82 34.55 -0.04
CA SER E 323 -25.43 34.73 -0.46
C SER E 323 -24.89 36.06 0.07
N VAL E 324 -23.64 36.37 -0.31
CA VAL E 324 -23.05 37.64 0.05
C VAL E 324 -23.66 38.76 -0.79
N GLY E 325 -24.03 39.86 -0.14
CA GLY E 325 -24.70 40.95 -0.80
C GLY E 325 -26.18 40.73 -1.07
N SER E 326 -26.73 39.61 -0.63
CA SER E 326 -28.14 39.31 -0.90
C SER E 326 -29.06 40.21 -0.10
N ASN E 327 -30.25 40.46 -0.64
CA ASN E 327 -31.24 41.38 -0.09
C ASN E 327 -32.53 40.61 0.17
N VAL E 328 -32.81 40.33 1.44
CA VAL E 328 -33.95 39.49 1.83
C VAL E 328 -34.59 40.08 3.08
N SER E 329 -35.70 39.47 3.47
CA SER E 329 -36.48 39.91 4.62
C SER E 329 -37.13 38.71 5.29
N PHE E 330 -37.49 38.87 6.55
CA PHE E 330 -38.17 37.83 7.33
C PHE E 330 -39.12 38.48 8.31
N HIS E 331 -40.02 37.67 8.86
CA HIS E 331 -40.99 38.10 9.86
C HIS E 331 -41.02 37.10 11.01
N CYS E 332 -41.35 37.61 12.20
CA CYS E 332 -41.48 36.78 13.39
C CYS E 332 -42.60 37.30 14.27
N ILE E 333 -43.16 36.40 15.09
CA ILE E 333 -44.19 36.73 16.06
C ILE E 333 -43.88 35.98 17.35
N TYR E 334 -43.98 36.67 18.49
CA TYR E 334 -43.62 36.13 19.78
C TYR E 334 -44.85 36.01 20.67
N LYS E 335 -44.84 35.02 21.57
CA LYS E 335 -45.93 34.77 22.49
C LYS E 335 -45.52 35.21 23.90
N LYS E 336 -46.24 36.20 24.43
CA LYS E 336 -46.03 36.67 25.80
C LYS E 336 -47.42 36.93 26.40
N GLU E 337 -47.98 35.91 27.04
CA GLU E 337 -49.32 35.98 27.64
C GLU E 337 -50.36 36.40 26.62
N ASN E 338 -51.44 37.04 27.07
CA ASN E 338 -52.46 37.52 26.17
C ASN E 338 -51.95 38.73 25.39
N LYS E 339 -52.77 39.17 24.42
CA LYS E 339 -52.47 40.29 23.54
C LYS E 339 -51.27 39.99 22.63
N ILE E 340 -50.79 38.75 22.63
CA ILE E 340 -49.60 38.35 21.87
C ILE E 340 -48.45 39.28 22.22
N VAL E 341 -47.91 39.94 21.20
CA VAL E 341 -46.87 40.95 21.39
C VAL E 341 -47.17 42.12 20.47
N PRO E 342 -47.37 43.32 20.99
CA PRO E 342 -47.64 44.47 20.12
C PRO E 342 -46.46 44.76 19.20
N SER E 343 -46.78 45.28 18.01
CA SER E 343 -45.73 45.62 17.05
C SER E 343 -44.78 46.67 17.61
N LYS E 344 -45.31 47.61 18.40
CA LYS E 344 -44.45 48.56 19.09
C LYS E 344 -43.54 47.86 20.09
N GLU E 345 -44.09 46.88 20.82
CA GLU E 345 -43.30 46.10 21.76
C GLU E 345 -42.42 45.05 21.09
N ILE E 346 -42.57 44.84 19.79
CA ILE E 346 -41.76 43.87 19.08
C ILE E 346 -40.32 44.35 19.05
N VAL E 347 -39.41 43.54 19.58
CA VAL E 347 -37.99 43.86 19.65
C VAL E 347 -37.21 42.70 19.01
N TRP E 348 -36.42 43.02 18.00
CA TRP E 348 -35.68 42.02 17.23
C TRP E 348 -34.20 42.35 17.24
N TRP E 349 -33.37 41.31 17.28
CA TRP E 349 -31.92 41.46 17.31
C TRP E 349 -31.30 40.13 16.88
N MET E 350 -29.98 40.03 17.00
CA MET E 350 -29.28 38.79 16.67
C MET E 350 -28.12 38.59 17.63
N ASN E 351 -27.88 37.33 18.00
CA ASN E 351 -26.80 36.95 18.92
C ASN E 351 -26.90 37.71 20.25
N LEU E 352 -28.14 37.91 20.70
CA LEU E 352 -28.43 38.52 22.00
C LEU E 352 -27.85 39.93 22.12
N ALA E 353 -27.78 40.65 21.01
CA ALA E 353 -27.25 42.01 21.00
C ALA E 353 -27.59 42.67 19.67
N GLU E 354 -27.20 43.94 19.54
CA GLU E 354 -27.27 44.70 18.29
C GLU E 354 -28.71 44.72 17.74
N LYS E 355 -29.57 45.38 18.52
CA LYS E 355 -30.95 45.58 18.10
C LYS E 355 -31.02 46.35 16.79
N ILE E 356 -31.81 45.85 15.85
CA ILE E 356 -31.99 46.54 14.57
C ILE E 356 -32.72 47.86 14.80
N PRO E 357 -32.28 48.95 14.19
CA PRO E 357 -32.99 50.23 14.37
C PRO E 357 -34.41 50.17 13.83
N GLN E 358 -35.28 50.97 14.44
CA GLN E 358 -36.69 50.98 14.06
C GLN E 358 -36.91 51.47 12.63
N SER E 359 -35.94 52.19 12.06
CA SER E 359 -36.08 52.67 10.68
C SER E 359 -36.17 51.51 9.72
N GLN E 360 -35.36 50.47 9.92
CA GLN E 360 -35.41 49.27 9.07
C GLN E 360 -36.54 48.32 9.45
N TYR E 361 -37.26 48.60 10.52
CA TYR E 361 -38.33 47.72 11.00
C TYR E 361 -39.58 47.96 10.17
N ASP E 362 -39.69 47.27 9.04
CA ASP E 362 -40.91 47.31 8.25
C ASP E 362 -41.99 46.47 8.93
N VAL E 363 -43.23 46.67 8.48
CA VAL E 363 -44.37 45.98 9.08
C VAL E 363 -45.45 45.82 8.04
N VAL E 364 -46.19 44.72 8.14
CA VAL E 364 -47.37 44.49 7.31
C VAL E 364 -48.63 44.22 8.13
N SER E 365 -48.50 43.76 9.38
CA SER E 365 -49.63 43.54 10.25
C SER E 365 -49.17 43.68 11.69
N ASP E 366 -50.13 43.91 12.59
CA ASP E 366 -49.80 44.06 14.00
C ASP E 366 -49.28 42.78 14.63
N HIS E 367 -49.48 41.63 13.97
CA HIS E 367 -49.00 40.37 14.50
C HIS E 367 -47.54 40.12 14.15
N VAL E 368 -47.15 40.42 12.91
CA VAL E 368 -45.80 40.15 12.43
C VAL E 368 -45.22 41.43 11.85
N SER E 369 -44.02 41.79 12.31
CA SER E 369 -43.26 42.89 11.74
C SER E 369 -42.40 42.36 10.60
N LYS E 370 -41.45 43.17 10.13
CA LYS E 370 -40.56 42.74 9.05
C LYS E 370 -39.19 43.36 9.24
N VAL E 371 -38.15 42.53 9.15
CA VAL E 371 -36.76 42.98 9.14
C VAL E 371 -36.18 42.62 7.79
N THR E 372 -35.62 43.61 7.09
CA THR E 372 -35.08 43.42 5.75
C THR E 372 -33.55 43.45 5.84
N PHE E 373 -32.94 42.28 5.65
CA PHE E 373 -31.48 42.21 5.64
C PHE E 373 -30.92 42.89 4.39
N PHE E 374 -29.88 43.69 4.59
CA PHE E 374 -29.45 44.71 3.62
C PHE E 374 -27.99 44.46 3.30
N ASN E 375 -27.73 43.58 2.33
CA ASN E 375 -26.37 43.07 2.06
C ASN E 375 -25.66 42.69 3.36
N LEU E 376 -26.26 41.73 4.07
CA LEU E 376 -25.69 41.27 5.32
C LEU E 376 -24.32 40.64 5.08
N ASN E 377 -23.42 40.85 6.03
CA ASN E 377 -22.07 40.32 5.91
C ASN E 377 -22.09 38.79 5.93
N GLU E 378 -21.01 38.20 5.43
CA GLU E 378 -20.90 36.76 5.35
C GLU E 378 -21.01 36.13 6.73
N THR E 379 -21.84 35.10 6.85
CA THR E 379 -22.01 34.43 8.14
C THR E 379 -20.75 33.66 8.49
N LYS E 380 -20.25 33.88 9.70
CA LYS E 380 -19.05 33.22 10.19
C LYS E 380 -19.42 32.29 11.35
N PRO E 381 -18.99 31.03 11.33
CA PRO E 381 -19.36 30.11 12.41
C PRO E 381 -18.62 30.43 13.71
N ARG E 382 -19.35 30.97 14.69
CA ARG E 382 -18.79 31.33 15.98
C ARG E 382 -19.21 30.29 17.02
N GLY E 383 -18.23 29.74 17.73
CA GLY E 383 -18.54 28.72 18.71
C GLY E 383 -19.11 27.47 18.06
N LYS E 384 -20.01 26.80 18.79
CA LYS E 384 -20.63 25.59 18.25
C LYS E 384 -21.59 25.92 17.11
N PHE E 385 -22.35 27.01 17.24
CA PHE E 385 -23.36 27.35 16.24
C PHE E 385 -22.68 27.87 14.97
N THR E 386 -22.89 27.17 13.86
CA THR E 386 -22.42 27.61 12.56
C THR E 386 -23.45 28.43 11.80
N TYR E 387 -24.60 28.69 12.42
CA TYR E 387 -25.70 29.43 11.80
C TYR E 387 -25.96 30.71 12.58
N ASP E 388 -26.30 31.77 11.86
CA ASP E 388 -26.64 33.03 12.50
C ASP E 388 -27.91 32.87 13.34
N ALA E 389 -27.89 33.40 14.55
CA ALA E 389 -29.00 33.29 15.48
C ALA E 389 -29.78 34.60 15.51
N VAL E 390 -31.09 34.51 15.28
CA VAL E 390 -31.98 35.66 15.30
C VAL E 390 -33.00 35.45 16.41
N TYR E 391 -33.13 36.44 17.30
CA TYR E 391 -34.03 36.36 18.43
C TYR E 391 -35.15 37.38 18.27
N CYS E 392 -36.39 36.90 18.38
CA CYS E 392 -37.57 37.75 18.36
C CYS E 392 -38.38 37.46 19.62
N CYS E 393 -38.52 38.47 20.48
CA CYS E 393 -39.16 38.28 21.78
C CYS E 393 -39.87 39.58 22.15
N ASN E 394 -40.27 39.68 23.42
CA ASN E 394 -40.91 40.85 23.97
C ASN E 394 -40.15 41.32 25.20
N GLU E 395 -40.01 42.64 25.32
CA GLU E 395 -39.30 43.26 26.44
C GLU E 395 -37.85 42.79 26.52
N HIS E 396 -37.22 42.99 27.69
CA HIS E 396 -35.81 42.63 27.83
C HIS E 396 -35.64 41.11 27.84
N GLU E 397 -36.44 40.40 28.62
CA GLU E 397 -36.32 38.95 28.71
C GLU E 397 -36.80 38.30 27.42
N CYS E 398 -36.01 37.36 26.91
CA CYS E 398 -36.31 36.70 25.64
C CYS E 398 -36.25 35.19 25.80
N HIS E 399 -36.97 34.50 24.92
CA HIS E 399 -36.96 33.05 24.91
C HIS E 399 -35.61 32.53 24.45
N HIS E 400 -35.20 31.39 25.00
CA HIS E 400 -33.87 30.86 24.70
C HIS E 400 -33.77 30.33 23.27
N ARG E 401 -34.87 29.82 22.71
CA ARG E 401 -34.83 29.27 21.36
C ARG E 401 -34.62 30.38 20.34
N TYR E 402 -33.82 30.09 19.31
CA TYR E 402 -33.54 31.05 18.26
C TYR E 402 -33.82 30.44 16.88
N ALA E 403 -33.43 31.15 15.82
CA ALA E 403 -33.60 30.67 14.46
C ALA E 403 -32.24 30.58 13.77
N GLU E 404 -32.12 29.62 12.86
CA GLU E 404 -30.89 29.38 12.13
C GLU E 404 -30.90 30.16 10.82
N LEU E 405 -29.73 30.59 10.39
CA LEU E 405 -29.58 31.36 9.17
C LEU E 405 -28.22 31.05 8.55
N TYR E 406 -28.13 31.20 7.23
CA TYR E 406 -26.92 30.83 6.49
C TYR E 406 -26.65 31.90 5.43
N VAL E 407 -25.54 32.61 5.57
CA VAL E 407 -25.04 33.51 4.54
C VAL E 407 -23.72 32.94 4.04
N ILE E 408 -23.66 32.64 2.75
CA ILE E 408 -22.54 31.91 2.17
C ILE E 408 -21.89 32.74 1.08
N ASP E 409 -20.57 32.62 1.00
CA ASP E 409 -19.78 33.28 -0.05
C ASP E 409 -19.75 32.36 -1.26
N VAL E 410 -20.68 32.57 -2.19
CA VAL E 410 -20.80 31.74 -3.38
C VAL E 410 -19.89 32.23 -4.50
N ASN E 411 -19.02 33.20 -4.22
CA ASN E 411 -18.10 33.72 -5.23
C ASN E 411 -16.96 32.72 -5.42
N ILE E 412 -16.96 32.02 -6.54
CA ILE E 412 -15.94 31.02 -6.85
C ILE E 412 -15.12 31.51 -8.02
N ASN E 413 -13.86 31.09 -8.06
CA ASN E 413 -12.93 31.47 -9.12
C ASN E 413 -12.52 30.24 -9.90
N ILE E 414 -12.57 30.34 -11.23
CA ILE E 414 -12.18 29.27 -12.13
C ILE E 414 -11.35 29.85 -13.27
N SER E 415 -10.39 29.07 -13.74
CA SER E 415 -9.55 29.48 -14.87
C SER E 415 -8.94 28.22 -15.47
N CYS E 416 -9.40 27.84 -16.66
CA CYS E 416 -8.91 26.63 -17.30
C CYS E 416 -7.79 26.96 -18.28
N GLU E 417 -7.11 25.92 -18.74
CA GLU E 417 -5.94 26.07 -19.60
C GLU E 417 -5.83 24.85 -20.50
N THR E 418 -5.09 25.00 -21.59
CA THR E 418 -4.90 23.94 -22.56
C THR E 418 -3.41 23.70 -22.78
N ASP E 419 -3.04 22.45 -23.03
CA ASP E 419 -1.64 22.13 -23.29
C ASP E 419 -1.23 22.62 -24.68
N GLY E 420 0.08 22.62 -24.90
CA GLY E 420 0.59 23.09 -26.19
C GLY E 420 0.15 22.22 -27.35
N TYR E 421 0.04 20.91 -27.12
CA TYR E 421 -0.37 19.98 -28.18
C TYR E 421 -1.85 20.11 -28.53
N LEU E 422 -2.63 20.88 -27.78
CA LEU E 422 -4.05 21.11 -28.06
C LEU E 422 -4.84 19.81 -28.05
N THR E 423 -4.74 19.09 -26.92
CA THR E 423 -5.43 17.82 -26.74
C THR E 423 -6.32 17.81 -25.52
N LYS E 424 -5.92 18.45 -24.43
CA LYS E 424 -6.61 18.34 -23.15
C LYS E 424 -6.77 19.71 -22.51
N MET E 425 -7.81 19.82 -21.68
CA MET E 425 -8.08 21.03 -20.91
C MET E 425 -8.17 20.68 -19.44
N THR E 426 -7.57 21.51 -18.59
CA THR E 426 -7.50 21.27 -17.15
C THR E 426 -7.67 22.58 -16.41
N CYS E 427 -8.33 22.51 -15.25
CA CYS E 427 -8.44 23.66 -14.36
C CYS E 427 -8.72 23.23 -12.94
N ARG E 428 -8.56 24.18 -12.03
CA ARG E 428 -8.64 23.94 -10.60
C ARG E 428 -9.35 25.10 -9.92
N TRP E 429 -9.90 24.82 -8.74
CA TRP E 429 -10.58 25.82 -7.94
C TRP E 429 -10.30 25.52 -6.47
N SER E 430 -10.12 26.59 -5.68
CA SER E 430 -9.70 26.46 -4.30
C SER E 430 -10.59 27.31 -3.39
N THR E 431 -11.90 27.27 -3.61
CA THR E 431 -12.81 28.02 -2.75
C THR E 431 -13.00 27.35 -1.40
N SER E 432 -12.83 26.02 -1.33
CA SER E 432 -13.05 25.31 -0.07
C SER E 432 -12.04 25.72 1.00
N THR E 433 -10.77 25.88 0.61
CA THR E 433 -9.74 26.23 1.58
C THR E 433 -9.97 27.61 2.17
N ILE E 434 -10.37 28.58 1.34
CA ILE E 434 -10.54 29.94 1.82
C ILE E 434 -11.86 30.12 2.54
N GLN E 435 -12.92 29.47 2.05
CA GLN E 435 -14.23 29.62 2.68
C GLN E 435 -14.25 28.93 4.05
N SER E 436 -14.93 29.56 5.00
CA SER E 436 -15.03 29.01 6.35
C SER E 436 -16.05 27.88 6.42
N LEU E 437 -17.13 27.97 5.65
CA LEU E 437 -18.21 27.00 5.73
C LEU E 437 -17.80 25.69 5.05
N ALA E 438 -17.61 24.65 5.85
CA ALA E 438 -17.30 23.32 5.33
C ALA E 438 -18.59 22.53 5.18
N GLU E 439 -18.47 21.21 4.95
CA GLU E 439 -19.57 20.27 4.94
C GLU E 439 -20.45 20.45 3.70
N SER E 440 -20.16 21.46 2.90
CA SER E 440 -20.93 21.72 1.68
C SER E 440 -20.38 20.84 0.56
N THR E 441 -21.19 19.88 0.11
CA THR E 441 -20.77 19.01 -0.98
C THR E 441 -20.63 19.83 -2.26
N LEU E 442 -19.58 19.52 -3.03
CA LEU E 442 -19.20 20.31 -4.20
C LEU E 442 -19.30 19.44 -5.44
N GLN E 443 -19.92 19.98 -6.48
CA GLN E 443 -20.08 19.30 -7.76
C GLN E 443 -19.89 20.29 -8.90
N LEU E 444 -19.54 19.77 -10.07
CA LEU E 444 -19.27 20.57 -11.25
C LEU E 444 -20.18 20.12 -12.38
N ARG E 445 -20.89 21.08 -12.99
CA ARG E 445 -21.73 20.84 -14.15
C ARG E 445 -21.24 21.71 -15.30
N TYR E 446 -21.18 21.15 -16.50
CA TYR E 446 -20.67 21.86 -17.67
C TYR E 446 -21.68 21.75 -18.81
N HIS E 447 -21.86 22.86 -19.53
CA HIS E 447 -22.72 22.91 -20.70
C HIS E 447 -21.96 23.60 -21.82
N ARG E 448 -22.22 23.17 -23.06
CA ARG E 448 -21.46 23.63 -24.22
C ARG E 448 -22.39 24.28 -25.23
N SER E 449 -21.94 25.40 -25.79
CA SER E 449 -22.56 26.02 -26.95
C SER E 449 -21.69 25.76 -28.17
N SER E 450 -22.34 25.38 -29.28
CA SER E 450 -21.59 25.00 -30.47
C SER E 450 -20.78 26.16 -31.03
N LEU E 451 -21.35 27.36 -31.02
CA LEU E 451 -20.68 28.54 -31.54
C LEU E 451 -19.67 29.05 -30.52
N TYR E 452 -19.14 30.25 -30.75
CA TYR E 452 -18.33 30.91 -29.74
C TYR E 452 -19.21 31.28 -28.55
N CYS E 453 -18.57 31.78 -27.50
CA CYS E 453 -19.28 32.18 -26.29
C CYS E 453 -20.26 33.30 -26.60
N SER E 454 -21.50 33.14 -26.13
CA SER E 454 -22.53 34.15 -26.34
C SER E 454 -22.26 35.36 -25.46
N ASP E 455 -22.54 36.55 -26.01
CA ASP E 455 -22.28 37.78 -25.27
C ASP E 455 -23.24 37.92 -24.09
N ILE E 456 -24.51 37.59 -24.27
CA ILE E 456 -25.49 37.79 -23.20
C ILE E 456 -25.23 36.78 -22.08
N PRO E 457 -25.45 37.14 -20.82
CA PRO E 457 -25.26 36.18 -19.73
C PRO E 457 -26.54 35.41 -19.42
N SER E 458 -26.45 34.09 -19.36
CA SER E 458 -27.60 33.25 -19.04
C SER E 458 -27.11 31.90 -18.56
N ILE E 459 -28.03 31.14 -17.96
CA ILE E 459 -27.76 29.79 -17.48
C ILE E 459 -28.70 28.84 -18.22
N HIS E 460 -28.25 27.61 -18.44
CA HIS E 460 -29.01 26.63 -19.20
C HIS E 460 -29.44 25.51 -18.30
N PRO E 461 -30.74 25.22 -18.18
CA PRO E 461 -31.21 24.23 -17.18
C PRO E 461 -30.59 22.85 -17.34
N ILE E 462 -30.38 22.37 -18.56
CA ILE E 462 -29.78 21.05 -18.73
C ILE E 462 -28.31 21.11 -18.34
N SER E 463 -27.91 20.17 -17.47
CA SER E 463 -26.56 20.18 -16.93
C SER E 463 -26.06 18.74 -16.85
N GLU E 464 -24.86 18.48 -17.39
CA GLU E 464 -24.27 17.16 -17.27
C GLU E 464 -23.29 17.13 -16.11
N PRO E 465 -23.18 16.00 -15.41
CA PRO E 465 -22.29 15.93 -14.24
C PRO E 465 -20.88 15.49 -14.59
N LYS E 466 -19.91 16.19 -13.98
CA LYS E 466 -18.49 15.87 -14.13
C LYS E 466 -17.84 15.92 -12.75
N ASP E 467 -16.86 15.05 -12.53
CA ASP E 467 -16.18 14.96 -11.26
C ASP E 467 -14.75 15.50 -11.33
N CYS E 468 -14.22 15.86 -10.17
CA CYS E 468 -12.83 16.29 -10.05
C CYS E 468 -12.28 15.72 -8.75
N TYR E 469 -11.12 15.08 -8.83
CA TYR E 469 -10.56 14.36 -7.69
C TYR E 469 -9.85 15.33 -6.74
N LEU E 470 -9.23 14.78 -5.70
CA LEU E 470 -8.57 15.56 -4.66
C LEU E 470 -7.07 15.60 -4.88
N GLN E 471 -6.45 16.68 -4.41
CA GLN E 471 -5.03 16.92 -4.59
C GLN E 471 -4.41 17.35 -3.27
N SER E 472 -3.08 17.30 -3.22
CA SER E 472 -2.37 17.72 -2.01
C SER E 472 -2.57 19.20 -1.74
N ASP E 473 -2.49 20.03 -2.79
CA ASP E 473 -2.66 21.47 -2.63
C ASP E 473 -4.11 21.88 -2.38
N GLY E 474 -5.06 21.00 -2.67
CA GLY E 474 -6.47 21.28 -2.45
C GLY E 474 -7.17 21.95 -3.61
N PHE E 475 -6.46 22.31 -4.67
CA PHE E 475 -7.07 22.94 -5.85
C PHE E 475 -7.71 21.83 -6.67
N TYR E 476 -9.04 21.73 -6.60
CA TYR E 476 -9.77 20.64 -7.23
C TYR E 476 -9.55 20.61 -8.74
N GLU E 477 -8.79 19.62 -9.21
CA GLU E 477 -8.36 19.55 -10.60
C GLU E 477 -9.03 18.35 -11.28
N CYS E 478 -9.49 18.56 -12.51
CA CYS E 478 -10.06 17.50 -13.31
C CYS E 478 -9.71 17.70 -14.77
N ILE E 479 -9.74 16.62 -15.53
CA ILE E 479 -9.23 16.58 -16.89
C ILE E 479 -10.38 16.42 -17.88
N PHE E 480 -10.26 17.10 -19.01
CA PHE E 480 -11.22 17.01 -20.11
C PHE E 480 -10.56 16.29 -21.29
N GLN E 481 -11.16 15.19 -21.72
CA GLN E 481 -10.68 14.44 -22.87
C GLN E 481 -11.42 15.05 -24.07
N PRO E 482 -11.25 14.56 -25.35
CA PRO E 482 -11.15 15.49 -26.50
C PRO E 482 -12.04 16.72 -26.40
N ILE E 483 -11.42 17.89 -26.57
CA ILE E 483 -12.08 19.17 -26.37
C ILE E 483 -12.42 19.78 -27.71
N PHE E 484 -13.65 20.28 -27.84
CA PHE E 484 -14.06 21.06 -29.00
C PHE E 484 -13.32 22.39 -28.94
N LEU E 485 -12.45 22.63 -29.92
CA LEU E 485 -11.51 23.74 -29.81
C LEU E 485 -12.20 25.09 -29.87
N LEU E 486 -13.29 25.20 -30.64
CA LEU E 486 -13.95 26.48 -30.87
C LEU E 486 -15.41 26.46 -30.43
N SER E 487 -15.67 25.97 -29.22
CA SER E 487 -17.01 25.95 -28.66
C SER E 487 -17.03 26.79 -27.39
N GLY E 488 -18.23 27.29 -27.07
CA GLY E 488 -18.42 28.04 -25.84
C GLY E 488 -18.67 27.14 -24.65
N TYR E 489 -17.68 27.01 -23.77
CA TYR E 489 -17.78 26.16 -22.58
C TYR E 489 -18.24 27.02 -21.40
N THR E 490 -19.38 26.67 -20.82
CA THR E 490 -19.91 27.35 -19.65
C THR E 490 -19.67 26.49 -18.43
N MET E 491 -18.97 27.05 -17.44
CA MET E 491 -18.61 26.33 -16.23
C MET E 491 -19.19 27.04 -15.02
N TRP E 492 -19.92 26.29 -14.18
CA TRP E 492 -20.48 26.83 -12.95
C TRP E 492 -20.44 25.75 -11.89
N ILE E 493 -20.36 26.19 -10.63
CA ILE E 493 -20.23 25.29 -9.48
C ILE E 493 -21.47 25.43 -8.62
N ARG E 494 -22.08 24.29 -8.29
CA ARG E 494 -23.26 24.26 -7.44
C ARG E 494 -22.85 23.86 -6.02
N ILE E 495 -23.28 24.64 -5.04
CA ILE E 495 -23.07 24.33 -3.64
C ILE E 495 -24.34 23.71 -3.08
N ASN E 496 -24.21 22.56 -2.43
CA ASN E 496 -25.36 21.81 -1.93
C ASN E 496 -25.34 21.83 -0.41
N HIS E 497 -26.47 22.23 0.18
CA HIS E 497 -26.69 22.18 1.61
C HIS E 497 -27.79 21.17 1.91
N SER E 498 -27.88 20.77 3.19
CA SER E 498 -28.88 19.81 3.59
C SER E 498 -30.31 20.31 3.37
N LEU E 499 -30.48 21.63 3.24
CA LEU E 499 -31.81 22.20 3.01
C LEU E 499 -32.03 22.63 1.56
N GLY E 500 -30.97 22.96 0.83
CA GLY E 500 -31.15 23.45 -0.53
C GLY E 500 -29.80 23.64 -1.20
N SER E 501 -29.86 24.22 -2.40
CA SER E 501 -28.67 24.43 -3.21
C SER E 501 -28.71 25.81 -3.85
N LEU E 502 -27.54 26.31 -4.22
CA LEU E 502 -27.39 27.59 -4.89
C LEU E 502 -26.50 27.42 -6.12
N ASP E 503 -26.52 28.43 -6.98
CA ASP E 503 -25.75 28.42 -8.22
C ASP E 503 -24.77 29.59 -8.22
N SER E 504 -23.50 29.30 -8.48
CA SER E 504 -22.49 30.34 -8.62
C SER E 504 -22.66 31.06 -9.96
N PRO E 505 -22.14 32.29 -10.05
CA PRO E 505 -22.22 33.03 -11.33
C PRO E 505 -21.55 32.24 -12.43
N PRO E 506 -22.14 32.24 -13.63
CA PRO E 506 -21.58 31.43 -14.72
C PRO E 506 -20.25 31.98 -15.21
N THR E 507 -19.39 31.05 -15.64
CA THR E 507 -18.09 31.38 -16.22
C THR E 507 -18.01 30.76 -17.60
N CYS E 508 -17.56 31.55 -18.57
CA CYS E 508 -17.44 31.11 -19.96
C CYS E 508 -15.97 31.06 -20.34
N VAL E 509 -15.52 29.89 -20.78
CA VAL E 509 -14.12 29.66 -21.14
C VAL E 509 -14.07 29.18 -22.59
N LEU E 510 -13.23 29.83 -23.40
CA LEU E 510 -13.04 29.44 -24.78
C LEU E 510 -11.67 28.77 -24.91
N PRO E 511 -11.60 27.49 -25.27
CA PRO E 511 -10.31 26.78 -25.23
C PRO E 511 -9.26 27.35 -26.17
N ASP E 512 -9.66 27.89 -27.32
CA ASP E 512 -8.68 28.48 -28.24
C ASP E 512 -8.02 29.69 -27.59
N SER E 513 -8.81 30.51 -26.90
CA SER E 513 -8.31 31.76 -26.32
C SER E 513 -7.43 31.54 -25.10
N VAL E 514 -7.19 30.29 -24.67
CA VAL E 514 -6.37 30.05 -23.50
C VAL E 514 -5.26 29.06 -23.90
N VAL E 515 -4.82 29.14 -25.16
CA VAL E 515 -3.75 28.28 -25.63
C VAL E 515 -2.46 28.65 -24.92
N LYS E 516 -1.79 27.65 -24.35
CA LYS E 516 -0.51 27.83 -23.69
C LYS E 516 0.58 27.12 -24.48
N PRO E 517 1.35 27.82 -25.30
CA PRO E 517 2.31 27.14 -26.18
C PRO E 517 3.48 26.55 -25.42
N LEU E 518 4.08 25.53 -26.03
CA LEU E 518 5.32 24.97 -25.52
C LEU E 518 6.46 25.95 -25.82
N PRO E 519 7.49 26.01 -24.98
CA PRO E 519 8.62 26.89 -25.24
C PRO E 519 9.34 26.53 -26.52
N PRO E 520 9.84 27.52 -27.26
CA PRO E 520 10.56 27.22 -28.50
C PRO E 520 11.84 26.44 -28.23
N SER E 521 12.21 25.61 -29.19
CA SER E 521 13.39 24.76 -29.10
C SER E 521 14.44 25.21 -30.10
N SER E 522 15.57 24.51 -30.10
CA SER E 522 16.70 24.80 -30.99
C SER E 522 17.18 26.24 -30.83
N VAL E 523 17.29 26.67 -29.57
CA VAL E 523 17.76 28.02 -29.25
C VAL E 523 19.28 28.01 -29.35
N LYS E 524 19.80 28.63 -30.41
CA LYS E 524 21.23 28.70 -30.65
C LYS E 524 21.66 30.15 -30.76
N ALA E 525 22.73 30.51 -30.07
CA ALA E 525 23.26 31.86 -30.08
C ALA E 525 24.78 31.81 -30.18
N GLU E 526 25.35 32.86 -30.76
CA GLU E 526 26.80 32.97 -30.90
C GLU E 526 27.20 34.43 -31.01
N ILE E 527 28.48 34.69 -30.83
CA ILE E 527 29.04 36.03 -30.96
C ILE E 527 29.48 36.21 -32.41
N THR E 528 28.98 37.27 -33.05
CA THR E 528 29.25 37.48 -34.46
C THR E 528 30.72 37.82 -34.70
N ILE E 529 31.18 37.51 -35.91
CA ILE E 529 32.56 37.79 -36.32
C ILE E 529 32.56 38.93 -37.30
N ASN E 530 33.60 39.78 -37.21
CA ASN E 530 33.77 40.95 -38.05
C ASN E 530 32.64 41.96 -37.89
N ILE E 531 31.73 41.71 -36.95
CA ILE E 531 30.63 42.62 -36.67
C ILE E 531 30.64 42.99 -35.19
N GLY E 532 30.64 41.97 -34.33
CA GLY E 532 30.73 42.16 -32.90
C GLY E 532 29.42 42.07 -32.15
N LEU E 533 28.29 42.03 -32.85
CA LEU E 533 27.00 41.96 -32.18
C LEU E 533 26.69 40.53 -31.76
N LEU E 534 25.57 40.37 -31.05
CA LEU E 534 25.12 39.07 -30.57
C LEU E 534 23.92 38.63 -31.40
N LYS E 535 23.99 37.41 -31.94
CA LYS E 535 22.93 36.84 -32.75
C LYS E 535 22.35 35.63 -32.05
N ILE E 536 21.02 35.59 -31.95
CA ILE E 536 20.30 34.47 -31.33
C ILE E 536 19.30 33.94 -32.33
N SER E 537 19.27 32.62 -32.50
CA SER E 537 18.38 31.96 -33.45
C SER E 537 17.39 31.09 -32.68
N TRP E 538 16.11 31.23 -33.00
CA TRP E 538 15.05 30.45 -32.38
C TRP E 538 14.09 29.97 -33.46
N GLU E 539 13.40 28.87 -33.16
CA GLU E 539 12.47 28.24 -34.08
C GLU E 539 11.05 28.39 -33.58
N LYS E 540 10.12 28.60 -34.51
CA LYS E 540 8.72 28.77 -34.14
C LYS E 540 8.16 27.46 -33.58
N PRO E 541 7.40 27.52 -32.49
CA PRO E 541 6.78 26.31 -31.96
C PRO E 541 5.74 25.75 -32.91
N VAL E 542 5.49 24.44 -32.76
CA VAL E 542 4.57 23.74 -33.67
C VAL E 542 3.15 24.24 -33.49
N PHE E 543 2.77 24.64 -32.27
CA PHE E 543 1.44 25.13 -31.99
C PHE E 543 1.53 26.38 -31.13
N PRO E 544 0.58 27.31 -31.26
CA PRO E 544 -0.56 27.30 -32.19
C PRO E 544 -0.17 27.79 -33.58
N GLU E 545 -1.14 28.19 -34.41
CA GLU E 545 -0.87 28.62 -35.77
C GLU E 545 -1.31 30.05 -36.00
N ASN E 546 -1.38 30.86 -34.94
CA ASN E 546 -1.67 32.27 -35.07
C ASN E 546 -0.37 33.05 -35.15
N ASN E 547 -0.47 34.36 -35.38
CA ASN E 547 0.71 35.21 -35.34
C ASN E 547 1.26 35.26 -33.92
N LEU E 548 2.59 35.21 -33.80
CA LEU E 548 3.24 35.00 -32.52
C LEU E 548 4.26 36.10 -32.25
N GLN E 549 4.51 36.32 -30.97
CA GLN E 549 5.52 37.25 -30.50
C GLN E 549 6.54 36.51 -29.65
N PHE E 550 7.73 37.11 -29.52
CA PHE E 550 8.83 36.47 -28.79
C PHE E 550 9.50 37.48 -27.88
N GLN E 551 10.07 36.98 -26.81
CA GLN E 551 10.84 37.78 -25.85
C GLN E 551 12.15 37.08 -25.56
N ILE E 552 13.24 37.86 -25.52
CA ILE E 552 14.57 37.32 -25.32
C ILE E 552 15.24 38.06 -24.17
N ARG E 553 15.89 37.30 -23.30
CA ARG E 553 16.68 37.85 -22.20
C ARG E 553 18.09 37.30 -22.27
N TYR E 554 19.05 38.11 -21.82
CA TYR E 554 20.45 37.74 -21.94
C TYR E 554 21.25 38.41 -20.83
N GLY E 555 22.44 37.87 -20.58
CA GLY E 555 23.32 38.43 -19.57
C GLY E 555 24.60 37.61 -19.50
N LEU E 556 25.55 38.16 -18.74
CA LEU E 556 26.83 37.48 -18.56
C LEU E 556 26.68 36.26 -17.66
N SER E 557 27.37 35.18 -18.02
CA SER E 557 27.24 33.93 -17.29
C SER E 557 27.84 34.04 -15.89
N GLY E 558 27.23 33.32 -14.96
CA GLY E 558 27.71 33.31 -13.58
C GLY E 558 26.71 32.63 -12.68
N LYS E 559 27.08 32.56 -11.40
CA LYS E 559 26.17 32.00 -10.41
C LYS E 559 24.90 32.84 -10.29
N GLU E 560 25.06 34.16 -10.25
CA GLU E 560 23.95 35.09 -10.33
C GLU E 560 24.11 35.89 -11.61
N VAL E 561 23.06 35.92 -12.44
CA VAL E 561 23.13 36.45 -13.79
C VAL E 561 22.22 37.67 -13.88
N GLN E 562 22.75 38.77 -14.39
CA GLN E 562 21.96 39.97 -14.64
C GLN E 562 21.12 39.76 -15.90
N TRP E 563 19.81 39.89 -15.78
CA TRP E 563 18.88 39.65 -16.88
C TRP E 563 18.32 40.98 -17.37
N LYS E 564 18.43 41.22 -18.67
CA LYS E 564 17.81 42.37 -19.31
C LYS E 564 17.06 41.91 -20.55
N MET E 565 15.98 42.62 -20.86
CA MET E 565 14.99 42.15 -21.82
C MET E 565 15.06 42.92 -23.13
N TYR E 566 14.78 42.20 -24.23
CA TYR E 566 14.61 42.78 -25.55
C TYR E 566 13.36 42.17 -26.14
N GLU E 567 12.47 43.01 -26.68
CA GLU E 567 11.17 42.57 -27.16
C GLU E 567 11.13 42.69 -28.68
N VAL E 568 10.63 41.65 -29.33
CA VAL E 568 10.47 41.62 -30.78
C VAL E 568 8.99 41.42 -31.10
N TYR E 569 8.43 42.33 -31.90
CA TYR E 569 7.03 42.25 -32.30
C TYR E 569 6.82 41.61 -33.66
N ASP E 570 7.84 41.58 -34.52
CA ASP E 570 7.68 41.01 -35.84
C ASP E 570 7.55 39.49 -35.76
N ALA E 571 6.70 38.94 -36.61
CA ALA E 571 6.48 37.49 -36.65
C ALA E 571 7.37 36.78 -37.67
N LYS E 572 7.78 37.48 -38.73
CA LYS E 572 8.59 36.85 -39.75
C LYS E 572 10.03 36.63 -39.30
N SER E 573 10.54 37.50 -38.42
CA SER E 573 11.94 37.42 -38.02
C SER E 573 12.20 36.16 -37.20
N LYS E 574 13.34 35.53 -37.47
CA LYS E 574 13.78 34.36 -36.73
C LYS E 574 15.13 34.53 -36.03
N SER E 575 15.80 35.66 -36.24
CA SER E 575 17.06 35.95 -35.57
C SER E 575 17.22 37.45 -35.46
N VAL E 576 17.92 37.89 -34.42
CA VAL E 576 18.08 39.31 -34.12
C VAL E 576 19.53 39.58 -33.74
N SER E 577 20.08 40.68 -34.25
CA SER E 577 21.41 41.13 -33.88
C SER E 577 21.33 41.96 -32.60
N LEU E 578 22.36 41.85 -31.77
CA LEU E 578 22.33 42.48 -30.46
C LEU E 578 23.69 43.07 -30.12
N PRO E 579 23.83 44.39 -30.04
CA PRO E 579 25.14 44.98 -29.72
C PRO E 579 25.41 44.94 -28.22
N VAL E 580 26.61 44.47 -27.87
CA VAL E 580 27.03 44.36 -26.47
C VAL E 580 28.51 44.73 -26.40
N PRO E 581 28.93 45.52 -25.41
CA PRO E 581 30.34 45.95 -25.36
C PRO E 581 31.31 44.79 -25.16
N ASP E 582 31.11 43.99 -24.12
CA ASP E 582 32.05 42.90 -23.85
C ASP E 582 31.98 41.85 -24.95
N LEU E 583 33.15 41.40 -25.40
CA LEU E 583 33.24 40.47 -26.52
C LEU E 583 34.07 39.22 -26.18
N CYS E 584 34.27 38.94 -24.91
CA CYS E 584 35.12 37.80 -24.58
C CYS E 584 34.47 36.80 -23.64
N ALA E 585 33.71 37.26 -22.66
CA ALA E 585 33.10 36.36 -21.70
C ALA E 585 31.92 35.61 -22.33
N VAL E 586 31.50 34.54 -21.67
CA VAL E 586 30.43 33.68 -22.15
C VAL E 586 29.10 34.24 -21.67
N TYR E 587 28.10 34.21 -22.56
CA TYR E 587 26.77 34.74 -22.28
C TYR E 587 25.77 33.59 -22.14
N ALA E 588 24.51 33.95 -21.94
CA ALA E 588 23.42 32.98 -21.86
C ALA E 588 22.12 33.68 -22.25
N VAL E 589 21.32 33.01 -23.07
CA VAL E 589 20.08 33.59 -23.58
C VAL E 589 18.92 32.66 -23.27
N GLN E 590 17.73 33.23 -23.19
CA GLN E 590 16.51 32.47 -22.93
C GLN E 590 15.37 33.12 -23.71
N VAL E 591 14.47 32.28 -24.24
CA VAL E 591 13.39 32.72 -25.11
C VAL E 591 12.07 32.17 -24.60
N ARG E 592 11.01 32.95 -24.76
CA ARG E 592 9.65 32.51 -24.46
C ARG E 592 8.70 33.17 -25.45
N CYS E 593 7.51 32.58 -25.60
CA CYS E 593 6.60 32.96 -26.66
C CYS E 593 5.23 33.31 -26.10
N LYS E 594 4.49 34.12 -26.85
CA LYS E 594 3.13 34.50 -26.52
C LYS E 594 2.42 34.93 -27.80
N ARG E 595 1.09 34.93 -27.76
CA ARG E 595 0.29 35.36 -28.89
C ARG E 595 0.11 36.87 -28.87
N LEU E 596 0.12 37.48 -30.05
CA LEU E 596 -0.05 38.93 -30.17
C LEU E 596 -1.47 39.38 -29.91
N ASP E 597 -2.45 38.46 -30.00
CA ASP E 597 -3.84 38.83 -29.76
C ASP E 597 -4.02 39.29 -28.32
N GLY E 598 -3.41 38.58 -27.37
CA GLY E 598 -3.56 38.84 -25.96
C GLY E 598 -4.35 37.81 -25.22
N LEU E 599 -5.17 37.03 -25.92
CA LEU E 599 -5.90 35.91 -25.32
C LEU E 599 -4.99 34.69 -25.26
N GLY E 600 -4.09 34.70 -24.28
CA GLY E 600 -3.16 33.62 -24.10
C GLY E 600 -2.24 33.91 -22.94
N TYR E 601 -1.43 32.90 -22.59
CA TYR E 601 -0.47 33.01 -21.51
C TYR E 601 0.94 32.87 -22.06
N TRP E 602 1.90 33.39 -21.29
CA TRP E 602 3.30 33.22 -21.64
C TRP E 602 3.72 31.76 -21.45
N SER E 603 4.72 31.36 -22.20
CA SER E 603 5.19 29.98 -22.20
C SER E 603 6.36 29.83 -21.24
N ASN E 604 6.89 28.61 -21.15
CA ASN E 604 8.08 28.36 -20.35
C ASN E 604 9.28 29.10 -20.94
N TRP E 605 10.22 29.45 -20.08
CA TRP E 605 11.51 29.97 -20.52
C TRP E 605 12.35 28.81 -21.04
N SER E 606 12.90 28.98 -22.24
CA SER E 606 13.64 27.89 -22.87
C SER E 606 14.93 27.59 -22.10
N ASN E 607 15.50 26.42 -22.41
CA ASN E 607 16.75 26.03 -21.78
C ASN E 607 17.85 27.02 -22.15
N PRO E 608 18.66 27.45 -21.19
CA PRO E 608 19.71 28.43 -21.49
C PRO E 608 20.72 27.89 -22.49
N ALA E 609 21.18 28.78 -23.37
CA ALA E 609 22.16 28.45 -24.39
C ALA E 609 23.40 29.31 -24.18
N TYR E 610 24.56 28.67 -24.12
CA TYR E 610 25.83 29.37 -23.91
C TYR E 610 26.57 29.52 -25.24
N THR E 611 27.73 30.16 -25.17
CA THR E 611 28.55 30.44 -26.33
C THR E 611 29.99 29.97 -26.09
N VAL E 612 30.71 29.75 -27.19
CA VAL E 612 32.08 29.29 -27.16
C VAL E 612 32.98 30.43 -27.59
N VAL E 613 34.13 30.56 -26.90
CA VAL E 613 35.06 31.64 -27.20
C VAL E 613 35.66 31.48 -28.59
N MET E 614 35.70 32.57 -29.35
CA MET E 614 36.36 32.59 -30.65
C MET E 614 36.60 34.06 -31.00
N ASP E 615 37.68 34.31 -31.73
CA ASP E 615 38.11 35.69 -31.98
C ASP E 615 37.05 36.46 -32.78
N ILE E 616 37.17 37.79 -32.73
CA ILE E 616 36.24 38.68 -33.42
C ILE E 616 36.93 39.34 -34.60
N LYS E 617 37.98 40.12 -34.32
CA LYS E 617 38.76 40.80 -35.34
C LYS E 617 40.24 40.59 -35.10
N VAL E 618 41.05 41.30 -35.88
CA VAL E 618 42.49 41.35 -35.70
C VAL E 618 42.80 42.31 -34.56
N PRO E 619 43.94 42.18 -33.89
CA PRO E 619 44.29 43.16 -32.85
C PRO E 619 44.49 44.54 -33.45
N MET E 620 43.75 45.51 -32.91
CA MET E 620 43.81 46.87 -33.44
C MET E 620 45.13 47.56 -33.12
N ARG E 621 45.74 47.23 -31.98
CA ARG E 621 47.05 47.75 -31.64
C ARG E 621 47.96 46.59 -31.26
N GLY E 622 49.24 46.72 -31.60
CA GLY E 622 50.22 45.71 -31.30
C GLY E 622 50.86 45.91 -29.94
N PRO E 623 51.68 44.96 -29.51
CA PRO E 623 52.38 45.10 -28.23
C PRO E 623 53.54 46.06 -28.32
N GLU E 624 54.26 46.24 -27.21
CA GLU E 624 55.38 47.15 -27.16
C GLU E 624 56.70 46.38 -27.12
N PHE E 625 57.80 47.12 -27.03
CA PHE E 625 59.13 46.54 -26.92
C PHE E 625 59.99 47.46 -26.06
N TRP E 626 60.79 46.88 -25.17
CA TRP E 626 61.66 47.65 -24.31
C TRP E 626 63.07 47.09 -24.46
N ARG E 627 64.00 47.95 -24.86
CA ARG E 627 65.34 47.50 -25.22
C ARG E 627 66.24 47.40 -23.99
N ILE E 628 67.04 46.35 -23.93
CA ILE E 628 68.15 46.24 -22.98
C ILE E 628 69.40 45.89 -23.77
N ILE E 629 70.52 46.51 -23.42
CA ILE E 629 71.77 46.32 -24.12
C ILE E 629 72.81 45.79 -23.13
N ASN E 630 73.49 44.72 -23.52
CA ASN E 630 74.58 44.16 -22.72
C ASN E 630 75.90 44.09 -23.46
N GLY E 631 75.92 44.27 -24.77
CA GLY E 631 77.13 44.22 -25.55
C GLY E 631 77.87 45.55 -25.58
N ASP E 632 79.00 45.54 -26.27
CA ASP E 632 79.84 46.73 -26.40
C ASP E 632 79.18 47.74 -27.33
N THR E 633 79.60 49.00 -27.19
CA THR E 633 78.97 50.10 -27.93
C THR E 633 79.81 50.60 -29.10
N MET E 634 81.14 50.57 -28.98
CA MET E 634 81.97 51.13 -30.04
C MET E 634 81.89 50.32 -31.33
N LYS E 635 81.73 49.01 -31.23
CA LYS E 635 81.63 48.19 -32.43
C LYS E 635 80.33 48.47 -33.16
N LYS E 636 80.33 48.23 -34.48
CA LYS E 636 79.17 48.53 -35.30
C LYS E 636 77.96 47.71 -34.88
N GLU E 637 78.16 46.42 -34.60
CA GLU E 637 77.08 45.56 -34.14
C GLU E 637 77.10 45.46 -32.62
N LYS E 638 75.94 45.67 -32.00
CA LYS E 638 75.81 45.62 -30.55
C LYS E 638 74.65 44.72 -30.19
N ASN E 639 74.89 43.81 -29.24
CA ASN E 639 73.85 42.88 -28.80
C ASN E 639 72.65 43.64 -28.28
N VAL E 640 71.52 43.55 -28.99
CA VAL E 640 70.29 44.26 -28.64
C VAL E 640 69.25 43.22 -28.23
N THR E 641 68.68 43.39 -27.04
CA THR E 641 67.69 42.48 -26.51
C THR E 641 66.47 43.27 -26.03
N LEU E 642 65.30 42.83 -26.46
CA LEU E 642 64.04 43.51 -26.15
C LEU E 642 63.18 42.63 -25.27
N LEU E 643 62.45 43.27 -24.36
CA LEU E 643 61.52 42.59 -23.46
C LEU E 643 60.12 43.14 -23.66
N TRP E 644 59.13 42.24 -23.66
CA TRP E 644 57.74 42.64 -23.78
C TRP E 644 56.93 41.71 -22.89
N LYS E 645 55.91 42.25 -22.30
CA LYS E 645 54.88 41.90 -21.33
C LYS E 645 53.55 41.58 -22.01
N PRO E 646 52.85 40.58 -21.47
CA PRO E 646 51.59 40.15 -22.09
C PRO E 646 50.55 41.26 -22.07
N LEU E 647 49.81 41.37 -23.16
CA LEU E 647 48.80 42.40 -23.29
C LEU E 647 47.60 42.07 -22.42
N MET E 648 46.98 43.10 -21.86
CA MET E 648 45.79 42.91 -21.05
C MET E 648 44.70 42.30 -21.93
N LYS E 649 43.94 41.38 -21.33
CA LYS E 649 43.09 40.50 -22.11
C LYS E 649 41.95 41.27 -22.79
N ASN E 650 41.55 42.41 -22.24
CA ASN E 650 40.38 43.13 -22.73
C ASN E 650 40.54 43.53 -24.19
N ASP E 651 41.78 43.64 -24.68
CA ASP E 651 42.04 44.25 -25.97
C ASP E 651 42.52 43.24 -27.01
N SER E 652 42.48 41.94 -26.71
CA SER E 652 43.09 40.92 -27.54
C SER E 652 42.09 39.90 -28.09
N LEU E 653 40.80 40.24 -28.16
CA LEU E 653 39.77 39.39 -28.77
C LEU E 653 39.69 38.02 -28.10
N CYS E 654 39.94 37.99 -26.79
CA CYS E 654 39.72 36.82 -25.94
C CYS E 654 40.58 35.62 -26.32
N SER E 655 41.53 35.80 -27.25
CA SER E 655 42.49 34.75 -27.57
C SER E 655 43.66 35.29 -28.39
N VAL E 656 44.87 35.00 -27.95
CA VAL E 656 46.09 35.39 -28.65
C VAL E 656 47.07 34.22 -28.59
N GLN E 657 47.70 33.92 -29.72
CA GLN E 657 48.57 32.75 -29.81
C GLN E 657 49.95 33.03 -30.37
N ARG E 658 50.11 34.03 -31.24
CA ARG E 658 51.37 34.22 -31.95
C ARG E 658 51.80 35.67 -31.94
N TYR E 659 53.13 35.87 -31.99
CA TYR E 659 53.74 37.18 -32.07
C TYR E 659 54.89 37.12 -33.07
N VAL E 660 55.15 38.24 -33.74
CA VAL E 660 56.26 38.34 -34.68
C VAL E 660 56.93 39.70 -34.51
N ILE E 661 58.25 39.70 -34.37
CA ILE E 661 59.04 40.93 -34.29
C ILE E 661 59.57 41.22 -35.68
N ASN E 662 59.04 42.26 -36.31
CA ASN E 662 59.42 42.62 -37.67
C ASN E 662 60.71 43.44 -37.64
N HIS E 663 61.79 42.85 -38.15
CA HIS E 663 63.05 43.57 -38.26
C HIS E 663 63.02 44.50 -39.46
N HIS E 664 63.59 45.68 -39.30
CA HIS E 664 63.57 46.71 -40.32
C HIS E 664 64.84 47.54 -40.23
N THR E 665 65.36 47.97 -41.38
CA THR E 665 66.61 48.72 -41.43
C THR E 665 66.67 49.49 -42.74
N SER E 666 67.82 50.12 -42.97
CA SER E 666 68.01 50.90 -44.20
C SER E 666 67.97 50.01 -45.44
N CYS E 667 68.61 48.83 -45.37
CA CYS E 667 68.57 47.90 -46.49
C CYS E 667 67.28 47.10 -46.53
N ASN E 668 66.36 47.33 -45.59
CA ASN E 668 65.02 46.74 -45.60
C ASN E 668 65.09 45.21 -45.46
N GLY E 669 65.80 44.76 -44.43
CA GLY E 669 65.85 43.34 -44.13
C GLY E 669 64.52 42.83 -43.62
N THR E 670 63.82 42.03 -44.43
CA THR E 670 62.47 41.61 -44.12
C THR E 670 62.40 40.39 -43.22
N TRP E 671 63.54 39.82 -42.83
CA TRP E 671 63.51 38.66 -41.94
C TRP E 671 62.99 39.06 -40.57
N SER E 672 61.93 38.40 -40.12
CA SER E 672 61.29 38.73 -38.85
C SER E 672 61.33 37.60 -37.83
N GLU E 673 61.67 36.38 -38.24
CA GLU E 673 61.79 35.23 -37.35
C GLU E 673 60.47 34.96 -36.62
N ASP E 674 60.54 34.15 -35.56
CA ASP E 674 59.35 33.79 -34.78
C ASP E 674 59.66 34.02 -33.30
N VAL E 675 58.79 34.77 -32.63
CA VAL E 675 59.01 35.06 -31.22
C VAL E 675 58.80 33.81 -30.37
N GLY E 676 57.73 33.07 -30.63
CA GLY E 676 57.40 31.92 -29.82
C GLY E 676 56.73 32.31 -28.51
N ASN E 677 56.60 31.33 -27.62
CA ASN E 677 56.03 31.59 -26.30
C ASN E 677 56.96 32.47 -25.48
N HIS E 678 58.24 32.51 -25.81
CA HIS E 678 59.19 33.33 -25.09
C HIS E 678 58.89 34.82 -25.30
N THR E 679 59.28 35.63 -24.33
CA THR E 679 58.94 37.05 -24.31
C THR E 679 60.12 37.95 -24.65
N LYS E 680 61.11 37.44 -25.39
CA LYS E 680 62.30 38.22 -25.68
C LYS E 680 62.91 37.77 -27.00
N PHE E 681 63.40 38.74 -27.77
CA PHE E 681 64.08 38.49 -29.03
C PHE E 681 65.41 39.23 -29.02
N THR E 682 66.49 38.53 -29.39
CA THR E 682 67.82 39.10 -29.39
C THR E 682 68.18 39.64 -30.77
N PHE E 683 69.01 40.67 -30.80
CA PHE E 683 69.39 41.34 -32.03
C PHE E 683 70.85 41.76 -31.96
N LEU E 684 71.47 41.96 -33.14
CA LEU E 684 72.87 42.34 -33.22
C LEU E 684 73.09 43.79 -33.62
N TRP E 685 72.10 44.45 -34.23
CA TRP E 685 72.19 45.85 -34.61
C TRP E 685 73.45 46.13 -35.42
N THR E 686 73.57 45.43 -36.55
CA THR E 686 74.78 45.51 -37.36
C THR E 686 74.99 46.92 -37.89
N GLU E 687 73.94 47.56 -38.39
CA GLU E 687 74.05 48.89 -38.94
C GLU E 687 74.06 49.94 -37.82
N GLN E 688 74.36 51.18 -38.21
CA GLN E 688 74.31 52.28 -37.25
C GLN E 688 72.88 52.67 -36.91
N ALA E 689 71.97 52.61 -37.88
CA ALA E 689 70.57 52.94 -37.68
C ALA E 689 69.71 51.71 -37.91
N HIS E 690 68.81 51.44 -36.97
CA HIS E 690 67.89 50.32 -37.08
C HIS E 690 66.56 50.73 -36.47
N THR E 691 65.49 50.10 -36.94
CA THR E 691 64.13 50.35 -36.45
C THR E 691 63.44 49.04 -36.13
N VAL E 692 62.71 49.02 -35.02
CA VAL E 692 62.13 47.79 -34.47
C VAL E 692 60.61 47.91 -34.49
N THR E 693 59.94 46.82 -34.85
CA THR E 693 58.49 46.77 -34.90
C THR E 693 58.04 45.33 -34.63
N VAL E 694 57.07 45.19 -33.74
CA VAL E 694 56.56 43.89 -33.32
C VAL E 694 55.12 43.75 -33.80
N LEU E 695 54.80 42.60 -34.37
CA LEU E 695 53.48 42.33 -34.93
C LEU E 695 52.79 41.24 -34.13
N ALA E 696 51.55 41.49 -33.71
CA ALA E 696 50.77 40.53 -32.95
C ALA E 696 49.80 39.81 -33.87
N ILE E 697 49.80 38.48 -33.81
CA ILE E 697 49.01 37.64 -34.71
C ILE E 697 47.98 36.86 -33.89
N ASN E 698 46.72 37.02 -34.24
CA ASN E 698 45.64 36.22 -33.72
C ASN E 698 45.08 35.33 -34.83
N SER E 699 43.98 34.63 -34.52
CA SER E 699 43.39 33.74 -35.52
C SER E 699 42.90 34.51 -36.73
N ILE E 700 42.34 35.71 -36.51
CA ILE E 700 41.89 36.52 -37.63
C ILE E 700 43.07 36.96 -38.49
N GLY E 701 44.19 37.31 -37.86
CA GLY E 701 45.36 37.73 -38.62
C GLY E 701 46.34 38.48 -37.73
N ALA E 702 47.07 39.38 -38.37
CA ALA E 702 48.08 40.17 -37.68
C ALA E 702 47.50 41.52 -37.22
N SER E 703 48.25 42.18 -36.35
CA SER E 703 47.84 43.48 -35.85
C SER E 703 47.93 44.53 -36.95
N VAL E 704 47.11 45.58 -36.83
CA VAL E 704 47.07 46.63 -37.84
C VAL E 704 47.81 47.89 -37.41
N ALA E 705 48.06 48.09 -36.11
CA ALA E 705 48.80 49.24 -35.62
C ALA E 705 49.77 48.81 -34.55
N ASN E 706 50.97 49.41 -34.56
CA ASN E 706 51.98 49.11 -33.55
C ASN E 706 53.01 50.22 -33.57
N PHE E 707 53.54 50.53 -32.39
CA PHE E 707 54.57 51.55 -32.27
C PHE E 707 55.84 51.12 -33.00
N ASN E 708 56.45 52.05 -33.70
CA ASN E 708 57.70 51.81 -34.43
C ASN E 708 58.73 52.83 -33.99
N LEU E 709 59.93 52.35 -33.65
CA LEU E 709 61.01 53.20 -33.18
C LEU E 709 62.28 52.93 -33.98
N THR E 710 62.89 53.99 -34.49
CA THR E 710 64.20 53.93 -35.10
C THR E 710 65.22 54.57 -34.15
N PHE E 711 66.49 54.22 -34.34
CA PHE E 711 67.52 54.66 -33.42
C PHE E 711 68.87 54.64 -34.13
N SER E 712 69.69 55.65 -33.83
CA SER E 712 71.03 55.74 -34.38
C SER E 712 71.95 56.36 -33.33
N TRP E 713 73.26 56.13 -33.51
CA TRP E 713 74.24 56.50 -32.49
C TRP E 713 74.31 58.00 -32.22
N PRO E 714 74.39 58.89 -33.22
CA PRO E 714 74.70 60.30 -32.90
C PRO E 714 73.75 60.97 -31.91
N MET E 715 72.45 60.70 -32.01
CA MET E 715 71.52 61.36 -31.09
C MET E 715 71.52 60.73 -29.70
N SER E 716 72.19 59.60 -29.51
CA SER E 716 72.28 58.99 -28.19
C SER E 716 73.22 59.75 -27.26
N LYS E 717 73.97 60.70 -27.78
CA LYS E 717 74.95 61.45 -26.99
C LYS E 717 74.51 62.86 -26.64
N VAL E 718 73.59 63.45 -27.40
CA VAL E 718 73.15 64.82 -27.11
C VAL E 718 72.16 64.81 -25.96
N ASN E 719 72.41 65.64 -24.96
CA ASN E 719 71.53 65.73 -23.80
C ASN E 719 70.36 66.65 -24.11
N ILE E 720 69.14 66.19 -23.82
CA ILE E 720 67.94 66.95 -24.13
C ILE E 720 67.25 67.48 -22.87
N VAL E 721 67.75 67.14 -21.68
CA VAL E 721 67.13 67.55 -20.43
C VAL E 721 68.19 68.18 -19.53
N GLN E 722 67.83 69.27 -18.85
CA GLN E 722 68.74 69.86 -17.87
C GLN E 722 68.96 68.92 -16.69
N SER E 723 67.88 68.38 -16.11
CA SER E 723 68.00 67.60 -14.89
C SER E 723 66.78 66.70 -14.76
N LEU E 724 66.92 65.70 -13.89
CA LEU E 724 65.82 64.81 -13.54
C LEU E 724 65.74 64.71 -12.03
N SER E 725 64.55 64.91 -11.48
CA SER E 725 64.32 64.94 -10.04
C SER E 725 63.37 63.82 -9.64
N ALA E 726 63.67 63.17 -8.52
CA ALA E 726 62.84 62.09 -7.96
C ALA E 726 62.82 62.27 -6.45
N TYR E 727 61.80 62.97 -5.95
CA TYR E 727 61.69 63.22 -4.51
C TYR E 727 60.96 62.06 -3.85
N PRO E 728 61.56 61.43 -2.83
CA PRO E 728 60.90 60.29 -2.15
C PRO E 728 59.88 60.73 -1.11
N LEU E 729 58.71 61.17 -1.60
CA LEU E 729 57.64 61.59 -0.70
C LEU E 729 57.05 60.41 0.05
N ASN E 730 56.84 59.28 -0.63
CA ASN E 730 56.20 58.11 -0.04
C ASN E 730 57.05 56.88 -0.32
N SER E 731 56.89 55.88 0.55
CA SER E 731 57.52 54.58 0.29
C SER E 731 56.92 53.92 -0.95
N SER E 732 55.66 54.20 -1.26
CA SER E 732 55.00 53.63 -2.42
C SER E 732 54.87 54.59 -3.59
N CYS E 733 55.21 55.86 -3.40
CA CYS E 733 55.06 56.86 -4.46
C CYS E 733 56.23 57.83 -4.41
N VAL E 734 56.82 58.10 -5.58
CA VAL E 734 57.89 59.07 -5.73
C VAL E 734 57.55 59.99 -6.89
N ILE E 735 57.57 61.30 -6.64
CA ILE E 735 57.30 62.28 -7.69
C ILE E 735 58.54 62.39 -8.58
N VAL E 736 58.32 62.29 -9.90
CA VAL E 736 59.40 62.35 -10.88
C VAL E 736 59.16 63.58 -11.74
N SER E 737 60.16 64.46 -11.81
CA SER E 737 60.07 65.68 -12.59
C SER E 737 61.38 65.91 -13.32
N TRP E 738 61.30 66.65 -14.43
CA TRP E 738 62.46 66.88 -15.26
C TRP E 738 62.28 68.18 -16.04
N ILE E 739 63.40 68.73 -16.50
CA ILE E 739 63.42 69.96 -17.29
C ILE E 739 64.21 69.70 -18.56
N LEU E 740 63.61 70.00 -19.71
CA LEU E 740 64.20 69.73 -21.01
C LEU E 740 65.18 70.81 -21.42
N SER E 741 66.23 70.41 -22.14
CA SER E 741 67.11 71.33 -22.81
C SER E 741 66.47 71.79 -24.13
N PRO E 742 66.90 72.95 -24.66
CA PRO E 742 66.42 73.35 -25.98
C PRO E 742 66.77 72.29 -27.02
N SER E 743 65.80 72.01 -27.89
CA SER E 743 65.92 70.92 -28.85
C SER E 743 65.60 71.42 -30.25
N ASP E 744 66.14 70.71 -31.24
CA ASP E 744 65.94 71.04 -32.64
C ASP E 744 64.67 70.44 -33.21
N TYR E 745 64.30 69.24 -32.77
CA TYR E 745 63.15 68.50 -33.28
C TYR E 745 62.04 68.48 -32.24
N LYS E 746 60.94 67.82 -32.58
CA LYS E 746 59.74 67.76 -31.75
C LYS E 746 59.63 66.37 -31.13
N LEU E 747 59.81 66.29 -29.81
CA LEU E 747 59.73 65.04 -29.08
C LEU E 747 58.28 64.73 -28.74
N MET E 748 57.91 63.46 -28.86
CA MET E 748 56.52 63.06 -28.62
C MET E 748 56.33 62.43 -27.24
N TYR E 749 57.28 61.65 -26.75
CA TYR E 749 57.16 61.07 -25.42
C TYR E 749 58.53 60.71 -24.89
N PHE E 750 58.61 60.56 -23.58
CA PHE E 750 59.78 60.06 -22.90
C PHE E 750 59.54 58.62 -22.44
N ILE E 751 60.63 57.94 -22.11
CA ILE E 751 60.57 56.65 -21.43
C ILE E 751 61.31 56.81 -20.11
N ILE E 752 60.70 56.29 -19.03
CA ILE E 752 61.24 56.41 -17.69
C ILE E 752 61.42 55.02 -17.11
N GLU E 753 62.62 54.72 -16.63
CA GLU E 753 62.96 53.43 -16.07
C GLU E 753 63.55 53.63 -14.68
N TRP E 754 63.13 52.79 -13.74
CA TRP E 754 63.67 52.82 -12.37
C TRP E 754 64.30 51.47 -12.06
N LYS E 755 65.57 51.51 -11.66
CA LYS E 755 66.36 50.35 -11.30
C LYS E 755 67.05 50.62 -9.96
N ASN E 756 67.89 49.69 -9.53
CA ASN E 756 68.63 49.83 -8.28
C ASN E 756 70.10 49.48 -8.48
N LEU E 757 70.87 49.41 -7.39
CA LEU E 757 72.29 49.14 -7.47
C LEU E 757 72.71 47.94 -6.62
N ASN E 758 72.08 47.74 -5.47
CA ASN E 758 72.55 46.73 -4.53
C ASN E 758 71.58 45.56 -4.34
N GLU E 759 70.30 45.72 -4.67
CA GLU E 759 69.36 44.61 -4.62
C GLU E 759 69.24 43.87 -5.95
N ASP E 760 69.99 44.31 -6.97
CA ASP E 760 70.07 43.72 -8.32
C ASP E 760 68.76 43.08 -8.75
N GLY E 761 67.68 43.87 -8.76
CA GLY E 761 66.38 43.34 -9.13
C GLY E 761 66.17 43.25 -10.62
N GLU E 762 64.92 43.47 -11.03
CA GLU E 762 64.54 43.39 -12.43
C GLU E 762 64.11 44.77 -12.93
N ILE E 763 64.27 44.98 -14.23
CA ILE E 763 64.12 46.30 -14.83
C ILE E 763 62.64 46.65 -14.97
N LYS E 764 62.25 47.78 -14.39
CA LYS E 764 60.88 48.29 -14.46
C LYS E 764 60.90 49.70 -15.02
N TRP E 765 59.94 50.00 -15.90
CA TRP E 765 59.92 51.27 -16.60
C TRP E 765 58.49 51.67 -16.90
N LEU E 766 58.30 52.94 -17.27
CA LEU E 766 56.99 53.45 -17.68
C LEU E 766 57.20 54.44 -18.83
N ARG E 767 56.12 55.08 -19.25
CA ARG E 767 56.16 55.97 -20.41
C ARG E 767 54.98 56.94 -20.36
N ILE E 768 55.23 58.16 -20.81
CA ILE E 768 54.18 59.17 -20.96
C ILE E 768 54.67 60.21 -21.97
N SER E 769 53.73 60.99 -22.50
CA SER E 769 54.01 61.93 -23.57
C SER E 769 54.85 63.10 -23.05
N SER E 770 55.12 64.06 -23.95
CA SER E 770 56.02 65.16 -23.62
C SER E 770 55.30 66.28 -22.88
N SER E 771 53.98 66.21 -22.75
CA SER E 771 53.23 67.32 -22.17
C SER E 771 53.44 67.41 -20.67
N VAL E 772 53.13 66.34 -19.94
CA VAL E 772 53.14 66.38 -18.49
C VAL E 772 54.52 65.99 -17.97
N LYS E 773 55.06 66.83 -17.08
CA LYS E 773 56.34 66.57 -16.43
C LYS E 773 56.18 66.02 -15.02
N LYS E 774 54.95 65.85 -14.54
CA LYS E 774 54.69 65.54 -13.15
C LYS E 774 54.23 64.10 -12.93
N TYR E 775 54.69 63.16 -13.76
CA TYR E 775 54.36 61.76 -13.54
C TYR E 775 55.03 61.25 -12.27
N TYR E 776 54.25 60.56 -11.43
CA TYR E 776 54.78 59.90 -10.25
C TYR E 776 54.24 58.48 -10.19
N ILE E 777 55.15 57.52 -9.98
CA ILE E 777 54.87 56.10 -10.16
C ILE E 777 54.47 55.51 -8.81
N HIS E 778 53.50 54.60 -8.84
CA HIS E 778 53.07 53.86 -7.65
C HIS E 778 53.78 52.51 -7.65
N ASP E 779 54.85 52.41 -6.86
CA ASP E 779 55.55 51.14 -6.70
C ASP E 779 56.25 51.17 -5.35
N HIS E 780 56.43 49.99 -4.77
CA HIS E 780 56.90 49.87 -3.39
C HIS E 780 58.40 50.10 -3.34
N PHE E 781 58.79 51.35 -3.11
CA PHE E 781 60.18 51.71 -2.86
C PHE E 781 60.49 51.67 -1.37
N ILE E 782 61.78 51.66 -1.05
CA ILE E 782 62.23 51.81 0.34
C ILE E 782 63.33 52.86 0.33
N PRO E 783 63.38 53.76 1.33
CA PRO E 783 64.32 54.88 1.27
C PRO E 783 65.69 54.58 1.87
N ILE E 784 65.78 53.53 2.69
CA ILE E 784 67.02 53.24 3.40
C ILE E 784 68.14 52.91 2.41
N GLU E 785 67.84 52.09 1.41
CA GLU E 785 68.80 51.68 0.41
C GLU E 785 68.68 52.58 -0.83
N LYS E 786 69.57 52.36 -1.79
CA LYS E 786 69.71 53.24 -2.94
C LYS E 786 69.12 52.59 -4.18
N TYR E 787 68.49 53.41 -5.02
CA TYR E 787 67.92 53.00 -6.30
C TYR E 787 68.57 53.78 -7.42
N GLN E 788 68.57 53.20 -8.62
CA GLN E 788 69.23 53.77 -9.80
C GLN E 788 68.18 54.08 -10.84
N PHE E 789 67.68 55.32 -10.84
CA PHE E 789 66.69 55.73 -11.83
C PHE E 789 67.36 56.16 -13.12
N SER E 790 66.69 55.90 -14.24
CA SER E 790 67.23 56.23 -15.56
C SER E 790 66.08 56.56 -16.50
N LEU E 791 66.09 57.78 -17.04
CA LEU E 791 65.06 58.24 -17.96
C LEU E 791 65.70 58.49 -19.32
N TYR E 792 65.11 57.94 -20.38
CA TYR E 792 65.60 58.14 -21.72
C TYR E 792 64.62 59.00 -22.51
N PRO E 793 65.08 60.02 -23.22
CA PRO E 793 64.21 60.76 -24.14
C PRO E 793 64.12 60.07 -25.49
N ILE E 794 62.90 59.96 -26.00
CA ILE E 794 62.63 59.23 -27.25
C ILE E 794 62.26 60.24 -28.32
N PHE E 795 62.94 60.16 -29.45
CA PHE E 795 62.75 61.08 -30.56
C PHE E 795 62.39 60.27 -31.80
N MET E 796 61.87 60.94 -32.83
CA MET E 796 61.49 60.16 -34.02
C MET E 796 62.71 59.66 -34.79
N GLU E 797 63.91 60.12 -34.43
CA GLU E 797 65.13 59.61 -35.02
C GLU E 797 65.82 58.57 -34.14
N GLY E 798 65.73 58.75 -32.82
CA GLY E 798 66.36 57.81 -31.90
C GLY E 798 66.10 58.11 -30.44
N VAL E 799 67.10 57.83 -29.60
CA VAL E 799 67.00 58.03 -28.16
C VAL E 799 68.09 59.01 -27.73
N GLY E 800 67.80 59.76 -26.66
CA GLY E 800 68.69 60.79 -26.19
C GLY E 800 69.64 60.32 -25.09
N LYS E 801 70.50 61.25 -24.67
CA LYS E 801 71.44 60.99 -23.59
C LYS E 801 70.70 60.84 -22.27
N PRO E 802 70.88 59.73 -21.55
CA PRO E 802 70.23 59.58 -20.25
C PRO E 802 70.66 60.64 -19.25
N LYS E 803 69.71 61.09 -18.44
CA LYS E 803 70.01 61.87 -17.24
C LYS E 803 69.98 60.95 -16.03
N ILE E 804 71.05 60.17 -15.90
CA ILE E 804 71.11 59.14 -14.87
C ILE E 804 71.27 59.78 -13.50
N ILE E 805 70.41 59.39 -12.57
CA ILE E 805 70.44 59.91 -11.20
C ILE E 805 70.62 58.72 -10.27
N ASN E 806 71.74 58.68 -9.56
CA ASN E 806 72.05 57.54 -8.72
C ASN E 806 71.32 57.54 -7.39
N SER E 807 70.70 58.67 -7.02
CA SER E 807 70.02 58.79 -5.74
C SER E 807 68.75 59.60 -5.90
N PHE E 808 67.85 59.46 -4.93
CA PHE E 808 66.62 60.22 -4.93
C PHE E 808 66.92 61.71 -4.73
N THR E 809 66.12 62.55 -5.37
CA THR E 809 66.29 64.00 -5.28
C THR E 809 65.35 64.60 -4.25
N VAL F 22 -21.03 38.67 -34.11
CA VAL F 22 -19.66 38.24 -34.32
C VAL F 22 -19.11 38.85 -35.60
N PRO F 23 -17.84 39.27 -35.56
CA PRO F 23 -17.23 39.89 -36.75
C PRO F 23 -16.95 38.85 -37.82
N ILE F 24 -17.23 39.23 -39.08
CA ILE F 24 -16.98 38.30 -40.19
C ILE F 24 -15.48 38.14 -40.43
N GLN F 25 -14.69 39.17 -40.19
CA GLN F 25 -13.24 39.04 -40.31
C GLN F 25 -12.69 38.05 -39.29
N LYS F 26 -13.21 38.10 -38.07
CA LYS F 26 -12.85 37.10 -37.07
C LYS F 26 -13.27 35.70 -37.53
N VAL F 27 -14.42 35.60 -38.21
CA VAL F 27 -14.88 34.30 -38.71
C VAL F 27 -13.88 33.76 -39.75
N GLN F 28 -13.46 34.61 -40.68
CA GLN F 28 -12.50 34.16 -41.69
C GLN F 28 -11.16 33.78 -41.06
N ASP F 29 -10.69 34.59 -40.11
CA ASP F 29 -9.45 34.27 -39.43
C ASP F 29 -9.55 32.94 -38.69
N ASP F 30 -10.69 32.70 -38.04
CA ASP F 30 -10.90 31.44 -37.34
C ASP F 30 -10.93 30.25 -38.31
N THR F 31 -11.58 30.43 -39.47
CA THR F 31 -11.56 29.37 -40.48
C THR F 31 -10.13 29.04 -40.87
N LYS F 32 -9.34 30.07 -41.17
CA LYS F 32 -7.96 29.83 -41.61
C LYS F 32 -7.13 29.16 -40.51
N THR F 33 -7.28 29.63 -39.27
CA THR F 33 -6.50 29.05 -38.17
C THR F 33 -6.89 27.59 -37.93
N LEU F 34 -8.19 27.29 -37.95
CA LEU F 34 -8.65 25.92 -37.74
C LEU F 34 -8.17 25.00 -38.86
N ILE F 35 -8.22 25.49 -40.10
CA ILE F 35 -7.75 24.67 -41.22
C ILE F 35 -6.25 24.40 -41.09
N LYS F 36 -5.48 25.43 -40.74
CA LYS F 36 -4.05 25.24 -40.56
C LYS F 36 -3.75 24.27 -39.42
N THR F 37 -4.50 24.38 -38.32
CA THR F 37 -4.30 23.45 -37.20
C THR F 37 -4.62 22.02 -37.60
N ILE F 38 -5.70 21.82 -38.36
CA ILE F 38 -6.05 20.49 -38.82
C ILE F 38 -4.95 19.92 -39.71
N VAL F 39 -4.44 20.75 -40.63
CA VAL F 39 -3.39 20.29 -41.54
C VAL F 39 -2.14 19.93 -40.76
N THR F 40 -1.75 20.76 -39.79
CA THR F 40 -0.55 20.47 -39.01
C THR F 40 -0.72 19.20 -38.18
N ARG F 41 -1.89 19.01 -37.58
CA ARG F 41 -2.12 17.80 -36.79
C ARG F 41 -2.10 16.56 -37.67
N ILE F 42 -2.67 16.65 -38.87
CA ILE F 42 -2.62 15.51 -39.79
C ILE F 42 -1.18 15.20 -40.19
N ASN F 43 -0.40 16.25 -40.48
CA ASN F 43 1.00 16.05 -40.82
C ASN F 43 1.82 15.54 -39.64
N ASP F 44 1.33 15.73 -38.41
CA ASP F 44 2.07 15.28 -37.24
C ASP F 44 2.05 13.76 -37.08
N ILE F 45 1.06 13.09 -37.69
CA ILE F 45 0.97 11.64 -37.55
C ILE F 45 2.14 10.97 -38.26
N SER F 46 2.45 9.75 -37.82
CA SER F 46 3.65 9.06 -38.30
C SER F 46 3.41 8.33 -39.61
N HIS F 47 2.16 7.92 -39.89
CA HIS F 47 1.89 7.16 -41.09
C HIS F 47 1.92 8.02 -42.36
N THR F 48 1.46 9.26 -42.28
CA THR F 48 1.25 10.09 -43.45
C THR F 48 2.45 11.00 -43.74
N GLN F 49 3.66 10.58 -43.36
CA GLN F 49 4.84 11.38 -43.67
C GLN F 49 5.12 11.38 -45.17
N SER F 50 5.01 10.23 -45.82
CA SER F 50 5.27 10.10 -47.25
C SER F 50 4.43 8.94 -47.76
N VAL F 51 3.29 9.26 -48.40
CA VAL F 51 2.38 8.23 -48.89
C VAL F 51 2.08 8.46 -50.36
N SER F 52 2.60 9.54 -50.93
CA SER F 52 2.45 9.85 -52.36
C SER F 52 0.97 9.94 -52.75
N SER F 53 0.33 10.99 -52.23
CA SER F 53 -1.10 11.22 -52.42
C SER F 53 -1.53 11.22 -53.88
N LYS F 54 -0.59 11.36 -54.83
CA LYS F 54 -0.96 11.38 -56.24
C LYS F 54 -1.51 10.04 -56.71
N GLN F 55 -0.93 8.94 -56.23
CA GLN F 55 -1.33 7.62 -56.70
C GLN F 55 -2.74 7.28 -56.25
N LYS F 56 -3.39 6.40 -57.01
CA LYS F 56 -4.78 6.02 -56.80
C LYS F 56 -4.88 4.55 -56.41
N VAL F 57 -6.03 4.20 -55.84
CA VAL F 57 -6.33 2.83 -55.42
C VAL F 57 -7.73 2.47 -55.90
N THR F 58 -7.87 1.25 -56.44
CA THR F 58 -9.16 0.83 -56.98
C THR F 58 -10.21 0.71 -55.88
N GLY F 59 -9.85 0.11 -54.75
CA GLY F 59 -10.83 -0.16 -53.71
C GLY F 59 -11.42 1.10 -53.10
N LEU F 60 -10.58 2.11 -52.87
CA LEU F 60 -11.01 3.34 -52.21
C LEU F 60 -11.30 4.41 -53.26
N ASP F 61 -12.46 4.28 -53.89
CA ASP F 61 -12.92 5.23 -54.90
C ASP F 61 -13.97 6.19 -54.39
N PHE F 62 -14.73 5.82 -53.36
CA PHE F 62 -15.78 6.67 -52.83
C PHE F 62 -15.25 7.89 -52.08
N ILE F 63 -13.96 7.94 -51.79
CA ILE F 63 -13.39 9.04 -51.01
C ILE F 63 -13.21 10.24 -51.93
N PRO F 64 -13.75 11.41 -51.57
CA PRO F 64 -13.58 12.59 -52.41
C PRO F 64 -12.12 12.96 -52.55
N GLY F 65 -11.76 13.48 -53.72
CA GLY F 65 -10.39 13.87 -53.99
C GLY F 65 -10.24 14.29 -55.44
N LEU F 66 -8.98 14.40 -55.86
CA LEU F 66 -8.64 14.74 -57.24
C LEU F 66 -9.23 16.10 -57.63
N HIS F 67 -10.40 16.07 -58.27
CA HIS F 67 -11.02 17.30 -58.75
C HIS F 67 -11.34 18.23 -57.59
N PRO F 68 -11.13 19.54 -57.76
CA PRO F 68 -11.40 20.49 -56.68
C PRO F 68 -12.90 20.68 -56.45
N ILE F 69 -13.21 21.16 -55.25
CA ILE F 69 -14.58 21.47 -54.84
C ILE F 69 -14.74 22.98 -54.86
N LEU F 70 -15.77 23.47 -55.56
CA LEU F 70 -15.99 24.89 -55.75
C LEU F 70 -17.15 25.43 -54.93
N THR F 71 -18.33 24.84 -55.07
CA THR F 71 -19.53 25.39 -54.43
C THR F 71 -19.59 25.01 -52.95
N LEU F 72 -20.45 25.72 -52.22
CA LEU F 72 -20.58 25.49 -50.79
C LEU F 72 -21.31 24.18 -50.50
N SER F 73 -22.29 23.81 -51.33
CA SER F 73 -23.05 22.59 -51.08
C SER F 73 -22.17 21.36 -51.18
N LYS F 74 -21.37 21.26 -52.26
CA LYS F 74 -20.44 20.15 -52.39
C LYS F 74 -19.37 20.20 -51.32
N MET F 75 -19.04 21.39 -50.83
CA MET F 75 -18.07 21.54 -49.75
C MET F 75 -18.58 20.88 -48.48
N ASP F 76 -19.80 21.25 -48.07
CA ASP F 76 -20.44 20.59 -46.94
C ASP F 76 -20.60 19.10 -47.19
N GLN F 77 -20.87 18.72 -48.44
CA GLN F 77 -21.04 17.31 -48.77
C GLN F 77 -19.76 16.51 -48.53
N THR F 78 -18.62 17.03 -49.02
CA THR F 78 -17.37 16.28 -48.87
C THR F 78 -16.93 16.25 -47.41
N LEU F 79 -17.10 17.35 -46.68
CA LEU F 79 -16.79 17.30 -45.25
C LEU F 79 -17.68 16.29 -44.53
N ALA F 80 -18.98 16.28 -44.86
CA ALA F 80 -19.91 15.38 -44.21
C ALA F 80 -19.56 13.93 -44.48
N VAL F 81 -19.24 13.59 -45.74
CA VAL F 81 -18.92 12.19 -46.04
C VAL F 81 -17.60 11.79 -45.40
N TYR F 82 -16.66 12.73 -45.29
CA TYR F 82 -15.43 12.45 -44.56
C TYR F 82 -15.71 12.15 -43.08
N GLN F 83 -16.77 12.75 -42.54
CA GLN F 83 -17.04 12.60 -41.10
C GLN F 83 -17.17 11.15 -40.68
N GLN F 84 -18.00 10.36 -41.36
CA GLN F 84 -18.27 9.00 -40.88
C GLN F 84 -17.08 8.09 -41.07
N ILE F 85 -16.39 8.19 -42.21
CA ILE F 85 -15.22 7.35 -42.42
C ILE F 85 -14.15 7.67 -41.39
N LEU F 86 -14.00 8.95 -41.04
CA LEU F 86 -13.11 9.28 -39.94
C LEU F 86 -13.59 8.66 -38.63
N THR F 87 -14.90 8.74 -38.37
CA THR F 87 -15.45 8.18 -37.14
C THR F 87 -15.30 6.66 -37.07
N SER F 88 -15.06 6.00 -38.19
CA SER F 88 -14.98 4.54 -38.20
C SER F 88 -13.86 4.04 -37.29
N MET F 89 -12.65 4.55 -37.45
CA MET F 89 -11.55 4.12 -36.61
C MET F 89 -11.64 4.78 -35.24
N PRO F 90 -11.25 4.06 -34.18
CA PRO F 90 -11.33 4.61 -32.81
C PRO F 90 -10.06 5.31 -32.32
N SER F 91 -9.13 5.64 -33.19
CA SER F 91 -7.86 6.23 -32.76
C SER F 91 -8.09 7.59 -32.10
N ARG F 92 -7.21 7.91 -31.14
CA ARG F 92 -7.34 9.15 -30.38
C ARG F 92 -7.17 10.38 -31.27
N ASN F 93 -6.08 10.42 -32.05
CA ASN F 93 -5.90 11.52 -32.99
C ASN F 93 -7.02 11.55 -34.01
N VAL F 94 -7.54 10.39 -34.40
CA VAL F 94 -8.68 10.33 -35.30
C VAL F 94 -9.90 11.00 -34.67
N ILE F 95 -10.13 10.76 -33.37
CA ILE F 95 -11.23 11.40 -32.67
C ILE F 95 -11.04 12.91 -32.64
N GLN F 96 -9.80 13.36 -32.42
CA GLN F 96 -9.54 14.80 -32.40
C GLN F 96 -9.81 15.43 -33.76
N ILE F 97 -9.39 14.76 -34.84
CA ILE F 97 -9.66 15.30 -36.18
C ILE F 97 -11.15 15.30 -36.47
N SER F 98 -11.87 14.30 -35.98
CA SER F 98 -13.32 14.28 -36.15
C SER F 98 -13.96 15.47 -35.42
N ASN F 99 -13.50 15.76 -34.21
CA ASN F 99 -14.02 16.90 -33.47
C ASN F 99 -13.77 18.20 -34.21
N ASP F 100 -12.55 18.37 -34.72
CA ASP F 100 -12.21 19.58 -35.47
C ASP F 100 -13.03 19.67 -36.75
N LEU F 101 -13.28 18.53 -37.40
CA LEU F 101 -14.11 18.53 -38.61
C LEU F 101 -15.53 18.96 -38.31
N GLU F 102 -16.08 18.48 -37.19
CA GLU F 102 -17.43 18.91 -36.80
C GLU F 102 -17.46 20.41 -36.54
N ASN F 103 -16.45 20.93 -35.86
CA ASN F 103 -16.39 22.37 -35.61
C ASN F 103 -16.29 23.15 -36.92
N LEU F 104 -15.49 22.66 -37.86
CA LEU F 104 -15.34 23.32 -39.15
C LEU F 104 -16.65 23.29 -39.92
N ARG F 105 -17.39 22.19 -39.85
CA ARG F 105 -18.70 22.13 -40.48
C ARG F 105 -19.65 23.16 -39.88
N ASP F 106 -19.65 23.28 -38.55
CA ASP F 106 -20.51 24.26 -37.89
C ASP F 106 -20.15 25.67 -38.35
N LEU F 107 -18.85 25.97 -38.41
CA LEU F 107 -18.43 27.33 -38.77
C LEU F 107 -18.69 27.61 -40.25
N LEU F 108 -18.58 26.59 -41.10
CA LEU F 108 -18.94 26.75 -42.50
C LEU F 108 -20.42 27.04 -42.66
N HIS F 109 -21.26 26.36 -41.89
CA HIS F 109 -22.69 26.67 -41.92
C HIS F 109 -22.95 28.08 -41.40
N VAL F 110 -22.16 28.53 -40.42
CA VAL F 110 -22.28 29.90 -39.93
C VAL F 110 -21.97 30.88 -41.07
N LEU F 111 -20.91 30.61 -41.82
CA LEU F 111 -20.58 31.46 -42.97
C LEU F 111 -21.70 31.44 -44.01
N ALA F 112 -22.27 30.26 -44.26
CA ALA F 112 -23.37 30.15 -45.23
C ALA F 112 -24.57 30.99 -44.78
N PHE F 113 -24.89 30.95 -43.49
CA PHE F 113 -25.91 31.86 -42.95
C PHE F 113 -25.50 33.31 -43.17
N SER F 114 -24.22 33.62 -42.97
CA SER F 114 -23.75 34.99 -43.10
C SER F 114 -23.92 35.52 -44.52
N LYS F 115 -23.85 34.64 -45.52
CA LYS F 115 -24.11 35.06 -46.91
C LYS F 115 -25.59 34.99 -47.29
N SER F 116 -26.46 34.55 -46.37
CA SER F 116 -27.92 34.48 -46.56
C SER F 116 -28.31 33.60 -47.75
N CYS F 117 -27.51 32.60 -48.07
CA CYS F 117 -27.92 31.55 -49.01
C CYS F 117 -28.04 30.25 -48.24
N HIS F 118 -29.27 29.76 -48.08
CA HIS F 118 -29.53 28.63 -47.20
C HIS F 118 -28.93 27.35 -47.77
N LEU F 119 -28.41 26.52 -46.87
CA LEU F 119 -27.83 25.22 -47.23
C LEU F 119 -28.35 24.18 -46.25
N PRO F 120 -29.03 23.14 -46.73
CA PRO F 120 -29.54 22.11 -45.80
C PRO F 120 -28.41 21.31 -45.18
N TRP F 121 -28.69 20.75 -44.01
CA TRP F 121 -27.73 19.90 -43.34
C TRP F 121 -27.40 18.70 -44.22
N ALA F 122 -26.11 18.43 -44.40
CA ALA F 122 -25.69 17.32 -45.24
C ALA F 122 -25.85 16.00 -44.50
N SER F 123 -26.52 15.05 -45.13
CA SER F 123 -26.77 13.74 -44.55
C SER F 123 -25.71 12.75 -45.01
N GLY F 124 -25.63 11.63 -44.29
CA GLY F 124 -24.70 10.58 -44.63
C GLY F 124 -24.92 10.03 -46.03
N LEU F 125 -23.83 9.91 -46.80
CA LEU F 125 -23.94 9.42 -48.16
C LEU F 125 -24.28 7.93 -48.17
N GLU F 126 -24.77 7.47 -49.32
CA GLU F 126 -25.10 6.07 -49.51
C GLU F 126 -23.87 5.18 -49.65
N THR F 127 -22.67 5.76 -49.77
CA THR F 127 -21.46 4.99 -49.96
C THR F 127 -20.78 4.59 -48.66
N LEU F 128 -21.30 5.03 -47.51
CA LEU F 128 -20.66 4.69 -46.24
C LEU F 128 -20.92 3.24 -45.83
N ASP F 129 -22.03 2.65 -46.29
CA ASP F 129 -22.31 1.27 -45.95
C ASP F 129 -21.29 0.33 -46.60
N SER F 130 -20.95 0.59 -47.86
CA SER F 130 -19.91 -0.20 -48.51
C SER F 130 -18.53 0.14 -47.96
N LEU F 131 -18.35 1.34 -47.43
CA LEU F 131 -17.07 1.72 -46.84
C LEU F 131 -16.71 0.82 -45.67
N GLY F 132 -17.69 0.55 -44.79
CA GLY F 132 -17.46 -0.41 -43.74
C GLY F 132 -17.26 -1.82 -44.27
N GLY F 133 -17.93 -2.16 -45.36
CA GLY F 133 -17.77 -3.47 -45.98
C GLY F 133 -16.43 -3.65 -46.65
N VAL F 134 -15.71 -2.57 -46.93
CA VAL F 134 -14.36 -2.67 -47.46
C VAL F 134 -13.30 -2.53 -46.37
N LEU F 135 -13.60 -1.75 -45.31
CA LEU F 135 -12.60 -1.49 -44.27
C LEU F 135 -12.22 -2.75 -43.51
N GLU F 136 -13.10 -3.77 -43.50
CA GLU F 136 -12.84 -4.94 -42.67
C GLU F 136 -11.64 -5.73 -43.19
N ALA F 137 -11.37 -5.67 -44.49
CA ALA F 137 -10.30 -6.45 -45.10
C ALA F 137 -8.93 -5.78 -44.96
N SER F 138 -8.86 -4.47 -45.17
CA SER F 138 -7.61 -3.73 -45.06
C SER F 138 -7.86 -2.47 -44.23
N GLY F 139 -6.97 -2.21 -43.28
CA GLY F 139 -7.08 -1.01 -42.46
C GLY F 139 -6.02 0.03 -42.80
N TYR F 140 -4.80 -0.45 -43.07
CA TYR F 140 -3.70 0.45 -43.38
C TYR F 140 -4.00 1.30 -44.61
N SER F 141 -4.44 0.65 -45.70
CA SER F 141 -4.71 1.38 -46.93
C SER F 141 -5.81 2.41 -46.73
N THR F 142 -6.91 2.01 -46.09
CA THR F 142 -8.02 2.92 -45.88
C THR F 142 -7.60 4.12 -45.04
N GLU F 143 -6.93 3.86 -43.91
CA GLU F 143 -6.52 4.94 -43.02
C GLU F 143 -5.56 5.90 -43.72
N VAL F 144 -4.52 5.36 -44.36
CA VAL F 144 -3.51 6.22 -44.99
C VAL F 144 -4.12 7.04 -46.12
N VAL F 145 -4.91 6.39 -46.99
CA VAL F 145 -5.49 7.08 -48.12
C VAL F 145 -6.47 8.15 -47.66
N ALA F 146 -7.30 7.83 -46.66
CA ALA F 146 -8.27 8.80 -46.17
C ALA F 146 -7.57 10.01 -45.57
N LEU F 147 -6.54 9.78 -44.74
CA LEU F 147 -5.83 10.90 -44.13
C LEU F 147 -5.13 11.76 -45.17
N SER F 148 -4.48 11.13 -46.16
CA SER F 148 -3.76 11.89 -47.16
C SER F 148 -4.70 12.71 -48.04
N ARG F 149 -5.80 12.11 -48.48
CA ARG F 149 -6.76 12.85 -49.28
C ARG F 149 -7.44 13.94 -48.45
N LEU F 150 -7.62 13.71 -47.15
CA LEU F 150 -8.15 14.76 -46.29
C LEU F 150 -7.20 15.95 -46.21
N GLN F 151 -5.89 15.68 -46.08
CA GLN F 151 -4.92 16.77 -46.06
C GLN F 151 -4.93 17.53 -47.38
N GLY F 152 -4.98 16.81 -48.50
CA GLY F 152 -5.05 17.48 -49.79
C GLY F 152 -6.30 18.32 -49.95
N SER F 153 -7.44 17.77 -49.51
CA SER F 153 -8.69 18.51 -49.59
C SER F 153 -8.65 19.75 -48.70
N LEU F 154 -7.98 19.66 -47.55
CA LEU F 154 -7.88 20.82 -46.67
C LEU F 154 -6.95 21.88 -47.26
N GLN F 155 -5.90 21.48 -47.95
CA GLN F 155 -5.05 22.45 -48.63
C GLN F 155 -5.81 23.16 -49.74
N ASP F 156 -6.56 22.39 -50.55
CA ASP F 156 -7.40 23.00 -51.56
C ASP F 156 -8.47 23.88 -50.91
N MET F 157 -8.93 23.48 -49.73
CA MET F 157 -9.89 24.28 -48.95
C MET F 157 -9.31 25.65 -48.62
N LEU F 158 -8.08 25.66 -48.11
CA LEU F 158 -7.44 26.92 -47.76
C LEU F 158 -7.23 27.79 -48.99
N TRP F 159 -6.80 27.18 -50.10
CA TRP F 159 -6.61 27.96 -51.32
C TRP F 159 -7.92 28.56 -51.82
N GLN F 160 -8.99 27.75 -51.81
CA GLN F 160 -10.28 28.25 -52.28
C GLN F 160 -10.82 29.36 -51.38
N LEU F 161 -10.66 29.20 -50.06
CA LEU F 161 -11.10 30.25 -49.15
C LEU F 161 -10.27 31.51 -49.34
N ASP F 162 -8.99 31.37 -49.70
CA ASP F 162 -8.21 32.53 -50.11
C ASP F 162 -8.81 33.19 -51.34
N LEU F 163 -9.23 32.38 -52.32
CA LEU F 163 -10.00 32.92 -53.44
C LEU F 163 -11.36 33.43 -52.99
N SER F 164 -11.97 32.78 -51.99
CA SER F 164 -13.27 33.15 -51.43
C SER F 164 -14.34 33.24 -52.51
N PRO F 165 -14.78 32.12 -53.07
CA PRO F 165 -15.81 32.17 -54.12
C PRO F 165 -17.18 32.49 -53.54
N GLY F 166 -18.13 32.78 -54.42
CA GLY F 166 -19.43 33.24 -53.98
C GLY F 166 -20.49 32.17 -53.82
N CYS F 167 -20.72 31.73 -52.57
CA CYS F 167 -21.70 30.70 -52.23
C CYS F 167 -21.74 29.54 -53.24
#